data_1UW0
#
_entry.id   1UW0
#
_cell.length_a   1.000
_cell.length_b   1.000
_cell.length_c   1.000
_cell.angle_alpha   90.00
_cell.angle_beta   90.00
_cell.angle_gamma   90.00
#
_symmetry.space_group_name_H-M   'P 1'
#
loop_
_entity.id
_entity.type
_entity.pdbx_description
1 polymer 'DNA LIGASE III'
2 non-polymer 'ZINC ION'
#
_entity_poly.entity_id   1
_entity_poly.type   'polypeptide(L)'
_entity_poly.pdbx_seq_one_letter_code
;MAEQRFCVDYAKRGTAGCKKCKEKIVKGVCRIGKVVPNPFSESGGDMKEWYHIKCMFEKLERARATTKKIEDLTELEGWE
ELEDNEKEQITQHIADLSSKAAGTPKKKAVVQAKLTT
;
_entity_poly.pdbx_strand_id   A
#
# COMPACT_ATOMS: atom_id res chain seq x y z
N MET A 1 9.63 12.38 -16.44
CA MET A 1 10.24 11.07 -16.08
C MET A 1 9.60 10.52 -14.80
N ALA A 2 8.48 9.83 -14.92
CA ALA A 2 7.82 9.27 -13.69
C ALA A 2 7.72 7.74 -13.79
N GLU A 3 8.68 7.02 -13.24
CA GLU A 3 8.63 5.53 -13.31
C GLU A 3 8.58 4.94 -11.89
N GLN A 4 7.47 4.31 -11.53
CA GLN A 4 7.36 3.72 -10.17
C GLN A 4 6.94 2.25 -10.26
N ARG A 5 7.67 1.35 -9.61
CA ARG A 5 7.29 -0.09 -9.68
C ARG A 5 6.92 -0.61 -8.27
N PHE A 6 5.75 -1.19 -8.11
CA PHE A 6 5.35 -1.71 -6.77
C PHE A 6 5.09 -3.22 -6.83
N CYS A 7 5.45 -3.96 -5.80
CA CYS A 7 5.22 -5.44 -5.82
C CYS A 7 4.61 -5.88 -4.47
N VAL A 8 3.96 -7.03 -4.44
CA VAL A 8 3.34 -7.51 -3.16
C VAL A 8 4.01 -8.83 -2.73
N ASP A 9 4.52 -8.90 -1.51
CA ASP A 9 5.17 -10.16 -1.05
C ASP A 9 4.87 -10.42 0.43
N TYR A 10 4.97 -11.66 0.87
CA TYR A 10 4.70 -11.98 2.31
C TYR A 10 6.01 -12.25 3.05
N ALA A 11 6.08 -11.93 4.33
CA ALA A 11 7.36 -12.19 5.10
C ALA A 11 7.66 -13.70 5.10
N LYS A 12 8.89 -14.09 4.88
CA LYS A 12 9.23 -15.55 4.87
C LYS A 12 10.18 -15.87 6.03
N ARG A 13 11.32 -15.22 6.12
CA ARG A 13 12.27 -15.51 7.23
C ARG A 13 13.14 -14.28 7.54
N GLY A 14 13.25 -13.89 8.79
CA GLY A 14 14.08 -12.71 9.15
C GLY A 14 13.17 -11.52 9.47
N THR A 15 13.67 -10.53 10.21
CA THR A 15 12.82 -9.35 10.54
C THR A 15 13.44 -8.07 9.95
N ALA A 16 12.64 -7.20 9.37
CA ALA A 16 13.21 -5.95 8.78
C ALA A 16 12.44 -4.73 9.29
N GLY A 17 13.13 -3.70 9.73
CA GLY A 17 12.43 -2.48 10.24
C GLY A 17 11.63 -1.84 9.10
N CYS A 18 10.32 -1.88 9.17
CA CYS A 18 9.48 -1.26 8.07
C CYS A 18 9.73 0.26 8.07
N LYS A 19 9.47 0.91 6.95
CA LYS A 19 9.67 2.40 6.89
C LYS A 19 8.40 3.12 7.35
N LYS A 20 8.52 4.35 7.83
CA LYS A 20 7.34 5.15 8.31
C LYS A 20 6.74 4.57 9.61
N CYS A 21 7.54 3.93 10.44
CA CYS A 21 6.98 3.38 11.73
C CYS A 21 8.10 2.85 12.64
N LYS A 22 7.83 2.64 13.92
CA LYS A 22 8.87 2.08 14.83
C LYS A 22 8.58 0.58 15.03
N GLU A 23 8.46 -0.16 13.95
CA GLU A 23 8.16 -1.61 14.05
C GLU A 23 9.04 -2.42 13.08
N LYS A 24 8.82 -3.71 12.98
CA LYS A 24 9.65 -4.55 12.06
C LYS A 24 8.76 -5.56 11.33
N ILE A 25 9.17 -6.04 10.19
CA ILE A 25 8.33 -7.03 9.44
C ILE A 25 8.78 -8.46 9.79
N VAL A 26 8.03 -9.17 10.60
CA VAL A 26 8.43 -10.56 10.97
C VAL A 26 7.50 -11.58 10.29
N LYS A 27 7.90 -12.84 10.22
CA LYS A 27 7.03 -13.90 9.56
C LYS A 27 5.54 -13.72 9.90
N GLY A 28 4.68 -13.64 8.92
CA GLY A 28 3.22 -13.45 9.20
C GLY A 28 2.76 -12.03 8.78
N VAL A 29 3.65 -11.16 8.32
CA VAL A 29 3.20 -9.78 7.91
C VAL A 29 3.32 -9.64 6.38
N CYS A 30 2.30 -9.10 5.73
CA CYS A 30 2.38 -8.92 4.25
C CYS A 30 2.98 -7.54 3.95
N ARG A 31 3.95 -7.46 3.06
CA ARG A 31 4.58 -6.13 2.77
C ARG A 31 4.65 -5.87 1.27
N ILE A 32 4.63 -4.61 0.85
CA ILE A 32 4.71 -4.30 -0.60
C ILE A 32 6.13 -3.80 -0.93
N GLY A 33 6.70 -4.20 -2.04
CA GLY A 33 8.07 -3.74 -2.39
C GLY A 33 7.99 -2.64 -3.46
N LYS A 34 8.63 -1.51 -3.24
CA LYS A 34 8.59 -0.41 -4.25
C LYS A 34 9.97 -0.25 -4.90
N VAL A 35 10.08 -0.52 -6.19
CA VAL A 35 11.42 -0.37 -6.86
C VAL A 35 11.52 0.97 -7.59
N VAL A 36 12.29 1.90 -7.07
CA VAL A 36 12.42 3.23 -7.76
C VAL A 36 13.90 3.54 -8.03
N PRO A 37 14.18 4.14 -9.16
CA PRO A 37 15.59 4.47 -9.50
C PRO A 37 16.07 5.68 -8.69
N ASN A 38 17.20 5.57 -8.01
CA ASN A 38 17.70 6.73 -7.21
C ASN A 38 18.88 7.40 -7.92
N PRO A 39 18.71 8.66 -8.31
CA PRO A 39 19.81 9.36 -9.01
C PRO A 39 20.91 9.77 -8.01
N PHE A 40 21.74 8.83 -7.58
CA PHE A 40 22.82 9.17 -6.60
C PHE A 40 24.04 8.27 -6.80
N SER A 41 23.88 6.97 -6.70
CA SER A 41 25.04 6.05 -6.88
C SER A 41 24.92 5.29 -8.21
N GLU A 42 26.01 4.78 -8.74
CA GLU A 42 25.93 4.04 -10.05
C GLU A 42 25.69 2.54 -9.79
N SER A 43 26.28 1.97 -8.77
CA SER A 43 26.05 0.51 -8.50
C SER A 43 24.61 0.30 -7.95
N GLY A 44 24.14 1.18 -7.10
CA GLY A 44 22.76 1.01 -6.55
C GLY A 44 21.75 1.65 -7.51
N GLY A 45 21.44 0.98 -8.62
CA GLY A 45 20.47 1.57 -9.59
C GLY A 45 19.10 1.76 -8.90
N ASP A 46 18.33 0.70 -8.77
CA ASP A 46 16.99 0.83 -8.11
C ASP A 46 16.95 0.00 -6.82
N MET A 47 16.39 0.55 -5.75
CA MET A 47 16.32 -0.22 -4.47
C MET A 47 14.87 -0.48 -4.07
N LYS A 48 14.60 -1.54 -3.34
CA LYS A 48 13.19 -1.84 -2.94
C LYS A 48 13.09 -1.99 -1.41
N GLU A 49 11.99 -1.57 -0.82
CA GLU A 49 11.83 -1.69 0.65
C GLU A 49 10.49 -2.35 0.98
N TRP A 50 10.36 -2.97 2.14
CA TRP A 50 9.05 -3.63 2.48
C TRP A 50 8.26 -2.73 3.44
N TYR A 51 6.95 -2.69 3.29
CA TYR A 51 6.12 -1.83 4.19
C TYR A 51 5.07 -2.69 4.93
N HIS A 52 4.35 -2.08 5.84
CA HIS A 52 3.28 -2.85 6.58
C HIS A 52 1.95 -2.64 5.86
N ILE A 53 0.85 -3.12 6.41
CA ILE A 53 -0.47 -2.90 5.72
C ILE A 53 -1.01 -1.51 6.10
N LYS A 54 -0.76 -1.04 7.31
CA LYS A 54 -1.26 0.33 7.68
C LYS A 54 -0.22 1.40 7.36
N CYS A 55 1.07 1.10 7.47
CA CYS A 55 2.11 2.15 7.15
C CYS A 55 2.02 2.56 5.68
N MET A 56 2.05 1.60 4.78
CA MET A 56 1.99 1.96 3.32
C MET A 56 0.63 2.57 2.97
N PHE A 57 -0.45 2.05 3.54
CA PHE A 57 -1.79 2.65 3.23
C PHE A 57 -1.95 3.99 3.98
N GLU A 58 -1.33 4.15 5.14
CA GLU A 58 -1.45 5.46 5.87
C GLU A 58 -0.71 6.55 5.08
N LYS A 59 0.41 6.22 4.45
CA LYS A 59 1.14 7.28 3.67
C LYS A 59 0.23 7.83 2.55
N LEU A 60 -0.54 6.99 1.91
CA LEU A 60 -1.45 7.49 0.81
C LEU A 60 -2.44 8.51 1.39
N GLU A 61 -3.03 8.22 2.54
CA GLU A 61 -4.00 9.21 3.14
C GLU A 61 -3.31 10.56 3.39
N ARG A 62 -2.04 10.55 3.76
CA ARG A 62 -1.33 11.86 4.00
C ARG A 62 -0.68 12.39 2.71
N ALA A 63 -0.29 11.52 1.79
CA ALA A 63 0.35 12.02 0.51
C ALA A 63 -0.61 12.96 -0.23
N ARG A 64 -0.14 13.68 -1.22
CA ARG A 64 -1.05 14.62 -1.98
C ARG A 64 -2.15 13.82 -2.69
N ALA A 65 -3.27 14.45 -3.00
CA ALA A 65 -4.37 13.72 -3.72
C ALA A 65 -4.13 13.74 -5.24
N THR A 66 -3.57 14.81 -5.78
CA THR A 66 -3.33 14.86 -7.27
C THR A 66 -2.63 13.58 -7.77
N THR A 67 -1.75 13.00 -6.99
CA THR A 67 -1.05 11.75 -7.43
C THR A 67 -1.62 10.55 -6.68
N LYS A 68 -2.03 9.50 -7.38
CA LYS A 68 -2.60 8.32 -6.68
C LYS A 68 -1.69 7.09 -6.89
N LYS A 69 -1.55 6.24 -5.89
CA LYS A 69 -0.68 5.04 -6.04
C LYS A 69 -1.46 3.77 -5.67
N ILE A 70 -1.15 2.64 -6.28
CA ILE A 70 -1.89 1.37 -5.96
C ILE A 70 -3.40 1.57 -6.13
N GLU A 71 -3.96 1.16 -7.26
CA GLU A 71 -5.43 1.32 -7.47
C GLU A 71 -6.12 -0.05 -7.46
N ASP A 72 -7.31 -0.15 -6.88
CA ASP A 72 -8.03 -1.46 -6.82
C ASP A 72 -7.12 -2.55 -6.21
N LEU A 73 -7.47 -3.81 -6.35
CA LEU A 73 -6.62 -4.90 -5.77
C LEU A 73 -6.02 -5.77 -6.88
N THR A 74 -5.64 -5.18 -8.00
CA THR A 74 -5.05 -5.99 -9.11
C THR A 74 -4.09 -5.13 -9.96
N GLU A 75 -3.36 -4.23 -9.36
CA GLU A 75 -2.42 -3.38 -10.15
C GLU A 75 -1.00 -3.50 -9.57
N LEU A 76 -0.60 -4.68 -9.14
CA LEU A 76 0.77 -4.84 -8.55
C LEU A 76 1.31 -6.24 -8.86
N GLU A 77 2.62 -6.41 -8.91
CA GLU A 77 3.18 -7.77 -9.20
C GLU A 77 3.40 -8.55 -7.90
N GLY A 78 2.46 -9.41 -7.52
CA GLY A 78 2.64 -10.19 -6.27
C GLY A 78 1.28 -10.57 -5.65
N TRP A 79 0.28 -9.72 -5.76
CA TRP A 79 -1.07 -10.09 -5.15
C TRP A 79 -1.53 -11.48 -5.63
N GLU A 80 -1.17 -11.90 -6.83
CA GLU A 80 -1.61 -13.27 -7.31
C GLU A 80 -1.06 -14.35 -6.35
N GLU A 81 0.18 -14.24 -5.93
CA GLU A 81 0.75 -15.27 -4.98
C GLU A 81 -0.06 -15.27 -3.68
N LEU A 82 -0.46 -14.11 -3.18
CA LEU A 82 -1.26 -14.07 -1.89
C LEU A 82 -2.44 -15.06 -1.95
N GLU A 83 -3.16 -15.22 -0.85
CA GLU A 83 -4.32 -16.18 -0.85
C GLU A 83 -5.64 -15.40 -0.84
N ASP A 84 -6.74 -16.04 -1.20
CA ASP A 84 -8.07 -15.32 -1.20
C ASP A 84 -8.35 -14.70 0.17
N ASN A 85 -8.10 -15.43 1.24
CA ASN A 85 -8.37 -14.86 2.61
C ASN A 85 -7.45 -13.64 2.83
N GLU A 86 -6.16 -13.78 2.60
CA GLU A 86 -5.24 -12.61 2.78
C GLU A 86 -5.64 -11.49 1.80
N LYS A 87 -6.02 -11.84 0.58
CA LYS A 87 -6.43 -10.78 -0.41
C LYS A 87 -7.62 -9.99 0.15
N GLU A 88 -8.56 -10.65 0.80
CA GLU A 88 -9.74 -9.90 1.37
C GLU A 88 -9.25 -8.85 2.38
N GLN A 89 -8.26 -9.18 3.20
CA GLN A 89 -7.75 -8.17 4.20
C GLN A 89 -7.13 -6.97 3.47
N ILE A 90 -6.43 -7.21 2.37
CA ILE A 90 -5.81 -6.05 1.62
C ILE A 90 -6.94 -5.22 0.98
N THR A 91 -7.94 -5.87 0.42
CA THR A 91 -9.07 -5.09 -0.22
C THR A 91 -9.76 -4.21 0.84
N GLN A 92 -9.91 -4.71 2.05
CA GLN A 92 -10.58 -3.86 3.12
C GLN A 92 -9.79 -2.56 3.33
N HIS A 93 -8.47 -2.61 3.32
CA HIS A 93 -7.67 -1.35 3.51
C HIS A 93 -8.01 -0.34 2.41
N ILE A 94 -8.02 -0.75 1.16
CA ILE A 94 -8.36 0.21 0.06
C ILE A 94 -9.80 0.70 0.24
N ALA A 95 -10.72 -0.16 0.62
CA ALA A 95 -12.14 0.30 0.83
C ALA A 95 -12.20 1.31 1.98
N ASP A 96 -11.47 1.06 3.04
CA ASP A 96 -11.48 2.04 4.19
C ASP A 96 -10.70 3.30 3.78
N LEU A 97 -9.59 3.14 3.09
CA LEU A 97 -8.80 4.35 2.64
C LEU A 97 -9.58 5.13 1.58
N SER A 98 -10.36 4.46 0.74
CA SER A 98 -11.13 5.21 -0.31
C SER A 98 -12.55 5.51 0.20
N SER A 99 -13.32 4.50 0.56
CA SER A 99 -14.71 4.73 1.07
C SER A 99 -15.51 5.61 0.10
N LYS A 100 -16.63 6.16 0.53
CA LYS A 100 -17.45 7.03 -0.37
C LYS A 100 -17.78 6.29 -1.69
N ALA A 101 -18.77 5.42 -1.68
CA ALA A 101 -19.13 4.69 -2.92
C ALA A 101 -20.55 5.05 -3.36
N ALA A 102 -21.53 4.84 -2.50
CA ALA A 102 -22.95 5.17 -2.88
C ALA A 102 -23.55 6.13 -1.85
N GLY A 103 -23.73 5.68 -0.61
CA GLY A 103 -24.33 6.57 0.43
C GLY A 103 -23.63 6.33 1.77
N THR A 104 -22.36 6.68 1.87
CA THR A 104 -21.63 6.47 3.16
C THR A 104 -20.44 7.44 3.29
N PRO A 105 -20.73 8.73 3.23
CA PRO A 105 -19.65 9.74 3.34
C PRO A 105 -19.13 9.80 4.79
N LYS A 106 -17.93 9.33 5.04
CA LYS A 106 -17.37 9.37 6.43
C LYS A 106 -15.96 9.98 6.42
N LYS A 107 -15.58 10.69 7.45
CA LYS A 107 -14.21 11.30 7.49
C LYS A 107 -13.65 11.25 8.91
N LYS A 108 -12.36 10.97 9.07
CA LYS A 108 -11.74 10.91 10.44
C LYS A 108 -12.55 9.97 11.36
N ALA A 109 -12.31 8.67 11.25
CA ALA A 109 -13.07 7.71 12.13
C ALA A 109 -12.10 6.70 12.76
N VAL A 110 -12.02 6.66 14.07
CA VAL A 110 -11.09 5.68 14.74
C VAL A 110 -11.83 4.92 15.84
N VAL A 111 -11.49 3.66 16.06
CA VAL A 111 -12.18 2.87 17.12
C VAL A 111 -11.16 2.02 17.90
N GLN A 112 -11.34 1.87 19.20
CA GLN A 112 -10.38 1.06 20.00
C GLN A 112 -11.10 -0.14 20.64
N ALA A 113 -10.88 -1.34 20.12
CA ALA A 113 -11.55 -2.54 20.70
C ALA A 113 -10.50 -3.51 21.24
N LYS A 114 -10.73 -4.08 22.41
CA LYS A 114 -9.74 -5.04 22.98
C LYS A 114 -10.42 -6.40 23.26
N LEU A 115 -10.09 -7.42 22.50
CA LEU A 115 -10.72 -8.76 22.73
C LEU A 115 -9.64 -9.80 23.11
N THR A 116 -9.91 -10.62 24.10
CA THR A 116 -8.89 -11.64 24.52
C THR A 116 -9.47 -13.06 24.35
N THR A 117 -8.67 -14.02 23.94
CA THR A 117 -9.18 -15.40 23.76
C THR A 117 -8.27 -16.40 24.49
N MET A 1 6.78 13.55 -14.89
CA MET A 1 5.71 12.62 -14.43
C MET A 1 6.25 11.66 -13.36
N ALA A 2 5.46 10.71 -12.91
CA ALA A 2 5.95 9.75 -11.88
C ALA A 2 5.93 8.32 -12.42
N GLU A 3 7.08 7.67 -12.48
CA GLU A 3 7.12 6.27 -13.00
C GLU A 3 7.76 5.33 -11.96
N GLN A 4 6.96 4.71 -11.11
CA GLN A 4 7.52 3.79 -10.09
C GLN A 4 6.82 2.42 -10.15
N ARG A 5 7.44 1.38 -9.63
CA ARG A 5 6.79 0.03 -9.67
C ARG A 5 6.60 -0.50 -8.24
N PHE A 6 5.46 -1.11 -7.96
CA PHE A 6 5.21 -1.65 -6.59
C PHE A 6 5.03 -3.16 -6.63
N CYS A 7 5.39 -3.87 -5.58
CA CYS A 7 5.22 -5.35 -5.58
C CYS A 7 4.61 -5.80 -4.24
N VAL A 8 3.96 -6.95 -4.21
CA VAL A 8 3.34 -7.43 -2.93
C VAL A 8 4.12 -8.65 -2.39
N ASP A 9 4.41 -8.69 -1.11
CA ASP A 9 5.16 -9.85 -0.55
C ASP A 9 4.74 -10.12 0.91
N TYR A 10 4.87 -11.36 1.35
CA TYR A 10 4.49 -11.70 2.76
C TYR A 10 5.75 -12.02 3.58
N ALA A 11 5.76 -11.73 4.86
CA ALA A 11 6.99 -12.04 5.67
C ALA A 11 7.10 -13.56 5.88
N LYS A 12 8.24 -14.14 5.63
CA LYS A 12 8.39 -15.62 5.81
C LYS A 12 9.73 -15.96 6.47
N ARG A 13 10.84 -15.69 5.81
CA ARG A 13 12.16 -16.00 6.42
C ARG A 13 12.98 -14.72 6.62
N GLY A 14 13.19 -14.29 7.85
CA GLY A 14 13.97 -13.04 8.10
C GLY A 14 13.02 -11.92 8.55
N THR A 15 13.45 -11.08 9.47
CA THR A 15 12.57 -9.98 9.94
C THR A 15 13.20 -8.62 9.58
N ALA A 16 12.41 -7.68 9.08
CA ALA A 16 12.98 -6.35 8.72
C ALA A 16 11.97 -5.23 9.01
N GLY A 17 12.43 -4.07 9.44
CA GLY A 17 11.50 -2.95 9.74
C GLY A 17 10.88 -2.45 8.43
N CYS A 18 9.72 -1.83 8.48
CA CYS A 18 9.09 -1.32 7.23
C CYS A 18 9.54 0.15 7.01
N LYS A 19 9.76 0.57 5.78
CA LYS A 19 10.22 1.99 5.55
C LYS A 19 9.28 2.98 6.24
N LYS A 20 9.79 4.11 6.72
CA LYS A 20 8.92 5.11 7.43
C LYS A 20 8.13 4.43 8.55
N CYS A 21 8.81 3.87 9.56
CA CYS A 21 8.07 3.17 10.66
C CYS A 21 9.01 2.77 11.82
N LYS A 22 8.51 2.74 13.04
CA LYS A 22 9.35 2.30 14.19
C LYS A 22 8.86 0.93 14.62
N GLU A 23 8.65 0.04 13.66
CA GLU A 23 8.13 -1.32 13.99
C GLU A 23 8.97 -2.39 13.26
N LYS A 24 8.56 -3.64 13.29
CA LYS A 24 9.35 -4.71 12.60
C LYS A 24 8.43 -5.64 11.82
N ILE A 25 8.93 -6.27 10.77
CA ILE A 25 8.06 -7.20 9.97
C ILE A 25 8.47 -8.65 10.24
N VAL A 26 7.62 -9.43 10.89
CA VAL A 26 7.98 -10.85 11.19
C VAL A 26 7.13 -11.82 10.35
N LYS A 27 7.55 -13.05 10.20
CA LYS A 27 6.77 -14.05 9.38
C LYS A 27 5.27 -14.01 9.74
N GLY A 28 4.41 -13.72 8.78
CA GLY A 28 2.95 -13.65 9.07
C GLY A 28 2.36 -12.29 8.66
N VAL A 29 3.16 -11.24 8.53
CA VAL A 29 2.59 -9.91 8.13
C VAL A 29 2.83 -9.65 6.63
N CYS A 30 1.84 -9.11 5.93
CA CYS A 30 2.05 -8.85 4.46
C CYS A 30 2.76 -7.49 4.28
N ARG A 31 3.66 -7.40 3.33
CA ARG A 31 4.40 -6.11 3.11
C ARG A 31 4.51 -5.82 1.61
N ILE A 32 4.56 -4.55 1.23
CA ILE A 32 4.66 -4.22 -0.23
C ILE A 32 6.09 -3.75 -0.56
N GLY A 33 6.60 -4.08 -1.73
CA GLY A 33 7.97 -3.64 -2.10
C GLY A 33 7.87 -2.52 -3.16
N LYS A 34 8.59 -1.43 -2.97
CA LYS A 34 8.53 -0.32 -3.98
C LYS A 34 9.89 -0.12 -4.64
N VAL A 35 10.00 -0.37 -5.94
CA VAL A 35 11.33 -0.19 -6.62
C VAL A 35 11.36 1.13 -7.40
N VAL A 36 12.16 2.09 -6.97
CA VAL A 36 12.23 3.38 -7.70
C VAL A 36 13.68 3.67 -8.13
N PRO A 37 13.85 4.26 -9.29
CA PRO A 37 15.21 4.57 -9.78
C PRO A 37 15.76 5.84 -9.10
N ASN A 38 17.07 5.93 -8.93
CA ASN A 38 17.65 7.14 -8.27
C ASN A 38 18.27 8.06 -9.33
N PRO A 39 18.51 9.31 -8.96
CA PRO A 39 19.11 10.27 -9.93
C PRO A 39 20.59 9.94 -10.15
N PHE A 40 20.94 9.37 -11.29
CA PHE A 40 22.38 9.02 -11.57
C PHE A 40 22.93 8.12 -10.45
N SER A 41 23.00 6.82 -10.68
CA SER A 41 23.53 5.90 -9.63
C SER A 41 24.81 5.21 -10.14
N GLU A 42 25.84 5.14 -9.31
CA GLU A 42 27.12 4.48 -9.77
C GLU A 42 27.22 3.07 -9.16
N SER A 43 27.01 2.93 -7.86
CA SER A 43 27.11 1.57 -7.23
C SER A 43 25.74 0.86 -7.28
N GLY A 44 24.66 1.57 -7.02
CA GLY A 44 23.31 0.93 -7.06
C GLY A 44 22.49 1.50 -8.22
N GLY A 45 21.21 1.19 -8.29
CA GLY A 45 20.37 1.74 -9.40
C GLY A 45 18.92 1.96 -8.90
N ASP A 46 18.26 0.92 -8.45
CA ASP A 46 16.87 1.08 -7.95
C ASP A 46 16.80 0.79 -6.44
N MET A 47 15.86 1.37 -5.75
CA MET A 47 15.76 1.12 -4.27
C MET A 47 14.47 0.34 -3.95
N LYS A 48 14.58 -0.78 -3.28
CA LYS A 48 13.37 -1.58 -2.93
C LYS A 48 13.21 -1.68 -1.40
N GLU A 49 12.10 -1.23 -0.87
CA GLU A 49 11.90 -1.31 0.61
C GLU A 49 10.57 -2.00 0.93
N TRP A 50 10.46 -2.65 2.07
CA TRP A 50 9.17 -3.33 2.42
C TRP A 50 8.34 -2.46 3.35
N TYR A 51 7.03 -2.43 3.18
CA TYR A 51 6.18 -1.59 4.07
C TYR A 51 5.16 -2.45 4.81
N HIS A 52 4.42 -1.87 5.73
CA HIS A 52 3.37 -2.65 6.46
C HIS A 52 2.02 -2.45 5.76
N ILE A 53 0.94 -2.95 6.32
CA ILE A 53 -0.39 -2.75 5.65
C ILE A 53 -0.98 -1.40 6.11
N LYS A 54 -0.82 -1.03 7.36
CA LYS A 54 -1.37 0.29 7.81
C LYS A 54 -0.34 1.42 7.60
N CYS A 55 0.94 1.13 7.61
CA CYS A 55 1.95 2.22 7.40
C CYS A 55 1.93 2.68 5.93
N MET A 56 1.98 1.74 5.00
CA MET A 56 1.96 2.14 3.55
C MET A 56 0.61 2.75 3.18
N PHE A 57 -0.48 2.23 3.72
CA PHE A 57 -1.82 2.83 3.38
C PHE A 57 -1.98 4.17 4.11
N GLU A 58 -1.43 4.32 5.30
CA GLU A 58 -1.54 5.64 6.00
C GLU A 58 -0.84 6.73 5.20
N LYS A 59 0.28 6.42 4.55
CA LYS A 59 0.98 7.48 3.74
C LYS A 59 0.05 7.99 2.64
N LEU A 60 -0.72 7.11 2.00
CA LEU A 60 -1.65 7.58 0.92
C LEU A 60 -2.61 8.62 1.50
N GLU A 61 -3.17 8.37 2.67
CA GLU A 61 -4.10 9.38 3.29
C GLU A 61 -3.33 10.70 3.51
N ARG A 62 -2.07 10.63 3.86
CA ARG A 62 -1.27 11.88 4.07
C ARG A 62 -0.25 12.07 2.93
N ALA A 63 -0.57 11.65 1.72
CA ALA A 63 0.39 11.81 0.59
C ALA A 63 -0.14 12.85 -0.42
N ARG A 64 0.68 13.28 -1.35
CA ARG A 64 0.19 14.30 -2.35
C ARG A 64 -0.73 13.62 -3.38
N ALA A 65 -1.59 14.38 -4.03
CA ALA A 65 -2.51 13.75 -5.06
C ALA A 65 -1.81 13.65 -6.42
N THR A 66 -0.95 14.60 -6.77
CA THR A 66 -0.24 14.52 -8.11
C THR A 66 0.41 13.14 -8.33
N THR A 67 0.90 12.50 -7.29
CA THR A 67 1.53 11.15 -7.45
C THR A 67 0.62 10.08 -6.84
N LYS A 68 0.44 8.96 -7.51
CA LYS A 68 -0.44 7.89 -6.95
C LYS A 68 0.38 6.62 -6.70
N LYS A 69 0.07 5.87 -5.65
CA LYS A 69 0.84 4.63 -5.35
C LYS A 69 -0.14 3.45 -5.12
N ILE A 70 0.17 2.27 -5.62
CA ILE A 70 -0.73 1.09 -5.43
C ILE A 70 -2.16 1.40 -5.91
N GLU A 71 -2.53 0.94 -7.08
CA GLU A 71 -3.90 1.21 -7.60
C GLU A 71 -4.74 -0.08 -7.57
N ASP A 72 -6.01 0.00 -7.22
CA ASP A 72 -6.87 -1.23 -7.15
C ASP A 72 -6.22 -2.31 -6.28
N LEU A 73 -6.78 -3.50 -6.25
CA LEU A 73 -6.17 -4.59 -5.40
C LEU A 73 -5.30 -5.53 -6.24
N THR A 74 -5.67 -5.80 -7.49
CA THR A 74 -4.84 -6.72 -8.32
C THR A 74 -4.02 -5.91 -9.33
N GLU A 75 -3.30 -4.90 -8.89
CA GLU A 75 -2.47 -4.09 -9.83
C GLU A 75 -1.02 -4.04 -9.35
N LEU A 76 -0.50 -5.12 -8.82
CA LEU A 76 0.92 -5.12 -8.33
C LEU A 76 1.56 -6.50 -8.56
N GLU A 77 2.87 -6.57 -8.67
CA GLU A 77 3.52 -7.91 -8.89
C GLU A 77 3.73 -8.63 -7.55
N GLY A 78 2.85 -9.53 -7.17
CA GLY A 78 3.03 -10.27 -5.88
C GLY A 78 1.69 -10.78 -5.34
N TRP A 79 0.61 -10.03 -5.50
CA TRP A 79 -0.72 -10.53 -4.95
C TRP A 79 -1.05 -11.92 -5.52
N GLU A 80 -0.67 -12.22 -6.75
CA GLU A 80 -0.98 -13.59 -7.33
C GLU A 80 -0.46 -14.69 -6.39
N GLU A 81 0.71 -14.52 -5.80
CA GLU A 81 1.24 -15.57 -4.86
C GLU A 81 0.44 -15.56 -3.56
N LEU A 82 0.02 -14.40 -3.07
CA LEU A 82 -0.77 -14.36 -1.78
C LEU A 82 -1.98 -15.31 -1.86
N GLU A 83 -2.78 -15.39 -0.82
CA GLU A 83 -3.97 -16.30 -0.86
C GLU A 83 -5.27 -15.49 -0.99
N ASP A 84 -6.35 -16.11 -1.41
CA ASP A 84 -7.63 -15.34 -1.57
C ASP A 84 -8.05 -14.71 -0.22
N ASN A 85 -7.87 -15.41 0.87
CA ASN A 85 -8.26 -14.82 2.20
C ASN A 85 -7.35 -13.63 2.52
N GLU A 86 -6.07 -13.75 2.27
CA GLU A 86 -5.14 -12.59 2.55
C GLU A 86 -5.48 -11.43 1.60
N LYS A 87 -5.77 -11.72 0.35
CA LYS A 87 -6.11 -10.60 -0.61
C LYS A 87 -7.36 -9.86 -0.11
N GLU A 88 -8.34 -10.56 0.44
CA GLU A 88 -9.57 -9.85 0.94
C GLU A 88 -9.19 -8.81 2.01
N GLN A 89 -8.26 -9.14 2.89
CA GLN A 89 -7.85 -8.15 3.95
C GLN A 89 -7.22 -6.90 3.29
N ILE A 90 -6.41 -7.09 2.27
CA ILE A 90 -5.79 -5.90 1.58
C ILE A 90 -6.89 -5.06 0.92
N THR A 91 -7.87 -5.70 0.30
CA THR A 91 -8.97 -4.90 -0.36
C THR A 91 -9.69 -4.03 0.69
N GLN A 92 -9.89 -4.54 1.89
CA GLN A 92 -10.59 -3.71 2.94
C GLN A 92 -9.80 -2.41 3.19
N HIS A 93 -8.47 -2.48 3.21
CA HIS A 93 -7.67 -1.21 3.43
C HIS A 93 -8.01 -0.17 2.36
N ILE A 94 -8.04 -0.56 1.11
CA ILE A 94 -8.37 0.43 0.03
C ILE A 94 -9.84 0.88 0.18
N ALA A 95 -10.73 -0.03 0.55
CA ALA A 95 -12.16 0.39 0.73
C ALA A 95 -12.28 1.30 1.96
N ASP A 96 -11.57 1.00 3.03
CA ASP A 96 -11.64 1.89 4.23
C ASP A 96 -10.90 3.20 3.93
N LEU A 97 -9.76 3.13 3.27
CA LEU A 97 -9.01 4.39 2.93
C LEU A 97 -9.78 5.17 1.83
N SER A 98 -10.43 4.47 0.91
CA SER A 98 -11.19 5.19 -0.16
C SER A 98 -12.69 5.23 0.17
N SER A 99 -13.04 5.57 1.40
CA SER A 99 -14.49 5.62 1.76
C SER A 99 -14.88 7.03 2.22
N LYS A 100 -16.04 7.53 1.82
CA LYS A 100 -16.46 8.89 2.24
C LYS A 100 -17.98 8.93 2.47
N ALA A 101 -18.52 8.00 3.22
CA ALA A 101 -20.00 8.00 3.46
C ALA A 101 -20.30 7.58 4.91
N ALA A 102 -19.74 8.28 5.89
CA ALA A 102 -20.00 7.91 7.31
C ALA A 102 -20.06 9.17 8.20
N GLY A 103 -20.95 10.10 7.89
CA GLY A 103 -21.04 11.34 8.71
C GLY A 103 -22.52 11.73 8.88
N THR A 104 -23.04 12.60 8.04
CA THR A 104 -24.48 13.01 8.19
C THR A 104 -25.40 11.79 7.95
N PRO A 105 -25.30 11.18 6.79
CA PRO A 105 -26.15 10.01 6.49
C PRO A 105 -25.67 8.78 7.29
N LYS A 106 -26.58 8.05 7.90
CA LYS A 106 -26.17 6.84 8.68
C LYS A 106 -27.00 5.62 8.25
N LYS A 107 -26.63 4.44 8.70
CA LYS A 107 -27.40 3.21 8.32
C LYS A 107 -27.53 3.09 6.79
N LYS A 108 -28.18 2.07 6.30
CA LYS A 108 -28.34 1.92 4.81
C LYS A 108 -29.61 1.13 4.47
N ALA A 109 -29.84 0.82 3.21
CA ALA A 109 -31.06 0.05 2.83
C ALA A 109 -30.68 -1.32 2.26
N VAL A 110 -31.61 -2.26 2.21
CA VAL A 110 -31.27 -3.61 1.66
C VAL A 110 -32.22 -3.95 0.49
N VAL A 111 -31.75 -3.91 -0.73
CA VAL A 111 -32.64 -4.24 -1.89
C VAL A 111 -31.89 -5.11 -2.90
N GLN A 112 -32.55 -6.07 -3.52
CA GLN A 112 -31.87 -6.94 -4.52
C GLN A 112 -32.72 -7.06 -5.79
N ALA A 113 -32.09 -7.08 -6.95
CA ALA A 113 -32.87 -7.19 -8.22
C ALA A 113 -32.43 -8.43 -9.01
N LYS A 114 -33.24 -9.47 -9.02
CA LYS A 114 -32.85 -10.70 -9.77
C LYS A 114 -33.90 -11.03 -10.84
N LEU A 115 -33.51 -11.60 -11.96
CA LEU A 115 -34.50 -11.93 -13.02
C LEU A 115 -34.53 -13.44 -13.27
N THR A 116 -35.70 -14.02 -13.46
CA THR A 116 -35.78 -15.49 -13.70
C THR A 116 -36.53 -15.78 -15.02
N THR A 117 -36.08 -16.75 -15.79
CA THR A 117 -36.77 -17.06 -17.07
C THR A 117 -37.06 -18.57 -17.17
N MET A 1 12.44 8.89 -18.69
CA MET A 1 12.35 7.67 -17.86
C MET A 1 11.84 8.02 -16.44
N ALA A 2 10.55 8.19 -16.27
CA ALA A 2 10.01 8.54 -14.92
C ALA A 2 8.73 7.74 -14.63
N GLU A 3 8.85 6.54 -14.12
CA GLU A 3 7.63 5.72 -13.83
C GLU A 3 7.70 5.14 -12.41
N GLN A 4 6.59 4.68 -11.87
CA GLN A 4 6.62 4.10 -10.48
C GLN A 4 6.25 2.61 -10.53
N ARG A 5 6.97 1.77 -9.82
CA ARG A 5 6.66 0.32 -9.83
C ARG A 5 6.49 -0.22 -8.40
N PHE A 6 5.34 -0.77 -8.08
CA PHE A 6 5.12 -1.30 -6.69
C PHE A 6 5.00 -2.83 -6.74
N CYS A 7 5.50 -3.53 -5.74
CA CYS A 7 5.41 -5.03 -5.75
C CYS A 7 4.98 -5.52 -4.36
N VAL A 8 4.55 -6.77 -4.25
CA VAL A 8 4.13 -7.29 -2.91
C VAL A 8 4.89 -8.57 -2.56
N ASP A 9 5.28 -8.74 -1.32
CA ASP A 9 6.02 -9.98 -0.91
C ASP A 9 5.66 -10.36 0.53
N TYR A 10 4.75 -11.28 0.72
CA TYR A 10 4.36 -11.69 2.13
C TYR A 10 5.61 -12.11 2.93
N ALA A 11 5.56 -12.00 4.24
CA ALA A 11 6.75 -12.38 5.06
C ALA A 11 6.48 -13.69 5.82
N LYS A 12 7.38 -14.64 5.76
CA LYS A 12 7.19 -15.93 6.49
C LYS A 12 8.28 -16.10 7.56
N ARG A 13 9.53 -16.10 7.16
CA ARG A 13 10.63 -16.26 8.16
C ARG A 13 11.54 -15.03 8.15
N GLY A 14 12.29 -14.79 9.21
CA GLY A 14 13.19 -13.60 9.24
C GLY A 14 12.38 -12.36 9.65
N THR A 15 13.03 -11.30 10.07
CA THR A 15 12.28 -10.07 10.47
C THR A 15 12.93 -8.82 9.86
N ALA A 16 12.15 -7.84 9.47
CA ALA A 16 12.73 -6.61 8.87
C ALA A 16 12.08 -5.34 9.45
N GLY A 17 12.84 -4.29 9.64
CA GLY A 17 12.26 -3.04 10.21
C GLY A 17 11.43 -2.33 9.13
N CYS A 18 10.15 -2.07 9.40
CA CYS A 18 9.30 -1.37 8.39
C CYS A 18 9.87 0.03 8.12
N LYS A 19 10.04 0.41 6.86
CA LYS A 19 10.60 1.78 6.55
C LYS A 19 9.63 2.84 7.09
N LYS A 20 10.13 3.98 7.53
CA LYS A 20 9.22 5.04 8.09
C LYS A 20 8.33 4.43 9.19
N CYS A 21 8.91 3.69 10.11
CA CYS A 21 8.09 3.03 11.17
C CYS A 21 8.98 2.52 12.32
N LYS A 22 8.44 2.41 13.52
CA LYS A 22 9.26 1.87 14.66
C LYS A 22 8.80 0.44 14.96
N GLU A 23 8.62 -0.36 13.93
CA GLU A 23 8.15 -1.76 14.15
C GLU A 23 8.92 -2.72 13.21
N LYS A 24 8.56 -3.98 13.20
CA LYS A 24 9.28 -4.96 12.32
C LYS A 24 8.28 -5.83 11.56
N ILE A 25 8.67 -6.41 10.44
CA ILE A 25 7.73 -7.26 9.67
C ILE A 25 8.20 -8.72 9.71
N VAL A 26 7.37 -9.64 10.16
CA VAL A 26 7.79 -11.07 10.23
C VAL A 26 6.58 -12.02 10.44
N LYS A 27 6.25 -12.83 9.45
CA LYS A 27 5.10 -13.79 9.58
C LYS A 27 3.77 -13.05 9.83
N GLY A 28 2.76 -13.33 9.02
CA GLY A 28 1.44 -12.65 9.22
C GLY A 28 1.48 -11.18 8.74
N VAL A 29 2.53 -10.73 8.08
CA VAL A 29 2.56 -9.31 7.63
C VAL A 29 2.85 -9.24 6.12
N CYS A 30 2.13 -8.41 5.38
CA CYS A 30 2.39 -8.29 3.92
C CYS A 30 3.33 -7.11 3.66
N ARG A 31 4.33 -7.27 2.83
CA ARG A 31 5.28 -6.14 2.56
C ARG A 31 5.17 -5.66 1.11
N ILE A 32 5.00 -4.37 0.90
CA ILE A 32 4.91 -3.85 -0.51
C ILE A 32 6.25 -3.19 -0.87
N GLY A 33 6.85 -3.55 -1.98
CA GLY A 33 8.15 -2.94 -2.35
C GLY A 33 7.95 -1.90 -3.46
N LYS A 34 8.48 -0.71 -3.30
CA LYS A 34 8.33 0.34 -4.36
C LYS A 34 9.66 0.52 -5.09
N VAL A 35 9.74 0.17 -6.37
CA VAL A 35 11.04 0.33 -7.10
C VAL A 35 11.05 1.65 -7.89
N VAL A 36 11.89 2.59 -7.52
CA VAL A 36 11.95 3.89 -8.26
C VAL A 36 13.37 4.10 -8.81
N PRO A 37 13.52 4.03 -10.11
CA PRO A 37 14.86 4.22 -10.72
C PRO A 37 15.27 5.71 -10.67
N ASN A 38 16.44 6.00 -10.13
CA ASN A 38 16.88 7.44 -10.06
C ASN A 38 17.94 7.72 -11.14
N PRO A 39 17.63 8.59 -12.07
CA PRO A 39 18.61 8.93 -13.14
C PRO A 39 19.74 9.81 -12.58
N PHE A 40 20.67 9.25 -11.85
CA PHE A 40 21.78 10.06 -11.29
C PHE A 40 23.08 9.24 -11.21
N SER A 41 23.07 8.13 -10.51
CA SER A 41 24.32 7.31 -10.41
C SER A 41 24.18 6.02 -11.25
N GLU A 42 25.27 5.41 -11.65
CA GLU A 42 25.17 4.16 -12.46
C GLU A 42 25.24 2.91 -11.56
N SER A 43 26.06 2.93 -10.53
CA SER A 43 26.15 1.72 -9.62
C SER A 43 24.77 1.41 -9.02
N GLY A 44 24.01 2.42 -8.66
CA GLY A 44 22.65 2.17 -8.08
C GLY A 44 21.58 2.37 -9.17
N GLY A 45 20.98 1.29 -9.65
CA GLY A 45 19.94 1.43 -10.72
C GLY A 45 18.59 1.72 -10.06
N ASP A 46 18.00 0.75 -9.40
CA ASP A 46 16.66 0.98 -8.75
C ASP A 46 16.67 0.41 -7.33
N MET A 47 16.09 1.11 -6.37
CA MET A 47 16.06 0.60 -4.96
C MET A 47 14.61 0.36 -4.51
N LYS A 48 14.38 -0.60 -3.65
CA LYS A 48 12.99 -0.87 -3.18
C LYS A 48 12.93 -0.92 -1.64
N GLU A 49 11.85 -0.44 -1.05
CA GLU A 49 11.75 -0.47 0.44
C GLU A 49 10.49 -1.25 0.85
N TRP A 50 10.51 -1.93 1.98
CA TRP A 50 9.29 -2.70 2.41
C TRP A 50 8.43 -1.84 3.34
N TYR A 51 7.13 -2.06 3.35
CA TYR A 51 6.24 -1.26 4.24
C TYR A 51 5.24 -2.17 4.96
N HIS A 52 4.48 -1.62 5.88
CA HIS A 52 3.45 -2.46 6.60
C HIS A 52 2.09 -2.28 5.91
N ILE A 53 1.03 -2.81 6.48
CA ILE A 53 -0.31 -2.62 5.84
C ILE A 53 -0.89 -1.27 6.28
N LYS A 54 -0.73 -0.90 7.53
CA LYS A 54 -1.26 0.43 7.99
C LYS A 54 -0.20 1.55 7.78
N CYS A 55 1.08 1.23 7.77
CA CYS A 55 2.10 2.31 7.56
C CYS A 55 2.13 2.73 6.08
N MET A 56 2.07 1.79 5.17
CA MET A 56 2.10 2.16 3.72
C MET A 56 0.76 2.79 3.32
N PHE A 57 -0.34 2.29 3.83
CA PHE A 57 -1.66 2.91 3.47
C PHE A 57 -1.81 4.26 4.18
N GLU A 58 -1.25 4.42 5.37
CA GLU A 58 -1.37 5.75 6.06
C GLU A 58 -0.64 6.82 5.24
N LYS A 59 0.49 6.49 4.64
CA LYS A 59 1.21 7.52 3.81
C LYS A 59 0.34 7.93 2.62
N LEU A 60 -0.32 6.97 1.98
CA LEU A 60 -1.21 7.32 0.81
C LEU A 60 -2.29 8.29 1.28
N GLU A 61 -2.93 8.01 2.40
CA GLU A 61 -4.00 8.97 2.90
C GLU A 61 -3.40 10.37 3.07
N ARG A 62 -2.15 10.47 3.44
CA ARG A 62 -1.51 11.82 3.60
C ARG A 62 -0.55 12.13 2.44
N ALA A 63 -0.80 11.59 1.26
CA ALA A 63 0.11 11.87 0.10
C ALA A 63 -0.57 12.82 -0.89
N ARG A 64 0.17 13.37 -1.84
CA ARG A 64 -0.48 14.31 -2.83
C ARG A 64 -1.54 13.55 -3.66
N ALA A 65 -2.51 14.25 -4.20
CA ALA A 65 -3.56 13.56 -5.02
C ALA A 65 -3.11 13.43 -6.48
N THR A 66 -2.38 14.40 -7.01
CA THR A 66 -1.93 14.30 -8.45
C THR A 66 -1.22 12.96 -8.71
N THR A 67 -0.46 12.45 -7.75
CA THR A 67 0.23 11.15 -7.97
C THR A 67 -0.33 10.09 -7.01
N LYS A 68 -0.88 9.01 -7.53
CA LYS A 68 -1.44 7.95 -6.64
C LYS A 68 -0.74 6.61 -6.91
N LYS A 69 -0.55 5.79 -5.89
CA LYS A 69 0.12 4.47 -6.09
C LYS A 69 -0.79 3.33 -5.61
N ILE A 70 -0.57 2.12 -6.09
CA ILE A 70 -1.42 0.96 -5.67
C ILE A 70 -2.91 1.27 -5.89
N GLU A 71 -3.49 0.80 -6.98
CA GLU A 71 -4.93 1.08 -7.23
C GLU A 71 -5.74 -0.24 -7.18
N ASP A 72 -6.91 -0.24 -6.58
CA ASP A 72 -7.73 -1.49 -6.49
C ASP A 72 -6.90 -2.65 -5.90
N LEU A 73 -7.36 -3.88 -6.02
CA LEU A 73 -6.59 -5.03 -5.47
C LEU A 73 -6.13 -5.96 -6.60
N THR A 74 -5.72 -5.42 -7.73
CA THR A 74 -5.26 -6.29 -8.86
C THR A 74 -4.18 -5.58 -9.68
N GLU A 75 -3.29 -4.83 -9.04
CA GLU A 75 -2.22 -4.13 -9.81
C GLU A 75 -0.87 -4.27 -9.07
N LEU A 76 -0.60 -5.42 -8.47
CA LEU A 76 0.70 -5.61 -7.76
C LEU A 76 1.45 -6.81 -8.35
N GLU A 77 2.77 -6.81 -8.28
CA GLU A 77 3.55 -7.96 -8.86
C GLU A 77 3.21 -9.28 -8.17
N GLY A 78 2.48 -10.15 -8.83
CA GLY A 78 2.14 -11.47 -8.22
C GLY A 78 1.24 -11.30 -6.99
N TRP A 79 0.07 -10.71 -7.14
CA TRP A 79 -0.84 -10.57 -5.95
C TRP A 79 -1.75 -11.79 -5.83
N GLU A 80 -2.21 -12.35 -6.93
CA GLU A 80 -3.10 -13.57 -6.84
C GLU A 80 -2.25 -14.75 -6.37
N GLU A 81 -1.02 -14.89 -6.87
CA GLU A 81 -0.16 -16.04 -6.42
C GLU A 81 -0.02 -16.07 -4.89
N LEU A 82 -0.10 -14.94 -4.20
CA LEU A 82 0.03 -14.98 -2.71
C LEU A 82 -1.20 -15.67 -2.09
N GLU A 83 -1.30 -15.70 -0.77
CA GLU A 83 -2.50 -16.36 -0.14
C GLU A 83 -3.79 -15.63 -0.54
N ASP A 84 -4.92 -16.30 -0.52
CA ASP A 84 -6.21 -15.61 -0.89
C ASP A 84 -6.83 -14.95 0.34
N ASN A 85 -6.81 -15.60 1.48
CA ASN A 85 -7.40 -14.97 2.72
C ASN A 85 -6.60 -13.74 3.10
N GLU A 86 -5.27 -13.82 3.08
CA GLU A 86 -4.45 -12.62 3.44
C GLU A 86 -4.69 -11.51 2.40
N LYS A 87 -4.80 -11.85 1.13
CA LYS A 87 -5.06 -10.80 0.09
C LYS A 87 -6.36 -10.05 0.41
N GLU A 88 -7.37 -10.74 0.88
CA GLU A 88 -8.67 -10.04 1.22
C GLU A 88 -8.40 -8.94 2.27
N GLN A 89 -7.52 -9.19 3.22
CA GLN A 89 -7.24 -8.14 4.27
C GLN A 89 -6.73 -6.86 3.59
N ILE A 90 -5.89 -6.98 2.58
CA ILE A 90 -5.39 -5.74 1.88
C ILE A 90 -6.57 -5.01 1.21
N THR A 91 -7.48 -5.74 0.60
CA THR A 91 -8.66 -5.05 -0.05
C THR A 91 -9.42 -4.20 0.99
N GLN A 92 -9.55 -4.69 2.21
CA GLN A 92 -10.27 -3.88 3.26
C GLN A 92 -9.58 -2.51 3.43
N HIS A 93 -8.27 -2.48 3.42
CA HIS A 93 -7.56 -1.15 3.58
C HIS A 93 -7.96 -0.20 2.43
N ILE A 94 -7.89 -0.65 1.20
CA ILE A 94 -8.29 0.26 0.06
C ILE A 94 -9.78 0.62 0.19
N ALA A 95 -10.62 -0.32 0.58
CA ALA A 95 -12.08 0.00 0.74
C ALA A 95 -12.25 1.02 1.87
N ASP A 96 -11.52 0.88 2.96
CA ASP A 96 -11.65 1.88 4.07
C ASP A 96 -11.01 3.20 3.64
N LEU A 97 -9.86 3.13 2.97
CA LEU A 97 -9.19 4.40 2.51
C LEU A 97 -10.02 5.05 1.37
N SER A 98 -10.66 4.26 0.53
CA SER A 98 -11.48 4.86 -0.58
C SER A 98 -12.96 4.95 -0.16
N SER A 99 -13.62 3.82 0.04
CA SER A 99 -15.07 3.84 0.45
C SER A 99 -15.89 4.73 -0.52
N LYS A 100 -16.51 4.13 -1.52
CA LYS A 100 -17.31 4.94 -2.48
C LYS A 100 -18.60 4.19 -2.84
N ALA A 101 -19.65 4.34 -2.05
CA ALA A 101 -20.93 3.64 -2.34
C ALA A 101 -22.12 4.56 -2.08
N ALA A 102 -23.32 4.18 -2.49
CA ALA A 102 -24.51 5.05 -2.25
C ALA A 102 -25.72 4.20 -1.86
N GLY A 103 -25.89 3.90 -0.59
CA GLY A 103 -27.05 3.07 -0.16
C GLY A 103 -27.76 3.75 1.03
N THR A 104 -27.38 3.41 2.25
CA THR A 104 -28.04 4.05 3.43
C THR A 104 -27.00 4.81 4.27
N PRO A 105 -26.71 6.03 3.86
CA PRO A 105 -25.72 6.85 4.62
C PRO A 105 -26.31 7.32 5.95
N LYS A 106 -25.62 8.18 6.67
CA LYS A 106 -26.16 8.67 7.97
C LYS A 106 -26.39 10.19 7.92
N LYS A 107 -27.44 10.67 8.54
CA LYS A 107 -27.70 12.15 8.51
C LYS A 107 -27.83 12.69 9.95
N LYS A 108 -26.74 12.92 10.62
CA LYS A 108 -26.81 13.44 12.02
C LYS A 108 -25.72 14.50 12.25
N ALA A 109 -26.06 15.77 12.15
CA ALA A 109 -25.04 16.84 12.37
C ALA A 109 -25.47 17.77 13.52
N VAL A 110 -24.78 17.74 14.63
CA VAL A 110 -25.15 18.62 15.77
C VAL A 110 -23.92 19.37 16.32
N VAL A 111 -23.95 20.68 16.37
CA VAL A 111 -22.78 21.44 16.89
C VAL A 111 -23.26 22.60 17.79
N GLN A 112 -22.68 22.75 18.97
CA GLN A 112 -23.11 23.85 19.87
C GLN A 112 -21.94 24.82 20.13
N ALA A 113 -22.11 26.10 19.89
CA ALA A 113 -21.02 27.08 20.12
C ALA A 113 -21.42 28.10 21.19
N LYS A 114 -20.81 28.07 22.35
CA LYS A 114 -21.17 29.05 23.42
C LYS A 114 -19.96 29.94 23.76
N LEU A 115 -19.90 31.13 23.20
CA LEU A 115 -18.74 32.03 23.50
C LEU A 115 -19.24 33.34 24.14
N THR A 116 -18.59 33.81 25.18
CA THR A 116 -19.04 35.08 25.84
C THR A 116 -17.86 36.07 25.93
N THR A 117 -17.95 37.22 25.29
CA THR A 117 -16.85 38.24 25.35
C THR A 117 -15.48 37.58 25.11
N MET A 1 10.54 0.08 -19.58
CA MET A 1 9.37 0.30 -18.68
C MET A 1 9.84 0.77 -17.29
N ALA A 2 10.01 2.05 -17.09
CA ALA A 2 10.47 2.56 -15.77
C ALA A 2 9.62 3.76 -15.33
N GLU A 3 8.45 3.53 -14.79
CA GLU A 3 7.58 4.67 -14.35
C GLU A 3 6.93 4.35 -13.00
N GLN A 4 7.70 4.27 -11.93
CA GLN A 4 7.13 3.97 -10.57
C GLN A 4 6.39 2.62 -10.58
N ARG A 5 6.95 1.61 -9.96
CA ARG A 5 6.27 0.27 -9.93
C ARG A 5 6.17 -0.24 -8.49
N PHE A 6 5.04 -0.80 -8.11
CA PHE A 6 4.89 -1.32 -6.72
C PHE A 6 4.69 -2.85 -6.74
N CYS A 7 5.33 -3.57 -5.84
CA CYS A 7 5.17 -5.05 -5.81
C CYS A 7 4.66 -5.47 -4.43
N VAL A 8 4.16 -6.68 -4.28
CA VAL A 8 3.67 -7.11 -2.93
C VAL A 8 4.16 -8.53 -2.59
N ASP A 9 4.65 -8.73 -1.39
CA ASP A 9 5.14 -10.08 -0.99
C ASP A 9 4.73 -10.40 0.45
N TYR A 10 4.48 -11.65 0.77
CA TYR A 10 4.08 -12.00 2.17
C TYR A 10 5.27 -12.58 2.94
N ALA A 11 5.35 -12.36 4.23
CA ALA A 11 6.51 -12.90 5.01
C ALA A 11 6.05 -14.07 5.91
N LYS A 12 6.89 -15.07 6.10
CA LYS A 12 6.50 -16.22 6.97
C LYS A 12 7.40 -16.28 8.20
N ARG A 13 8.70 -16.35 8.02
CA ARG A 13 9.62 -16.41 9.19
C ARG A 13 10.89 -15.58 8.92
N GLY A 14 10.78 -14.26 8.93
CA GLY A 14 11.98 -13.41 8.67
C GLY A 14 11.95 -12.18 9.58
N THR A 15 12.90 -11.27 9.43
CA THR A 15 12.91 -10.06 10.31
C THR A 15 13.30 -8.82 9.48
N ALA A 16 12.42 -7.85 9.34
CA ALA A 16 12.77 -6.64 8.55
C ALA A 16 12.15 -5.38 9.18
N GLY A 17 12.92 -4.32 9.32
CA GLY A 17 12.38 -3.07 9.93
C GLY A 17 11.50 -2.35 8.90
N CYS A 18 10.26 -2.08 9.23
CA CYS A 18 9.36 -1.37 8.24
C CYS A 18 9.94 0.03 7.95
N LYS A 19 10.12 0.39 6.69
CA LYS A 19 10.69 1.74 6.37
C LYS A 19 9.74 2.82 6.90
N LYS A 20 10.26 3.97 7.31
CA LYS A 20 9.36 5.04 7.86
C LYS A 20 8.51 4.46 9.00
N CYS A 21 9.11 3.69 9.89
CA CYS A 21 8.32 3.07 11.00
C CYS A 21 9.26 2.52 12.09
N LYS A 22 8.82 2.51 13.34
CA LYS A 22 9.68 1.96 14.43
C LYS A 22 9.21 0.53 14.76
N GLU A 23 9.07 -0.31 13.76
CA GLU A 23 8.59 -1.70 14.02
C GLU A 23 9.29 -2.69 13.05
N LYS A 24 8.91 -3.95 13.08
CA LYS A 24 9.55 -4.96 12.19
C LYS A 24 8.48 -5.81 11.52
N ILE A 25 8.82 -6.48 10.44
CA ILE A 25 7.81 -7.33 9.73
C ILE A 25 8.18 -8.81 9.89
N VAL A 26 7.40 -9.57 10.64
CA VAL A 26 7.73 -11.03 10.83
C VAL A 26 6.46 -11.90 10.83
N LYS A 27 6.20 -12.60 9.74
CA LYS A 27 5.00 -13.51 9.66
C LYS A 27 3.68 -12.74 9.87
N GLY A 28 2.64 -13.13 9.14
CA GLY A 28 1.32 -12.43 9.29
C GLY A 28 1.37 -10.98 8.75
N VAL A 29 2.39 -10.58 8.02
CA VAL A 29 2.45 -9.19 7.51
C VAL A 29 2.72 -9.18 5.99
N CYS A 30 2.01 -8.35 5.25
CA CYS A 30 2.26 -8.28 3.77
C CYS A 30 3.26 -7.14 3.50
N ARG A 31 4.29 -7.39 2.71
CA ARG A 31 5.28 -6.31 2.43
C ARG A 31 5.12 -5.79 1.00
N ILE A 32 5.03 -4.48 0.82
CA ILE A 32 4.90 -3.92 -0.55
C ILE A 32 6.24 -3.31 -0.97
N GLY A 33 6.77 -3.69 -2.11
CA GLY A 33 8.09 -3.13 -2.53
C GLY A 33 7.88 -2.04 -3.59
N LYS A 34 8.43 -0.87 -3.38
CA LYS A 34 8.27 0.23 -4.39
C LYS A 34 9.56 0.38 -5.20
N VAL A 35 9.56 -0.03 -6.45
CA VAL A 35 10.82 0.09 -7.26
C VAL A 35 10.74 1.30 -8.21
N VAL A 36 11.48 2.35 -7.93
CA VAL A 36 11.45 3.54 -8.84
C VAL A 36 12.87 3.86 -9.33
N PRO A 37 12.98 4.35 -10.55
CA PRO A 37 14.32 4.68 -11.09
C PRO A 37 14.84 5.99 -10.49
N ASN A 38 16.09 6.05 -10.09
CA ASN A 38 16.64 7.31 -9.49
C ASN A 38 17.51 8.03 -10.53
N PRO A 39 17.46 9.34 -10.54
CA PRO A 39 18.28 10.12 -11.51
C PRO A 39 19.76 10.09 -11.10
N PHE A 40 20.42 8.96 -11.25
CA PHE A 40 21.86 8.87 -10.87
C PHE A 40 22.60 7.87 -11.78
N SER A 41 22.18 6.62 -11.82
CA SER A 41 22.87 5.62 -12.70
C SER A 41 21.93 5.17 -13.83
N GLU A 42 22.49 4.71 -14.94
CA GLU A 42 21.61 4.26 -16.08
C GLU A 42 21.43 2.73 -16.05
N SER A 43 22.44 1.98 -15.69
CA SER A 43 22.28 0.47 -15.65
C SER A 43 21.73 0.04 -14.28
N GLY A 44 22.19 0.65 -13.21
CA GLY A 44 21.69 0.25 -11.85
C GLY A 44 21.23 1.52 -11.10
N GLY A 45 20.03 1.99 -11.33
CA GLY A 45 19.55 3.21 -10.63
C GLY A 45 18.10 3.00 -10.16
N ASP A 46 17.84 2.01 -9.34
CA ASP A 46 16.44 1.76 -8.86
C ASP A 46 16.44 1.51 -7.34
N MET A 47 15.46 2.01 -6.63
CA MET A 47 15.42 1.80 -5.15
C MET A 47 14.17 0.98 -4.74
N LYS A 48 14.31 0.02 -3.85
CA LYS A 48 13.13 -0.78 -3.43
C LYS A 48 13.07 -0.88 -1.90
N GLU A 49 11.94 -0.57 -1.29
CA GLU A 49 11.83 -0.65 0.20
C GLU A 49 10.55 -1.40 0.59
N TRP A 50 10.52 -1.99 1.76
CA TRP A 50 9.28 -2.73 2.18
C TRP A 50 8.44 -1.85 3.12
N TYR A 51 7.18 -2.19 3.31
CA TYR A 51 6.32 -1.35 4.19
C TYR A 51 5.31 -2.24 4.95
N HIS A 52 4.58 -1.67 5.89
CA HIS A 52 3.56 -2.48 6.65
C HIS A 52 2.19 -2.31 5.97
N ILE A 53 1.13 -2.80 6.56
CA ILE A 53 -0.22 -2.62 5.93
C ILE A 53 -0.81 -1.29 6.39
N LYS A 54 -0.65 -0.92 7.64
CA LYS A 54 -1.19 0.40 8.11
C LYS A 54 -0.16 1.52 7.92
N CYS A 55 1.13 1.21 7.88
CA CYS A 55 2.15 2.31 7.70
C CYS A 55 2.15 2.78 6.24
N MET A 56 2.13 1.86 5.29
CA MET A 56 2.13 2.29 3.84
C MET A 56 0.77 2.89 3.47
N PHE A 57 -0.32 2.35 3.99
CA PHE A 57 -1.65 2.94 3.66
C PHE A 57 -1.84 4.26 4.43
N GLU A 58 -1.26 4.39 5.62
CA GLU A 58 -1.40 5.68 6.37
C GLU A 58 -0.74 6.81 5.57
N LYS A 59 0.38 6.54 4.93
CA LYS A 59 1.06 7.64 4.13
C LYS A 59 0.10 8.17 3.05
N LEU A 60 -0.67 7.31 2.41
CA LEU A 60 -1.62 7.80 1.36
C LEU A 60 -2.61 8.79 2.00
N GLU A 61 -3.12 8.49 3.18
CA GLU A 61 -4.07 9.47 3.84
C GLU A 61 -3.35 10.82 4.05
N ARG A 62 -2.06 10.80 4.36
CA ARG A 62 -1.33 12.07 4.56
C ARG A 62 -0.40 12.36 3.36
N ALA A 63 -0.77 11.94 2.16
CA ALA A 63 0.09 12.21 0.97
C ALA A 63 -0.56 13.26 0.06
N ARG A 64 0.17 13.78 -0.91
CA ARG A 64 -0.44 14.82 -1.82
C ARG A 64 -1.29 14.13 -2.90
N ALA A 65 -2.25 14.85 -3.48
CA ALA A 65 -3.09 14.22 -4.56
C ALA A 65 -2.34 14.17 -5.89
N THR A 66 -1.50 15.15 -6.18
CA THR A 66 -0.74 15.13 -7.49
C THR A 66 -0.04 13.78 -7.70
N THR A 67 0.46 13.15 -6.65
CA THR A 67 1.14 11.83 -6.81
C THR A 67 0.28 10.72 -6.18
N LYS A 68 0.31 9.53 -6.73
CA LYS A 68 -0.52 8.41 -6.16
C LYS A 68 0.33 7.13 -6.04
N LYS A 69 0.11 6.33 -5.01
CA LYS A 69 0.89 5.08 -4.85
C LYS A 69 -0.04 3.89 -4.60
N ILE A 70 0.33 2.70 -5.03
CA ILE A 70 -0.54 1.50 -4.82
C ILE A 70 -1.97 1.75 -5.36
N GLU A 71 -2.27 1.29 -6.55
CA GLU A 71 -3.65 1.49 -7.10
C GLU A 71 -4.36 0.14 -7.24
N ASP A 72 -5.61 0.05 -6.80
CA ASP A 72 -6.35 -1.26 -6.90
C ASP A 72 -5.52 -2.39 -6.24
N LEU A 73 -5.93 -3.64 -6.41
CA LEU A 73 -5.16 -4.76 -5.79
C LEU A 73 -4.43 -5.55 -6.89
N THR A 74 -5.15 -6.10 -7.84
CA THR A 74 -4.46 -6.89 -8.93
C THR A 74 -3.44 -5.99 -9.67
N GLU A 75 -3.70 -4.72 -9.82
CA GLU A 75 -2.72 -3.81 -10.55
C GLU A 75 -1.28 -4.00 -10.02
N LEU A 76 -1.11 -4.27 -8.75
CA LEU A 76 0.28 -4.46 -8.22
C LEU A 76 0.76 -5.90 -8.49
N GLU A 77 2.06 -6.11 -8.62
CA GLU A 77 2.57 -7.49 -8.90
C GLU A 77 2.93 -8.21 -7.59
N GLY A 78 2.56 -9.47 -7.45
CA GLY A 78 2.88 -10.21 -6.19
C GLY A 78 1.65 -11.03 -5.74
N TRP A 79 0.48 -10.43 -5.71
CA TRP A 79 -0.74 -11.20 -5.27
C TRP A 79 -0.88 -12.54 -6.02
N GLU A 80 -0.40 -12.63 -7.25
CA GLU A 80 -0.52 -13.93 -8.02
C GLU A 80 0.06 -15.11 -7.19
N GLU A 81 1.03 -14.87 -6.32
CA GLU A 81 1.60 -16.00 -5.53
C GLU A 81 1.28 -15.87 -4.02
N LEU A 82 0.16 -15.26 -3.66
CA LEU A 82 -0.17 -15.14 -2.21
C LEU A 82 -1.43 -15.97 -1.90
N GLU A 83 -2.06 -15.77 -0.75
CA GLU A 83 -3.28 -16.57 -0.41
C GLU A 83 -4.54 -15.73 -0.67
N ASP A 84 -5.69 -16.35 -0.78
CA ASP A 84 -6.95 -15.57 -1.03
C ASP A 84 -7.45 -14.93 0.28
N ASN A 85 -7.37 -15.63 1.39
CA ASN A 85 -7.85 -15.03 2.68
C ASN A 85 -6.89 -13.90 3.10
N GLU A 86 -5.60 -14.10 2.94
CA GLU A 86 -4.63 -13.01 3.32
C GLU A 86 -4.75 -11.87 2.30
N LYS A 87 -4.91 -12.18 1.03
CA LYS A 87 -5.05 -11.09 0.00
C LYS A 87 -6.30 -10.25 0.33
N GLU A 88 -7.38 -10.87 0.75
CA GLU A 88 -8.62 -10.07 1.09
C GLU A 88 -8.29 -9.00 2.15
N GLN A 89 -7.40 -9.30 3.09
CA GLN A 89 -7.05 -8.27 4.14
C GLN A 89 -6.53 -6.99 3.48
N ILE A 90 -5.74 -7.10 2.43
CA ILE A 90 -5.23 -5.86 1.76
C ILE A 90 -6.41 -5.12 1.10
N THR A 91 -7.33 -5.83 0.49
CA THR A 91 -8.50 -5.13 -0.15
C THR A 91 -9.27 -4.32 0.90
N GLN A 92 -9.41 -4.83 2.11
CA GLN A 92 -10.15 -4.06 3.18
C GLN A 92 -9.47 -2.69 3.40
N HIS A 93 -8.15 -2.65 3.41
CA HIS A 93 -7.47 -1.33 3.62
C HIS A 93 -7.85 -0.35 2.50
N ILE A 94 -7.77 -0.76 1.26
CA ILE A 94 -8.16 0.18 0.14
C ILE A 94 -9.65 0.51 0.25
N ALA A 95 -10.48 -0.45 0.59
CA ALA A 95 -11.95 -0.15 0.72
C ALA A 95 -12.16 0.87 1.85
N ASP A 96 -11.45 0.73 2.95
CA ASP A 96 -11.61 1.73 4.06
C ASP A 96 -10.98 3.07 3.65
N LEU A 97 -9.85 3.03 2.96
CA LEU A 97 -9.20 4.32 2.52
C LEU A 97 -10.01 4.94 1.37
N SER A 98 -10.56 4.15 0.47
CA SER A 98 -11.35 4.75 -0.66
C SER A 98 -12.61 5.44 -0.10
N SER A 99 -13.39 4.75 0.70
CA SER A 99 -14.63 5.38 1.26
C SER A 99 -14.56 5.40 2.80
N LYS A 100 -14.59 6.57 3.40
CA LYS A 100 -14.53 6.65 4.89
C LYS A 100 -15.42 7.80 5.40
N ALA A 101 -15.16 9.03 4.99
CA ALA A 101 -15.98 10.19 5.45
C ALA A 101 -16.08 10.21 6.98
N ALA A 102 -14.97 10.35 7.67
CA ALA A 102 -15.00 10.38 9.17
C ALA A 102 -14.06 11.46 9.71
N GLY A 103 -14.09 12.65 9.15
CA GLY A 103 -13.19 13.73 9.64
C GLY A 103 -14.00 15.01 9.88
N THR A 104 -14.59 15.59 8.85
CA THR A 104 -15.40 16.84 9.03
C THR A 104 -14.58 17.91 9.76
N PRO A 105 -13.63 18.51 9.07
CA PRO A 105 -12.79 19.55 9.69
C PRO A 105 -13.59 20.86 9.86
N LYS A 106 -12.96 21.93 10.29
CA LYS A 106 -13.69 23.22 10.46
C LYS A 106 -12.92 24.36 9.80
N LYS A 107 -11.70 24.63 10.23
CA LYS A 107 -10.92 25.74 9.62
C LYS A 107 -9.46 25.29 9.37
N LYS A 108 -8.83 25.79 8.33
CA LYS A 108 -7.42 25.39 8.05
C LYS A 108 -6.53 26.63 7.89
N ALA A 109 -5.96 27.13 8.97
CA ALA A 109 -5.09 28.34 8.86
C ALA A 109 -3.70 28.05 9.47
N VAL A 110 -2.73 28.93 9.24
CA VAL A 110 -1.37 28.69 9.83
C VAL A 110 -1.07 29.75 10.91
N VAL A 111 -0.80 29.32 12.12
CA VAL A 111 -0.50 30.31 13.21
C VAL A 111 0.80 29.92 13.92
N GLN A 112 1.60 30.90 14.33
CA GLN A 112 2.88 30.57 15.04
C GLN A 112 2.80 31.04 16.50
N ALA A 113 2.88 30.11 17.45
CA ALA A 113 2.81 30.51 18.88
C ALA A 113 4.12 30.13 19.60
N LYS A 114 4.59 30.96 20.51
CA LYS A 114 5.86 30.62 21.24
C LYS A 114 5.55 30.32 22.72
N LEU A 115 5.83 29.11 23.17
CA LEU A 115 5.56 28.76 24.60
C LEU A 115 6.86 28.42 25.33
N THR A 116 7.00 28.82 26.57
CA THR A 116 8.27 28.51 27.32
C THR A 116 7.94 27.94 28.71
N THR A 117 8.00 26.63 28.87
CA THR A 117 7.69 26.01 30.20
C THR A 117 6.32 26.47 30.71
N MET A 1 9.50 10.30 -17.97
CA MET A 1 9.62 11.41 -16.97
C MET A 1 9.16 10.94 -15.58
N ALA A 2 7.96 10.40 -15.48
CA ALA A 2 7.46 9.93 -14.16
C ALA A 2 7.25 8.41 -14.18
N GLU A 3 8.21 7.63 -13.74
CA GLU A 3 8.04 6.15 -13.73
C GLU A 3 8.08 5.60 -12.30
N GLN A 4 7.14 4.77 -11.91
CA GLN A 4 7.15 4.21 -10.53
C GLN A 4 6.70 2.74 -10.54
N ARG A 5 7.40 1.88 -9.82
CA ARG A 5 7.01 0.45 -9.80
C ARG A 5 6.78 -0.03 -8.36
N PHE A 6 5.68 -0.70 -8.09
CA PHE A 6 5.40 -1.18 -6.70
C PHE A 6 5.14 -2.68 -6.70
N CYS A 7 5.71 -3.41 -5.75
CA CYS A 7 5.49 -4.88 -5.68
C CYS A 7 4.88 -5.23 -4.32
N VAL A 8 4.31 -6.42 -4.16
CA VAL A 8 3.72 -6.78 -2.84
C VAL A 8 4.21 -8.17 -2.39
N ASP A 9 4.60 -8.32 -1.14
CA ASP A 9 5.08 -9.63 -0.65
C ASP A 9 4.55 -9.90 0.76
N TYR A 10 4.47 -11.15 1.16
CA TYR A 10 3.97 -11.47 2.54
C TYR A 10 5.12 -11.90 3.45
N ALA A 11 4.98 -11.75 4.74
CA ALA A 11 6.09 -12.15 5.67
C ALA A 11 5.78 -13.49 6.34
N LYS A 12 6.39 -14.57 5.88
CA LYS A 12 6.14 -15.90 6.50
C LYS A 12 7.42 -16.42 7.17
N ARG A 13 8.51 -16.54 6.44
CA ARG A 13 9.77 -17.03 7.04
C ARG A 13 10.84 -15.92 7.03
N GLY A 14 10.82 -15.03 8.01
CA GLY A 14 11.83 -13.93 8.03
C GLY A 14 11.17 -12.64 8.52
N THR A 15 11.94 -11.61 8.80
CA THR A 15 11.34 -10.33 9.29
C THR A 15 12.10 -9.11 8.72
N ALA A 16 11.41 -8.06 8.34
CA ALA A 16 12.11 -6.86 7.79
C ALA A 16 11.63 -5.59 8.51
N GLY A 17 12.50 -4.61 8.66
CA GLY A 17 12.10 -3.35 9.35
C GLY A 17 11.29 -2.46 8.38
N CYS A 18 10.08 -2.11 8.74
CA CYS A 18 9.25 -1.24 7.83
C CYS A 18 9.92 0.15 7.70
N LYS A 19 10.21 0.60 6.49
CA LYS A 19 10.85 1.95 6.33
C LYS A 19 9.91 3.02 6.89
N LYS A 20 10.43 4.11 7.43
CA LYS A 20 9.53 5.17 8.03
C LYS A 20 8.58 4.50 9.04
N CYS A 21 9.10 3.93 10.11
CA CYS A 21 8.21 3.23 11.10
C CYS A 21 8.97 2.81 12.37
N LYS A 22 10.16 2.23 12.25
CA LYS A 22 10.92 1.74 13.45
C LYS A 22 10.21 0.51 14.01
N GLU A 23 9.79 -0.39 13.14
CA GLU A 23 9.06 -1.62 13.59
C GLU A 23 9.54 -2.82 12.74
N LYS A 24 8.88 -3.96 12.84
CA LYS A 24 9.33 -5.15 12.05
C LYS A 24 8.15 -5.74 11.25
N ILE A 25 8.45 -6.45 10.18
CA ILE A 25 7.38 -7.06 9.34
C ILE A 25 7.55 -8.59 9.30
N VAL A 26 6.75 -9.33 10.04
CA VAL A 26 6.91 -10.82 10.02
C VAL A 26 5.66 -11.52 10.60
N LYS A 27 5.34 -12.71 10.10
CA LYS A 27 4.16 -13.47 10.62
C LYS A 27 2.88 -12.63 10.58
N GLY A 28 2.01 -12.86 9.61
CA GLY A 28 0.74 -12.09 9.54
C GLY A 28 0.96 -10.65 8.99
N VAL A 29 2.12 -10.33 8.46
CA VAL A 29 2.32 -8.95 7.94
C VAL A 29 2.69 -8.98 6.44
N CYS A 30 2.09 -8.11 5.64
CA CYS A 30 2.43 -8.08 4.19
C CYS A 30 3.28 -6.82 3.92
N ARG A 31 4.28 -6.93 3.06
CA ARG A 31 5.13 -5.73 2.79
C ARG A 31 5.13 -5.36 1.29
N ILE A 32 5.18 -4.08 0.98
CA ILE A 32 5.19 -3.67 -0.47
C ILE A 32 6.59 -3.17 -0.84
N GLY A 33 7.08 -3.54 -2.00
CA GLY A 33 8.45 -3.07 -2.42
C GLY A 33 8.29 -1.97 -3.47
N LYS A 34 8.94 -0.84 -3.28
CA LYS A 34 8.82 0.27 -4.29
C LYS A 34 10.17 0.48 -4.99
N VAL A 35 10.23 0.28 -6.29
CA VAL A 35 11.53 0.47 -7.01
C VAL A 35 11.54 1.84 -7.72
N VAL A 36 12.33 2.78 -7.23
CA VAL A 36 12.37 4.13 -7.88
C VAL A 36 13.81 4.44 -8.34
N PRO A 37 13.99 4.73 -9.62
CA PRO A 37 15.35 5.04 -10.14
C PRO A 37 15.81 6.42 -9.64
N ASN A 38 17.08 6.58 -9.32
CA ASN A 38 17.57 7.91 -8.85
C ASN A 38 18.34 8.62 -9.97
N PRO A 39 18.37 9.93 -9.91
CA PRO A 39 19.10 10.72 -10.95
C PRO A 39 20.63 10.58 -10.76
N PHE A 40 21.19 9.42 -11.01
CA PHE A 40 22.66 9.25 -10.83
C PHE A 40 23.19 8.14 -11.77
N SER A 41 22.68 6.94 -11.66
CA SER A 41 23.16 5.83 -12.54
C SER A 41 22.04 5.41 -13.50
N GLU A 42 22.38 4.81 -14.63
CA GLU A 42 21.32 4.38 -15.60
C GLU A 42 21.07 2.87 -15.47
N SER A 43 22.11 2.06 -15.46
CA SER A 43 21.91 0.58 -15.33
C SER A 43 21.88 0.16 -13.86
N GLY A 44 22.73 0.75 -13.04
CA GLY A 44 22.74 0.39 -11.59
C GLY A 44 22.24 1.57 -10.76
N GLY A 45 20.98 1.94 -10.89
CA GLY A 45 20.45 3.09 -10.10
C GLY A 45 18.99 2.82 -9.71
N ASP A 46 18.76 1.92 -8.77
CA ASP A 46 17.36 1.62 -8.35
C ASP A 46 17.30 1.28 -6.85
N MET A 47 16.35 1.83 -6.12
CA MET A 47 16.26 1.53 -4.66
C MET A 47 14.94 0.82 -4.33
N LYS A 48 14.95 -0.14 -3.44
CA LYS A 48 13.68 -0.85 -3.09
C LYS A 48 13.51 -0.91 -1.56
N GLU A 49 12.36 -0.48 -1.05
CA GLU A 49 12.15 -0.52 0.43
C GLU A 49 10.88 -1.31 0.76
N TRP A 50 10.79 -1.89 1.94
CA TRP A 50 9.56 -2.66 2.30
C TRP A 50 8.72 -1.87 3.31
N TYR A 51 7.43 -1.70 3.06
CA TYR A 51 6.57 -0.93 4.00
C TYR A 51 5.55 -1.84 4.69
N HIS A 52 4.77 -1.30 5.59
CA HIS A 52 3.72 -2.12 6.29
C HIS A 52 2.39 -1.94 5.53
N ILE A 53 1.28 -2.41 6.08
CA ILE A 53 -0.02 -2.22 5.37
C ILE A 53 -0.64 -0.88 5.81
N LYS A 54 -0.60 -0.58 7.09
CA LYS A 54 -1.18 0.73 7.55
C LYS A 54 -0.14 1.87 7.44
N CYS A 55 1.14 1.57 7.42
CA CYS A 55 2.15 2.69 7.32
C CYS A 55 2.20 3.23 5.88
N MET A 56 2.19 2.36 4.89
CA MET A 56 2.23 2.85 3.48
C MET A 56 0.87 3.44 3.10
N PHE A 57 -0.22 2.83 3.54
CA PHE A 57 -1.57 3.39 3.20
C PHE A 57 -1.83 4.66 4.02
N GLU A 58 -1.28 4.77 5.22
CA GLU A 58 -1.51 6.02 6.03
C GLU A 58 -0.80 7.20 5.35
N LYS A 59 0.37 6.98 4.76
CA LYS A 59 1.08 8.12 4.07
C LYS A 59 0.18 8.71 2.97
N LEU A 60 -0.54 7.87 2.25
CA LEU A 60 -1.44 8.40 1.16
C LEU A 60 -2.59 9.21 1.80
N GLU A 61 -3.16 8.74 2.89
CA GLU A 61 -4.28 9.51 3.54
C GLU A 61 -3.77 10.84 4.12
N ARG A 62 -2.54 10.89 4.60
CA ARG A 62 -2.01 12.18 5.16
C ARG A 62 -1.39 13.03 4.05
N ALA A 63 -0.75 12.43 3.06
CA ALA A 63 -0.14 13.24 1.96
C ALA A 63 -0.86 12.96 0.64
N ARG A 64 -1.32 13.99 -0.05
CA ARG A 64 -2.03 13.76 -1.35
C ARG A 64 -1.19 14.29 -2.51
N ALA A 65 -0.52 13.42 -3.24
CA ALA A 65 0.32 13.88 -4.40
C ALA A 65 -0.50 13.89 -5.72
N THR A 66 -1.78 13.58 -5.69
CA THR A 66 -2.58 13.56 -6.96
C THR A 66 -1.93 12.61 -7.99
N THR A 67 -1.37 11.50 -7.54
CA THR A 67 -0.73 10.54 -8.50
C THR A 67 -1.47 9.19 -8.45
N LYS A 68 -1.29 8.35 -9.45
CA LYS A 68 -1.99 7.02 -9.43
C LYS A 68 -1.03 5.94 -8.92
N LYS A 69 -1.07 5.63 -7.64
CA LYS A 69 -0.16 4.59 -7.08
C LYS A 69 -0.97 3.49 -6.39
N ILE A 70 -0.65 2.23 -6.63
CA ILE A 70 -1.42 1.11 -5.98
C ILE A 70 -2.94 1.27 -6.23
N GLU A 71 -3.47 0.63 -7.26
CA GLU A 71 -4.93 0.76 -7.53
C GLU A 71 -5.62 -0.61 -7.36
N ASP A 72 -6.76 -0.64 -6.69
CA ASP A 72 -7.48 -1.95 -6.48
C ASP A 72 -6.54 -2.98 -5.84
N LEU A 73 -6.89 -4.25 -5.84
CA LEU A 73 -5.99 -5.28 -5.23
C LEU A 73 -5.25 -6.07 -6.33
N THR A 74 -5.95 -6.54 -7.35
CA THR A 74 -5.24 -7.31 -8.44
C THR A 74 -4.52 -6.32 -9.37
N GLU A 75 -3.47 -5.68 -8.91
CA GLU A 75 -2.74 -4.72 -9.78
C GLU A 75 -1.23 -4.79 -9.48
N LEU A 76 -0.82 -4.54 -8.25
CA LEU A 76 0.66 -4.62 -7.93
C LEU A 76 1.16 -6.06 -8.16
N GLU A 77 2.42 -6.22 -8.50
CA GLU A 77 2.95 -7.61 -8.73
C GLU A 77 3.26 -8.31 -7.40
N GLY A 78 2.75 -9.51 -7.19
CA GLY A 78 3.04 -10.21 -5.90
C GLY A 78 1.81 -11.03 -5.44
N TRP A 79 0.62 -10.43 -5.45
CA TRP A 79 -0.59 -11.21 -5.00
C TRP A 79 -0.70 -12.57 -5.73
N GLU A 80 -0.24 -12.66 -6.96
CA GLU A 80 -0.33 -13.97 -7.70
C GLU A 80 0.30 -15.12 -6.88
N GLU A 81 1.27 -14.85 -6.02
CA GLU A 81 1.89 -15.96 -5.23
C GLU A 81 1.55 -15.87 -3.73
N LEU A 82 0.44 -15.27 -3.36
CA LEU A 82 0.08 -15.18 -1.91
C LEU A 82 -1.09 -16.12 -1.60
N GLU A 83 -1.76 -15.97 -0.47
CA GLU A 83 -2.92 -16.88 -0.16
C GLU A 83 -4.24 -16.23 -0.57
N ASP A 84 -5.30 -17.01 -0.71
CA ASP A 84 -6.62 -16.41 -1.13
C ASP A 84 -7.26 -15.68 0.06
N ASN A 85 -7.31 -16.30 1.22
CA ASN A 85 -7.93 -15.61 2.41
C ASN A 85 -7.15 -14.32 2.72
N GLU A 86 -5.83 -14.37 2.65
CA GLU A 86 -5.03 -13.13 2.92
C GLU A 86 -5.43 -12.03 1.94
N LYS A 87 -5.65 -12.36 0.68
CA LYS A 87 -6.06 -11.31 -0.32
C LYS A 87 -7.33 -10.58 0.16
N GLU A 88 -8.27 -11.31 0.75
CA GLU A 88 -9.53 -10.64 1.25
C GLU A 88 -9.16 -9.53 2.26
N GLN A 89 -8.17 -9.77 3.11
CA GLN A 89 -7.77 -8.70 4.09
C GLN A 89 -7.12 -7.52 3.36
N ILE A 90 -6.39 -7.76 2.29
CA ILE A 90 -5.73 -6.63 1.56
C ILE A 90 -6.80 -5.78 0.84
N THR A 91 -7.82 -6.41 0.27
CA THR A 91 -8.87 -5.59 -0.43
C THR A 91 -9.69 -4.77 0.59
N GLN A 92 -9.89 -5.29 1.79
CA GLN A 92 -10.65 -4.49 2.81
C GLN A 92 -9.77 -3.32 3.28
N HIS A 93 -8.49 -3.54 3.47
CA HIS A 93 -7.58 -2.43 3.91
C HIS A 93 -7.67 -1.25 2.92
N ILE A 94 -7.67 -1.52 1.63
CA ILE A 94 -7.79 -0.39 0.63
C ILE A 94 -9.20 0.21 0.74
N ALA A 95 -10.22 -0.60 0.91
CA ALA A 95 -11.61 -0.04 1.04
C ALA A 95 -11.68 0.89 2.26
N ASP A 96 -11.02 0.54 3.35
CA ASP A 96 -11.07 1.43 4.57
C ASP A 96 -10.48 2.81 4.21
N LEU A 97 -9.39 2.84 3.46
CA LEU A 97 -8.79 4.16 3.07
C LEU A 97 -9.76 4.92 2.14
N SER A 98 -10.47 4.21 1.27
CA SER A 98 -11.43 4.91 0.35
C SER A 98 -12.87 4.68 0.82
N SER A 99 -13.20 5.08 2.04
CA SER A 99 -14.59 4.87 2.55
C SER A 99 -15.14 6.19 3.13
N LYS A 100 -15.27 7.22 2.32
CA LYS A 100 -15.80 8.51 2.84
C LYS A 100 -16.68 9.19 1.79
N ALA A 101 -17.50 8.43 1.08
CA ALA A 101 -18.38 9.04 0.04
C ALA A 101 -19.75 8.34 0.02
N ALA A 102 -20.30 8.03 1.17
CA ALA A 102 -21.63 7.34 1.20
C ALA A 102 -22.48 7.88 2.37
N GLY A 103 -23.64 8.44 2.10
CA GLY A 103 -24.49 8.97 3.19
C GLY A 103 -23.77 10.12 3.91
N THR A 104 -24.43 10.80 4.83
CA THR A 104 -23.76 11.92 5.56
C THR A 104 -24.08 11.84 7.06
N PRO A 105 -23.31 11.06 7.78
CA PRO A 105 -23.53 10.92 9.24
C PRO A 105 -23.10 12.21 9.97
N LYS A 106 -23.40 12.31 11.25
CA LYS A 106 -23.01 13.54 12.01
C LYS A 106 -22.03 13.18 13.14
N LYS A 107 -22.42 12.30 14.04
CA LYS A 107 -21.51 11.91 15.15
C LYS A 107 -21.16 10.41 15.06
N LYS A 108 -19.90 10.07 15.22
CA LYS A 108 -19.51 8.61 15.14
C LYS A 108 -18.58 8.25 16.32
N ALA A 109 -19.04 8.40 17.54
CA ALA A 109 -18.18 8.06 18.72
C ALA A 109 -18.80 6.90 19.51
N VAL A 110 -18.00 5.96 19.95
CA VAL A 110 -18.55 4.81 20.73
C VAL A 110 -17.74 4.60 22.02
N VAL A 111 -18.37 4.13 23.08
CA VAL A 111 -17.62 3.91 24.36
C VAL A 111 -17.57 2.41 24.69
N GLN A 112 -16.40 1.88 25.00
CA GLN A 112 -16.30 0.43 25.32
C GLN A 112 -15.82 0.24 26.77
N ALA A 113 -16.43 -0.65 27.52
CA ALA A 113 -15.99 -0.87 28.93
C ALA A 113 -15.49 -2.31 29.11
N LYS A 114 -14.31 -2.50 29.67
CA LYS A 114 -13.79 -3.87 29.87
C LYS A 114 -13.61 -4.16 31.37
N LEU A 115 -13.99 -5.34 31.83
CA LEU A 115 -13.84 -5.67 33.27
C LEU A 115 -12.90 -6.87 33.45
N THR A 116 -12.11 -6.89 34.51
CA THR A 116 -11.17 -8.04 34.72
C THR A 116 -11.52 -8.77 36.03
N THR A 117 -12.05 -9.97 35.94
CA THR A 117 -12.40 -10.72 37.19
C THR A 117 -11.59 -12.01 37.27
N MET A 1 10.68 12.30 -14.35
CA MET A 1 10.28 11.20 -13.44
C MET A 1 8.78 10.89 -13.61
N ALA A 2 8.44 9.96 -14.48
CA ALA A 2 6.99 9.62 -14.68
C ALA A 2 6.81 8.09 -14.73
N GLU A 3 7.51 7.35 -13.90
CA GLU A 3 7.36 5.87 -13.92
C GLU A 3 7.48 5.30 -12.49
N GLN A 4 6.63 4.37 -12.11
CA GLN A 4 6.71 3.79 -10.73
C GLN A 4 6.33 2.30 -10.76
N ARG A 5 6.86 1.51 -9.85
CA ARG A 5 6.52 0.05 -9.84
C ARG A 5 6.33 -0.43 -8.39
N PHE A 6 5.27 -1.15 -8.11
CA PHE A 6 5.04 -1.65 -6.71
C PHE A 6 4.84 -3.17 -6.72
N CYS A 7 5.39 -3.87 -5.75
CA CYS A 7 5.22 -5.35 -5.69
C CYS A 7 4.71 -5.73 -4.30
N VAL A 8 4.17 -6.92 -4.13
CA VAL A 8 3.67 -7.31 -2.77
C VAL A 8 4.14 -8.71 -2.39
N ASP A 9 4.65 -8.90 -1.18
CA ASP A 9 5.14 -10.24 -0.76
C ASP A 9 4.73 -10.50 0.70
N TYR A 10 4.61 -11.75 1.08
CA TYR A 10 4.23 -12.06 2.50
C TYR A 10 5.47 -12.48 3.31
N ALA A 11 5.55 -12.10 4.56
CA ALA A 11 6.76 -12.48 5.38
C ALA A 11 6.90 -14.02 5.43
N LYS A 12 8.11 -14.53 5.30
CA LYS A 12 8.30 -16.01 5.34
C LYS A 12 9.41 -16.38 6.33
N ARG A 13 10.61 -15.89 6.12
CA ARG A 13 11.72 -16.24 7.05
C ARG A 13 12.68 -15.04 7.22
N GLY A 14 12.47 -14.20 8.20
CA GLY A 14 13.38 -13.02 8.39
C GLY A 14 12.56 -11.80 8.82
N THR A 15 13.09 -10.98 9.69
CA THR A 15 12.33 -9.76 10.13
C THR A 15 13.05 -8.50 9.67
N ALA A 16 12.33 -7.44 9.36
CA ALA A 16 13.00 -6.19 8.89
C ALA A 16 12.29 -4.95 9.46
N GLY A 17 13.03 -3.89 9.72
CA GLY A 17 12.40 -2.64 10.26
C GLY A 17 11.52 -2.00 9.19
N CYS A 18 10.25 -1.77 9.49
CA CYS A 18 9.34 -1.13 8.46
C CYS A 18 9.89 0.26 8.10
N LYS A 19 10.01 0.58 6.82
CA LYS A 19 10.53 1.94 6.43
C LYS A 19 9.58 3.01 6.95
N LYS A 20 10.07 4.19 7.31
CA LYS A 20 9.17 5.27 7.84
C LYS A 20 8.33 4.72 9.00
N CYS A 21 8.95 4.03 9.93
CA CYS A 21 8.17 3.43 11.07
C CYS A 21 9.11 3.01 12.21
N LYS A 22 8.62 2.98 13.44
CA LYS A 22 9.48 2.56 14.58
C LYS A 22 9.09 1.13 14.98
N GLU A 23 8.96 0.24 14.01
CA GLU A 23 8.55 -1.16 14.31
C GLU A 23 9.31 -2.15 13.41
N LYS A 24 8.99 -3.42 13.47
CA LYS A 24 9.70 -4.42 12.61
C LYS A 24 8.67 -5.35 11.95
N ILE A 25 9.01 -5.95 10.84
CA ILE A 25 8.04 -6.87 10.16
C ILE A 25 8.31 -8.32 10.56
N VAL A 26 7.40 -8.93 11.30
CA VAL A 26 7.61 -10.36 11.73
C VAL A 26 6.66 -11.28 10.95
N LYS A 27 6.95 -12.58 10.93
CA LYS A 27 6.06 -13.55 10.18
C LYS A 27 4.56 -13.23 10.35
N GLY A 28 3.80 -13.21 9.28
CA GLY A 28 2.35 -12.88 9.39
C GLY A 28 2.07 -11.44 8.90
N VAL A 29 3.06 -10.71 8.39
CA VAL A 29 2.81 -9.33 7.91
C VAL A 29 3.02 -9.26 6.39
N CYS A 30 2.13 -8.62 5.65
CA CYS A 30 2.33 -8.53 4.16
C CYS A 30 3.22 -7.31 3.86
N ARG A 31 4.21 -7.46 3.00
CA ARG A 31 5.11 -6.30 2.70
C ARG A 31 4.98 -5.85 1.24
N ILE A 32 4.90 -4.56 0.99
CA ILE A 32 4.80 -4.06 -0.41
C ILE A 32 6.16 -3.48 -0.82
N GLY A 33 6.71 -3.88 -1.95
CA GLY A 33 8.03 -3.34 -2.37
C GLY A 33 7.85 -2.28 -3.46
N LYS A 34 8.48 -1.13 -3.31
CA LYS A 34 8.34 -0.06 -4.33
C LYS A 34 9.66 0.10 -5.09
N VAL A 35 9.69 -0.21 -6.38
CA VAL A 35 10.97 -0.06 -7.14
C VAL A 35 11.03 1.32 -7.81
N VAL A 36 11.86 2.22 -7.32
CA VAL A 36 11.95 3.58 -7.95
C VAL A 36 13.42 3.87 -8.35
N PRO A 37 13.64 4.24 -9.61
CA PRO A 37 15.01 4.54 -10.06
C PRO A 37 15.49 5.89 -9.50
N ASN A 38 16.73 5.98 -9.06
CA ASN A 38 17.24 7.27 -8.51
C ASN A 38 18.13 7.99 -9.55
N PRO A 39 17.74 9.16 -9.98
CA PRO A 39 18.55 9.91 -10.98
C PRO A 39 19.83 10.45 -10.33
N PHE A 40 20.84 9.63 -10.17
CA PHE A 40 22.11 10.13 -9.55
C PHE A 40 23.33 9.35 -10.10
N SER A 41 23.34 8.04 -9.93
CA SER A 41 24.49 7.23 -10.44
C SER A 41 24.05 6.36 -11.63
N GLU A 42 24.96 5.95 -12.49
CA GLU A 42 24.55 5.11 -13.65
C GLU A 42 24.81 3.62 -13.35
N SER A 43 25.92 3.29 -12.71
CA SER A 43 26.20 1.83 -12.39
C SER A 43 25.04 1.22 -11.61
N GLY A 44 24.43 1.96 -10.69
CA GLY A 44 23.30 1.39 -9.91
C GLY A 44 22.06 1.27 -10.82
N GLY A 45 20.93 0.88 -10.28
CA GLY A 45 19.71 0.75 -11.12
C GLY A 45 18.48 1.22 -10.33
N ASP A 46 17.75 0.31 -9.70
CA ASP A 46 16.56 0.72 -8.92
C ASP A 46 16.58 0.08 -7.51
N MET A 47 16.07 0.76 -6.51
CA MET A 47 16.09 0.18 -5.13
C MET A 47 14.66 -0.05 -4.64
N LYS A 48 14.44 -1.05 -3.82
CA LYS A 48 13.06 -1.32 -3.31
C LYS A 48 13.05 -1.44 -1.78
N GLU A 49 11.97 -1.06 -1.13
CA GLU A 49 11.91 -1.15 0.35
C GLU A 49 10.59 -1.80 0.78
N TRP A 50 10.52 -2.42 1.93
CA TRP A 50 9.24 -3.06 2.37
C TRP A 50 8.48 -2.13 3.32
N TYR A 51 7.18 -2.30 3.43
CA TYR A 51 6.38 -1.42 4.34
C TYR A 51 5.37 -2.25 5.15
N HIS A 52 4.70 -1.63 6.09
CA HIS A 52 3.67 -2.39 6.90
C HIS A 52 2.31 -2.23 6.22
N ILE A 53 1.24 -2.65 6.85
CA ILE A 53 -0.11 -2.49 6.20
C ILE A 53 -0.63 -1.07 6.48
N LYS A 54 -0.82 -0.69 7.72
CA LYS A 54 -1.32 0.70 8.01
C LYS A 54 -0.22 1.75 7.78
N CYS A 55 1.05 1.40 7.92
CA CYS A 55 2.12 2.43 7.70
C CYS A 55 2.13 2.88 6.23
N MET A 56 2.19 1.95 5.30
CA MET A 56 2.20 2.35 3.84
C MET A 56 0.83 2.92 3.45
N PHE A 57 -0.24 2.33 3.93
CA PHE A 57 -1.60 2.88 3.57
C PHE A 57 -1.83 4.22 4.30
N GLU A 58 -1.23 4.43 5.47
CA GLU A 58 -1.43 5.75 6.17
C GLU A 58 -0.77 6.87 5.35
N LYS A 59 0.38 6.61 4.73
CA LYS A 59 1.05 7.69 3.92
C LYS A 59 0.10 8.16 2.81
N LEU A 60 -0.62 7.26 2.18
CA LEU A 60 -1.58 7.69 1.10
C LEU A 60 -2.63 8.62 1.70
N GLU A 61 -3.15 8.31 2.87
CA GLU A 61 -4.16 9.22 3.51
C GLU A 61 -3.57 10.63 3.66
N ARG A 62 -2.28 10.74 3.92
CA ARG A 62 -1.65 12.10 4.04
C ARG A 62 -0.87 12.46 2.76
N ALA A 63 -1.28 11.96 1.61
CA ALA A 63 -0.54 12.30 0.35
C ALA A 63 -1.40 13.23 -0.53
N ARG A 64 -0.83 13.81 -1.57
CA ARG A 64 -1.65 14.72 -2.44
C ARG A 64 -2.78 13.95 -3.11
N ALA A 65 -3.88 14.60 -3.44
CA ALA A 65 -5.02 13.87 -4.10
C ALA A 65 -4.83 13.85 -5.63
N THR A 66 -4.26 14.88 -6.22
CA THR A 66 -4.06 14.89 -7.72
C THR A 66 -3.41 13.59 -8.21
N THR A 67 -2.52 13.00 -7.43
CA THR A 67 -1.87 11.72 -7.87
C THR A 67 -2.37 10.55 -7.02
N LYS A 68 -2.61 9.40 -7.62
CA LYS A 68 -3.11 8.22 -6.83
C LYS A 68 -2.05 7.11 -6.85
N LYS A 69 -1.92 6.38 -5.76
CA LYS A 69 -0.91 5.27 -5.72
C LYS A 69 -1.59 3.93 -5.38
N ILE A 70 -1.23 2.86 -6.07
CA ILE A 70 -1.85 1.52 -5.78
C ILE A 70 -3.39 1.60 -5.87
N GLU A 71 -3.97 1.16 -6.96
CA GLU A 71 -5.46 1.20 -7.08
C GLU A 71 -6.02 -0.24 -7.03
N ASP A 72 -7.15 -0.44 -6.37
CA ASP A 72 -7.75 -1.83 -6.29
C ASP A 72 -6.70 -2.83 -5.77
N LEU A 73 -6.98 -4.11 -5.82
CA LEU A 73 -5.99 -5.11 -5.31
C LEU A 73 -5.54 -6.05 -6.44
N THR A 74 -5.35 -5.53 -7.64
CA THR A 74 -4.91 -6.40 -8.78
C THR A 74 -4.04 -5.61 -9.76
N GLU A 75 -3.23 -4.68 -9.28
CA GLU A 75 -2.36 -3.90 -10.20
C GLU A 75 -0.91 -3.87 -9.68
N LEU A 76 -0.47 -4.90 -8.98
CA LEU A 76 0.93 -4.92 -8.47
C LEU A 76 1.52 -6.33 -8.67
N GLU A 77 2.83 -6.44 -8.78
CA GLU A 77 3.44 -7.80 -8.99
C GLU A 77 3.60 -8.51 -7.64
N GLY A 78 2.73 -9.46 -7.32
CA GLY A 78 2.87 -10.18 -6.01
C GLY A 78 1.52 -10.76 -5.55
N TRP A 79 0.43 -10.03 -5.73
CA TRP A 79 -0.90 -10.58 -5.26
C TRP A 79 -1.20 -11.94 -5.92
N GLU A 80 -0.75 -12.17 -7.14
CA GLU A 80 -1.02 -13.51 -7.80
C GLU A 80 -0.56 -14.66 -6.90
N GLU A 81 0.52 -14.48 -6.15
CA GLU A 81 0.99 -15.59 -5.25
C GLU A 81 0.17 -15.62 -3.94
N LEU A 82 -0.23 -14.46 -3.42
CA LEU A 82 -1.04 -14.44 -2.14
C LEU A 82 -2.25 -15.39 -2.25
N GLU A 83 -3.02 -15.54 -1.20
CA GLU A 83 -4.21 -16.46 -1.25
C GLU A 83 -5.50 -15.63 -1.38
N ASP A 84 -6.58 -16.25 -1.84
CA ASP A 84 -7.88 -15.49 -1.97
C ASP A 84 -8.32 -14.96 -0.61
N ASN A 85 -8.28 -15.76 0.42
CA ASN A 85 -8.71 -15.27 1.78
C ASN A 85 -7.79 -14.12 2.21
N GLU A 86 -6.49 -14.29 2.10
CA GLU A 86 -5.56 -13.18 2.49
C GLU A 86 -5.78 -11.98 1.56
N LYS A 87 -5.97 -12.22 0.28
CA LYS A 87 -6.20 -11.07 -0.67
C LYS A 87 -7.49 -10.34 -0.29
N GLU A 88 -8.53 -11.05 0.12
CA GLU A 88 -9.80 -10.35 0.50
C GLU A 88 -9.55 -9.42 1.70
N GLN A 89 -8.78 -9.85 2.67
CA GLN A 89 -8.52 -8.96 3.86
C GLN A 89 -7.69 -7.74 3.43
N ILE A 90 -6.74 -7.92 2.52
CA ILE A 90 -5.92 -6.74 2.07
C ILE A 90 -6.82 -5.77 1.29
N THR A 91 -7.74 -6.27 0.48
CA THR A 91 -8.65 -5.35 -0.30
C THR A 91 -9.45 -4.46 0.68
N GLN A 92 -9.89 -5.01 1.80
CA GLN A 92 -10.65 -4.15 2.79
C GLN A 92 -9.82 -2.93 3.20
N HIS A 93 -8.51 -3.08 3.33
CA HIS A 93 -7.66 -1.90 3.73
C HIS A 93 -7.82 -0.77 2.69
N ILE A 94 -7.66 -1.07 1.42
CA ILE A 94 -7.83 0.01 0.37
C ILE A 94 -9.26 0.57 0.43
N ALA A 95 -10.24 -0.27 0.67
CA ALA A 95 -11.66 0.25 0.75
C ALA A 95 -11.77 1.29 1.88
N ASP A 96 -11.12 1.06 3.00
CA ASP A 96 -11.17 2.07 4.11
C ASP A 96 -10.42 3.34 3.67
N LEU A 97 -9.26 3.18 3.06
CA LEU A 97 -8.50 4.40 2.60
C LEU A 97 -9.30 5.14 1.52
N SER A 98 -10.04 4.43 0.68
CA SER A 98 -10.85 5.12 -0.38
C SER A 98 -12.32 5.21 0.04
N SER A 99 -12.62 5.96 1.09
CA SER A 99 -14.03 6.09 1.53
C SER A 99 -14.36 7.54 1.90
N LYS A 100 -15.61 7.88 2.05
CA LYS A 100 -15.98 9.29 2.41
C LYS A 100 -17.11 9.30 3.44
N ALA A 101 -17.61 10.47 3.81
CA ALA A 101 -18.72 10.53 4.81
C ALA A 101 -19.95 11.22 4.20
N ALA A 102 -21.02 10.48 4.00
CA ALA A 102 -22.25 11.11 3.41
C ALA A 102 -23.51 10.56 4.11
N GLY A 103 -23.53 10.54 5.42
CA GLY A 103 -24.72 10.01 6.14
C GLY A 103 -25.54 11.19 6.70
N THR A 104 -26.18 11.02 7.84
CA THR A 104 -26.99 12.13 8.42
C THR A 104 -26.61 12.34 9.90
N PRO A 105 -25.72 13.27 10.17
CA PRO A 105 -25.31 13.54 11.57
C PRO A 105 -26.42 14.26 12.34
N LYS A 106 -26.39 14.24 13.65
CA LYS A 106 -27.46 14.94 14.45
C LYS A 106 -28.87 14.48 14.00
N LYS A 107 -29.43 13.49 14.67
CA LYS A 107 -30.79 13.02 14.28
C LYS A 107 -31.77 13.17 15.45
N LYS A 108 -33.03 13.43 15.17
CA LYS A 108 -34.02 13.59 16.28
C LYS A 108 -35.20 12.61 16.08
N ALA A 109 -35.76 12.09 17.15
CA ALA A 109 -36.90 11.14 17.02
C ALA A 109 -38.13 11.68 17.74
N VAL A 110 -39.30 11.11 17.51
CA VAL A 110 -40.54 11.60 18.18
C VAL A 110 -41.11 10.49 19.09
N VAL A 111 -40.88 10.58 20.39
CA VAL A 111 -41.41 9.52 21.31
C VAL A 111 -42.31 10.17 22.38
N GLN A 112 -43.60 9.96 22.32
CA GLN A 112 -44.51 10.57 23.34
C GLN A 112 -45.24 9.46 24.12
N ALA A 113 -45.21 9.50 25.44
CA ALA A 113 -45.91 8.45 26.24
C ALA A 113 -46.72 9.09 27.37
N LYS A 114 -48.00 8.78 27.48
CA LYS A 114 -48.82 9.37 28.57
C LYS A 114 -49.52 8.26 29.39
N LEU A 115 -49.78 8.50 30.66
CA LEU A 115 -50.44 7.45 31.48
C LEU A 115 -51.69 8.03 32.17
N THR A 116 -52.70 7.22 32.43
CA THR A 116 -53.93 7.74 33.10
C THR A 116 -54.14 7.03 34.45
N THR A 117 -54.54 7.76 35.48
CA THR A 117 -54.77 7.13 36.82
C THR A 117 -53.53 6.33 37.26
N MET A 1 7.62 13.93 -15.89
CA MET A 1 7.26 12.53 -16.27
C MET A 1 8.17 11.53 -15.54
N ALA A 2 7.66 10.82 -14.55
CA ALA A 2 8.52 9.83 -13.82
C ALA A 2 7.92 8.43 -13.95
N GLU A 3 8.70 7.39 -13.70
CA GLU A 3 8.17 6.01 -13.81
C GLU A 3 8.38 5.25 -12.48
N GLN A 4 7.35 4.66 -11.92
CA GLN A 4 7.51 3.92 -10.64
C GLN A 4 6.82 2.56 -10.71
N ARG A 5 7.19 1.62 -9.87
CA ARG A 5 6.54 0.27 -9.89
C ARG A 5 6.36 -0.27 -8.47
N PHE A 6 5.23 -0.86 -8.16
CA PHE A 6 5.01 -1.40 -6.79
C PHE A 6 4.82 -2.93 -6.84
N CYS A 7 5.36 -3.65 -5.87
CA CYS A 7 5.19 -5.14 -5.86
C CYS A 7 4.70 -5.59 -4.47
N VAL A 8 4.21 -6.80 -4.34
CA VAL A 8 3.74 -7.25 -3.00
C VAL A 8 4.34 -8.63 -2.65
N ASP A 9 4.74 -8.84 -1.42
CA ASP A 9 5.32 -10.16 -1.03
C ASP A 9 4.97 -10.51 0.43
N TYR A 10 4.09 -11.45 0.65
CA TYR A 10 3.70 -11.81 2.07
C TYR A 10 4.95 -12.27 2.85
N ALA A 11 4.96 -12.10 4.15
CA ALA A 11 6.15 -12.52 4.96
C ALA A 11 5.81 -13.75 5.80
N LYS A 12 6.70 -14.74 5.86
CA LYS A 12 6.41 -15.95 6.67
C LYS A 12 7.48 -16.13 7.75
N ARG A 13 8.74 -16.22 7.38
CA ARG A 13 9.82 -16.40 8.40
C ARG A 13 10.92 -15.35 8.21
N GLY A 14 11.21 -14.56 9.22
CA GLY A 14 12.27 -13.52 9.07
C GLY A 14 11.82 -12.22 9.74
N THR A 15 12.69 -11.24 9.88
CA THR A 15 12.30 -9.95 10.52
C THR A 15 12.95 -8.77 9.80
N ALA A 16 12.20 -7.71 9.54
CA ALA A 16 12.79 -6.54 8.83
C ALA A 16 12.20 -5.23 9.36
N GLY A 17 13.03 -4.22 9.56
CA GLY A 17 12.51 -2.92 10.07
C GLY A 17 11.64 -2.25 8.99
N CYS A 18 10.40 -1.94 9.30
CA CYS A 18 9.52 -1.27 8.27
C CYS A 18 10.12 0.10 7.89
N LYS A 19 10.24 0.38 6.61
CA LYS A 19 10.82 1.72 6.20
C LYS A 19 9.89 2.84 6.72
N LYS A 20 10.44 4.00 7.07
CA LYS A 20 9.57 5.11 7.59
C LYS A 20 8.69 4.59 8.75
N CYS A 21 9.29 3.89 9.70
CA CYS A 21 8.47 3.32 10.82
C CYS A 21 9.37 2.89 11.98
N LYS A 22 8.85 2.87 13.20
CA LYS A 22 9.68 2.43 14.36
C LYS A 22 9.23 1.01 14.76
N GLU A 23 9.08 0.12 13.79
CA GLU A 23 8.62 -1.26 14.09
C GLU A 23 9.33 -2.27 13.17
N LYS A 24 8.97 -3.54 13.22
CA LYS A 24 9.63 -4.55 12.36
C LYS A 24 8.57 -5.48 11.76
N ILE A 25 8.86 -6.10 10.63
CA ILE A 25 7.86 -7.02 10.00
C ILE A 25 8.26 -8.48 10.26
N VAL A 26 7.44 -9.25 10.95
CA VAL A 26 7.80 -10.68 11.23
C VAL A 26 6.60 -11.60 11.04
N LYS A 27 6.39 -12.12 9.83
CA LYS A 27 5.25 -13.05 9.56
C LYS A 27 3.89 -12.38 9.86
N GLY A 28 2.85 -12.77 9.16
CA GLY A 28 1.51 -12.16 9.40
C GLY A 28 1.43 -10.72 8.84
N VAL A 29 2.40 -10.25 8.07
CA VAL A 29 2.32 -8.87 7.53
C VAL A 29 2.54 -8.87 6.01
N CYS A 30 1.72 -8.15 5.26
CA CYS A 30 1.93 -8.10 3.78
C CYS A 30 2.93 -6.99 3.46
N ARG A 31 4.05 -7.30 2.84
CA ARG A 31 5.06 -6.24 2.54
C ARG A 31 4.98 -5.79 1.08
N ILE A 32 4.91 -4.50 0.83
CA ILE A 32 4.84 -4.03 -0.59
C ILE A 32 6.22 -3.46 -0.97
N GLY A 33 6.76 -3.85 -2.10
CA GLY A 33 8.11 -3.34 -2.50
C GLY A 33 7.94 -2.23 -3.54
N LYS A 34 8.52 -1.06 -3.30
CA LYS A 34 8.39 0.05 -4.29
C LYS A 34 9.73 0.26 -5.01
N VAL A 35 9.79 0.06 -6.31
CA VAL A 35 11.08 0.25 -7.04
C VAL A 35 11.02 1.53 -7.88
N VAL A 36 11.81 2.54 -7.52
CA VAL A 36 11.78 3.81 -8.30
C VAL A 36 13.20 4.10 -8.86
N PRO A 37 13.35 4.05 -10.16
CA PRO A 37 14.67 4.32 -10.78
C PRO A 37 15.02 5.82 -10.68
N ASN A 38 16.28 6.15 -10.54
CA ASN A 38 16.67 7.60 -10.45
C ASN A 38 17.26 8.08 -11.77
N PRO A 39 17.34 9.38 -11.95
CA PRO A 39 17.89 9.94 -13.20
C PRO A 39 19.42 9.73 -13.26
N PHE A 40 19.87 8.51 -13.43
CA PHE A 40 21.35 8.27 -13.48
C PHE A 40 21.66 7.02 -14.33
N SER A 41 21.11 5.87 -13.96
CA SER A 41 21.38 4.63 -14.76
C SER A 41 20.11 4.21 -15.52
N GLU A 42 20.26 3.45 -16.59
CA GLU A 42 19.04 3.02 -17.37
C GLU A 42 18.64 1.58 -16.97
N SER A 43 19.59 0.67 -16.87
CA SER A 43 19.24 -0.75 -16.49
C SER A 43 19.25 -0.89 -14.96
N GLY A 44 20.21 -0.28 -14.29
CA GLY A 44 20.26 -0.40 -12.81
C GLY A 44 19.93 0.96 -12.17
N GLY A 45 20.15 1.12 -10.88
CA GLY A 45 19.84 2.43 -10.23
C GLY A 45 18.41 2.40 -9.68
N ASP A 46 17.99 1.30 -9.09
CA ASP A 46 16.60 1.23 -8.56
C ASP A 46 16.61 0.91 -7.05
N MET A 47 15.72 1.49 -6.28
CA MET A 47 15.71 1.22 -4.81
C MET A 47 14.39 0.53 -4.41
N LYS A 48 14.46 -0.56 -3.68
CA LYS A 48 13.21 -1.27 -3.26
C LYS A 48 13.16 -1.39 -1.74
N GLU A 49 12.01 -1.13 -1.13
CA GLU A 49 11.92 -1.24 0.36
C GLU A 49 10.57 -1.87 0.74
N TRP A 50 10.48 -2.50 1.90
CA TRP A 50 9.19 -3.12 2.32
C TRP A 50 8.42 -2.19 3.25
N TYR A 51 7.13 -2.40 3.44
CA TYR A 51 6.33 -1.52 4.34
C TYR A 51 5.28 -2.33 5.11
N HIS A 52 4.60 -1.70 6.05
CA HIS A 52 3.53 -2.43 6.82
C HIS A 52 2.19 -2.20 6.10
N ILE A 53 1.08 -2.62 6.68
CA ILE A 53 -0.23 -2.38 6.00
C ILE A 53 -0.72 -0.96 6.31
N LYS A 54 -0.68 -0.55 7.56
CA LYS A 54 -1.13 0.85 7.89
C LYS A 54 -0.03 1.88 7.57
N CYS A 55 1.23 1.52 7.71
CA CYS A 55 2.32 2.51 7.41
C CYS A 55 2.28 2.91 5.92
N MET A 56 2.25 1.95 5.03
CA MET A 56 2.21 2.31 3.56
C MET A 56 0.86 2.96 3.23
N PHE A 57 -0.23 2.44 3.74
CA PHE A 57 -1.56 3.08 3.44
C PHE A 57 -1.65 4.45 4.14
N GLU A 58 -0.99 4.62 5.28
CA GLU A 58 -1.04 5.97 5.96
C GLU A 58 -0.42 7.03 5.04
N LYS A 59 0.63 6.69 4.32
CA LYS A 59 1.26 7.72 3.40
C LYS A 59 0.22 8.21 2.39
N LEU A 60 -0.63 7.32 1.88
CA LEU A 60 -1.67 7.77 0.88
C LEU A 60 -2.54 8.87 1.53
N GLU A 61 -2.92 8.69 2.79
CA GLU A 61 -3.74 9.76 3.46
C GLU A 61 -3.00 11.10 3.42
N ARG A 62 -1.68 11.08 3.51
CA ARG A 62 -0.89 12.36 3.46
C ARG A 62 -0.22 12.53 2.08
N ALA A 63 -0.80 12.00 1.02
CA ALA A 63 -0.16 12.15 -0.33
C ALA A 63 -0.96 13.15 -1.19
N ARG A 64 -0.41 13.57 -2.31
CA ARG A 64 -1.16 14.55 -3.17
C ARG A 64 -2.24 13.83 -4.00
N ALA A 65 -3.26 14.53 -4.44
CA ALA A 65 -4.34 13.84 -5.25
C ALA A 65 -3.93 13.76 -6.74
N THR A 66 -3.20 14.73 -7.25
CA THR A 66 -2.77 14.66 -8.71
C THR A 66 -2.13 13.30 -9.04
N THR A 67 -1.40 12.72 -8.12
CA THR A 67 -0.77 11.39 -8.40
C THR A 67 -1.45 10.31 -7.55
N LYS A 68 -1.53 9.09 -8.06
CA LYS A 68 -2.19 8.00 -7.27
C LYS A 68 -1.17 6.90 -6.92
N LYS A 69 -1.23 6.37 -5.72
CA LYS A 69 -0.28 5.29 -5.32
C LYS A 69 -1.05 4.00 -5.01
N ILE A 70 -0.65 2.87 -5.57
CA ILE A 70 -1.36 1.58 -5.30
C ILE A 70 -2.85 1.71 -5.63
N GLU A 71 -3.28 1.26 -6.79
CA GLU A 71 -4.74 1.37 -7.14
C GLU A 71 -5.39 -0.02 -7.13
N ASP A 72 -6.61 -0.12 -6.61
CA ASP A 72 -7.31 -1.45 -6.57
C ASP A 72 -6.44 -2.51 -5.88
N LEU A 73 -6.89 -3.74 -5.82
CA LEU A 73 -6.07 -4.81 -5.17
C LEU A 73 -5.29 -5.65 -6.20
N THR A 74 -5.79 -5.80 -7.41
CA THR A 74 -5.03 -6.62 -8.43
C THR A 74 -4.27 -5.69 -9.40
N GLU A 75 -3.64 -4.66 -8.89
CA GLU A 75 -2.87 -3.74 -9.80
C GLU A 75 -1.40 -3.67 -9.36
N LEU A 76 -0.83 -4.76 -8.86
CA LEU A 76 0.59 -4.75 -8.43
C LEU A 76 1.24 -6.11 -8.72
N GLU A 77 2.55 -6.17 -8.91
CA GLU A 77 3.21 -7.48 -9.20
C GLU A 77 3.53 -8.21 -7.88
N GLY A 78 2.93 -9.37 -7.64
CA GLY A 78 3.24 -10.11 -6.39
C GLY A 78 2.00 -10.91 -5.91
N TRP A 79 0.82 -10.34 -6.00
CA TRP A 79 -0.41 -11.11 -5.53
C TRP A 79 -0.62 -12.40 -6.35
N GLU A 80 -0.15 -12.45 -7.58
CA GLU A 80 -0.36 -13.70 -8.40
C GLU A 80 0.15 -14.96 -7.64
N GLU A 81 1.12 -14.83 -6.77
CA GLU A 81 1.63 -16.05 -6.04
C GLU A 81 1.30 -15.99 -4.53
N LEU A 82 0.23 -15.33 -4.13
CA LEU A 82 -0.11 -15.29 -2.67
C LEU A 82 -1.37 -16.13 -2.39
N GLU A 83 -1.98 -15.98 -1.23
CA GLU A 83 -3.21 -16.80 -0.94
C GLU A 83 -4.47 -15.96 -1.20
N ASP A 84 -5.62 -16.60 -1.33
CA ASP A 84 -6.88 -15.81 -1.59
C ASP A 84 -7.44 -15.24 -0.27
N ASN A 85 -7.39 -16.00 0.80
CA ASN A 85 -7.93 -15.46 2.10
C ASN A 85 -7.12 -14.24 2.53
N GLU A 86 -5.81 -14.33 2.54
CA GLU A 86 -4.97 -13.14 2.92
C GLU A 86 -5.23 -11.99 1.93
N LYS A 87 -5.32 -12.31 0.65
CA LYS A 87 -5.58 -11.23 -0.37
C LYS A 87 -6.92 -10.52 -0.06
N GLU A 88 -7.90 -11.24 0.44
CA GLU A 88 -9.21 -10.57 0.76
C GLU A 88 -9.05 -9.61 1.95
N GLN A 89 -8.21 -9.94 2.92
CA GLN A 89 -8.03 -9.00 4.10
C GLN A 89 -7.31 -7.72 3.64
N ILE A 90 -6.30 -7.83 2.81
CA ILE A 90 -5.60 -6.59 2.34
C ILE A 90 -6.55 -5.70 1.52
N THR A 91 -7.51 -6.28 0.81
CA THR A 91 -8.47 -5.42 0.02
C THR A 91 -9.31 -4.57 0.99
N GLN A 92 -9.73 -5.13 2.11
CA GLN A 92 -10.55 -4.33 3.09
C GLN A 92 -9.79 -3.04 3.48
N HIS A 93 -8.48 -3.08 3.58
CA HIS A 93 -7.71 -1.84 3.96
C HIS A 93 -8.02 -0.71 2.96
N ILE A 94 -7.98 -0.99 1.67
CA ILE A 94 -8.29 0.09 0.67
C ILE A 94 -9.76 0.55 0.84
N ALA A 95 -10.67 -0.35 1.12
CA ALA A 95 -12.10 0.08 1.30
C ALA A 95 -12.21 1.02 2.51
N ASP A 96 -11.49 0.76 3.58
CA ASP A 96 -11.55 1.68 4.77
C ASP A 96 -10.84 3.01 4.45
N LEU A 97 -9.74 2.96 3.70
CA LEU A 97 -9.02 4.24 3.36
C LEU A 97 -9.72 4.95 2.20
N SER A 98 -10.36 4.24 1.28
CA SER A 98 -11.05 4.93 0.14
C SER A 98 -12.52 5.18 0.48
N SER A 99 -13.18 4.26 1.16
CA SER A 99 -14.61 4.47 1.52
C SER A 99 -14.76 4.69 3.04
N LYS A 100 -14.72 5.92 3.49
CA LYS A 100 -14.86 6.18 4.96
C LYS A 100 -16.02 7.14 5.22
N ALA A 101 -16.51 7.20 6.45
CA ALA A 101 -17.65 8.13 6.75
C ALA A 101 -17.28 9.06 7.91
N ALA A 102 -17.96 10.17 8.07
CA ALA A 102 -17.65 11.10 9.19
C ALA A 102 -18.94 11.70 9.77
N GLY A 103 -19.29 11.37 11.00
CA GLY A 103 -20.53 11.93 11.60
C GLY A 103 -21.59 10.82 11.72
N THR A 104 -22.19 10.42 10.61
CA THR A 104 -23.22 9.35 10.67
C THR A 104 -22.80 8.15 9.80
N PRO A 105 -23.28 6.97 10.15
CA PRO A 105 -22.92 5.76 9.37
C PRO A 105 -23.65 5.76 8.02
N LYS A 106 -23.00 6.19 6.96
CA LYS A 106 -23.67 6.21 5.62
C LYS A 106 -22.81 5.46 4.59
N LYS A 107 -23.43 4.77 3.65
CA LYS A 107 -22.64 4.03 2.63
C LYS A 107 -23.01 4.51 1.22
N LYS A 108 -22.03 4.75 0.37
CA LYS A 108 -22.34 5.22 -1.02
C LYS A 108 -21.81 4.21 -2.06
N ALA A 109 -22.61 3.87 -3.05
CA ALA A 109 -22.14 2.88 -4.07
C ALA A 109 -22.10 3.54 -5.46
N VAL A 110 -21.43 2.93 -6.41
CA VAL A 110 -21.35 3.53 -7.78
C VAL A 110 -21.92 2.56 -8.82
N VAL A 111 -23.00 2.92 -9.49
CA VAL A 111 -23.59 2.00 -10.52
C VAL A 111 -24.01 2.79 -11.77
N GLN A 112 -23.83 2.23 -12.95
CA GLN A 112 -24.22 2.96 -14.18
C GLN A 112 -25.09 2.06 -15.09
N ALA A 113 -26.37 2.33 -15.19
CA ALA A 113 -27.25 1.47 -16.05
C ALA A 113 -27.96 2.35 -17.10
N LYS A 114 -28.09 1.85 -18.31
CA LYS A 114 -28.78 2.65 -19.37
C LYS A 114 -30.00 1.89 -19.91
N LEU A 115 -31.20 2.28 -19.54
CA LEU A 115 -32.41 1.57 -20.04
C LEU A 115 -33.39 2.57 -20.67
N THR A 116 -34.01 2.22 -21.78
CA THR A 116 -34.96 3.16 -22.42
C THR A 116 -36.34 2.49 -22.59
N THR A 117 -37.34 2.94 -21.87
CA THR A 117 -38.70 2.32 -21.99
C THR A 117 -39.75 3.40 -22.20
N MET A 1 4.18 2.93 -19.79
CA MET A 1 5.07 3.89 -19.07
C MET A 1 5.88 3.17 -17.99
N ALA A 2 6.98 3.73 -17.55
CA ALA A 2 7.82 3.06 -16.51
C ALA A 2 8.40 4.10 -15.53
N GLU A 3 7.62 4.57 -14.60
CA GLU A 3 8.13 5.59 -13.63
C GLU A 3 8.09 5.03 -12.20
N GLN A 4 6.92 4.63 -11.73
CA GLN A 4 6.82 4.09 -10.35
C GLN A 4 6.38 2.61 -10.39
N ARG A 5 7.12 1.72 -9.76
CA ARG A 5 6.74 0.28 -9.78
C ARG A 5 6.59 -0.25 -8.36
N PHE A 6 5.46 -0.85 -8.03
CA PHE A 6 5.26 -1.40 -6.65
C PHE A 6 5.07 -2.92 -6.71
N CYS A 7 5.70 -3.66 -5.82
CA CYS A 7 5.54 -5.14 -5.82
C CYS A 7 5.08 -5.61 -4.43
N VAL A 8 4.41 -6.73 -4.33
CA VAL A 8 3.95 -7.20 -2.97
C VAL A 8 4.37 -8.66 -2.75
N ASP A 9 4.74 -9.02 -1.53
CA ASP A 9 5.16 -10.43 -1.27
C ASP A 9 5.03 -10.78 0.22
N TYR A 10 4.54 -11.96 0.56
CA TYR A 10 4.40 -12.34 2.01
C TYR A 10 5.75 -12.18 2.74
N ALA A 11 5.72 -11.99 4.04
CA ALA A 11 7.02 -11.84 4.79
C ALA A 11 7.52 -13.22 5.22
N LYS A 12 8.83 -13.40 5.35
CA LYS A 12 9.37 -14.74 5.75
C LYS A 12 9.83 -14.70 7.22
N ARG A 13 10.62 -15.67 7.65
CA ARG A 13 11.10 -15.67 9.07
C ARG A 13 12.41 -14.88 9.19
N GLY A 14 12.39 -13.60 8.87
CA GLY A 14 13.64 -12.79 8.97
C GLY A 14 13.34 -11.49 9.74
N THR A 15 14.22 -10.51 9.68
CA THR A 15 13.97 -9.23 10.40
C THR A 15 13.87 -8.07 9.41
N ALA A 16 12.69 -7.50 9.23
CA ALA A 16 12.56 -6.37 8.27
C ALA A 16 11.93 -5.14 8.96
N GLY A 17 12.74 -4.19 9.36
CA GLY A 17 12.19 -2.97 10.02
C GLY A 17 11.32 -2.20 9.02
N CYS A 18 10.04 -2.03 9.29
CA CYS A 18 9.16 -1.28 8.32
C CYS A 18 9.70 0.15 8.13
N LYS A 19 9.88 0.59 6.90
CA LYS A 19 10.40 1.99 6.67
C LYS A 19 9.39 2.99 7.23
N LYS A 20 9.84 4.14 7.72
CA LYS A 20 8.89 5.15 8.30
C LYS A 20 8.01 4.46 9.36
N CYS A 21 8.61 3.67 10.23
CA CYS A 21 7.80 2.96 11.26
C CYS A 21 8.72 2.41 12.39
N LYS A 22 8.19 2.25 13.58
CA LYS A 22 9.02 1.69 14.70
C LYS A 22 8.65 0.21 14.90
N GLU A 23 8.59 -0.55 13.83
CA GLU A 23 8.21 -1.99 13.96
C GLU A 23 9.00 -2.84 12.94
N LYS A 24 8.70 -4.12 12.84
CA LYS A 24 9.44 -4.99 11.88
C LYS A 24 8.48 -6.02 11.26
N ILE A 25 8.81 -6.55 10.10
CA ILE A 25 7.90 -7.55 9.46
C ILE A 25 8.57 -8.94 9.49
N VAL A 26 8.01 -9.88 10.23
CA VAL A 26 8.64 -11.24 10.29
C VAL A 26 7.56 -12.33 10.13
N LYS A 27 7.30 -12.76 8.90
CA LYS A 27 6.27 -13.83 8.66
C LYS A 27 4.87 -13.38 9.16
N GLY A 28 3.84 -13.60 8.37
CA GLY A 28 2.47 -13.20 8.81
C GLY A 28 2.07 -11.85 8.19
N VAL A 29 3.00 -11.00 7.80
CA VAL A 29 2.62 -9.69 7.21
C VAL A 29 3.05 -9.62 5.73
N CYS A 30 2.21 -9.11 4.86
CA CYS A 30 2.62 -9.00 3.41
C CYS A 30 3.56 -7.81 3.25
N ARG A 31 4.61 -7.94 2.46
CA ARG A 31 5.55 -6.78 2.28
C ARG A 31 5.40 -6.15 0.90
N ILE A 32 5.40 -4.83 0.82
CA ILE A 32 5.27 -4.17 -0.52
C ILE A 32 6.63 -3.54 -0.88
N GLY A 33 7.18 -3.87 -2.03
CA GLY A 33 8.49 -3.29 -2.42
C GLY A 33 8.29 -2.17 -3.45
N LYS A 34 8.74 -0.97 -3.17
CA LYS A 34 8.56 0.15 -4.14
C LYS A 34 9.90 0.44 -4.83
N VAL A 35 10.01 0.18 -6.13
CA VAL A 35 11.31 0.45 -6.82
C VAL A 35 11.25 1.82 -7.53
N VAL A 36 11.95 2.81 -7.01
CA VAL A 36 11.93 4.15 -7.66
C VAL A 36 13.38 4.60 -7.96
N PRO A 37 13.56 5.27 -9.09
CA PRO A 37 14.92 5.74 -9.46
C PRO A 37 15.32 6.94 -8.59
N ASN A 38 16.61 7.13 -8.36
CA ASN A 38 17.06 8.29 -7.52
C ASN A 38 17.60 9.41 -8.41
N PRO A 39 17.73 10.59 -7.86
CA PRO A 39 18.25 11.74 -8.65
C PRO A 39 19.75 11.57 -8.92
N PHE A 40 20.51 11.10 -7.96
CA PHE A 40 21.98 10.92 -8.17
C PHE A 40 22.46 9.64 -7.49
N SER A 41 22.84 8.63 -8.27
CA SER A 41 23.33 7.36 -7.66
C SER A 41 24.67 6.95 -8.27
N GLU A 42 25.64 6.58 -7.47
CA GLU A 42 26.98 6.17 -8.03
C GLU A 42 27.11 4.64 -8.03
N SER A 43 26.80 3.98 -6.94
CA SER A 43 26.93 2.48 -6.91
C SER A 43 25.63 1.81 -7.41
N GLY A 44 24.48 2.34 -7.04
CA GLY A 44 23.19 1.72 -7.50
C GLY A 44 22.37 2.75 -8.29
N GLY A 45 21.09 2.49 -8.48
CA GLY A 45 20.24 3.46 -9.23
C GLY A 45 18.85 3.56 -8.57
N ASP A 46 18.13 2.46 -8.50
CA ASP A 46 16.77 2.50 -7.86
C ASP A 46 16.81 1.77 -6.52
N MET A 47 16.05 2.22 -5.54
CA MET A 47 16.05 1.54 -4.20
C MET A 47 14.68 0.91 -3.91
N LYS A 48 14.65 -0.22 -3.25
CA LYS A 48 13.34 -0.88 -2.93
C LYS A 48 13.21 -1.09 -1.41
N GLU A 49 12.11 -0.68 -0.81
CA GLU A 49 11.95 -0.85 0.66
C GLU A 49 10.64 -1.62 0.96
N TRP A 50 10.54 -2.22 2.12
CA TRP A 50 9.28 -2.97 2.45
C TRP A 50 8.43 -2.16 3.44
N TYR A 51 7.14 -2.05 3.20
CA TYR A 51 6.27 -1.26 4.13
C TYR A 51 5.22 -2.17 4.80
N HIS A 52 4.48 -1.65 5.74
CA HIS A 52 3.42 -2.48 6.41
C HIS A 52 2.09 -2.24 5.68
N ILE A 53 0.99 -2.74 6.19
CA ILE A 53 -0.32 -2.48 5.48
C ILE A 53 -0.87 -1.13 5.95
N LYS A 54 -0.86 -0.86 7.24
CA LYS A 54 -1.39 0.46 7.72
C LYS A 54 -0.31 1.56 7.64
N CYS A 55 0.97 1.22 7.61
CA CYS A 55 2.01 2.29 7.52
C CYS A 55 2.12 2.80 6.08
N MET A 56 2.07 1.92 5.11
CA MET A 56 2.18 2.39 3.68
C MET A 56 0.84 3.01 3.25
N PHE A 57 -0.28 2.47 3.68
CA PHE A 57 -1.59 3.10 3.30
C PHE A 57 -1.77 4.42 4.05
N GLU A 58 -1.23 4.55 5.25
CA GLU A 58 -1.37 5.86 5.99
C GLU A 58 -0.72 6.98 5.18
N LYS A 59 0.39 6.71 4.52
CA LYS A 59 1.05 7.79 3.70
C LYS A 59 0.08 8.31 2.62
N LEU A 60 -0.69 7.42 2.00
CA LEU A 60 -1.67 7.89 0.96
C LEU A 60 -2.65 8.89 1.59
N GLU A 61 -3.13 8.61 2.79
CA GLU A 61 -4.08 9.58 3.45
C GLU A 61 -3.40 10.96 3.59
N ARG A 62 -2.09 10.98 3.80
CA ARG A 62 -1.38 12.30 3.93
C ARG A 62 -0.59 12.60 2.64
N ALA A 63 -1.03 12.13 1.50
CA ALA A 63 -0.29 12.42 0.23
C ALA A 63 -1.10 13.37 -0.66
N ARG A 64 -0.51 13.93 -1.70
CA ARG A 64 -1.28 14.86 -2.60
C ARG A 64 -2.30 14.05 -3.43
N ALA A 65 -3.34 14.69 -3.92
CA ALA A 65 -4.36 13.95 -4.75
C ALA A 65 -3.89 13.83 -6.20
N THR A 66 -3.19 14.83 -6.73
CA THR A 66 -2.72 14.75 -8.16
C THR A 66 -1.96 13.42 -8.41
N THR A 67 -1.22 12.93 -7.44
CA THR A 67 -0.48 11.65 -7.65
C THR A 67 -1.09 10.53 -6.78
N LYS A 68 -1.45 9.41 -7.38
CA LYS A 68 -2.05 8.29 -6.58
C LYS A 68 -1.13 7.06 -6.63
N LYS A 69 -1.05 6.31 -5.54
CA LYS A 69 -0.17 5.09 -5.55
C LYS A 69 -0.98 3.86 -5.14
N ILE A 70 -0.61 2.69 -5.63
CA ILE A 70 -1.35 1.43 -5.27
C ILE A 70 -2.86 1.59 -5.56
N GLU A 71 -3.32 1.12 -6.69
CA GLU A 71 -4.78 1.25 -7.01
C GLU A 71 -5.42 -0.15 -7.11
N ASP A 72 -6.56 -0.35 -6.49
CA ASP A 72 -7.23 -1.70 -6.54
C ASP A 72 -6.24 -2.82 -6.15
N LEU A 73 -6.62 -4.06 -6.29
CA LEU A 73 -5.71 -5.18 -5.92
C LEU A 73 -5.38 -6.03 -7.15
N THR A 74 -4.40 -5.63 -7.94
CA THR A 74 -4.03 -6.43 -9.17
C THR A 74 -2.75 -5.89 -9.82
N GLU A 75 -2.68 -4.60 -10.09
CA GLU A 75 -1.44 -4.01 -10.72
C GLU A 75 -0.16 -4.44 -9.95
N LEU A 76 -0.26 -4.65 -8.65
CA LEU A 76 0.98 -5.07 -7.88
C LEU A 76 1.30 -6.54 -8.17
N GLU A 77 2.54 -6.94 -8.04
CA GLU A 77 2.91 -8.37 -8.33
C GLU A 77 3.02 -9.19 -7.03
N GLY A 78 2.21 -10.21 -6.87
CA GLY A 78 2.29 -11.04 -5.62
C GLY A 78 0.89 -11.46 -5.18
N TRP A 79 -0.10 -10.58 -5.28
CA TRP A 79 -1.49 -10.97 -4.83
C TRP A 79 -1.93 -12.30 -5.46
N GLU A 80 -1.53 -12.57 -6.69
CA GLU A 80 -1.94 -13.88 -7.34
C GLU A 80 -1.54 -15.08 -6.45
N GLU A 81 -0.40 -15.00 -5.77
CA GLU A 81 0.02 -16.15 -4.89
C GLU A 81 -0.73 -16.09 -3.55
N LEU A 82 -0.97 -14.91 -3.01
CA LEU A 82 -1.68 -14.79 -1.68
C LEU A 82 -2.97 -15.64 -1.67
N GLU A 83 -3.63 -15.76 -0.54
CA GLU A 83 -4.88 -16.58 -0.48
C GLU A 83 -6.12 -15.67 -0.41
N ASP A 84 -7.29 -16.20 -0.68
CA ASP A 84 -8.54 -15.34 -0.64
C ASP A 84 -8.64 -14.60 0.70
N ASN A 85 -8.30 -15.25 1.80
CA ASN A 85 -8.39 -14.55 3.13
C ASN A 85 -7.44 -13.35 3.14
N GLU A 86 -6.19 -13.54 2.80
CA GLU A 86 -5.23 -12.37 2.78
C GLU A 86 -5.68 -11.38 1.71
N LYS A 87 -6.11 -11.86 0.56
CA LYS A 87 -6.58 -10.92 -0.52
C LYS A 87 -7.83 -10.16 -0.04
N GLU A 88 -8.73 -10.81 0.67
CA GLU A 88 -9.95 -10.09 1.17
C GLU A 88 -9.54 -8.97 2.12
N GLN A 89 -8.57 -9.21 2.99
CA GLN A 89 -8.14 -8.14 3.94
C GLN A 89 -7.52 -6.96 3.16
N ILE A 90 -6.78 -7.23 2.10
CA ILE A 90 -6.18 -6.11 1.31
C ILE A 90 -7.31 -5.28 0.67
N THR A 91 -8.33 -5.93 0.13
CA THR A 91 -9.46 -5.15 -0.49
C THR A 91 -10.14 -4.30 0.58
N GLN A 92 -10.45 -4.87 1.73
CA GLN A 92 -11.10 -4.06 2.81
C GLN A 92 -10.13 -2.96 3.27
N HIS A 93 -8.85 -3.29 3.40
CA HIS A 93 -7.86 -2.25 3.84
C HIS A 93 -7.83 -1.11 2.81
N ILE A 94 -7.83 -1.41 1.53
CA ILE A 94 -7.83 -0.30 0.51
C ILE A 94 -9.19 0.39 0.53
N ALA A 95 -10.27 -0.34 0.69
CA ALA A 95 -11.63 0.30 0.74
C ALA A 95 -11.68 1.26 1.95
N ASP A 96 -11.11 0.88 3.07
CA ASP A 96 -11.14 1.79 4.27
C ASP A 96 -10.43 3.11 3.94
N LEU A 97 -9.36 3.05 3.17
CA LEU A 97 -8.63 4.32 2.81
C LEU A 97 -9.24 4.95 1.54
N SER A 98 -9.71 4.15 0.60
CA SER A 98 -10.32 4.72 -0.64
C SER A 98 -11.85 4.68 -0.56
N SER A 99 -12.43 5.24 0.49
CA SER A 99 -13.93 5.23 0.61
C SER A 99 -14.44 6.63 0.98
N LYS A 100 -15.24 7.24 0.13
CA LYS A 100 -15.77 8.61 0.44
C LYS A 100 -17.30 8.58 0.51
N ALA A 101 -17.87 8.55 1.70
CA ALA A 101 -19.36 8.53 1.81
C ALA A 101 -19.82 9.38 3.00
N ALA A 102 -20.52 10.47 2.76
CA ALA A 102 -20.99 11.32 3.90
C ALA A 102 -22.52 11.43 3.88
N GLY A 103 -23.22 10.41 4.33
CA GLY A 103 -24.72 10.47 4.33
C GLY A 103 -25.26 9.84 5.61
N THR A 104 -26.50 10.11 5.97
CA THR A 104 -27.07 9.53 7.22
C THR A 104 -28.28 8.64 6.88
N PRO A 105 -28.04 7.36 6.73
CA PRO A 105 -29.15 6.42 6.39
C PRO A 105 -30.05 6.21 7.62
N LYS A 106 -30.99 5.29 7.53
CA LYS A 106 -31.91 5.06 8.70
C LYS A 106 -31.71 3.63 9.25
N LYS A 107 -31.86 2.62 8.42
CA LYS A 107 -31.67 1.22 8.90
C LYS A 107 -30.44 0.58 8.23
N LYS A 108 -30.28 -0.72 8.33
CA LYS A 108 -29.11 -1.39 7.69
C LYS A 108 -29.58 -2.39 6.62
N ALA A 109 -30.27 -3.43 7.01
CA ALA A 109 -30.74 -4.43 6.01
C ALA A 109 -32.28 -4.48 6.00
N VAL A 110 -32.89 -4.52 4.82
CA VAL A 110 -34.38 -4.57 4.76
C VAL A 110 -34.83 -5.72 3.83
N VAL A 111 -35.90 -6.39 4.16
CA VAL A 111 -36.38 -7.52 3.30
C VAL A 111 -37.78 -7.20 2.75
N GLN A 112 -38.04 -7.49 1.50
CA GLN A 112 -39.39 -7.21 0.92
C GLN A 112 -39.96 -8.47 0.26
N ALA A 113 -41.27 -8.62 0.26
CA ALA A 113 -41.89 -9.83 -0.37
C ALA A 113 -42.78 -9.42 -1.56
N LYS A 114 -42.73 -10.15 -2.65
CA LYS A 114 -43.58 -9.79 -3.82
C LYS A 114 -44.48 -10.97 -4.21
N LEU A 115 -45.77 -10.75 -4.37
CA LEU A 115 -46.68 -11.88 -4.74
C LEU A 115 -47.36 -11.59 -6.09
N THR A 116 -46.93 -12.24 -7.15
CA THR A 116 -47.55 -12.00 -8.48
C THR A 116 -48.12 -13.32 -9.05
N THR A 117 -49.40 -13.37 -9.35
CA THR A 117 -49.98 -14.62 -9.92
C THR A 117 -51.02 -14.29 -11.00
N MET A 1 7.76 12.93 -15.70
CA MET A 1 8.67 12.11 -14.85
C MET A 1 7.87 11.35 -13.79
N ALA A 2 6.92 10.53 -14.20
CA ALA A 2 6.12 9.75 -13.20
C ALA A 2 6.10 8.26 -13.57
N GLU A 3 7.17 7.54 -13.30
CA GLU A 3 7.20 6.09 -13.64
C GLU A 3 7.74 5.28 -12.45
N GLN A 4 6.87 4.79 -11.59
CA GLN A 4 7.34 4.00 -10.41
C GLN A 4 6.79 2.57 -10.47
N ARG A 5 7.50 1.60 -9.92
CA ARG A 5 7.00 0.19 -9.95
C ARG A 5 6.74 -0.30 -8.52
N PHE A 6 5.61 -0.94 -8.28
CA PHE A 6 5.31 -1.45 -6.91
C PHE A 6 5.21 -2.98 -6.92
N CYS A 7 5.64 -3.63 -5.86
CA CYS A 7 5.55 -5.12 -5.80
C CYS A 7 4.94 -5.53 -4.45
N VAL A 8 4.29 -6.67 -4.37
CA VAL A 8 3.69 -7.08 -3.05
C VAL A 8 4.16 -8.50 -2.67
N ASP A 9 4.60 -8.69 -1.44
CA ASP A 9 5.08 -10.04 -1.01
C ASP A 9 4.79 -10.26 0.48
N TYR A 10 4.76 -11.50 0.91
CA TYR A 10 4.49 -11.78 2.36
C TYR A 10 5.80 -12.07 3.09
N ALA A 11 5.85 -11.86 4.39
CA ALA A 11 7.11 -12.12 5.15
C ALA A 11 6.96 -13.38 6.02
N LYS A 12 7.98 -14.22 6.07
CA LYS A 12 7.88 -15.47 6.90
C LYS A 12 9.26 -15.88 7.43
N ARG A 13 9.40 -16.10 8.73
CA ARG A 13 10.73 -16.51 9.30
C ARG A 13 11.82 -15.50 8.91
N GLY A 14 12.18 -14.58 9.79
CA GLY A 14 13.24 -13.59 9.46
C GLY A 14 12.91 -12.23 10.11
N THR A 15 13.35 -11.14 9.52
CA THR A 15 13.06 -9.80 10.12
C THR A 15 13.16 -8.69 9.05
N ALA A 16 12.24 -7.74 9.05
CA ALA A 16 12.30 -6.65 8.03
C ALA A 16 11.86 -5.32 8.63
N GLY A 17 12.78 -4.41 8.88
CA GLY A 17 12.39 -3.09 9.45
C GLY A 17 11.48 -2.35 8.47
N CYS A 18 10.23 -2.13 8.83
CA CYS A 18 9.30 -1.39 7.89
C CYS A 18 9.86 0.02 7.62
N LYS A 19 9.99 0.41 6.37
CA LYS A 19 10.51 1.79 6.06
C LYS A 19 9.56 2.84 6.66
N LYS A 20 10.06 3.99 7.08
CA LYS A 20 9.16 5.03 7.69
C LYS A 20 8.33 4.40 8.82
N CYS A 21 8.95 3.62 9.68
CA CYS A 21 8.18 2.95 10.78
C CYS A 21 9.13 2.41 11.86
N LYS A 22 8.66 2.28 13.09
CA LYS A 22 9.53 1.73 14.17
C LYS A 22 9.10 0.28 14.46
N GLU A 23 8.86 -0.51 13.45
CA GLU A 23 8.41 -1.92 13.66
C GLU A 23 9.07 -2.84 12.61
N LYS A 24 8.74 -4.11 12.61
CA LYS A 24 9.36 -5.06 11.64
C LYS A 24 8.27 -5.82 10.88
N ILE A 25 8.61 -6.41 9.75
CA ILE A 25 7.60 -7.17 8.96
C ILE A 25 8.04 -8.63 8.81
N VAL A 26 7.46 -9.54 9.57
CA VAL A 26 7.87 -10.98 9.45
C VAL A 26 6.80 -11.91 10.07
N LYS A 27 6.59 -13.08 9.48
CA LYS A 27 5.59 -14.05 10.04
C LYS A 27 4.21 -13.38 10.24
N GLY A 28 3.29 -13.58 9.32
CA GLY A 28 1.93 -12.97 9.48
C GLY A 28 1.89 -11.51 9.00
N VAL A 29 2.92 -11.00 8.33
CA VAL A 29 2.87 -9.60 7.86
C VAL A 29 3.11 -9.52 6.34
N CYS A 30 2.33 -8.74 5.63
CA CYS A 30 2.55 -8.60 4.15
C CYS A 30 3.26 -7.27 3.87
N ARG A 31 4.20 -7.24 2.96
CA ARG A 31 4.93 -5.97 2.69
C ARG A 31 4.95 -5.65 1.19
N ILE A 32 4.98 -4.38 0.84
CA ILE A 32 5.01 -4.00 -0.60
C ILE A 32 6.38 -3.40 -0.94
N GLY A 33 6.96 -3.74 -2.07
CA GLY A 33 8.30 -3.18 -2.43
C GLY A 33 8.12 -2.10 -3.50
N LYS A 34 8.63 -0.91 -3.26
CA LYS A 34 8.48 0.19 -4.27
C LYS A 34 9.83 0.45 -4.96
N VAL A 35 9.91 0.30 -6.27
CA VAL A 35 11.21 0.53 -6.97
C VAL A 35 11.20 1.92 -7.65
N VAL A 36 11.94 2.87 -7.12
CA VAL A 36 11.96 4.24 -7.75
C VAL A 36 13.42 4.64 -8.05
N PRO A 37 13.62 5.32 -9.17
CA PRO A 37 15.00 5.75 -9.53
C PRO A 37 15.45 6.90 -8.62
N ASN A 38 16.61 6.76 -7.98
CA ASN A 38 17.09 7.86 -7.09
C ASN A 38 18.24 8.63 -7.77
N PRO A 39 18.03 9.91 -8.01
CA PRO A 39 19.10 10.72 -8.65
C PRO A 39 20.22 11.03 -7.65
N PHE A 40 21.00 10.04 -7.25
CA PHE A 40 22.09 10.30 -6.27
C PHE A 40 23.28 9.35 -6.53
N SER A 41 23.07 8.05 -6.47
CA SER A 41 24.19 7.10 -6.72
C SER A 41 24.00 6.40 -8.08
N GLU A 42 25.07 5.89 -8.68
CA GLU A 42 24.92 5.19 -9.99
C GLU A 42 24.79 3.67 -9.80
N SER A 43 25.54 3.10 -8.87
CA SER A 43 25.44 1.61 -8.65
C SER A 43 24.00 1.23 -8.29
N GLY A 44 23.33 2.02 -7.47
CA GLY A 44 21.93 1.70 -7.09
C GLY A 44 20.97 2.68 -7.77
N GLY A 45 20.74 2.53 -9.07
CA GLY A 45 19.81 3.46 -9.78
C GLY A 45 18.41 3.37 -9.16
N ASP A 46 17.91 2.18 -8.92
CA ASP A 46 16.55 2.04 -8.32
C ASP A 46 16.63 1.39 -6.94
N MET A 47 15.88 1.87 -5.98
CA MET A 47 15.93 1.27 -4.61
C MET A 47 14.56 0.66 -4.24
N LYS A 48 14.55 -0.46 -3.53
CA LYS A 48 13.25 -1.09 -3.14
C LYS A 48 13.12 -1.12 -1.62
N GLU A 49 12.02 -0.64 -1.08
CA GLU A 49 11.84 -0.65 0.40
C GLU A 49 10.56 -1.42 0.77
N TRP A 50 10.52 -2.07 1.90
CA TRP A 50 9.28 -2.82 2.29
C TRP A 50 8.39 -1.95 3.18
N TYR A 51 7.13 -2.30 3.33
CA TYR A 51 6.22 -1.47 4.17
C TYR A 51 5.20 -2.37 4.88
N HIS A 52 4.38 -1.80 5.75
CA HIS A 52 3.34 -2.62 6.45
C HIS A 52 1.99 -2.41 5.75
N ILE A 53 0.92 -2.99 6.26
CA ILE A 53 -0.41 -2.77 5.61
C ILE A 53 -1.03 -1.44 6.09
N LYS A 54 -0.81 -1.07 7.33
CA LYS A 54 -1.37 0.23 7.82
C LYS A 54 -0.37 1.37 7.61
N CYS A 55 0.92 1.10 7.70
CA CYS A 55 1.92 2.21 7.51
C CYS A 55 1.85 2.78 6.09
N MET A 56 1.92 1.94 5.08
CA MET A 56 1.85 2.46 3.67
C MET A 56 0.46 3.03 3.37
N PHE A 57 -0.59 2.40 3.86
CA PHE A 57 -1.96 2.95 3.59
C PHE A 57 -2.23 4.18 4.50
N GLU A 58 -1.59 4.26 5.67
CA GLU A 58 -1.82 5.47 6.53
C GLU A 58 -1.06 6.67 5.95
N LYS A 59 0.12 6.45 5.40
CA LYS A 59 0.87 7.62 4.80
C LYS A 59 0.13 8.12 3.56
N LEU A 60 -0.38 7.22 2.74
CA LEU A 60 -1.12 7.66 1.51
C LEU A 60 -2.37 8.47 1.93
N GLU A 61 -3.07 8.05 2.96
CA GLU A 61 -4.29 8.81 3.41
C GLU A 61 -3.88 10.16 4.04
N ARG A 62 -2.75 10.21 4.71
CA ARG A 62 -2.31 11.51 5.34
C ARG A 62 -1.53 12.37 4.34
N ALA A 63 -0.80 11.77 3.41
CA ALA A 63 -0.03 12.59 2.42
C ALA A 63 -0.68 12.53 1.03
N ARG A 64 -1.44 13.54 0.67
CA ARG A 64 -2.10 13.54 -0.68
C ARG A 64 -1.65 14.78 -1.48
N ALA A 65 -0.76 14.61 -2.45
CA ALA A 65 -0.31 15.81 -3.24
C ALA A 65 -1.26 16.05 -4.43
N THR A 66 -1.76 15.01 -5.06
CA THR A 66 -2.69 15.23 -6.23
C THR A 66 -3.31 13.90 -6.70
N THR A 67 -2.50 12.89 -6.95
CA THR A 67 -3.05 11.57 -7.41
C THR A 67 -2.85 10.50 -6.33
N LYS A 68 -3.59 9.41 -6.40
CA LYS A 68 -3.43 8.33 -5.37
C LYS A 68 -2.56 7.19 -5.95
N LYS A 69 -1.77 6.54 -5.12
CA LYS A 69 -0.91 5.43 -5.63
C LYS A 69 -1.54 4.07 -5.30
N ILE A 70 -1.14 3.02 -6.01
CA ILE A 70 -1.73 1.66 -5.74
C ILE A 70 -3.25 1.69 -5.85
N GLU A 71 -3.81 1.26 -6.97
CA GLU A 71 -5.29 1.28 -7.13
C GLU A 71 -5.83 -0.17 -7.21
N ASP A 72 -6.99 -0.44 -6.65
CA ASP A 72 -7.54 -1.83 -6.70
C ASP A 72 -6.51 -2.84 -6.17
N LEU A 73 -6.79 -4.13 -6.29
CA LEU A 73 -5.81 -5.14 -5.79
C LEU A 73 -5.38 -6.09 -6.92
N THR A 74 -5.23 -5.60 -8.14
CA THR A 74 -4.81 -6.50 -9.25
C THR A 74 -3.88 -5.74 -10.22
N GLU A 75 -3.03 -4.86 -9.71
CA GLU A 75 -2.11 -4.12 -10.62
C GLU A 75 -0.69 -4.11 -10.02
N LEU A 76 -0.29 -5.17 -9.34
CA LEU A 76 1.08 -5.21 -8.74
C LEU A 76 1.69 -6.61 -8.94
N GLU A 77 2.99 -6.73 -8.93
CA GLU A 77 3.61 -8.09 -9.13
C GLU A 77 3.73 -8.84 -7.79
N GLY A 78 2.88 -9.82 -7.54
CA GLY A 78 2.98 -10.59 -6.26
C GLY A 78 1.59 -10.91 -5.68
N TRP A 79 0.57 -10.10 -5.91
CA TRP A 79 -0.78 -10.43 -5.32
C TRP A 79 -1.26 -11.82 -5.78
N GLU A 80 -0.94 -12.23 -7.00
CA GLU A 80 -1.39 -13.59 -7.48
C GLU A 80 -0.90 -14.69 -6.52
N GLU A 81 0.28 -14.54 -5.95
CA GLU A 81 0.79 -15.59 -4.99
C GLU A 81 0.06 -15.51 -3.64
N LEU A 82 -0.35 -14.33 -3.20
CA LEU A 82 -1.07 -14.21 -1.87
C LEU A 82 -2.22 -15.22 -1.77
N GLU A 83 -2.87 -15.32 -0.63
CA GLU A 83 -4.01 -16.30 -0.49
C GLU A 83 -5.35 -15.55 -0.50
N ASP A 84 -6.44 -16.26 -0.74
CA ASP A 84 -7.78 -15.56 -0.77
C ASP A 84 -8.06 -14.88 0.58
N ASN A 85 -7.90 -15.59 1.68
CA ASN A 85 -8.17 -14.95 3.02
C ASN A 85 -7.21 -13.77 3.24
N GLU A 86 -5.97 -13.88 2.80
CA GLU A 86 -5.03 -12.72 2.98
C GLU A 86 -5.42 -11.60 1.99
N LYS A 87 -5.76 -11.96 0.77
CA LYS A 87 -6.17 -10.90 -0.22
C LYS A 87 -7.39 -10.13 0.32
N GLU A 88 -8.28 -10.78 1.03
CA GLU A 88 -9.48 -10.04 1.58
C GLU A 88 -9.01 -9.00 2.62
N GLN A 89 -7.99 -9.29 3.39
CA GLN A 89 -7.52 -8.28 4.41
C GLN A 89 -6.92 -7.06 3.70
N ILE A 90 -6.05 -7.27 2.73
CA ILE A 90 -5.45 -6.08 2.01
C ILE A 90 -6.57 -5.31 1.28
N THR A 91 -7.57 -5.98 0.76
CA THR A 91 -8.67 -5.23 0.06
C THR A 91 -9.39 -4.32 1.07
N GLN A 92 -9.59 -4.78 2.29
CA GLN A 92 -10.28 -3.92 3.32
C GLN A 92 -9.52 -2.59 3.47
N HIS A 93 -8.20 -2.61 3.43
CA HIS A 93 -7.42 -1.33 3.57
C HIS A 93 -7.79 -0.37 2.44
N ILE A 94 -7.70 -0.80 1.20
CA ILE A 94 -8.08 0.12 0.06
C ILE A 94 -9.56 0.51 0.19
N ALA A 95 -10.42 -0.42 0.58
CA ALA A 95 -11.87 -0.06 0.72
C ALA A 95 -12.03 1.04 1.79
N ASP A 96 -11.29 0.97 2.87
CA ASP A 96 -11.40 2.04 3.92
C ASP A 96 -10.82 3.34 3.35
N LEU A 97 -9.69 3.27 2.67
CA LEU A 97 -9.10 4.53 2.07
C LEU A 97 -10.09 5.14 1.06
N SER A 98 -10.83 4.33 0.34
CA SER A 98 -11.81 4.89 -0.66
C SER A 98 -13.22 4.93 -0.05
N SER A 99 -13.37 5.49 1.14
CA SER A 99 -14.72 5.55 1.76
C SER A 99 -15.14 7.02 1.98
N LYS A 100 -16.23 7.26 2.68
CA LYS A 100 -16.67 8.68 2.92
C LYS A 100 -17.06 8.87 4.39
N ALA A 101 -16.31 8.29 5.31
CA ALA A 101 -16.65 8.45 6.76
C ALA A 101 -15.36 8.55 7.60
N ALA A 102 -15.27 9.55 8.45
CA ALA A 102 -14.04 9.69 9.29
C ALA A 102 -14.40 10.17 10.70
N GLY A 103 -15.44 9.63 11.29
CA GLY A 103 -15.83 10.06 12.67
C GLY A 103 -17.09 10.94 12.59
N THR A 104 -16.96 12.15 12.10
CA THR A 104 -18.15 13.05 12.00
C THR A 104 -18.43 13.41 10.54
N PRO A 105 -19.66 13.80 10.25
CA PRO A 105 -20.03 14.16 8.86
C PRO A 105 -19.40 15.51 8.48
N LYS A 106 -18.61 15.55 7.42
CA LYS A 106 -17.98 16.84 7.01
C LYS A 106 -18.40 17.21 5.58
N LYS A 107 -19.66 17.01 5.23
CA LYS A 107 -20.13 17.34 3.84
C LYS A 107 -19.22 16.67 2.78
N LYS A 108 -19.31 15.37 2.63
CA LYS A 108 -18.46 14.68 1.61
C LYS A 108 -19.34 13.97 0.58
N ALA A 109 -19.84 14.68 -0.41
CA ALA A 109 -20.70 14.04 -1.45
C ALA A 109 -20.18 14.36 -2.86
N VAL A 110 -19.64 13.37 -3.55
CA VAL A 110 -19.12 13.63 -4.94
C VAL A 110 -19.94 12.86 -5.97
N VAL A 111 -20.88 13.51 -6.64
CA VAL A 111 -21.71 12.79 -7.65
C VAL A 111 -21.63 13.53 -9.01
N GLN A 112 -21.62 12.80 -10.11
CA GLN A 112 -21.55 13.48 -11.44
C GLN A 112 -22.85 13.23 -12.23
N ALA A 113 -23.84 14.07 -12.05
CA ALA A 113 -25.13 13.87 -12.80
C ALA A 113 -25.49 15.15 -13.58
N LYS A 114 -26.00 15.02 -14.79
CA LYS A 114 -26.37 16.24 -15.58
C LYS A 114 -27.89 16.25 -15.84
N LEU A 115 -28.63 17.11 -15.19
CA LEU A 115 -30.10 17.17 -15.41
C LEU A 115 -30.53 18.60 -15.77
N THR A 116 -30.90 18.84 -17.02
CA THR A 116 -31.33 20.21 -17.42
C THR A 116 -32.76 20.19 -17.97
N THR A 117 -33.53 21.24 -17.78
CA THR A 117 -34.92 21.26 -18.30
C THR A 117 -35.10 22.40 -19.29
N MET A 1 11.71 4.03 -20.52
CA MET A 1 11.13 5.04 -19.58
C MET A 1 10.89 4.41 -18.20
N ALA A 2 11.55 4.88 -17.17
CA ALA A 2 11.34 4.29 -15.81
C ALA A 2 10.96 5.39 -14.81
N GLU A 3 9.91 5.21 -14.04
CA GLU A 3 9.51 6.24 -13.05
C GLU A 3 9.36 5.62 -11.65
N GLN A 4 8.39 4.75 -11.46
CA GLN A 4 8.20 4.11 -10.11
C GLN A 4 7.58 2.72 -10.25
N ARG A 5 8.09 1.73 -9.55
CA ARG A 5 7.51 0.36 -9.65
C ARG A 5 7.13 -0.16 -8.25
N PHE A 6 6.05 -0.90 -8.14
CA PHE A 6 5.63 -1.43 -6.81
C PHE A 6 5.64 -2.97 -6.82
N CYS A 7 5.90 -3.59 -5.68
CA CYS A 7 5.91 -5.08 -5.63
C CYS A 7 5.16 -5.55 -4.38
N VAL A 8 4.80 -6.81 -4.29
CA VAL A 8 4.07 -7.29 -3.08
C VAL A 8 4.59 -8.68 -2.67
N ASP A 9 5.23 -8.77 -1.52
CA ASP A 9 5.76 -10.10 -1.06
C ASP A 9 5.25 -10.40 0.34
N TYR A 10 4.93 -11.64 0.64
CA TYR A 10 4.42 -11.97 2.01
C TYR A 10 5.57 -12.55 2.86
N ALA A 11 5.68 -12.15 4.11
CA ALA A 11 6.81 -12.69 4.97
C ALA A 11 6.79 -14.22 4.99
N LYS A 12 7.94 -14.86 4.83
CA LYS A 12 7.98 -16.34 4.84
C LYS A 12 8.88 -16.84 5.98
N ARG A 13 10.13 -16.43 6.01
CA ARG A 13 11.05 -16.89 7.10
C ARG A 13 12.08 -15.79 7.43
N GLY A 14 11.70 -14.53 7.40
CA GLY A 14 12.67 -13.45 7.72
C GLY A 14 11.95 -12.29 8.42
N THR A 15 12.67 -11.47 9.16
CA THR A 15 12.02 -10.33 9.87
C THR A 15 12.91 -9.08 9.80
N ALA A 16 12.33 -7.90 9.61
CA ALA A 16 13.17 -6.67 9.55
C ALA A 16 12.33 -5.41 9.80
N GLY A 17 12.94 -4.36 10.33
CA GLY A 17 12.18 -3.10 10.58
C GLY A 17 11.51 -2.65 9.28
N CYS A 18 10.21 -2.41 9.30
CA CYS A 18 9.54 -2.01 8.02
C CYS A 18 10.06 -0.65 7.52
N LYS A 19 10.49 -0.57 6.28
CA LYS A 19 11.02 0.73 5.74
C LYS A 19 9.84 1.67 5.45
N LYS A 20 10.07 2.97 5.42
CA LYS A 20 8.95 3.94 5.17
C LYS A 20 7.92 3.93 6.33
N CYS A 21 8.25 3.38 7.48
CA CYS A 21 7.27 3.39 8.63
C CYS A 21 7.93 2.81 9.91
N LYS A 22 7.53 3.27 11.09
CA LYS A 22 8.18 2.76 12.36
C LYS A 22 7.53 1.46 12.85
N GLU A 23 8.01 0.33 12.39
CA GLU A 23 7.43 -0.99 12.86
C GLU A 23 8.36 -2.15 12.45
N LYS A 24 7.96 -3.39 12.68
CA LYS A 24 8.82 -4.55 12.30
C LYS A 24 8.01 -5.54 11.47
N ILE A 25 8.65 -6.31 10.61
CA ILE A 25 7.90 -7.29 9.77
C ILE A 25 8.12 -8.71 10.30
N VAL A 26 7.07 -9.39 10.73
CA VAL A 26 7.22 -10.78 11.25
C VAL A 26 6.49 -11.77 10.34
N LYS A 27 6.86 -13.04 10.39
CA LYS A 27 6.17 -14.06 9.51
C LYS A 27 4.64 -13.96 9.63
N GLY A 28 3.92 -13.94 8.53
CA GLY A 28 2.44 -13.83 8.59
C GLY A 28 1.96 -12.40 8.26
N VAL A 29 2.81 -11.51 7.78
CA VAL A 29 2.36 -10.13 7.46
C VAL A 29 2.66 -9.78 5.98
N CYS A 30 1.72 -9.19 5.27
CA CYS A 30 1.98 -8.84 3.83
C CYS A 30 2.65 -7.46 3.74
N ARG A 31 3.59 -7.28 2.83
CA ARG A 31 4.27 -5.94 2.71
C ARG A 31 4.47 -5.58 1.24
N ILE A 32 4.35 -4.31 0.89
CA ILE A 32 4.54 -3.92 -0.55
C ILE A 32 5.89 -3.20 -0.69
N GLY A 33 6.74 -3.64 -1.61
CA GLY A 33 8.06 -2.96 -1.78
C GLY A 33 8.01 -2.07 -3.03
N LYS A 34 8.49 -0.84 -2.93
CA LYS A 34 8.46 0.05 -4.14
C LYS A 34 9.87 0.15 -4.74
N VAL A 35 10.04 -0.21 -5.99
CA VAL A 35 11.40 -0.15 -6.60
C VAL A 35 11.62 1.21 -7.28
N VAL A 36 12.51 2.03 -6.77
CA VAL A 36 12.77 3.37 -7.40
C VAL A 36 14.25 3.47 -7.82
N PRO A 37 14.49 4.08 -8.96
CA PRO A 37 15.89 4.23 -9.44
C PRO A 37 16.63 5.31 -8.63
N ASN A 38 17.81 4.99 -8.12
CA ASN A 38 18.56 6.02 -7.33
C ASN A 38 19.70 6.60 -8.18
N PRO A 39 20.15 7.79 -7.83
CA PRO A 39 21.26 8.43 -8.59
C PRO A 39 22.59 7.74 -8.28
N PHE A 40 23.16 7.02 -9.23
CA PHE A 40 24.46 6.32 -8.99
C PHE A 40 24.38 5.42 -7.75
N SER A 41 24.17 4.13 -7.94
CA SER A 41 24.08 3.21 -6.75
C SER A 41 25.29 2.27 -6.73
N GLU A 42 25.64 1.73 -5.58
CA GLU A 42 26.82 0.80 -5.50
C GLU A 42 26.36 -0.66 -5.43
N SER A 43 25.37 -0.96 -4.60
CA SER A 43 24.90 -2.39 -4.50
C SER A 43 23.80 -2.66 -5.54
N GLY A 44 22.85 -1.77 -5.70
CA GLY A 44 21.76 -2.00 -6.70
C GLY A 44 21.30 -0.66 -7.28
N GLY A 45 21.11 -0.59 -8.59
CA GLY A 45 20.65 0.69 -9.22
C GLY A 45 19.28 1.08 -8.65
N ASP A 46 18.39 0.13 -8.43
CA ASP A 46 17.04 0.46 -7.87
C ASP A 46 16.94 0.00 -6.42
N MET A 47 16.22 0.72 -5.59
CA MET A 47 16.10 0.31 -4.15
C MET A 47 14.64 -0.03 -3.81
N LYS A 48 14.43 -0.91 -2.85
CA LYS A 48 13.04 -1.28 -2.46
C LYS A 48 12.88 -1.23 -0.93
N GLU A 49 11.74 -0.78 -0.43
CA GLU A 49 11.55 -0.70 1.04
C GLU A 49 10.35 -1.56 1.46
N TRP A 50 10.48 -2.35 2.51
CA TRP A 50 9.33 -3.21 2.94
C TRP A 50 8.47 -2.47 3.98
N TYR A 51 7.24 -2.14 3.65
CA TYR A 51 6.36 -1.47 4.66
C TYR A 51 5.06 -2.26 4.83
N HIS A 52 4.25 -1.91 5.80
CA HIS A 52 2.97 -2.65 6.01
C HIS A 52 1.86 -2.03 5.16
N ILE A 53 0.63 -2.47 5.31
CA ILE A 53 -0.48 -1.85 4.51
C ILE A 53 -0.95 -0.60 5.27
N LYS A 54 -1.28 -0.73 6.54
CA LYS A 54 -1.71 0.48 7.32
C LYS A 54 -0.57 1.51 7.33
N CYS A 55 0.67 1.06 7.43
CA CYS A 55 1.81 2.04 7.43
C CYS A 55 1.82 2.79 6.09
N MET A 56 1.78 2.09 4.99
CA MET A 56 1.77 2.79 3.65
C MET A 56 0.44 3.52 3.47
N PHE A 57 -0.66 2.88 3.79
CA PHE A 57 -1.98 3.59 3.65
C PHE A 57 -2.03 4.78 4.61
N GLU A 58 -1.36 4.73 5.75
CA GLU A 58 -1.38 5.92 6.67
C GLU A 58 -0.83 7.15 5.94
N LYS A 59 0.22 6.99 5.16
CA LYS A 59 0.76 8.17 4.40
C LYS A 59 -0.27 8.65 3.38
N LEU A 60 -0.95 7.72 2.71
CA LEU A 60 -2.00 8.14 1.71
C LEU A 60 -3.05 9.01 2.41
N GLU A 61 -3.46 8.65 3.60
CA GLU A 61 -4.47 9.50 4.33
C GLU A 61 -3.92 10.92 4.53
N ARG A 62 -2.62 11.04 4.76
CA ARG A 62 -2.02 12.41 4.93
C ARG A 62 -1.23 12.81 3.67
N ALA A 63 -1.63 12.35 2.49
CA ALA A 63 -0.88 12.72 1.25
C ALA A 63 -1.80 13.52 0.31
N ARG A 64 -1.25 14.12 -0.72
CA ARG A 64 -2.12 14.92 -1.66
C ARG A 64 -3.15 14.00 -2.34
N ALA A 65 -4.29 14.52 -2.74
CA ALA A 65 -5.32 13.66 -3.41
C ALA A 65 -5.05 13.56 -4.92
N THR A 66 -4.56 14.62 -5.55
CA THR A 66 -4.29 14.56 -7.04
C THR A 66 -3.44 13.33 -7.39
N THR A 67 -2.50 12.94 -6.54
CA THR A 67 -1.66 11.74 -6.85
C THR A 67 -1.98 10.60 -5.88
N LYS A 68 -2.54 9.51 -6.38
CA LYS A 68 -2.89 8.37 -5.48
C LYS A 68 -2.07 7.13 -5.87
N LYS A 69 -1.68 6.31 -4.91
CA LYS A 69 -0.88 5.09 -5.24
C LYS A 69 -1.69 3.82 -4.92
N ILE A 70 -1.42 2.72 -5.59
CA ILE A 70 -2.18 1.45 -5.32
C ILE A 70 -3.69 1.68 -5.45
N GLU A 71 -4.28 1.30 -6.58
CA GLU A 71 -5.75 1.49 -6.74
C GLU A 71 -6.45 0.13 -6.65
N ASP A 72 -7.53 0.02 -5.90
CA ASP A 72 -8.25 -1.30 -5.77
C ASP A 72 -7.26 -2.39 -5.33
N LEU A 73 -7.63 -3.65 -5.49
CA LEU A 73 -6.69 -4.76 -5.07
C LEU A 73 -6.03 -5.38 -6.31
N THR A 74 -5.11 -4.68 -6.93
CA THR A 74 -4.44 -5.24 -8.16
C THR A 74 -3.19 -4.40 -8.52
N GLU A 75 -2.70 -4.48 -9.76
CA GLU A 75 -1.49 -3.69 -10.15
C GLU A 75 -0.32 -4.01 -9.19
N LEU A 76 -0.18 -5.26 -8.79
CA LEU A 76 0.92 -5.63 -7.86
C LEU A 76 1.49 -7.01 -8.26
N GLU A 77 2.75 -7.28 -8.02
CA GLU A 77 3.32 -8.61 -8.40
C GLU A 77 3.40 -9.54 -7.19
N GLY A 78 2.51 -10.51 -7.08
CA GLY A 78 2.57 -11.45 -5.92
C GLY A 78 1.15 -11.77 -5.42
N TRP A 79 0.24 -10.82 -5.41
CA TRP A 79 -1.15 -11.12 -4.92
C TRP A 79 -1.83 -12.19 -5.81
N GLU A 80 -1.47 -12.29 -7.08
CA GLU A 80 -2.13 -13.30 -7.98
C GLU A 80 -2.11 -14.71 -7.37
N GLU A 81 -1.10 -15.06 -6.60
CA GLU A 81 -1.08 -16.45 -6.01
C GLU A 81 -0.06 -16.60 -4.87
N LEU A 82 -0.07 -15.71 -3.88
CA LEU A 82 0.89 -15.86 -2.75
C LEU A 82 0.10 -16.06 -1.44
N GLU A 83 -0.61 -15.05 -0.98
CA GLU A 83 -1.39 -15.19 0.29
C GLU A 83 -2.88 -14.93 0.01
N ASP A 84 -3.76 -15.83 0.40
CA ASP A 84 -5.22 -15.60 0.13
C ASP A 84 -5.87 -14.84 1.29
N ASN A 85 -5.68 -15.28 2.51
CA ASN A 85 -6.31 -14.55 3.67
C ASN A 85 -5.74 -13.12 3.75
N GLU A 86 -4.44 -12.97 3.65
CA GLU A 86 -3.85 -11.59 3.70
C GLU A 86 -4.38 -10.76 2.51
N LYS A 87 -4.55 -11.37 1.35
CA LYS A 87 -5.07 -10.58 0.17
C LYS A 87 -6.45 -10.01 0.50
N GLU A 88 -7.30 -10.78 1.17
CA GLU A 88 -8.66 -10.25 1.50
C GLU A 88 -8.53 -9.02 2.41
N GLN A 89 -7.63 -9.04 3.37
CA GLN A 89 -7.46 -7.84 4.27
C GLN A 89 -7.04 -6.62 3.44
N ILE A 90 -6.23 -6.79 2.42
CA ILE A 90 -5.81 -5.61 1.59
C ILE A 90 -7.05 -4.94 0.96
N THR A 91 -8.04 -5.71 0.54
CA THR A 91 -9.27 -5.08 -0.06
C THR A 91 -9.93 -4.14 0.97
N GLN A 92 -9.98 -4.54 2.22
CA GLN A 92 -10.60 -3.64 3.26
C GLN A 92 -9.85 -2.30 3.31
N HIS A 93 -8.54 -2.32 3.18
CA HIS A 93 -7.76 -1.02 3.22
C HIS A 93 -8.29 -0.06 2.15
N ILE A 94 -8.48 -0.52 0.92
CA ILE A 94 -9.01 0.41 -0.14
C ILE A 94 -10.44 0.84 0.23
N ALA A 95 -11.25 -0.07 0.75
CA ALA A 95 -12.64 0.33 1.14
C ALA A 95 -12.59 1.29 2.34
N ASP A 96 -11.73 1.03 3.29
CA ASP A 96 -11.63 1.97 4.48
C ASP A 96 -11.16 3.35 4.00
N LEU A 97 -10.22 3.41 3.09
CA LEU A 97 -9.74 4.75 2.59
C LEU A 97 -10.82 5.41 1.72
N SER A 98 -11.61 4.63 0.98
CA SER A 98 -12.67 5.25 0.13
C SER A 98 -14.05 5.08 0.80
N SER A 99 -14.13 5.24 2.11
CA SER A 99 -15.45 5.08 2.80
C SER A 99 -15.40 5.66 4.22
N LYS A 100 -16.37 6.46 4.61
CA LYS A 100 -16.36 7.05 5.98
C LYS A 100 -17.65 6.68 6.73
N ALA A 101 -18.80 7.16 6.27
CA ALA A 101 -20.07 6.82 6.98
C ALA A 101 -21.21 6.64 5.94
N ALA A 102 -22.45 6.64 6.38
CA ALA A 102 -23.58 6.46 5.43
C ALA A 102 -24.45 7.74 5.40
N GLY A 103 -25.44 7.78 4.53
CA GLY A 103 -26.30 9.00 4.46
C GLY A 103 -27.09 9.15 5.77
N THR A 104 -26.74 10.13 6.58
CA THR A 104 -27.48 10.33 7.87
C THR A 104 -27.65 11.82 8.17
N PRO A 105 -28.75 12.17 8.79
CA PRO A 105 -29.01 13.60 9.12
C PRO A 105 -28.11 14.05 10.28
N LYS A 106 -26.92 14.53 10.00
CA LYS A 106 -26.01 14.97 11.10
C LYS A 106 -25.20 16.21 10.65
N LYS A 107 -24.98 17.15 11.54
CA LYS A 107 -24.19 18.37 11.16
C LYS A 107 -22.96 18.52 12.08
N LYS A 108 -21.88 19.05 11.57
CA LYS A 108 -20.66 19.22 12.42
C LYS A 108 -20.11 20.65 12.28
N ALA A 109 -19.72 21.05 11.08
CA ALA A 109 -19.17 22.43 10.90
C ALA A 109 -19.78 23.08 9.64
N VAL A 110 -20.02 24.37 9.67
CA VAL A 110 -20.62 25.05 8.47
C VAL A 110 -19.81 26.32 8.11
N VAL A 111 -19.61 26.58 6.84
CA VAL A 111 -18.85 27.80 6.44
C VAL A 111 -19.50 28.47 5.22
N GLN A 112 -19.69 29.77 5.25
CA GLN A 112 -20.32 30.46 4.09
C GLN A 112 -19.52 31.71 3.70
N ALA A 113 -19.47 32.06 2.43
CA ALA A 113 -18.70 33.27 2.01
C ALA A 113 -19.63 34.27 1.32
N LYS A 114 -19.45 35.56 1.55
CA LYS A 114 -20.33 36.57 0.90
C LYS A 114 -19.51 37.47 -0.03
N LEU A 115 -19.95 37.68 -1.25
CA LEU A 115 -19.18 38.56 -2.19
C LEU A 115 -20.05 39.74 -2.64
N THR A 116 -19.70 40.94 -2.24
CA THR A 116 -20.51 42.14 -2.65
C THR A 116 -19.67 43.09 -3.50
N THR A 117 -19.89 43.12 -4.81
CA THR A 117 -19.09 44.03 -5.68
C THR A 117 -19.98 44.66 -6.75
N MET A 1 3.56 7.00 -19.82
CA MET A 1 2.89 5.67 -19.73
C MET A 1 3.13 5.05 -18.35
N ALA A 2 4.38 4.89 -17.94
CA ALA A 2 4.66 4.29 -16.60
C ALA A 2 5.78 5.08 -15.90
N GLU A 3 5.91 4.94 -14.60
CA GLU A 3 6.99 5.67 -13.88
C GLU A 3 7.62 4.78 -12.80
N GLN A 4 6.86 4.41 -11.78
CA GLN A 4 7.43 3.53 -10.71
C GLN A 4 6.67 2.20 -10.66
N ARG A 5 7.24 1.18 -10.03
CA ARG A 5 6.55 -0.13 -9.95
C ARG A 5 6.53 -0.65 -8.50
N PHE A 6 5.51 -1.37 -8.12
CA PHE A 6 5.45 -1.90 -6.71
C PHE A 6 5.55 -3.43 -6.72
N CYS A 7 6.04 -4.01 -5.65
CA CYS A 7 6.15 -5.50 -5.57
C CYS A 7 5.66 -5.98 -4.20
N VAL A 8 4.70 -6.88 -4.16
CA VAL A 8 4.20 -7.36 -2.83
C VAL A 8 4.80 -8.73 -2.48
N ASP A 9 5.27 -8.92 -1.26
CA ASP A 9 5.86 -10.24 -0.88
C ASP A 9 5.52 -10.57 0.58
N TYR A 10 4.65 -11.54 0.80
CA TYR A 10 4.29 -11.91 2.23
C TYR A 10 5.55 -12.26 3.02
N ALA A 11 5.49 -12.19 4.34
CA ALA A 11 6.70 -12.54 5.16
C ALA A 11 6.64 -14.01 5.59
N LYS A 12 7.59 -14.82 5.20
CA LYS A 12 7.57 -16.27 5.59
C LYS A 12 8.71 -16.57 6.58
N ARG A 13 9.94 -16.22 6.24
CA ARG A 13 11.08 -16.50 7.17
C ARG A 13 12.06 -15.33 7.17
N GLY A 14 11.95 -14.42 8.12
CA GLY A 14 12.89 -13.26 8.16
C GLY A 14 12.14 -12.00 8.63
N THR A 15 12.58 -11.37 9.70
CA THR A 15 11.89 -10.15 10.19
C THR A 15 12.83 -8.94 10.08
N ALA A 16 12.31 -7.77 9.78
CA ALA A 16 13.20 -6.57 9.65
C ALA A 16 12.41 -5.28 9.90
N GLY A 17 13.08 -4.24 10.40
CA GLY A 17 12.37 -2.94 10.64
C GLY A 17 11.67 -2.51 9.35
N CYS A 18 10.39 -2.26 9.39
CA CYS A 18 9.69 -1.87 8.11
C CYS A 18 10.22 -0.54 7.58
N LYS A 19 10.63 -0.51 6.32
CA LYS A 19 11.16 0.76 5.73
C LYS A 19 10.00 1.71 5.44
N LYS A 20 10.25 3.00 5.37
CA LYS A 20 9.13 3.99 5.12
C LYS A 20 8.13 4.02 6.30
N CYS A 21 8.48 3.50 7.47
CA CYS A 21 7.54 3.57 8.64
C CYS A 21 8.21 3.00 9.91
N LYS A 22 7.84 3.49 11.09
CA LYS A 22 8.51 3.00 12.37
C LYS A 22 7.83 1.73 12.90
N GLU A 23 8.28 0.56 12.48
CA GLU A 23 7.68 -0.72 12.98
C GLU A 23 8.58 -1.92 12.59
N LYS A 24 8.15 -3.13 12.85
CA LYS A 24 8.97 -4.33 12.49
C LYS A 24 8.13 -5.34 11.71
N ILE A 25 8.72 -6.09 10.82
CA ILE A 25 7.92 -7.10 10.04
C ILE A 25 8.14 -8.50 10.62
N VAL A 26 7.09 -9.15 11.08
CA VAL A 26 7.25 -10.53 11.66
C VAL A 26 6.66 -11.58 10.70
N LYS A 27 7.12 -12.82 10.81
CA LYS A 27 6.58 -13.89 9.89
C LYS A 27 5.05 -13.90 9.89
N GLY A 28 4.42 -13.82 8.74
CA GLY A 28 2.92 -13.84 8.69
C GLY A 28 2.34 -12.43 8.42
N VAL A 29 3.15 -11.44 8.07
CA VAL A 29 2.59 -10.08 7.82
C VAL A 29 2.75 -9.70 6.33
N CYS A 30 1.73 -9.16 5.71
CA CYS A 30 1.85 -8.77 4.25
C CYS A 30 2.62 -7.45 4.13
N ARG A 31 3.58 -7.36 3.24
CA ARG A 31 4.35 -6.09 3.09
C ARG A 31 4.45 -5.70 1.61
N ILE A 32 4.32 -4.42 1.29
CA ILE A 32 4.41 -4.00 -0.14
C ILE A 32 5.74 -3.26 -0.38
N GLY A 33 6.53 -3.70 -1.33
CA GLY A 33 7.83 -3.01 -1.59
C GLY A 33 7.71 -2.15 -2.86
N LYS A 34 8.36 -1.00 -2.90
CA LYS A 34 8.28 -0.15 -4.13
C LYS A 34 9.70 0.03 -4.71
N VAL A 35 9.85 -0.09 -6.01
CA VAL A 35 11.21 0.07 -6.61
C VAL A 35 11.27 1.34 -7.46
N VAL A 36 12.03 2.34 -7.04
CA VAL A 36 12.12 3.60 -7.85
C VAL A 36 13.56 3.79 -8.34
N PRO A 37 13.78 3.69 -9.63
CA PRO A 37 15.15 3.87 -10.19
C PRO A 37 15.56 5.34 -10.13
N ASN A 38 16.70 5.65 -9.53
CA ASN A 38 17.14 7.08 -9.47
C ASN A 38 18.30 7.32 -10.46
N PRO A 39 18.09 8.19 -11.42
CA PRO A 39 19.16 8.47 -12.41
C PRO A 39 20.30 9.28 -11.76
N PHE A 40 21.08 8.66 -10.91
CA PHE A 40 22.20 9.40 -10.23
C PHE A 40 23.41 8.46 -10.03
N SER A 41 23.23 7.38 -9.30
CA SER A 41 24.38 6.45 -9.07
C SER A 41 24.17 5.15 -9.87
N GLU A 42 25.24 4.43 -10.17
CA GLU A 42 25.08 3.15 -10.94
C GLU A 42 25.06 1.94 -9.99
N SER A 43 25.90 1.92 -8.98
CA SER A 43 25.92 0.74 -8.03
C SER A 43 24.50 0.53 -7.43
N GLY A 44 23.81 1.60 -7.10
CA GLY A 44 22.44 1.45 -6.52
C GLY A 44 21.44 1.13 -7.64
N GLY A 45 21.12 2.10 -8.48
CA GLY A 45 20.14 1.83 -9.58
C GLY A 45 18.71 1.95 -9.05
N ASP A 46 18.22 0.95 -8.34
CA ASP A 46 16.83 1.03 -7.80
C ASP A 46 16.81 0.62 -6.31
N MET A 47 15.99 1.26 -5.50
CA MET A 47 15.94 0.90 -4.06
C MET A 47 14.54 0.37 -3.67
N LYS A 48 14.48 -0.71 -2.91
CA LYS A 48 13.16 -1.26 -2.50
C LYS A 48 13.02 -1.18 -0.98
N GLU A 49 11.83 -0.92 -0.47
CA GLU A 49 11.66 -0.83 1.02
C GLU A 49 10.43 -1.65 1.47
N TRP A 50 10.53 -2.39 2.56
CA TRP A 50 9.35 -3.20 3.02
C TRP A 50 8.53 -2.42 4.05
N TYR A 51 7.28 -2.10 3.77
CA TYR A 51 6.46 -1.38 4.78
C TYR A 51 5.15 -2.14 5.00
N HIS A 52 4.36 -1.74 5.98
CA HIS A 52 3.07 -2.46 6.25
C HIS A 52 1.94 -1.84 5.41
N ILE A 53 0.71 -2.25 5.62
CA ILE A 53 -0.42 -1.65 4.85
C ILE A 53 -0.87 -0.39 5.59
N LYS A 54 -1.13 -0.50 6.88
CA LYS A 54 -1.53 0.73 7.67
C LYS A 54 -0.39 1.75 7.62
N CYS A 55 0.86 1.31 7.70
CA CYS A 55 2.00 2.28 7.64
C CYS A 55 1.98 2.99 6.28
N MET A 56 1.90 2.24 5.19
CA MET A 56 1.86 2.89 3.84
C MET A 56 0.55 3.67 3.67
N PHE A 57 -0.56 3.08 4.04
CA PHE A 57 -1.86 3.83 3.91
C PHE A 57 -1.89 5.03 4.87
N GLU A 58 -1.20 4.96 5.99
CA GLU A 58 -1.19 6.14 6.93
C GLU A 58 -0.42 7.29 6.27
N LYS A 59 0.70 7.01 5.65
CA LYS A 59 1.47 8.10 4.96
C LYS A 59 0.72 8.45 3.66
N LEU A 60 0.25 7.47 2.94
CA LEU A 60 -0.51 7.76 1.67
C LEU A 60 -1.79 8.54 2.02
N GLU A 61 -2.44 8.20 3.12
CA GLU A 61 -3.69 8.96 3.50
C GLU A 61 -3.33 10.41 3.88
N ARG A 62 -2.17 10.64 4.46
CA ARG A 62 -1.78 12.04 4.83
C ARG A 62 -0.77 12.65 3.84
N ALA A 63 -0.62 12.07 2.66
CA ALA A 63 0.35 12.66 1.67
C ALA A 63 -0.27 12.69 0.26
N ARG A 64 -0.81 13.82 -0.15
CA ARG A 64 -1.42 13.89 -1.52
C ARG A 64 -0.75 15.01 -2.33
N ALA A 65 0.14 14.68 -3.24
CA ALA A 65 0.80 15.75 -4.06
C ALA A 65 -0.01 16.01 -5.35
N THR A 66 -0.55 14.97 -5.96
CA THR A 66 -1.36 15.18 -7.21
C THR A 66 -2.18 13.92 -7.56
N THR A 67 -1.54 12.77 -7.67
CA THR A 67 -2.30 11.52 -8.01
C THR A 67 -2.19 10.52 -6.84
N LYS A 68 -3.06 9.52 -6.80
CA LYS A 68 -2.99 8.51 -5.69
C LYS A 68 -2.21 7.27 -6.17
N LYS A 69 -1.48 6.63 -5.28
CA LYS A 69 -0.70 5.41 -5.69
C LYS A 69 -1.45 4.14 -5.28
N ILE A 70 -1.13 3.01 -5.89
CA ILE A 70 -1.82 1.72 -5.54
C ILE A 70 -3.34 1.87 -5.68
N GLU A 71 -3.91 1.41 -6.78
CA GLU A 71 -5.39 1.53 -6.97
C GLU A 71 -6.03 0.14 -6.88
N ASP A 72 -7.12 -0.01 -6.16
CA ASP A 72 -7.78 -1.35 -6.04
C ASP A 72 -6.76 -2.42 -5.58
N LEU A 73 -7.07 -3.68 -5.71
CA LEU A 73 -6.09 -4.73 -5.28
C LEU A 73 -5.72 -5.66 -6.45
N THR A 74 -5.27 -5.10 -7.56
CA THR A 74 -4.90 -5.97 -8.72
C THR A 74 -3.84 -5.28 -9.59
N GLU A 75 -2.91 -4.56 -8.99
CA GLU A 75 -1.85 -3.88 -9.81
C GLU A 75 -0.46 -4.11 -9.18
N LEU A 76 -0.24 -5.23 -8.52
CA LEU A 76 1.08 -5.51 -7.91
C LEU A 76 1.52 -6.95 -8.23
N GLU A 77 2.81 -7.22 -8.23
CA GLU A 77 3.27 -8.62 -8.56
C GLU A 77 3.28 -9.49 -7.29
N GLY A 78 2.31 -10.36 -7.14
CA GLY A 78 2.29 -11.23 -5.92
C GLY A 78 0.84 -11.56 -5.51
N TRP A 79 -0.08 -10.64 -5.63
CA TRP A 79 -1.50 -10.95 -5.20
C TRP A 79 -2.04 -12.18 -5.96
N GLU A 80 -1.68 -12.36 -7.21
CA GLU A 80 -2.20 -13.56 -7.97
C GLU A 80 -1.48 -14.84 -7.53
N GLU A 81 -0.23 -14.76 -7.09
CA GLU A 81 0.49 -16.00 -6.65
C GLU A 81 0.47 -16.19 -5.12
N LEU A 82 0.34 -15.12 -4.35
CA LEU A 82 0.32 -15.29 -2.85
C LEU A 82 -1.04 -15.84 -2.39
N GLU A 83 -1.25 -15.98 -1.10
CA GLU A 83 -2.56 -16.52 -0.61
C GLU A 83 -3.71 -15.58 -1.00
N ASP A 84 -4.91 -16.11 -1.17
CA ASP A 84 -6.07 -15.23 -1.55
C ASP A 84 -6.74 -14.65 -0.29
N ASN A 85 -6.89 -15.45 0.75
CA ASN A 85 -7.54 -14.91 2.00
C ASN A 85 -6.74 -13.73 2.55
N GLU A 86 -5.44 -13.90 2.73
CA GLU A 86 -4.60 -12.75 3.25
C GLU A 86 -4.67 -11.58 2.25
N LYS A 87 -4.64 -11.86 0.96
CA LYS A 87 -4.73 -10.75 -0.05
C LYS A 87 -6.05 -9.99 0.15
N GLU A 88 -7.14 -10.68 0.39
CA GLU A 88 -8.45 -9.97 0.61
C GLU A 88 -8.32 -8.91 1.73
N GLN A 89 -7.50 -9.17 2.74
CA GLN A 89 -7.34 -8.15 3.84
C GLN A 89 -6.87 -6.81 3.26
N ILE A 90 -6.01 -6.81 2.27
CA ILE A 90 -5.55 -5.50 1.67
C ILE A 90 -6.76 -4.76 1.07
N THR A 91 -7.70 -5.48 0.45
CA THR A 91 -8.89 -4.77 -0.13
C THR A 91 -9.62 -3.97 0.98
N GLN A 92 -9.70 -4.51 2.17
CA GLN A 92 -10.38 -3.75 3.29
C GLN A 92 -9.69 -2.39 3.50
N HIS A 93 -8.37 -2.34 3.39
CA HIS A 93 -7.66 -1.02 3.57
C HIS A 93 -8.19 0.01 2.55
N ILE A 94 -8.19 -0.33 1.27
CA ILE A 94 -8.72 0.65 0.26
C ILE A 94 -10.20 0.93 0.53
N ALA A 95 -10.96 -0.09 0.93
CA ALA A 95 -12.42 0.15 1.22
C ALA A 95 -12.56 1.10 2.42
N ASP A 96 -11.72 0.94 3.43
CA ASP A 96 -11.82 1.85 4.63
C ASP A 96 -11.61 3.31 4.19
N LEU A 97 -10.68 3.56 3.29
CA LEU A 97 -10.44 4.97 2.83
C LEU A 97 -11.60 5.46 1.95
N SER A 98 -12.19 4.58 1.16
CA SER A 98 -13.33 5.02 0.28
C SER A 98 -14.67 4.60 0.91
N SER A 99 -15.00 5.11 2.08
CA SER A 99 -16.28 4.73 2.73
C SER A 99 -17.02 5.99 3.22
N LYS A 100 -17.00 7.06 2.46
CA LYS A 100 -17.71 8.31 2.89
C LYS A 100 -18.39 8.99 1.70
N ALA A 101 -19.62 9.41 1.84
CA ALA A 101 -20.32 10.08 0.69
C ALA A 101 -21.18 11.25 1.21
N ALA A 102 -20.97 12.44 0.70
CA ALA A 102 -21.78 13.61 1.17
C ALA A 102 -22.04 14.57 0.00
N GLY A 103 -22.98 14.25 -0.88
CA GLY A 103 -23.26 15.15 -2.03
C GLY A 103 -22.11 15.09 -3.03
N THR A 104 -22.39 14.97 -4.31
CA THR A 104 -21.29 14.90 -5.32
C THR A 104 -21.71 15.62 -6.61
N PRO A 105 -21.98 16.91 -6.50
CA PRO A 105 -22.38 17.69 -7.69
C PRO A 105 -21.17 17.94 -8.61
N LYS A 106 -21.23 17.46 -9.84
CA LYS A 106 -20.07 17.66 -10.76
C LYS A 106 -20.57 17.90 -12.20
N LYS A 107 -19.85 18.67 -12.99
CA LYS A 107 -20.30 18.93 -14.39
C LYS A 107 -19.11 18.79 -15.35
N LYS A 108 -19.33 18.23 -16.53
CA LYS A 108 -18.20 18.08 -17.50
C LYS A 108 -18.53 18.81 -18.81
N ALA A 109 -18.04 20.03 -18.98
CA ALA A 109 -18.34 20.79 -20.24
C ALA A 109 -17.03 21.31 -20.86
N VAL A 110 -16.61 20.76 -21.97
CA VAL A 110 -15.33 21.23 -22.61
C VAL A 110 -15.59 21.58 -24.08
N VAL A 111 -15.31 22.81 -24.49
CA VAL A 111 -15.55 23.20 -25.91
C VAL A 111 -14.33 23.95 -26.45
N GLN A 112 -13.53 23.31 -27.29
CA GLN A 112 -12.33 24.01 -27.85
C GLN A 112 -12.24 23.80 -29.37
N ALA A 113 -12.46 24.84 -30.16
CA ALA A 113 -12.39 24.69 -31.64
C ALA A 113 -11.27 25.57 -32.21
N LYS A 114 -10.32 24.97 -32.91
CA LYS A 114 -9.21 25.78 -33.49
C LYS A 114 -9.14 25.57 -35.02
N LEU A 115 -9.25 26.62 -35.80
CA LEU A 115 -9.19 26.48 -37.28
C LEU A 115 -7.99 27.25 -37.84
N THR A 116 -7.26 26.66 -38.78
CA THR A 116 -6.08 27.37 -39.36
C THR A 116 -5.98 27.09 -40.86
N THR A 117 -6.22 28.08 -41.70
CA THR A 117 -6.13 27.85 -43.18
C THR A 117 -5.31 28.97 -43.84
N MET A 1 11.49 2.45 -19.51
CA MET A 1 10.33 3.37 -19.33
C MET A 1 9.60 3.08 -18.00
N ALA A 2 10.33 3.01 -16.90
CA ALA A 2 9.68 2.72 -15.59
C ALA A 2 9.85 3.91 -14.64
N GLU A 3 8.85 4.21 -13.84
CA GLU A 3 8.97 5.36 -12.89
C GLU A 3 8.73 4.89 -11.45
N GLN A 4 7.55 4.38 -11.15
CA GLN A 4 7.27 3.91 -9.76
C GLN A 4 6.58 2.53 -9.79
N ARG A 5 7.21 1.50 -9.27
CA ARG A 5 6.58 0.15 -9.27
C ARG A 5 6.39 -0.36 -7.83
N PHE A 6 5.33 -1.10 -7.58
CA PHE A 6 5.10 -1.62 -6.20
C PHE A 6 4.93 -3.16 -6.23
N CYS A 7 5.45 -3.85 -5.25
CA CYS A 7 5.30 -5.35 -5.23
C CYS A 7 4.68 -5.79 -3.89
N VAL A 8 4.07 -6.96 -3.85
CA VAL A 8 3.45 -7.43 -2.58
C VAL A 8 4.20 -8.66 -2.05
N ASP A 9 4.82 -8.57 -0.89
CA ASP A 9 5.57 -9.75 -0.34
C ASP A 9 5.04 -10.10 1.06
N TYR A 10 5.06 -11.36 1.43
CA TYR A 10 4.56 -11.75 2.79
C TYR A 10 5.75 -12.07 3.70
N ALA A 11 5.68 -11.71 4.97
CA ALA A 11 6.84 -12.01 5.89
C ALA A 11 7.12 -13.52 5.93
N LYS A 12 8.35 -13.93 5.68
CA LYS A 12 8.67 -15.38 5.71
C LYS A 12 10.02 -15.61 6.43
N ARG A 13 10.00 -16.18 7.61
CA ARG A 13 11.26 -16.45 8.40
C ARG A 13 12.31 -15.32 8.25
N GLY A 14 11.88 -14.08 8.28
CA GLY A 14 12.85 -12.95 8.13
C GLY A 14 12.44 -11.79 9.06
N THR A 15 13.34 -10.86 9.30
CA THR A 15 12.98 -9.71 10.20
C THR A 15 13.64 -8.42 9.70
N ALA A 16 12.88 -7.38 9.42
CA ALA A 16 13.49 -6.11 8.93
C ALA A 16 12.61 -4.90 9.29
N GLY A 17 13.22 -3.80 9.71
CA GLY A 17 12.42 -2.58 10.05
C GLY A 17 11.59 -2.17 8.83
N CYS A 18 10.29 -1.96 8.99
CA CYS A 18 9.46 -1.58 7.80
C CYS A 18 9.84 -0.19 7.28
N LYS A 19 10.28 -0.11 6.04
CA LYS A 19 10.67 1.23 5.47
C LYS A 19 9.40 2.09 5.31
N LYS A 20 9.53 3.39 5.21
CA LYS A 20 8.32 4.27 5.09
C LYS A 20 7.44 4.17 6.37
N CYS A 21 7.97 3.70 7.49
CA CYS A 21 7.17 3.63 8.75
C CYS A 21 8.03 3.10 9.93
N LYS A 22 7.70 3.46 11.16
CA LYS A 22 8.54 3.02 12.33
C LYS A 22 8.04 1.68 12.91
N GLU A 23 8.47 0.56 12.38
CA GLU A 23 8.03 -0.76 12.93
C GLU A 23 8.95 -1.90 12.40
N LYS A 24 8.61 -3.14 12.66
CA LYS A 24 9.45 -4.28 12.16
C LYS A 24 8.58 -5.29 11.40
N ILE A 25 9.17 -6.06 10.51
CA ILE A 25 8.36 -7.06 9.74
C ILE A 25 8.67 -8.48 10.24
N VAL A 26 7.66 -9.23 10.64
CA VAL A 26 7.90 -10.62 11.13
C VAL A 26 6.95 -11.60 10.43
N LYS A 27 7.31 -12.86 10.35
CA LYS A 27 6.42 -13.88 9.67
C LYS A 27 4.96 -13.76 10.17
N GLY A 28 4.01 -13.65 9.27
CA GLY A 28 2.59 -13.53 9.71
C GLY A 28 1.97 -12.18 9.27
N VAL A 29 2.74 -11.24 8.74
CA VAL A 29 2.15 -9.93 8.32
C VAL A 29 2.48 -9.64 6.84
N CYS A 30 1.50 -9.20 6.07
CA CYS A 30 1.77 -8.91 4.62
C CYS A 30 2.52 -7.57 4.47
N ARG A 31 3.45 -7.46 3.55
CA ARG A 31 4.19 -6.18 3.38
C ARG A 31 4.33 -5.83 1.89
N ILE A 32 4.31 -4.57 1.54
CA ILE A 32 4.43 -4.18 0.11
C ILE A 32 5.75 -3.42 -0.13
N GLY A 33 6.50 -3.79 -1.14
CA GLY A 33 7.78 -3.07 -1.41
C GLY A 33 7.64 -2.19 -2.67
N LYS A 34 8.42 -1.15 -2.79
CA LYS A 34 8.31 -0.28 -4.00
C LYS A 34 9.64 -0.30 -4.78
N VAL A 35 9.60 -0.52 -6.08
CA VAL A 35 10.88 -0.54 -6.86
C VAL A 35 11.03 0.76 -7.67
N VAL A 36 11.93 1.63 -7.27
CA VAL A 36 12.11 2.92 -8.03
C VAL A 36 13.58 3.06 -8.47
N PRO A 37 13.78 3.61 -9.65
CA PRO A 37 15.17 3.78 -10.16
C PRO A 37 15.88 4.89 -9.38
N ASN A 38 17.19 4.78 -9.19
CA ASN A 38 17.93 5.85 -8.43
C ASN A 38 18.70 6.74 -9.41
N PRO A 39 19.03 7.94 -8.97
CA PRO A 39 19.78 8.87 -9.84
C PRO A 39 21.24 8.42 -10.00
N PHE A 40 21.49 7.34 -10.70
CA PHE A 40 22.90 6.85 -10.87
C PHE A 40 23.06 6.09 -12.20
N SER A 41 22.29 5.04 -12.41
CA SER A 41 22.41 4.27 -13.68
C SER A 41 21.10 4.38 -14.48
N GLU A 42 21.14 4.19 -15.78
CA GLU A 42 19.89 4.28 -16.60
C GLU A 42 19.38 2.87 -16.94
N SER A 43 20.23 2.00 -17.42
CA SER A 43 19.76 0.61 -17.77
C SER A 43 19.21 -0.09 -16.50
N GLY A 44 19.88 0.08 -15.37
CA GLY A 44 19.40 -0.57 -14.12
C GLY A 44 19.47 0.43 -12.95
N GLY A 45 19.57 -0.03 -11.73
CA GLY A 45 19.65 0.90 -10.57
C GLY A 45 18.27 1.00 -9.89
N ASP A 46 17.66 -0.13 -9.59
CA ASP A 46 16.32 -0.09 -8.92
C ASP A 46 16.40 -0.74 -7.53
N MET A 47 15.88 -0.09 -6.50
CA MET A 47 15.94 -0.67 -5.13
C MET A 47 14.53 -0.93 -4.60
N LYS A 48 14.36 -1.92 -3.73
CA LYS A 48 13.01 -2.21 -3.18
C LYS A 48 13.07 -2.34 -1.65
N GLU A 49 12.07 -1.85 -0.95
CA GLU A 49 12.09 -1.93 0.54
C GLU A 49 10.87 -2.74 1.03
N TRP A 50 10.87 -3.18 2.27
CA TRP A 50 9.70 -3.98 2.77
C TRP A 50 8.95 -3.21 3.87
N TYR A 51 7.65 -3.05 3.74
CA TYR A 51 6.91 -2.34 4.82
C TYR A 51 5.44 -2.82 4.91
N HIS A 52 4.72 -2.36 5.91
CA HIS A 52 3.30 -2.84 6.08
C HIS A 52 2.31 -2.12 5.16
N ILE A 53 1.05 -2.52 5.20
CA ILE A 53 0.02 -1.84 4.36
C ILE A 53 -0.56 -0.65 5.14
N LYS A 54 -1.06 -0.89 6.35
CA LYS A 54 -1.61 0.25 7.16
C LYS A 54 -0.54 1.36 7.29
N CYS A 55 0.72 0.98 7.41
CA CYS A 55 1.80 2.02 7.51
C CYS A 55 1.83 2.84 6.21
N MET A 56 1.90 2.18 5.08
CA MET A 56 1.93 2.93 3.78
C MET A 56 0.56 3.59 3.54
N PHE A 57 -0.52 2.88 3.80
CA PHE A 57 -1.87 3.50 3.60
C PHE A 57 -2.10 4.63 4.61
N GLU A 58 -1.52 4.56 5.80
CA GLU A 58 -1.70 5.68 6.78
C GLU A 58 -0.87 6.89 6.33
N LYS A 59 0.34 6.66 5.86
CA LYS A 59 1.18 7.83 5.38
C LYS A 59 0.44 8.56 4.26
N LEU A 60 -0.23 7.85 3.37
CA LEU A 60 -1.00 8.55 2.27
C LEU A 60 -1.95 9.58 2.90
N GLU A 61 -2.62 9.24 3.98
CA GLU A 61 -3.54 10.23 4.64
C GLU A 61 -2.73 11.48 5.06
N ARG A 62 -1.49 11.31 5.49
CA ARG A 62 -0.66 12.48 5.90
C ARG A 62 0.46 12.71 4.86
N ALA A 63 0.22 12.44 3.59
CA ALA A 63 1.28 12.67 2.56
C ALA A 63 1.04 13.98 1.80
N ARG A 64 2.00 14.43 1.00
CA ARG A 64 1.79 15.71 0.24
C ARG A 64 0.62 15.58 -0.74
N ALA A 65 0.03 16.68 -1.16
CA ALA A 65 -1.13 16.58 -2.12
C ALA A 65 -0.68 16.05 -3.49
N THR A 66 0.55 16.32 -3.91
CA THR A 66 1.01 15.81 -5.24
C THR A 66 1.79 14.50 -5.07
N THR A 67 1.22 13.51 -4.40
CA THR A 67 1.93 12.22 -4.20
C THR A 67 1.16 11.08 -4.89
N LYS A 68 1.78 9.95 -5.11
CA LYS A 68 1.05 8.81 -5.77
C LYS A 68 0.48 7.87 -4.70
N LYS A 69 -0.67 7.28 -4.95
CA LYS A 69 -1.27 6.36 -3.93
C LYS A 69 -1.66 5.01 -4.57
N ILE A 70 -1.85 3.99 -3.76
CA ILE A 70 -2.23 2.65 -4.33
C ILE A 70 -3.77 2.55 -4.42
N GLU A 71 -4.31 2.27 -5.60
CA GLU A 71 -5.79 2.16 -5.72
C GLU A 71 -6.18 0.73 -6.15
N ASP A 72 -7.33 0.25 -5.72
CA ASP A 72 -7.76 -1.13 -6.09
C ASP A 72 -6.68 -2.16 -5.71
N LEU A 73 -6.94 -3.44 -5.92
CA LEU A 73 -5.91 -4.47 -5.57
C LEU A 73 -5.65 -5.40 -6.76
N THR A 74 -4.72 -5.03 -7.63
CA THR A 74 -4.42 -5.91 -8.82
C THR A 74 -3.18 -5.39 -9.58
N GLU A 75 -3.14 -4.12 -9.93
CA GLU A 75 -1.95 -3.57 -10.67
C GLU A 75 -0.63 -3.94 -9.95
N LEU A 76 -0.65 -3.97 -8.63
CA LEU A 76 0.62 -4.33 -7.88
C LEU A 76 1.01 -5.79 -8.21
N GLU A 77 2.28 -6.11 -8.18
CA GLU A 77 2.71 -7.51 -8.48
C GLU A 77 3.01 -8.28 -7.19
N GLY A 78 2.36 -9.39 -6.94
CA GLY A 78 2.64 -10.16 -5.69
C GLY A 78 1.32 -10.62 -5.05
N TRP A 79 0.27 -9.82 -5.11
CA TRP A 79 -1.03 -10.24 -4.47
C TRP A 79 -1.51 -11.59 -5.05
N GLU A 80 -1.31 -11.83 -6.33
CA GLU A 80 -1.74 -13.15 -6.92
C GLU A 80 -0.81 -14.26 -6.44
N GLU A 81 0.48 -14.00 -6.30
CA GLU A 81 1.42 -15.07 -5.82
C GLU A 81 1.12 -15.45 -4.36
N LEU A 82 0.61 -14.55 -3.54
CA LEU A 82 0.33 -14.92 -2.11
C LEU A 82 -1.01 -15.66 -2.01
N GLU A 83 -1.48 -15.95 -0.81
CA GLU A 83 -2.79 -16.69 -0.66
C GLU A 83 -3.94 -15.84 -1.22
N ASP A 84 -5.08 -16.46 -1.51
CA ASP A 84 -6.24 -15.67 -2.06
C ASP A 84 -7.06 -15.08 -0.91
N ASN A 85 -7.29 -15.83 0.15
CA ASN A 85 -8.09 -15.27 1.31
C ASN A 85 -7.38 -14.04 1.87
N GLU A 86 -6.09 -14.13 2.12
CA GLU A 86 -5.34 -12.93 2.66
C GLU A 86 -5.45 -11.78 1.65
N LYS A 87 -5.37 -12.06 0.37
CA LYS A 87 -5.49 -10.97 -0.66
C LYS A 87 -6.81 -10.20 -0.46
N GLU A 88 -7.88 -10.90 -0.16
CA GLU A 88 -9.20 -10.20 0.05
C GLU A 88 -9.06 -9.14 1.17
N GLN A 89 -8.28 -9.42 2.19
CA GLN A 89 -8.12 -8.41 3.31
C GLN A 89 -7.56 -7.09 2.75
N ILE A 90 -6.67 -7.14 1.78
CA ILE A 90 -6.11 -5.86 1.22
C ILE A 90 -7.23 -5.06 0.53
N THR A 91 -8.11 -5.72 -0.20
CA THR A 91 -9.23 -4.95 -0.87
C THR A 91 -10.06 -4.23 0.19
N GLN A 92 -10.40 -4.92 1.27
CA GLN A 92 -11.17 -4.23 2.36
C GLN A 92 -10.31 -3.11 2.95
N HIS A 93 -9.02 -3.35 3.13
CA HIS A 93 -8.12 -2.28 3.69
C HIS A 93 -8.20 -1.01 2.82
N ILE A 94 -8.08 -1.16 1.51
CA ILE A 94 -8.19 0.06 0.62
C ILE A 94 -9.60 0.64 0.73
N ALA A 95 -10.62 -0.19 0.81
CA ALA A 95 -12.02 0.35 0.93
C ALA A 95 -12.13 1.21 2.21
N ASP A 96 -11.51 0.77 3.30
CA ASP A 96 -11.58 1.59 4.56
C ASP A 96 -10.98 2.98 4.34
N LEU A 97 -9.92 3.08 3.56
CA LEU A 97 -9.30 4.43 3.31
C LEU A 97 -10.08 5.17 2.21
N SER A 98 -10.53 4.47 1.18
CA SER A 98 -11.30 5.17 0.09
C SER A 98 -12.72 5.51 0.58
N SER A 99 -13.34 4.64 1.35
CA SER A 99 -14.72 4.93 1.86
C SER A 99 -14.68 5.16 3.38
N LYS A 100 -15.74 5.72 3.94
CA LYS A 100 -15.75 5.97 5.42
C LYS A 100 -16.96 5.28 6.07
N ALA A 101 -17.06 5.31 7.38
CA ALA A 101 -18.22 4.65 8.06
C ALA A 101 -18.82 5.60 9.10
N ALA A 102 -19.65 5.09 10.00
CA ALA A 102 -20.26 5.97 11.04
C ALA A 102 -19.79 5.54 12.44
N GLY A 103 -20.00 6.36 13.45
CA GLY A 103 -19.55 5.98 14.83
C GLY A 103 -20.55 4.98 15.43
N THR A 104 -20.07 3.95 16.11
CA THR A 104 -21.00 2.95 16.71
C THR A 104 -20.48 2.51 18.09
N PRO A 105 -21.40 2.21 18.99
CA PRO A 105 -20.99 1.79 20.35
C PRO A 105 -20.43 0.36 20.32
N LYS A 106 -19.16 0.18 20.00
CA LYS A 106 -18.56 -1.18 19.94
C LYS A 106 -19.39 -2.12 19.05
N LYS A 107 -19.14 -2.12 17.75
CA LYS A 107 -19.92 -3.01 16.84
C LYS A 107 -18.98 -3.73 15.87
N LYS A 108 -17.90 -4.31 16.37
CA LYS A 108 -16.95 -5.03 15.47
C LYS A 108 -16.80 -6.49 15.92
N ALA A 109 -17.61 -7.39 15.38
CA ALA A 109 -17.49 -8.83 15.78
C ALA A 109 -17.08 -9.69 14.58
N VAL A 110 -16.61 -10.90 14.81
CA VAL A 110 -16.21 -11.77 13.66
C VAL A 110 -16.84 -13.17 13.82
N VAL A 111 -17.17 -13.82 12.72
CA VAL A 111 -17.78 -15.18 12.82
C VAL A 111 -16.87 -16.22 12.15
N GLN A 112 -16.77 -17.42 12.69
CA GLN A 112 -15.89 -18.45 12.07
C GLN A 112 -16.73 -19.65 11.61
N ALA A 113 -16.66 -20.01 10.34
CA ALA A 113 -17.46 -21.17 9.84
C ALA A 113 -16.52 -22.27 9.30
N LYS A 114 -16.84 -23.53 9.55
CA LYS A 114 -15.96 -24.63 9.04
C LYS A 114 -16.71 -25.48 8.01
N LEU A 115 -16.44 -25.30 6.74
CA LEU A 115 -17.15 -26.10 5.69
C LEU A 115 -16.13 -26.91 4.87
N THR A 116 -16.24 -28.22 4.86
CA THR A 116 -15.27 -29.05 4.07
C THR A 116 -16.03 -29.98 3.12
N THR A 117 -15.75 -29.93 1.84
CA THR A 117 -16.47 -30.82 0.88
C THR A 117 -15.49 -31.35 -0.18
N MET A 1 2.79 10.65 -16.40
CA MET A 1 4.04 10.24 -17.10
C MET A 1 5.15 9.95 -16.06
N ALA A 2 4.97 8.95 -15.23
CA ALA A 2 6.01 8.63 -14.21
C ALA A 2 6.50 7.18 -14.40
N GLU A 3 7.34 6.69 -13.50
CA GLU A 3 7.84 5.29 -13.64
C GLU A 3 8.07 4.65 -12.27
N GLN A 4 7.03 4.10 -11.65
CA GLN A 4 7.21 3.48 -10.31
C GLN A 4 6.69 2.03 -10.32
N ARG A 5 7.36 1.12 -9.65
CA ARG A 5 6.89 -0.30 -9.64
C ARG A 5 6.58 -0.75 -8.20
N PHE A 6 5.52 -1.50 -7.99
CA PHE A 6 5.18 -1.95 -6.61
C PHE A 6 5.17 -3.49 -6.54
N CYS A 7 5.40 -4.06 -5.38
CA CYS A 7 5.39 -5.55 -5.26
C CYS A 7 4.79 -5.98 -3.92
N VAL A 8 3.91 -6.95 -3.90
CA VAL A 8 3.30 -7.41 -2.61
C VAL A 8 3.96 -8.72 -2.15
N ASP A 9 4.82 -8.67 -1.15
CA ASP A 9 5.49 -9.92 -0.70
C ASP A 9 5.12 -10.24 0.76
N TYR A 10 5.28 -11.48 1.16
CA TYR A 10 4.94 -11.87 2.57
C TYR A 10 6.23 -12.10 3.36
N ALA A 11 6.23 -11.83 4.66
CA ALA A 11 7.47 -12.05 5.47
C ALA A 11 7.62 -13.54 5.80
N LYS A 12 8.74 -14.14 5.45
CA LYS A 12 8.93 -15.60 5.75
C LYS A 12 10.42 -15.91 5.97
N ARG A 13 11.16 -15.05 6.63
CA ARG A 13 12.60 -15.31 6.85
C ARG A 13 12.98 -14.95 8.31
N GLY A 14 12.92 -13.69 8.67
CA GLY A 14 13.28 -13.29 10.07
C GLY A 14 12.54 -11.99 10.46
N THR A 15 13.22 -11.08 11.12
CA THR A 15 12.55 -9.80 11.53
C THR A 15 13.33 -8.60 10.95
N ALA A 16 12.71 -7.83 10.07
CA ALA A 16 13.43 -6.66 9.48
C ALA A 16 12.65 -5.36 9.74
N GLY A 17 13.33 -4.31 10.16
CA GLY A 17 12.63 -3.01 10.42
C GLY A 17 11.92 -2.58 9.14
N CYS A 18 10.61 -2.37 9.18
CA CYS A 18 9.90 -1.99 7.92
C CYS A 18 10.37 -0.63 7.41
N LYS A 19 10.74 -0.55 6.14
CA LYS A 19 11.22 0.76 5.57
C LYS A 19 10.01 1.67 5.34
N LYS A 20 10.21 2.98 5.31
CA LYS A 20 9.05 3.93 5.12
C LYS A 20 8.07 3.90 6.31
N CYS A 21 8.45 3.33 7.45
CA CYS A 21 7.52 3.33 8.63
C CYS A 21 8.24 2.74 9.88
N LYS A 22 7.84 3.15 11.07
CA LYS A 22 8.54 2.64 12.32
C LYS A 22 7.91 1.32 12.82
N GLU A 23 8.41 0.20 12.36
CA GLU A 23 7.87 -1.12 12.82
C GLU A 23 8.81 -2.28 12.40
N LYS A 24 8.42 -3.51 12.63
CA LYS A 24 9.30 -4.67 12.23
C LYS A 24 8.52 -5.64 11.34
N ILE A 25 9.20 -6.39 10.50
CA ILE A 25 8.49 -7.36 9.61
C ILE A 25 8.78 -8.80 10.06
N VAL A 26 7.85 -9.44 10.73
CA VAL A 26 8.09 -10.85 11.19
C VAL A 26 7.19 -11.82 10.41
N LYS A 27 7.50 -13.10 10.43
CA LYS A 27 6.66 -14.11 9.68
C LYS A 27 5.17 -13.93 10.00
N GLY A 28 4.30 -14.00 9.01
CA GLY A 28 2.84 -13.83 9.26
C GLY A 28 2.36 -12.41 8.89
N VAL A 29 3.18 -11.58 8.29
CA VAL A 29 2.72 -10.19 7.92
C VAL A 29 2.96 -9.91 6.43
N CYS A 30 2.01 -9.30 5.75
CA CYS A 30 2.21 -8.99 4.30
C CYS A 30 2.77 -7.57 4.14
N ARG A 31 3.71 -7.37 3.25
CA ARG A 31 4.29 -6.00 3.06
C ARG A 31 4.41 -5.67 1.56
N ILE A 32 4.26 -4.41 1.20
CA ILE A 32 4.37 -4.03 -0.24
C ILE A 32 5.70 -3.31 -0.49
N GLY A 33 6.52 -3.80 -1.41
CA GLY A 33 7.81 -3.13 -1.67
C GLY A 33 7.70 -2.33 -2.98
N LYS A 34 8.23 -1.12 -3.01
CA LYS A 34 8.14 -0.31 -4.27
C LYS A 34 9.53 -0.24 -4.93
N VAL A 35 9.65 -0.64 -6.18
CA VAL A 35 10.99 -0.60 -6.84
C VAL A 35 11.10 0.64 -7.74
N VAL A 36 11.98 1.57 -7.41
CA VAL A 36 12.13 2.80 -8.26
C VAL A 36 13.58 2.92 -8.76
N PRO A 37 13.74 3.30 -10.03
CA PRO A 37 15.11 3.44 -10.59
C PRO A 37 15.76 4.73 -10.10
N ASN A 38 17.07 4.77 -9.99
CA ASN A 38 17.76 6.01 -9.52
C ASN A 38 18.38 6.76 -10.71
N PRO A 39 18.69 8.03 -10.51
CA PRO A 39 19.30 8.83 -11.60
C PRO A 39 20.75 8.38 -11.86
N PHE A 40 21.52 8.16 -10.81
CA PHE A 40 22.93 7.71 -11.00
C PHE A 40 23.19 6.42 -10.23
N SER A 41 23.15 5.28 -10.89
CA SER A 41 23.40 3.99 -10.17
C SER A 41 24.25 3.05 -11.04
N GLU A 42 25.36 2.57 -10.53
CA GLU A 42 26.21 1.65 -11.35
C GLU A 42 26.01 0.19 -10.89
N SER A 43 26.18 -0.09 -9.62
CA SER A 43 25.99 -1.50 -9.13
C SER A 43 24.52 -1.72 -8.72
N GLY A 44 23.91 -0.75 -8.06
CA GLY A 44 22.49 -0.92 -7.65
C GLY A 44 21.56 -0.63 -8.84
N GLY A 45 20.84 0.48 -8.82
CA GLY A 45 19.93 0.80 -9.96
C GLY A 45 18.50 1.00 -9.43
N ASP A 46 17.90 -0.03 -8.88
CA ASP A 46 16.51 0.12 -8.35
C ASP A 46 16.50 -0.09 -6.83
N MET A 47 15.68 0.65 -6.11
CA MET A 47 15.64 0.49 -4.62
C MET A 47 14.26 -0.01 -4.18
N LYS A 48 14.22 -0.92 -3.23
CA LYS A 48 12.90 -1.44 -2.75
C LYS A 48 12.82 -1.38 -1.22
N GLU A 49 11.76 -0.84 -0.67
CA GLU A 49 11.64 -0.75 0.81
C GLU A 49 10.47 -1.63 1.30
N TRP A 50 10.63 -2.34 2.39
CA TRP A 50 9.50 -3.21 2.89
C TRP A 50 8.66 -2.47 3.93
N TYR A 51 7.43 -2.15 3.62
CA TYR A 51 6.57 -1.48 4.66
C TYR A 51 5.30 -2.30 4.87
N HIS A 52 4.52 -1.97 5.87
CA HIS A 52 3.26 -2.75 6.13
C HIS A 52 2.10 -2.16 5.34
N ILE A 53 0.89 -2.65 5.55
CA ILE A 53 -0.28 -2.08 4.82
C ILE A 53 -0.74 -0.83 5.58
N LYS A 54 -1.03 -0.97 6.86
CA LYS A 54 -1.46 0.24 7.65
C LYS A 54 -0.34 1.30 7.62
N CYS A 55 0.91 0.88 7.67
CA CYS A 55 2.03 1.89 7.63
C CYS A 55 1.95 2.66 6.31
N MET A 56 1.87 1.97 5.19
CA MET A 56 1.79 2.68 3.87
C MET A 56 0.43 3.38 3.76
N PHE A 57 -0.65 2.70 4.11
CA PHE A 57 -1.99 3.36 4.03
C PHE A 57 -2.05 4.55 5.01
N GLU A 58 -1.32 4.50 6.11
CA GLU A 58 -1.35 5.68 7.06
C GLU A 58 -0.79 6.91 6.34
N LYS A 59 0.27 6.76 5.58
CA LYS A 59 0.83 7.95 4.83
C LYS A 59 -0.19 8.41 3.79
N LEU A 60 -0.84 7.48 3.11
CA LEU A 60 -1.87 7.89 2.08
C LEU A 60 -2.93 8.79 2.75
N GLU A 61 -3.35 8.44 3.96
CA GLU A 61 -4.37 9.30 4.67
C GLU A 61 -3.81 10.73 4.83
N ARG A 62 -2.52 10.86 5.06
CA ARG A 62 -1.91 12.23 5.20
C ARG A 62 -1.11 12.60 3.94
N ALA A 63 -1.51 12.13 2.77
CA ALA A 63 -0.75 12.47 1.52
C ALA A 63 -1.61 13.39 0.63
N ARG A 64 -1.02 13.98 -0.39
CA ARG A 64 -1.82 14.90 -1.29
C ARG A 64 -2.94 14.10 -1.98
N ALA A 65 -4.03 14.75 -2.36
CA ALA A 65 -5.13 14.01 -3.06
C ALA A 65 -4.89 13.94 -4.57
N THR A 66 -4.30 14.98 -5.16
CA THR A 66 -4.05 14.95 -6.65
C THR A 66 -3.33 13.65 -7.07
N THR A 67 -2.43 13.14 -6.25
CA THR A 67 -1.71 11.87 -6.61
C THR A 67 -2.16 10.72 -5.70
N LYS A 68 -2.47 9.57 -6.26
CA LYS A 68 -2.91 8.42 -5.42
C LYS A 68 -1.93 7.26 -5.56
N LYS A 69 -1.69 6.50 -4.51
CA LYS A 69 -0.74 5.36 -4.60
C LYS A 69 -1.48 4.03 -4.42
N ILE A 70 -1.17 3.01 -5.22
CA ILE A 70 -1.86 1.70 -5.10
C ILE A 70 -3.39 1.87 -5.18
N GLU A 71 -3.98 1.63 -6.33
CA GLU A 71 -5.46 1.77 -6.46
C GLU A 71 -6.09 0.36 -6.56
N ASP A 72 -7.21 0.13 -5.90
CA ASP A 72 -7.87 -1.22 -5.96
C ASP A 72 -6.87 -2.30 -5.54
N LEU A 73 -7.14 -3.57 -5.82
CA LEU A 73 -6.19 -4.64 -5.43
C LEU A 73 -5.62 -5.34 -6.68
N THR A 74 -4.77 -4.66 -7.42
CA THR A 74 -4.17 -5.30 -8.65
C THR A 74 -3.05 -4.41 -9.22
N GLU A 75 -2.62 -4.63 -10.46
CA GLU A 75 -1.52 -3.80 -11.04
C GLU A 75 -0.28 -3.84 -10.14
N LEU A 76 0.01 -4.98 -9.54
CA LEU A 76 1.19 -5.08 -8.64
C LEU A 76 1.82 -6.48 -8.77
N GLU A 77 3.12 -6.62 -8.55
CA GLU A 77 3.74 -7.97 -8.65
C GLU A 77 3.80 -8.64 -7.27
N GLY A 78 2.85 -9.49 -6.96
CA GLY A 78 2.88 -10.17 -5.63
C GLY A 78 1.45 -10.50 -5.14
N TRP A 79 0.48 -9.64 -5.42
CA TRP A 79 -0.92 -9.95 -4.94
C TRP A 79 -1.38 -11.32 -5.48
N GLU A 80 -0.98 -11.71 -6.67
CA GLU A 80 -1.41 -13.06 -7.20
C GLU A 80 -0.84 -14.17 -6.30
N GLU A 81 0.42 -14.06 -5.92
CA GLU A 81 1.02 -15.12 -5.03
C GLU A 81 0.24 -15.20 -3.70
N LEU A 82 -0.16 -14.07 -3.15
CA LEU A 82 -0.94 -14.07 -1.85
C LEU A 82 -2.12 -15.07 -1.92
N GLU A 83 -2.81 -15.29 -0.82
CA GLU A 83 -3.96 -16.26 -0.85
C GLU A 83 -5.29 -15.50 -0.93
N ASP A 84 -6.36 -16.17 -1.34
CA ASP A 84 -7.69 -15.45 -1.44
C ASP A 84 -8.07 -14.81 -0.10
N ASN A 85 -7.76 -15.44 1.02
CA ASN A 85 -8.12 -14.83 2.34
C ASN A 85 -7.24 -13.60 2.59
N GLU A 86 -5.96 -13.69 2.31
CA GLU A 86 -5.07 -12.49 2.51
C GLU A 86 -5.40 -11.44 1.44
N LYS A 87 -5.67 -11.86 0.22
CA LYS A 87 -6.02 -10.87 -0.86
C LYS A 87 -7.31 -10.14 -0.49
N GLU A 88 -8.28 -10.81 0.12
CA GLU A 88 -9.55 -10.11 0.51
C GLU A 88 -9.25 -9.05 1.58
N GLN A 89 -8.39 -9.35 2.54
CA GLN A 89 -8.08 -8.34 3.62
C GLN A 89 -7.42 -7.09 3.00
N ILE A 90 -6.61 -7.25 1.98
CA ILE A 90 -5.95 -6.04 1.35
C ILE A 90 -7.02 -5.19 0.64
N THR A 91 -8.01 -5.81 0.02
CA THR A 91 -9.07 -4.98 -0.66
C THR A 91 -9.80 -4.11 0.39
N GLN A 92 -10.04 -4.64 1.57
CA GLN A 92 -10.74 -3.82 2.63
C GLN A 92 -9.93 -2.53 2.90
N HIS A 93 -8.61 -2.61 2.90
CA HIS A 93 -7.78 -1.37 3.16
C HIS A 93 -8.18 -0.26 2.17
N ILE A 94 -8.27 -0.57 0.89
CA ILE A 94 -8.66 0.49 -0.10
C ILE A 94 -10.11 0.93 0.18
N ALA A 95 -10.99 0.00 0.52
CA ALA A 95 -12.41 0.40 0.80
C ALA A 95 -12.47 1.20 2.11
N ASP A 96 -11.69 0.82 3.11
CA ASP A 96 -11.71 1.60 4.40
C ASP A 96 -11.17 3.02 4.17
N LEU A 97 -10.16 3.17 3.32
CA LEU A 97 -9.60 4.54 3.06
C LEU A 97 -10.46 5.28 2.01
N SER A 98 -11.07 4.58 1.08
CA SER A 98 -11.91 5.28 0.05
C SER A 98 -13.41 5.16 0.42
N SER A 99 -13.80 5.58 1.60
CA SER A 99 -15.23 5.47 1.99
C SER A 99 -15.70 6.77 2.67
N LYS A 100 -15.95 7.81 1.90
CA LYS A 100 -16.39 9.10 2.52
C LYS A 100 -17.42 9.80 1.62
N ALA A 101 -17.06 10.11 0.39
CA ALA A 101 -18.02 10.79 -0.53
C ALA A 101 -17.82 10.32 -1.98
N ALA A 102 -17.56 9.04 -2.18
CA ALA A 102 -17.36 8.53 -3.57
C ALA A 102 -18.02 7.16 -3.74
N GLY A 103 -17.73 6.45 -4.82
CA GLY A 103 -18.35 5.12 -5.03
C GLY A 103 -19.24 5.16 -6.27
N THR A 104 -18.70 4.81 -7.44
CA THR A 104 -19.52 4.82 -8.70
C THR A 104 -20.33 6.13 -8.83
N PRO A 105 -19.74 7.12 -9.45
CA PRO A 105 -20.44 8.42 -9.62
C PRO A 105 -21.54 8.29 -10.70
N LYS A 106 -21.28 7.58 -11.78
CA LYS A 106 -22.31 7.44 -12.85
C LYS A 106 -22.43 5.97 -13.27
N LYS A 107 -23.29 5.66 -14.21
CA LYS A 107 -23.45 4.24 -14.66
C LYS A 107 -23.66 4.17 -16.17
N LYS A 108 -23.62 2.99 -16.76
CA LYS A 108 -23.83 2.89 -18.24
C LYS A 108 -24.66 1.64 -18.58
N ALA A 109 -25.97 1.74 -18.52
CA ALA A 109 -26.81 0.55 -18.84
C ALA A 109 -27.70 0.85 -20.07
N VAL A 110 -27.93 -0.14 -20.91
CA VAL A 110 -28.78 0.10 -22.12
C VAL A 110 -29.86 -0.99 -22.23
N VAL A 111 -31.04 -0.65 -22.73
CA VAL A 111 -32.12 -1.68 -22.86
C VAL A 111 -32.85 -1.51 -24.21
N GLN A 112 -33.27 -2.60 -24.82
CA GLN A 112 -33.98 -2.49 -26.13
C GLN A 112 -35.41 -3.04 -26.01
N ALA A 113 -36.40 -2.18 -25.97
CA ALA A 113 -37.81 -2.66 -25.85
C ALA A 113 -38.62 -2.26 -27.09
N LYS A 114 -39.50 -3.11 -27.57
CA LYS A 114 -40.30 -2.76 -28.78
C LYS A 114 -41.79 -2.69 -28.43
N LEU A 115 -42.33 -1.49 -28.25
CA LEU A 115 -43.78 -1.37 -27.90
C LEU A 115 -44.52 -0.61 -29.01
N THR A 116 -45.80 -0.89 -29.21
CA THR A 116 -46.55 -0.17 -30.28
C THR A 116 -47.93 0.26 -29.75
N THR A 117 -48.13 1.55 -29.55
CA THR A 117 -49.45 2.03 -29.04
C THR A 117 -49.99 3.16 -29.92
N MET A 1 14.01 6.45 -17.05
CA MET A 1 12.56 6.09 -17.01
C MET A 1 11.86 6.87 -15.88
N ALA A 2 10.57 7.12 -16.01
CA ALA A 2 9.85 7.86 -14.94
C ALA A 2 8.61 7.08 -14.49
N GLU A 3 8.75 5.80 -14.19
CA GLU A 3 7.57 4.99 -13.74
C GLU A 3 7.84 4.41 -12.34
N GLN A 4 6.81 3.99 -11.65
CA GLN A 4 7.01 3.40 -10.28
C GLN A 4 6.55 1.93 -10.26
N ARG A 5 7.29 1.07 -9.60
CA ARG A 5 6.88 -0.38 -9.54
C ARG A 5 6.60 -0.80 -8.10
N PHE A 6 5.44 -1.35 -7.83
CA PHE A 6 5.12 -1.77 -6.43
C PHE A 6 4.93 -3.30 -6.38
N CYS A 7 5.35 -3.94 -5.31
CA CYS A 7 5.18 -5.42 -5.20
C CYS A 7 4.80 -5.81 -3.77
N VAL A 8 3.87 -6.72 -3.59
CA VAL A 8 3.49 -7.12 -2.19
C VAL A 8 4.08 -8.49 -1.84
N ASP A 9 4.55 -8.65 -0.62
CA ASP A 9 5.16 -9.96 -0.22
C ASP A 9 4.79 -10.30 1.23
N TYR A 10 4.82 -11.57 1.58
CA TYR A 10 4.47 -11.97 2.98
C TYR A 10 5.74 -12.39 3.72
N ALA A 11 5.75 -12.27 5.04
CA ALA A 11 6.97 -12.67 5.81
C ALA A 11 6.97 -14.20 6.04
N LYS A 12 8.13 -14.84 5.97
CA LYS A 12 8.18 -16.31 6.18
C LYS A 12 9.47 -16.70 6.93
N ARG A 13 10.63 -16.39 6.37
CA ARG A 13 11.91 -16.73 7.06
C ARG A 13 12.81 -15.50 7.13
N GLY A 14 12.64 -14.66 8.14
CA GLY A 14 13.50 -13.45 8.26
C GLY A 14 12.65 -12.25 8.73
N THR A 15 13.26 -11.12 9.00
CA THR A 15 12.49 -9.94 9.46
C THR A 15 13.03 -8.65 8.82
N ALA A 16 12.17 -7.75 8.41
CA ALA A 16 12.66 -6.49 7.77
C ALA A 16 12.13 -5.26 8.53
N GLY A 17 12.86 -4.16 8.51
CA GLY A 17 12.40 -2.94 9.22
C GLY A 17 11.46 -2.13 8.31
N CYS A 18 10.23 -1.92 8.74
CA CYS A 18 9.27 -1.13 7.88
C CYS A 18 9.78 0.32 7.74
N LYS A 19 9.99 0.79 6.53
CA LYS A 19 10.47 2.22 6.36
C LYS A 19 9.41 3.17 6.92
N LYS A 20 9.78 4.31 7.47
CA LYS A 20 8.76 5.24 8.07
C LYS A 20 7.89 4.46 9.08
N CYS A 21 8.49 3.99 10.16
CA CYS A 21 7.69 3.17 11.14
C CYS A 21 8.49 2.85 12.43
N LYS A 22 9.75 2.46 12.31
CA LYS A 22 10.56 2.08 13.52
C LYS A 22 10.02 0.75 14.06
N GLU A 23 9.77 -0.20 13.18
CA GLU A 23 9.23 -1.51 13.61
C GLU A 23 9.83 -2.63 12.73
N LYS A 24 9.31 -3.83 12.79
CA LYS A 24 9.90 -4.95 11.98
C LYS A 24 8.78 -5.78 11.35
N ILE A 25 9.08 -6.48 10.27
CA ILE A 25 8.03 -7.31 9.60
C ILE A 25 8.35 -8.81 9.80
N VAL A 26 7.56 -9.51 10.59
CA VAL A 26 7.84 -10.97 10.81
C VAL A 26 6.77 -11.83 10.14
N LYS A 27 6.98 -13.13 10.07
CA LYS A 27 5.96 -14.04 9.40
C LYS A 27 4.53 -13.73 9.90
N GLY A 28 3.56 -13.72 9.01
CA GLY A 28 2.17 -13.42 9.44
C GLY A 28 1.75 -12.02 8.94
N VAL A 29 2.68 -11.13 8.66
CA VAL A 29 2.29 -9.76 8.18
C VAL A 29 2.75 -9.56 6.72
N CYS A 30 1.92 -8.97 5.89
CA CYS A 30 2.33 -8.77 4.45
C CYS A 30 3.00 -7.40 4.28
N ARG A 31 4.03 -7.32 3.45
CA ARG A 31 4.72 -6.00 3.25
C ARG A 31 4.81 -5.66 1.76
N ILE A 32 4.88 -4.39 1.42
CA ILE A 32 4.96 -4.01 -0.03
C ILE A 32 6.34 -3.41 -0.35
N GLY A 33 6.94 -3.78 -1.46
CA GLY A 33 8.26 -3.21 -1.83
C GLY A 33 8.06 -2.24 -2.99
N LYS A 34 8.58 -1.03 -2.89
CA LYS A 34 8.39 -0.05 -4.01
C LYS A 34 9.71 0.21 -4.73
N VAL A 35 9.81 -0.13 -6.00
CA VAL A 35 11.09 0.10 -6.74
C VAL A 35 10.91 1.24 -7.76
N VAL A 36 11.51 2.39 -7.52
CA VAL A 36 11.37 3.53 -8.47
C VAL A 36 12.76 3.94 -9.01
N PRO A 37 12.99 3.72 -10.29
CA PRO A 37 14.30 4.10 -10.87
C PRO A 37 14.40 5.62 -11.03
N ASN A 38 15.52 6.21 -10.63
CA ASN A 38 15.67 7.70 -10.76
C ASN A 38 16.57 8.04 -11.96
N PRO A 39 16.04 8.74 -12.94
CA PRO A 39 16.86 9.11 -14.13
C PRO A 39 17.88 10.19 -13.76
N PHE A 40 18.90 9.85 -12.99
CA PHE A 40 19.93 10.87 -12.61
C PHE A 40 21.30 10.20 -12.39
N SER A 41 21.39 9.24 -11.48
CA SER A 41 22.70 8.57 -11.24
C SER A 41 22.61 7.09 -11.66
N GLU A 42 23.73 6.46 -11.96
CA GLU A 42 23.69 5.01 -12.37
C GLU A 42 23.97 4.10 -11.16
N SER A 43 24.88 4.47 -10.28
CA SER A 43 25.17 3.60 -9.09
C SER A 43 23.89 3.37 -8.28
N GLY A 44 23.06 4.38 -8.12
CA GLY A 44 21.80 4.20 -7.34
C GLY A 44 20.79 3.40 -8.17
N GLY A 45 20.39 3.90 -9.32
CA GLY A 45 19.42 3.14 -10.17
C GLY A 45 18.03 3.18 -9.51
N ASP A 46 17.64 2.13 -8.82
CA ASP A 46 16.30 2.12 -8.16
C ASP A 46 16.41 1.63 -6.71
N MET A 47 15.59 2.13 -5.81
CA MET A 47 15.66 1.67 -4.39
C MET A 47 14.36 0.94 -4.00
N LYS A 48 14.46 -0.09 -3.19
CA LYS A 48 13.24 -0.84 -2.78
C LYS A 48 13.04 -0.76 -1.26
N GLU A 49 11.89 -0.28 -0.80
CA GLU A 49 11.66 -0.19 0.67
C GLU A 49 10.49 -1.10 1.07
N TRP A 50 10.61 -1.82 2.16
CA TRP A 50 9.48 -2.72 2.59
C TRP A 50 8.56 -1.98 3.57
N TYR A 51 7.26 -2.06 3.37
CA TYR A 51 6.32 -1.36 4.29
C TYR A 51 5.35 -2.35 4.95
N HIS A 52 4.52 -1.88 5.85
CA HIS A 52 3.52 -2.79 6.51
C HIS A 52 2.19 -2.65 5.76
N ILE A 53 1.12 -3.25 6.26
CA ILE A 53 -0.20 -3.10 5.54
C ILE A 53 -0.88 -1.80 6.00
N LYS A 54 -0.77 -1.42 7.26
CA LYS A 54 -1.41 -0.14 7.70
C LYS A 54 -0.44 1.06 7.53
N CYS A 55 0.86 0.85 7.57
CA CYS A 55 1.81 2.01 7.42
C CYS A 55 1.78 2.51 5.97
N MET A 56 1.85 1.63 5.00
CA MET A 56 1.85 2.10 3.57
C MET A 56 0.47 2.68 3.20
N PHE A 57 -0.60 2.09 3.68
CA PHE A 57 -1.95 2.65 3.35
C PHE A 57 -2.20 3.93 4.18
N GLU A 58 -1.65 4.02 5.38
CA GLU A 58 -1.86 5.27 6.19
C GLU A 58 -1.22 6.46 5.45
N LYS A 59 -0.10 6.26 4.79
CA LYS A 59 0.54 7.42 4.06
C LYS A 59 -0.44 7.95 2.99
N LEU A 60 -1.14 7.09 2.30
CA LEU A 60 -2.12 7.59 1.26
C LEU A 60 -3.19 8.45 1.94
N GLU A 61 -3.68 8.04 3.11
CA GLU A 61 -4.70 8.89 3.81
C GLU A 61 -4.13 10.31 4.05
N ARG A 62 -2.84 10.42 4.28
CA ARG A 62 -2.23 11.78 4.49
C ARG A 62 -1.50 12.24 3.21
N ALA A 63 -1.93 11.82 2.03
CA ALA A 63 -1.25 12.25 0.78
C ALA A 63 -2.18 13.17 -0.04
N ARG A 64 -1.67 13.82 -1.07
CA ARG A 64 -2.56 14.72 -1.88
C ARG A 64 -3.24 13.92 -3.00
N ALA A 65 -4.46 14.28 -3.37
CA ALA A 65 -5.17 13.51 -4.46
C ALA A 65 -4.36 13.55 -5.78
N THR A 66 -3.66 14.65 -6.05
CA THR A 66 -2.87 14.73 -7.33
C THR A 66 -1.95 13.49 -7.50
N THR A 67 -1.41 12.96 -6.42
CA THR A 67 -0.53 11.75 -6.54
C THR A 67 -1.20 10.54 -5.86
N LYS A 68 -1.42 9.48 -6.60
CA LYS A 68 -2.06 8.27 -5.99
C LYS A 68 -1.11 7.07 -6.07
N LYS A 69 -1.12 6.21 -5.07
CA LYS A 69 -0.21 5.02 -5.10
C LYS A 69 -1.00 3.72 -4.94
N ILE A 70 -0.66 2.68 -5.67
CA ILE A 70 -1.40 1.37 -5.56
C ILE A 70 -2.92 1.58 -5.78
N GLU A 71 -3.42 1.27 -6.96
CA GLU A 71 -4.89 1.44 -7.21
C GLU A 71 -5.56 0.06 -7.34
N ASP A 72 -6.78 -0.08 -6.86
CA ASP A 72 -7.48 -1.40 -6.96
C ASP A 72 -6.61 -2.53 -6.37
N LEU A 73 -6.99 -3.77 -6.55
CA LEU A 73 -6.17 -4.90 -6.00
C LEU A 73 -5.53 -5.70 -7.15
N THR A 74 -5.00 -5.03 -8.14
CA THR A 74 -4.37 -5.76 -9.28
C THR A 74 -3.24 -4.91 -9.90
N GLU A 75 -2.72 -5.29 -11.06
CA GLU A 75 -1.60 -4.49 -11.68
C GLU A 75 -0.44 -4.35 -10.69
N LEU A 76 -0.15 -5.38 -9.92
CA LEU A 76 0.96 -5.31 -8.94
C LEU A 76 1.67 -6.68 -8.85
N GLU A 77 2.94 -6.72 -8.54
CA GLU A 77 3.64 -8.05 -8.46
C GLU A 77 3.63 -8.55 -7.00
N GLY A 78 2.80 -9.53 -6.69
CA GLY A 78 2.77 -10.06 -5.29
C GLY A 78 1.37 -10.58 -4.93
N TRP A 79 0.33 -9.83 -5.25
CA TRP A 79 -1.06 -10.33 -4.88
C TRP A 79 -1.34 -11.69 -5.54
N GLU A 80 -0.85 -11.94 -6.74
CA GLU A 80 -1.11 -13.27 -7.40
C GLU A 80 -0.63 -14.42 -6.51
N GLU A 81 0.45 -14.23 -5.75
CA GLU A 81 0.94 -15.35 -4.87
C GLU A 81 0.18 -15.36 -3.54
N LEU A 82 -0.19 -14.20 -3.01
CA LEU A 82 -0.94 -14.17 -1.69
C LEU A 82 -2.13 -15.15 -1.70
N GLU A 83 -2.81 -15.31 -0.59
CA GLU A 83 -3.98 -16.25 -0.56
C GLU A 83 -5.31 -15.47 -0.64
N ASP A 84 -6.40 -16.12 -1.00
CA ASP A 84 -7.71 -15.39 -1.10
C ASP A 84 -8.06 -14.73 0.24
N ASN A 85 -7.92 -15.46 1.34
CA ASN A 85 -8.26 -14.84 2.67
C ASN A 85 -7.35 -13.64 2.93
N GLU A 86 -6.06 -13.81 2.81
CA GLU A 86 -5.12 -12.64 3.03
C GLU A 86 -5.41 -11.57 1.97
N LYS A 87 -5.67 -11.97 0.73
CA LYS A 87 -5.97 -10.95 -0.34
C LYS A 87 -7.21 -10.14 0.05
N GLU A 88 -8.21 -10.76 0.63
CA GLU A 88 -9.45 -10.00 1.04
C GLU A 88 -9.06 -8.90 2.05
N GLN A 89 -8.16 -9.18 2.97
CA GLN A 89 -7.77 -8.12 3.97
C GLN A 89 -7.19 -6.90 3.25
N ILE A 90 -6.38 -7.11 2.23
CA ILE A 90 -5.80 -5.93 1.48
C ILE A 90 -6.94 -5.11 0.85
N THR A 91 -7.95 -5.76 0.30
CA THR A 91 -9.08 -4.98 -0.32
C THR A 91 -9.72 -4.06 0.73
N GLN A 92 -9.87 -4.52 1.95
CA GLN A 92 -10.48 -3.63 3.01
C GLN A 92 -9.64 -2.35 3.16
N HIS A 93 -8.32 -2.47 3.10
CA HIS A 93 -7.47 -1.23 3.24
C HIS A 93 -7.80 -0.24 2.12
N ILE A 94 -7.80 -0.66 0.88
CA ILE A 94 -8.13 0.29 -0.24
C ILE A 94 -9.58 0.77 -0.07
N ALA A 95 -10.49 -0.09 0.34
CA ALA A 95 -11.91 0.37 0.53
C ALA A 95 -11.97 1.40 1.66
N ASP A 96 -11.22 1.21 2.72
CA ASP A 96 -11.23 2.22 3.83
C ASP A 96 -10.48 3.48 3.38
N LEU A 97 -9.37 3.32 2.67
CA LEU A 97 -8.61 4.53 2.18
C LEU A 97 -9.43 5.29 1.12
N SER A 98 -10.22 4.60 0.31
CA SER A 98 -11.03 5.31 -0.74
C SER A 98 -12.42 5.66 -0.18
N SER A 99 -13.04 4.75 0.55
CA SER A 99 -14.40 5.03 1.11
C SER A 99 -14.41 4.77 2.62
N LYS A 100 -15.43 5.21 3.32
CA LYS A 100 -15.49 4.97 4.80
C LYS A 100 -16.92 4.60 5.22
N ALA A 101 -17.15 3.35 5.60
CA ALA A 101 -18.53 2.94 6.03
C ALA A 101 -18.51 2.47 7.49
N ALA A 102 -19.65 2.43 8.14
CA ALA A 102 -19.69 1.97 9.56
C ALA A 102 -20.91 1.05 9.80
N GLY A 103 -20.77 0.04 10.63
CA GLY A 103 -21.92 -0.87 10.89
C GLY A 103 -22.15 -0.98 12.41
N THR A 104 -22.81 -2.03 12.86
CA THR A 104 -23.06 -2.18 14.33
C THR A 104 -22.54 -3.55 14.81
N PRO A 105 -22.10 -3.60 16.05
CA PRO A 105 -21.59 -4.88 16.61
C PRO A 105 -22.74 -5.86 16.87
N LYS A 106 -23.84 -5.40 17.42
CA LYS A 106 -25.00 -6.31 17.68
C LYS A 106 -26.32 -5.62 17.37
N LYS A 107 -27.42 -6.34 17.36
CA LYS A 107 -28.73 -5.71 17.05
C LYS A 107 -29.67 -5.82 18.26
N LYS A 108 -30.04 -7.02 18.66
CA LYS A 108 -30.95 -7.17 19.83
C LYS A 108 -30.24 -7.94 20.96
N ALA A 109 -29.31 -7.31 21.65
CA ALA A 109 -28.58 -8.01 22.75
C ALA A 109 -28.80 -7.28 24.08
N VAL A 110 -28.46 -7.89 25.19
CA VAL A 110 -28.65 -7.21 26.51
C VAL A 110 -27.29 -6.92 27.17
N VAL A 111 -27.09 -5.72 27.66
CA VAL A 111 -25.79 -5.38 28.30
C VAL A 111 -26.02 -4.61 29.61
N GLN A 112 -25.21 -4.84 30.63
CA GLN A 112 -25.39 -4.12 31.92
C GLN A 112 -24.16 -3.29 32.25
N ALA A 113 -24.31 -2.00 32.51
CA ALA A 113 -23.12 -1.15 32.84
C ALA A 113 -23.25 -0.59 34.27
N LYS A 114 -22.55 -1.17 35.22
CA LYS A 114 -22.65 -0.66 36.62
C LYS A 114 -21.29 -0.14 37.10
N LEU A 115 -21.25 0.98 37.77
CA LEU A 115 -19.94 1.53 38.25
C LEU A 115 -19.94 1.65 39.78
N THR A 116 -18.79 1.60 40.41
CA THR A 116 -18.75 1.70 41.90
C THR A 116 -17.99 2.98 42.31
N THR A 117 -18.51 3.72 43.28
CA THR A 117 -17.81 4.97 43.72
C THR A 117 -17.75 5.03 45.24
N MET A 1 -0.66 4.44 -18.17
CA MET A 1 -0.73 4.46 -16.68
C MET A 1 0.42 3.60 -16.10
N ALA A 2 1.63 4.13 -16.06
CA ALA A 2 2.77 3.34 -15.50
C ALA A 2 3.73 4.27 -14.74
N GLU A 3 3.55 4.43 -13.45
CA GLU A 3 4.46 5.32 -12.66
C GLU A 3 5.02 4.57 -11.45
N GLN A 4 6.33 4.55 -11.28
CA GLN A 4 6.95 3.82 -10.12
C GLN A 4 6.54 2.34 -10.12
N ARG A 5 7.23 1.50 -9.38
CA ARG A 5 6.88 0.05 -9.35
C ARG A 5 6.60 -0.40 -7.91
N PHE A 6 5.50 -1.08 -7.67
CA PHE A 6 5.18 -1.54 -6.28
C PHE A 6 4.95 -3.05 -6.27
N CYS A 7 5.49 -3.76 -5.29
CA CYS A 7 5.28 -5.24 -5.23
C CYS A 7 4.72 -5.62 -3.85
N VAL A 8 3.91 -6.65 -3.76
CA VAL A 8 3.37 -7.04 -2.42
C VAL A 8 3.86 -8.44 -2.02
N ASP A 9 4.21 -8.64 -0.76
CA ASP A 9 4.70 -9.98 -0.32
C ASP A 9 4.29 -10.24 1.13
N TYR A 10 4.34 -11.49 1.56
CA TYR A 10 3.95 -11.80 2.98
C TYR A 10 5.20 -12.23 3.78
N ALA A 11 5.30 -11.82 5.03
CA ALA A 11 6.51 -12.21 5.83
C ALA A 11 6.55 -13.74 6.00
N LYS A 12 7.70 -14.36 5.78
CA LYS A 12 7.78 -15.84 5.94
C LYS A 12 9.11 -16.24 6.60
N ARG A 13 10.23 -16.01 5.94
CA ARG A 13 11.55 -16.39 6.54
C ARG A 13 12.45 -15.14 6.65
N GLY A 14 12.32 -14.37 7.71
CA GLY A 14 13.18 -13.16 7.86
C GLY A 14 12.29 -11.93 8.12
N THR A 15 12.85 -10.88 8.68
CA THR A 15 12.03 -9.65 8.95
C THR A 15 12.77 -8.41 8.46
N ALA A 16 12.05 -7.38 8.04
CA ALA A 16 12.73 -6.14 7.55
C ALA A 16 12.19 -4.91 8.29
N GLY A 17 13.03 -3.91 8.52
CA GLY A 17 12.57 -2.70 9.23
C GLY A 17 11.64 -1.89 8.32
N CYS A 18 10.40 -1.70 8.71
CA CYS A 18 9.44 -0.91 7.84
C CYS A 18 9.94 0.54 7.71
N LYS A 19 10.16 1.02 6.49
CA LYS A 19 10.63 2.46 6.34
C LYS A 19 9.56 3.39 6.91
N LYS A 20 9.94 4.53 7.47
CA LYS A 20 8.91 5.45 8.07
C LYS A 20 8.05 4.66 9.07
N CYS A 21 8.64 4.17 10.14
CA CYS A 21 7.85 3.34 11.12
C CYS A 21 8.66 3.00 12.40
N LYS A 22 9.92 2.62 12.28
CA LYS A 22 10.73 2.22 13.48
C LYS A 22 10.16 0.89 14.01
N GLU A 23 9.88 -0.03 13.12
CA GLU A 23 9.31 -1.35 13.53
C GLU A 23 9.89 -2.47 12.63
N LYS A 24 9.35 -3.66 12.68
CA LYS A 24 9.90 -4.76 11.83
C LYS A 24 8.75 -5.61 11.26
N ILE A 25 9.01 -6.33 10.19
CA ILE A 25 7.92 -7.17 9.59
C ILE A 25 8.15 -8.64 9.98
N VAL A 26 7.23 -9.24 10.70
CA VAL A 26 7.41 -10.68 11.10
C VAL A 26 6.45 -11.58 10.31
N LYS A 27 6.75 -12.87 10.24
CA LYS A 27 5.86 -13.82 9.47
C LYS A 27 4.38 -13.62 9.84
N GLY A 28 3.53 -13.31 8.87
CA GLY A 28 2.10 -13.11 9.18
C GLY A 28 1.60 -11.75 8.65
N VAL A 29 2.48 -10.76 8.50
CA VAL A 29 2.01 -9.43 8.00
C VAL A 29 2.42 -9.23 6.53
N CYS A 30 1.54 -8.71 5.71
CA CYS A 30 1.90 -8.50 4.27
C CYS A 30 2.72 -7.21 4.12
N ARG A 31 3.80 -7.24 3.36
CA ARG A 31 4.63 -6.01 3.20
C ARG A 31 4.75 -5.63 1.71
N ILE A 32 4.87 -4.36 1.40
CA ILE A 32 4.97 -3.95 -0.04
C ILE A 32 6.40 -3.48 -0.36
N GLY A 33 6.91 -3.84 -1.53
CA GLY A 33 8.28 -3.40 -1.91
C GLY A 33 8.16 -2.32 -3.00
N LYS A 34 8.69 -1.13 -2.77
CA LYS A 34 8.59 -0.06 -3.81
C LYS A 34 9.94 0.13 -4.51
N VAL A 35 9.99 -0.05 -5.81
CA VAL A 35 11.31 0.13 -6.53
C VAL A 35 11.32 1.47 -7.28
N VAL A 36 12.06 2.44 -6.80
CA VAL A 36 12.12 3.75 -7.50
C VAL A 36 13.57 4.09 -7.88
N PRO A 37 13.77 4.62 -9.07
CA PRO A 37 15.15 4.96 -9.50
C PRO A 37 15.63 6.23 -8.78
N ASN A 38 16.83 6.21 -8.22
CA ASN A 38 17.34 7.42 -7.51
C ASN A 38 18.37 8.16 -8.39
N PRO A 39 18.50 9.45 -8.15
CA PRO A 39 19.47 10.25 -8.95
C PRO A 39 20.91 9.91 -8.53
N PHE A 40 21.17 9.74 -7.25
CA PHE A 40 22.55 9.40 -6.81
C PHE A 40 22.58 8.00 -6.18
N SER A 41 23.15 7.03 -6.87
CA SER A 41 23.21 5.65 -6.32
C SER A 41 24.64 5.11 -6.36
N GLU A 42 24.97 4.14 -5.52
CA GLU A 42 26.36 3.58 -5.55
C GLU A 42 26.42 2.30 -6.41
N SER A 43 25.41 1.47 -6.35
CA SER A 43 25.44 0.22 -7.19
C SER A 43 24.84 0.50 -8.58
N GLY A 44 23.77 1.28 -8.64
CA GLY A 44 23.16 1.60 -9.97
C GLY A 44 21.85 0.82 -10.12
N GLY A 45 20.72 1.51 -10.14
CA GLY A 45 19.42 0.79 -10.29
C GLY A 45 18.35 1.46 -9.40
N ASP A 46 17.40 0.69 -8.89
CA ASP A 46 16.36 1.28 -8.02
C ASP A 46 16.43 0.68 -6.60
N MET A 47 15.91 1.37 -5.61
CA MET A 47 15.96 0.82 -4.22
C MET A 47 14.60 0.22 -3.84
N LYS A 48 14.59 -0.85 -3.07
CA LYS A 48 13.29 -1.48 -2.68
C LYS A 48 13.10 -1.41 -1.16
N GLU A 49 12.02 -0.82 -0.69
CA GLU A 49 11.78 -0.74 0.78
C GLU A 49 10.53 -1.53 1.16
N TRP A 50 10.55 -2.25 2.26
CA TRP A 50 9.33 -3.04 2.66
C TRP A 50 8.50 -2.26 3.69
N TYR A 51 7.22 -2.10 3.44
CA TYR A 51 6.36 -1.34 4.40
C TYR A 51 5.29 -2.26 5.01
N HIS A 52 4.54 -1.75 5.95
CA HIS A 52 3.44 -2.57 6.57
C HIS A 52 2.15 -2.31 5.76
N ILE A 53 1.01 -2.79 6.21
CA ILE A 53 -0.24 -2.52 5.42
C ILE A 53 -0.80 -1.13 5.79
N LYS A 54 -0.76 -0.76 7.05
CA LYS A 54 -1.29 0.61 7.43
C LYS A 54 -0.22 1.69 7.23
N CYS A 55 1.05 1.38 7.43
CA CYS A 55 2.10 2.44 7.26
C CYS A 55 2.12 2.93 5.80
N MET A 56 2.22 2.05 4.85
CA MET A 56 2.25 2.51 3.41
C MET A 56 0.90 3.12 3.03
N PHE A 57 -0.19 2.53 3.46
CA PHE A 57 -1.52 3.12 3.12
C PHE A 57 -1.73 4.42 3.90
N GLU A 58 -1.16 4.56 5.09
CA GLU A 58 -1.32 5.84 5.85
C GLU A 58 -0.72 7.00 5.04
N LYS A 59 0.38 6.78 4.35
CA LYS A 59 0.99 7.90 3.54
C LYS A 59 -0.03 8.41 2.50
N LEU A 60 -0.75 7.51 1.86
CA LEU A 60 -1.77 7.96 0.85
C LEU A 60 -2.84 8.81 1.56
N GLU A 61 -3.31 8.36 2.70
CA GLU A 61 -4.34 9.18 3.45
C GLU A 61 -3.78 10.59 3.74
N ARG A 62 -2.49 10.70 3.98
CA ARG A 62 -1.89 12.04 4.24
C ARG A 62 -1.14 12.55 2.99
N ALA A 63 -1.54 12.16 1.80
CA ALA A 63 -0.83 12.65 0.57
C ALA A 63 -1.78 13.50 -0.30
N ARG A 64 -1.26 14.21 -1.27
CA ARG A 64 -2.16 15.05 -2.13
C ARG A 64 -3.11 14.14 -2.94
N ALA A 65 -4.25 14.65 -3.36
CA ALA A 65 -5.20 13.79 -4.15
C ALA A 65 -4.80 13.74 -5.64
N THR A 66 -4.25 14.83 -6.18
CA THR A 66 -3.85 14.82 -7.64
C THR A 66 -3.00 13.57 -7.97
N THR A 67 -2.17 13.13 -7.05
CA THR A 67 -1.33 11.91 -7.34
C THR A 67 -1.82 10.73 -6.47
N LYS A 68 -2.15 9.62 -7.10
CA LYS A 68 -2.64 8.44 -6.30
C LYS A 68 -1.66 7.26 -6.45
N LYS A 69 -1.47 6.48 -5.41
CA LYS A 69 -0.53 5.32 -5.50
C LYS A 69 -1.27 4.01 -5.16
N ILE A 70 -0.91 2.91 -5.78
CA ILE A 70 -1.59 1.61 -5.49
C ILE A 70 -3.11 1.73 -5.69
N GLU A 71 -3.64 1.30 -6.82
CA GLU A 71 -5.11 1.39 -7.05
C GLU A 71 -5.73 -0.02 -7.09
N ASP A 72 -6.84 -0.23 -6.43
CA ASP A 72 -7.49 -1.59 -6.44
C ASP A 72 -6.48 -2.67 -6.01
N LEU A 73 -6.84 -3.94 -6.10
CA LEU A 73 -5.88 -5.01 -5.69
C LEU A 73 -5.49 -5.85 -6.92
N THR A 74 -4.52 -5.40 -7.69
CA THR A 74 -4.10 -6.19 -8.90
C THR A 74 -2.80 -5.62 -9.51
N GLU A 75 -2.75 -4.32 -9.77
CA GLU A 75 -1.50 -3.71 -10.38
C GLU A 75 -0.25 -4.15 -9.58
N LEU A 76 -0.35 -4.27 -8.27
CA LEU A 76 0.85 -4.72 -7.47
C LEU A 76 1.11 -6.21 -7.72
N GLU A 77 2.34 -6.65 -7.64
CA GLU A 77 2.65 -8.11 -7.90
C GLU A 77 2.75 -8.90 -6.59
N GLY A 78 2.17 -10.08 -6.54
CA GLY A 78 2.25 -10.92 -5.31
C GLY A 78 0.85 -11.39 -4.89
N TRP A 79 -0.16 -10.54 -4.97
CA TRP A 79 -1.54 -10.99 -4.57
C TRP A 79 -1.95 -12.27 -5.31
N GLU A 80 -1.56 -12.42 -6.57
CA GLU A 80 -1.94 -13.66 -7.33
C GLU A 80 -1.23 -14.91 -6.75
N GLU A 81 -0.05 -14.75 -6.17
CA GLU A 81 0.66 -15.95 -5.61
C GLU A 81 0.41 -16.09 -4.09
N LEU A 82 0.28 -15.01 -3.36
CA LEU A 82 0.03 -15.14 -1.88
C LEU A 82 -1.27 -15.92 -1.63
N GLU A 83 -1.68 -16.05 -0.38
CA GLU A 83 -2.95 -16.83 -0.10
C GLU A 83 -4.15 -16.15 -0.77
N ASP A 84 -5.24 -16.87 -0.94
CA ASP A 84 -6.45 -16.24 -1.59
C ASP A 84 -7.30 -15.52 -0.54
N ASN A 85 -7.54 -16.14 0.59
CA ASN A 85 -8.37 -15.46 1.65
C ASN A 85 -7.64 -14.19 2.13
N GLU A 86 -6.34 -14.26 2.32
CA GLU A 86 -5.59 -13.04 2.77
C GLU A 86 -5.72 -11.94 1.70
N LYS A 87 -5.65 -12.30 0.44
CA LYS A 87 -5.78 -11.25 -0.65
C LYS A 87 -7.12 -10.52 -0.51
N GLU A 88 -8.19 -11.22 -0.17
CA GLU A 88 -9.52 -10.53 -0.01
C GLU A 88 -9.42 -9.47 1.11
N GLN A 89 -8.76 -9.79 2.20
CA GLN A 89 -8.64 -8.77 3.32
C GLN A 89 -7.92 -7.51 2.81
N ILE A 90 -6.95 -7.66 1.92
CA ILE A 90 -6.23 -6.44 1.39
C ILE A 90 -7.24 -5.50 0.70
N THR A 91 -8.20 -6.04 -0.03
CA THR A 91 -9.20 -5.14 -0.72
C THR A 91 -9.92 -4.27 0.32
N GLN A 92 -10.32 -4.86 1.44
CA GLN A 92 -11.02 -4.04 2.49
C GLN A 92 -10.07 -2.95 3.01
N HIS A 93 -8.80 -3.27 3.21
CA HIS A 93 -7.82 -2.23 3.70
C HIS A 93 -7.79 -1.05 2.72
N ILE A 94 -7.79 -1.30 1.43
CA ILE A 94 -7.79 -0.16 0.45
C ILE A 94 -9.14 0.55 0.51
N ALA A 95 -10.23 -0.18 0.64
CA ALA A 95 -11.57 0.49 0.71
C ALA A 95 -11.63 1.40 1.94
N ASP A 96 -11.03 1.00 3.06
CA ASP A 96 -11.06 1.88 4.28
C ASP A 96 -10.29 3.18 3.98
N LEU A 97 -9.17 3.10 3.30
CA LEU A 97 -8.39 4.36 2.98
C LEU A 97 -9.25 5.31 2.14
N SER A 98 -10.07 4.80 1.23
CA SER A 98 -10.91 5.71 0.39
C SER A 98 -12.26 5.98 1.09
N SER A 99 -12.85 4.98 1.72
CA SER A 99 -14.15 5.20 2.41
C SER A 99 -13.99 5.03 3.92
N LYS A 100 -14.00 6.11 4.68
CA LYS A 100 -13.84 5.99 6.15
C LYS A 100 -15.11 6.48 6.87
N ALA A 101 -15.58 5.76 7.88
CA ALA A 101 -16.81 6.18 8.60
C ALA A 101 -16.57 6.13 10.12
N ALA A 102 -15.89 7.10 10.67
CA ALA A 102 -15.63 7.10 12.14
C ALA A 102 -15.70 8.53 12.70
N GLY A 103 -16.55 8.76 13.69
CA GLY A 103 -16.65 10.13 14.27
C GLY A 103 -16.72 10.05 15.81
N THR A 104 -15.86 9.25 16.41
CA THR A 104 -15.89 9.13 17.90
C THR A 104 -14.45 9.10 18.46
N PRO A 105 -13.69 10.13 18.15
CA PRO A 105 -12.29 10.19 18.65
C PRO A 105 -12.27 10.49 20.15
N LYS A 106 -11.55 9.71 20.93
CA LYS A 106 -11.49 9.96 22.40
C LYS A 106 -10.10 9.65 22.96
N LYS A 107 -9.58 10.46 23.85
CA LYS A 107 -8.22 10.19 24.42
C LYS A 107 -8.23 10.40 25.93
N LYS A 108 -8.45 11.61 26.40
CA LYS A 108 -8.47 11.86 27.88
C LYS A 108 -9.51 12.94 28.23
N ALA A 109 -9.39 14.13 27.68
CA ALA A 109 -10.38 15.20 27.99
C ALA A 109 -10.82 15.91 26.71
N VAL A 110 -12.05 15.72 26.28
CA VAL A 110 -12.54 16.38 25.03
C VAL A 110 -13.71 17.32 25.36
N VAL A 111 -13.46 18.61 25.47
CA VAL A 111 -14.57 19.56 25.78
C VAL A 111 -14.44 20.84 24.93
N GLN A 112 -15.54 21.40 24.48
CA GLN A 112 -15.46 22.64 23.64
C GLN A 112 -16.15 23.81 24.37
N ALA A 113 -15.57 25.00 24.32
CA ALA A 113 -16.19 26.16 25.01
C ALA A 113 -16.55 27.25 23.98
N LYS A 114 -17.78 27.72 23.97
CA LYS A 114 -18.17 28.79 23.00
C LYS A 114 -18.67 30.04 23.75
N LEU A 115 -17.88 31.09 23.80
CA LEU A 115 -18.33 32.32 24.50
C LEU A 115 -18.37 33.51 23.53
N THR A 116 -19.54 33.92 23.09
CA THR A 116 -19.62 35.07 22.14
C THR A 116 -20.78 36.00 22.54
N THR A 117 -20.48 37.25 22.87
CA THR A 117 -21.56 38.19 23.27
C THR A 117 -21.63 39.37 22.29
N MET A 1 15.52 8.15 -8.64
CA MET A 1 14.19 8.77 -8.89
C MET A 1 13.87 8.73 -10.40
N ALA A 2 13.18 7.71 -10.86
CA ALA A 2 12.85 7.62 -12.31
C ALA A 2 11.45 7.02 -12.51
N GLU A 3 11.24 5.80 -12.04
CA GLU A 3 9.89 5.16 -12.20
C GLU A 3 9.39 4.63 -10.85
N GLN A 4 8.12 4.30 -10.74
CA GLN A 4 7.59 3.77 -9.45
C GLN A 4 7.06 2.35 -9.63
N ARG A 5 7.46 1.42 -8.78
CA ARG A 5 6.97 0.02 -8.91
C ARG A 5 6.71 -0.59 -7.53
N PHE A 6 5.51 -1.10 -7.29
CA PHE A 6 5.20 -1.71 -5.96
C PHE A 6 4.90 -3.21 -6.12
N CYS A 7 5.33 -4.03 -5.20
CA CYS A 7 5.05 -5.49 -5.31
C CYS A 7 4.43 -6.00 -4.00
N VAL A 8 3.69 -7.09 -4.03
CA VAL A 8 3.07 -7.62 -2.78
C VAL A 8 3.73 -8.94 -2.38
N ASP A 9 4.32 -9.02 -1.20
CA ASP A 9 4.99 -10.29 -0.78
C ASP A 9 4.68 -10.59 0.70
N TYR A 10 4.77 -11.84 1.09
CA TYR A 10 4.49 -12.20 2.52
C TYR A 10 5.81 -12.40 3.27
N ALA A 11 5.83 -12.20 4.57
CA ALA A 11 7.11 -12.39 5.34
C ALA A 11 7.23 -13.84 5.83
N LYS A 12 8.42 -14.41 5.79
CA LYS A 12 8.59 -15.82 6.26
C LYS A 12 9.86 -15.94 7.12
N ARG A 13 11.02 -15.60 6.60
CA ARG A 13 12.27 -15.71 7.42
C ARG A 13 13.12 -14.44 7.27
N GLY A 14 13.04 -13.53 8.21
CA GLY A 14 13.86 -12.27 8.12
C GLY A 14 13.07 -11.09 8.70
N THR A 15 13.73 -10.23 9.44
CA THR A 15 13.01 -9.04 10.03
C THR A 15 13.72 -7.74 9.61
N ALA A 16 12.97 -6.67 9.42
CA ALA A 16 13.63 -5.39 9.00
C ALA A 16 12.69 -4.19 9.22
N GLY A 17 13.25 -3.01 9.42
CA GLY A 17 12.41 -1.80 9.64
C GLY A 17 11.69 -1.42 8.34
N CYS A 18 10.37 -1.41 8.34
CA CYS A 18 9.63 -1.04 7.07
C CYS A 18 10.03 0.38 6.61
N LYS A 19 10.20 0.59 5.32
CA LYS A 19 10.61 1.95 4.80
C LYS A 19 9.39 2.79 4.41
N LYS A 20 9.45 4.11 4.52
CA LYS A 20 8.25 4.96 4.17
C LYS A 20 7.05 4.41 4.95
N CYS A 21 7.25 4.19 6.24
CA CYS A 21 6.17 3.55 7.07
C CYS A 21 6.48 3.74 8.59
N LYS A 22 7.74 3.52 9.03
CA LYS A 22 8.15 3.72 10.49
C LYS A 22 7.70 2.55 11.38
N GLU A 23 8.37 1.42 11.29
CA GLU A 23 8.02 0.23 12.16
C GLU A 23 9.00 -0.93 11.93
N LYS A 24 8.74 -2.09 12.49
CA LYS A 24 9.65 -3.27 12.29
C LYS A 24 8.85 -4.41 11.65
N ILE A 25 9.47 -5.21 10.79
CA ILE A 25 8.71 -6.33 10.14
C ILE A 25 9.15 -7.68 10.73
N VAL A 26 8.21 -8.60 10.92
CA VAL A 26 8.57 -9.94 11.49
C VAL A 26 7.77 -11.05 10.79
N LYS A 27 8.24 -12.27 10.83
CA LYS A 27 7.50 -13.40 10.14
C LYS A 27 6.01 -13.40 10.53
N GLY A 28 5.12 -13.57 9.57
CA GLY A 28 3.66 -13.59 9.89
C GLY A 28 2.97 -12.27 9.50
N VAL A 29 3.63 -11.37 8.77
CA VAL A 29 2.96 -10.09 8.39
C VAL A 29 3.05 -9.85 6.87
N CYS A 30 1.97 -9.50 6.22
CA CYS A 30 2.04 -9.24 4.74
C CYS A 30 2.75 -7.90 4.51
N ARG A 31 3.54 -7.78 3.46
CA ARG A 31 4.26 -6.50 3.23
C ARG A 31 4.42 -6.20 1.73
N ILE A 32 4.56 -4.94 1.37
CA ILE A 32 4.70 -4.58 -0.08
C ILE A 32 6.17 -4.22 -0.38
N GLY A 33 6.66 -4.55 -1.55
CA GLY A 33 8.08 -4.20 -1.89
C GLY A 33 8.05 -3.03 -2.89
N LYS A 34 8.92 -2.05 -2.74
CA LYS A 34 8.90 -0.90 -3.68
C LYS A 34 10.25 -0.81 -4.44
N VAL A 35 10.22 -0.83 -5.75
CA VAL A 35 11.50 -0.74 -6.52
C VAL A 35 11.77 0.71 -6.95
N VAL A 36 12.81 1.34 -6.41
CA VAL A 36 13.10 2.74 -6.79
C VAL A 36 14.53 2.84 -7.40
N PRO A 37 14.62 3.26 -8.65
CA PRO A 37 15.94 3.38 -9.30
C PRO A 37 16.71 4.58 -8.73
N ASN A 38 18.02 4.49 -8.61
CA ASN A 38 18.81 5.64 -8.07
C ASN A 38 19.50 6.39 -9.22
N PRO A 39 19.65 7.70 -9.06
CA PRO A 39 20.31 8.50 -10.12
C PRO A 39 21.83 8.25 -10.11
N PHE A 40 22.27 7.09 -10.52
CA PHE A 40 23.74 6.79 -10.53
C PHE A 40 24.08 5.73 -11.59
N SER A 41 23.49 4.55 -11.50
CA SER A 41 23.79 3.49 -12.49
C SER A 41 22.50 3.05 -13.20
N GLU A 42 22.55 2.73 -14.47
CA GLU A 42 21.31 2.29 -15.19
C GLU A 42 21.21 0.75 -15.31
N SER A 43 22.33 0.03 -15.22
CA SER A 43 22.23 -1.47 -15.33
C SER A 43 22.00 -2.08 -13.95
N GLY A 44 22.66 -1.58 -12.92
CA GLY A 44 22.46 -2.15 -11.55
C GLY A 44 22.17 -1.01 -10.56
N GLY A 45 21.04 -0.34 -10.69
CA GLY A 45 20.71 0.77 -9.75
C GLY A 45 19.24 0.67 -9.32
N ASP A 46 18.91 -0.25 -8.44
CA ASP A 46 17.48 -0.38 -8.00
C ASP A 46 17.43 -0.77 -6.51
N MET A 47 16.54 -0.15 -5.75
CA MET A 47 16.45 -0.49 -4.29
C MET A 47 15.07 -1.07 -3.97
N LYS A 48 15.00 -2.04 -3.09
CA LYS A 48 13.67 -2.65 -2.73
C LYS A 48 13.45 -2.58 -1.22
N GLU A 49 12.39 -1.92 -0.78
CA GLU A 49 12.13 -1.85 0.69
C GLU A 49 10.77 -2.52 0.99
N TRP A 50 10.62 -3.10 2.16
CA TRP A 50 9.31 -3.77 2.47
C TRP A 50 8.36 -2.77 3.16
N TYR A 51 7.08 -3.07 3.21
CA TYR A 51 6.12 -2.14 3.84
C TYR A 51 5.05 -2.91 4.65
N HIS A 52 4.20 -2.20 5.36
CA HIS A 52 3.11 -2.87 6.14
C HIS A 52 1.75 -2.59 5.47
N ILE A 53 0.67 -3.05 6.05
CA ILE A 53 -0.67 -2.76 5.44
C ILE A 53 -1.31 -1.55 6.16
N LYS A 54 -1.55 -1.64 7.46
CA LYS A 54 -2.16 -0.46 8.17
C LYS A 54 -1.06 0.57 8.48
N CYS A 55 0.09 0.12 8.94
CA CYS A 55 1.20 1.08 9.23
C CYS A 55 1.63 1.79 7.92
N MET A 56 1.47 1.17 6.76
CA MET A 56 1.84 1.87 5.48
C MET A 56 0.67 2.75 5.05
N PHE A 57 -0.52 2.17 4.94
CA PHE A 57 -1.70 3.01 4.55
C PHE A 57 -1.93 4.12 5.58
N GLU A 58 -1.50 3.94 6.83
CA GLU A 58 -1.69 5.05 7.83
C GLU A 58 -0.92 6.29 7.37
N LYS A 59 0.27 6.12 6.80
CA LYS A 59 1.03 7.32 6.31
C LYS A 59 0.29 7.94 5.10
N LEU A 60 -0.24 7.12 4.22
CA LEU A 60 -0.99 7.70 3.04
C LEU A 60 -2.19 8.50 3.56
N GLU A 61 -2.89 8.00 4.56
CA GLU A 61 -4.06 8.78 5.11
C GLU A 61 -3.58 10.18 5.55
N ARG A 62 -2.36 10.30 6.04
CA ARG A 62 -1.84 11.64 6.47
C ARG A 62 -0.87 12.20 5.42
N ALA A 63 -1.03 11.86 4.15
CA ALA A 63 -0.10 12.39 3.10
C ALA A 63 -0.85 13.35 2.16
N ARG A 64 -0.15 14.09 1.33
CA ARG A 64 -0.86 15.04 0.40
C ARG A 64 -1.76 14.26 -0.58
N ALA A 65 -2.79 14.88 -1.09
CA ALA A 65 -3.70 14.15 -2.05
C ALA A 65 -3.17 14.27 -3.49
N THR A 66 -2.55 15.39 -3.86
CA THR A 66 -2.03 15.54 -5.27
C THR A 66 -1.20 14.31 -5.69
N THR A 67 -0.49 13.67 -4.77
CA THR A 67 0.33 12.48 -5.15
C THR A 67 -0.38 11.19 -4.68
N LYS A 68 -0.71 10.31 -5.59
CA LYS A 68 -1.40 9.03 -5.19
C LYS A 68 -0.51 7.83 -5.53
N LYS A 69 -0.53 6.80 -4.70
CA LYS A 69 0.31 5.59 -4.98
C LYS A 69 -0.49 4.31 -4.68
N ILE A 70 -0.16 3.20 -5.32
CA ILE A 70 -0.90 1.92 -5.07
C ILE A 70 -2.41 2.11 -5.27
N GLU A 71 -2.93 1.76 -6.43
CA GLU A 71 -4.40 1.94 -6.68
C GLU A 71 -5.07 0.57 -6.86
N ASP A 72 -6.23 0.35 -6.25
CA ASP A 72 -6.93 -0.96 -6.39
C ASP A 72 -5.99 -2.13 -6.03
N LEU A 73 -6.46 -3.36 -6.14
CA LEU A 73 -5.59 -4.53 -5.81
C LEU A 73 -5.31 -5.36 -7.06
N THR A 74 -4.36 -4.95 -7.89
CA THR A 74 -4.05 -5.74 -9.14
C THR A 74 -2.79 -5.18 -9.84
N GLU A 75 -2.75 -3.88 -10.10
CA GLU A 75 -1.53 -3.30 -10.77
C GLU A 75 -0.24 -3.73 -10.03
N LEU A 76 -0.28 -3.82 -8.72
CA LEU A 76 0.95 -4.26 -7.96
C LEU A 76 1.32 -5.69 -8.37
N GLU A 77 2.58 -6.06 -8.29
CA GLU A 77 2.98 -7.45 -8.67
C GLU A 77 3.21 -8.31 -7.42
N GLY A 78 2.42 -9.35 -7.22
CA GLY A 78 2.61 -10.21 -6.02
C GLY A 78 1.25 -10.64 -5.44
N TRP A 79 0.24 -9.77 -5.48
CA TRP A 79 -1.10 -10.18 -4.91
C TRP A 79 -1.57 -11.53 -5.49
N GLU A 80 -1.23 -11.84 -6.73
CA GLU A 80 -1.67 -13.17 -7.31
C GLU A 80 -1.18 -14.33 -6.41
N GLU A 81 0.03 -14.25 -5.90
CA GLU A 81 0.54 -15.36 -5.01
C GLU A 81 -0.31 -15.42 -3.72
N LEU A 82 -0.64 -14.28 -3.15
CA LEU A 82 -1.47 -14.29 -1.88
C LEU A 82 -2.69 -15.22 -2.01
N GLU A 83 -3.34 -15.57 -0.92
CA GLU A 83 -4.52 -16.47 -1.00
C GLU A 83 -5.81 -15.64 -1.23
N ASP A 84 -6.88 -16.25 -1.70
CA ASP A 84 -8.13 -15.45 -1.94
C ASP A 84 -8.58 -14.74 -0.66
N ASN A 85 -8.45 -15.37 0.49
CA ASN A 85 -8.87 -14.68 1.76
C ASN A 85 -7.88 -13.56 2.10
N GLU A 86 -6.60 -13.79 1.91
CA GLU A 86 -5.60 -12.70 2.21
C GLU A 86 -5.69 -11.62 1.12
N LYS A 87 -5.93 -12.01 -0.13
CA LYS A 87 -6.03 -10.99 -1.22
C LYS A 87 -7.32 -10.17 -1.03
N GLU A 88 -8.40 -10.80 -0.61
CA GLU A 88 -9.68 -10.02 -0.40
C GLU A 88 -9.49 -9.00 0.72
N GLN A 89 -8.79 -9.36 1.78
CA GLN A 89 -8.58 -8.38 2.90
C GLN A 89 -7.84 -7.13 2.40
N ILE A 90 -6.95 -7.27 1.43
CA ILE A 90 -6.22 -6.06 0.92
C ILE A 90 -7.22 -5.11 0.23
N THR A 91 -8.16 -5.64 -0.52
CA THR A 91 -9.16 -4.73 -1.20
C THR A 91 -9.95 -3.95 -0.14
N GLN A 92 -10.43 -4.63 0.89
CA GLN A 92 -11.18 -3.89 1.97
C GLN A 92 -10.23 -2.87 2.63
N HIS A 93 -8.98 -3.22 2.83
CA HIS A 93 -8.01 -2.25 3.45
C HIS A 93 -7.95 -0.97 2.62
N ILE A 94 -7.80 -1.08 1.31
CA ILE A 94 -7.76 0.18 0.47
C ILE A 94 -9.17 0.79 0.46
N ALA A 95 -10.20 -0.02 0.37
CA ALA A 95 -11.60 0.55 0.38
C ALA A 95 -11.86 1.26 1.71
N ASP A 96 -11.34 0.75 2.81
CA ASP A 96 -11.57 1.43 4.14
C ASP A 96 -10.87 2.80 4.15
N LEU A 97 -9.70 2.92 3.56
CA LEU A 97 -9.01 4.26 3.55
C LEU A 97 -9.68 5.20 2.55
N SER A 98 -10.07 4.71 1.39
CA SER A 98 -10.74 5.61 0.38
C SER A 98 -12.04 6.18 0.98
N SER A 99 -12.84 5.36 1.64
CA SER A 99 -14.11 5.87 2.22
C SER A 99 -14.39 5.16 3.57
N LYS A 100 -14.41 5.89 4.66
CA LYS A 100 -14.68 5.24 5.98
C LYS A 100 -15.98 5.79 6.59
N ALA A 101 -16.07 7.10 6.79
CA ALA A 101 -17.32 7.67 7.37
C ALA A 101 -17.87 8.78 6.45
N ALA A 102 -18.95 9.42 6.84
CA ALA A 102 -19.53 10.51 5.98
C ALA A 102 -19.92 11.72 6.85
N GLY A 103 -19.00 12.23 7.64
CA GLY A 103 -19.33 13.41 8.49
C GLY A 103 -19.42 14.67 7.62
N THR A 104 -19.40 15.84 8.23
CA THR A 104 -19.49 17.10 7.42
C THR A 104 -18.46 18.12 7.93
N PRO A 105 -17.52 18.48 7.09
CA PRO A 105 -16.49 19.47 7.51
C PRO A 105 -17.10 20.88 7.60
N LYS A 106 -16.50 21.76 8.39
CA LYS A 106 -17.07 23.14 8.52
C LYS A 106 -16.04 24.17 8.02
N LYS A 107 -14.86 24.20 8.60
CA LYS A 107 -13.83 25.18 8.16
C LYS A 107 -12.60 24.46 7.59
N LYS A 108 -12.15 24.81 6.41
CA LYS A 108 -10.96 24.13 5.81
C LYS A 108 -9.81 25.14 5.63
N ALA A 109 -10.03 26.21 4.90
CA ALA A 109 -8.94 27.21 4.69
C ALA A 109 -9.35 28.56 5.30
N VAL A 110 -8.41 29.47 5.46
CA VAL A 110 -8.75 30.80 6.05
C VAL A 110 -8.17 31.93 5.19
N VAL A 111 -8.83 33.07 5.13
CA VAL A 111 -8.31 34.20 4.30
C VAL A 111 -7.97 35.40 5.20
N GLN A 112 -6.91 36.13 4.89
CA GLN A 112 -6.54 37.30 5.75
C GLN A 112 -6.62 38.59 4.92
N ALA A 113 -7.32 39.60 5.41
CA ALA A 113 -7.42 40.88 4.64
C ALA A 113 -7.22 42.08 5.58
N LYS A 114 -6.53 43.11 5.13
CA LYS A 114 -6.31 44.29 6.00
C LYS A 114 -6.99 45.54 5.40
N LEU A 115 -8.16 45.90 5.87
CA LEU A 115 -8.86 47.10 5.32
C LEU A 115 -9.02 48.16 6.40
N THR A 116 -8.56 49.38 6.17
CA THR A 116 -8.69 50.46 7.19
C THR A 116 -9.55 51.60 6.65
N THR A 117 -10.27 52.30 7.51
CA THR A 117 -11.12 53.43 7.03
C THR A 117 -10.67 54.74 7.68
N MET A 1 6.27 0.91 -17.37
CA MET A 1 7.32 1.97 -17.53
C MET A 1 8.52 1.66 -16.62
N ALA A 2 9.56 2.48 -16.69
CA ALA A 2 10.75 2.22 -15.82
C ALA A 2 10.96 3.39 -14.86
N GLU A 3 9.91 3.85 -14.19
CA GLU A 3 10.07 4.98 -13.24
C GLU A 3 9.74 4.53 -11.81
N GLN A 4 8.56 3.99 -11.59
CA GLN A 4 8.20 3.53 -10.21
C GLN A 4 7.46 2.18 -10.26
N ARG A 5 7.83 1.24 -9.42
CA ARG A 5 7.13 -0.09 -9.43
C ARG A 5 6.85 -0.55 -8.00
N PHE A 6 5.79 -1.31 -7.80
CA PHE A 6 5.46 -1.78 -6.42
C PHE A 6 5.44 -3.32 -6.36
N CYS A 7 5.78 -3.90 -5.23
CA CYS A 7 5.77 -5.38 -5.11
C CYS A 7 5.14 -5.80 -3.78
N VAL A 8 4.13 -6.65 -3.79
CA VAL A 8 3.49 -7.06 -2.49
C VAL A 8 3.96 -8.47 -2.09
N ASP A 9 4.82 -8.57 -1.08
CA ASP A 9 5.30 -9.90 -0.64
C ASP A 9 4.90 -10.17 0.82
N TYR A 10 4.88 -11.42 1.22
CA TYR A 10 4.49 -11.75 2.63
C TYR A 10 5.76 -12.05 3.45
N ALA A 11 5.78 -11.68 4.71
CA ALA A 11 7.00 -11.96 5.55
C ALA A 11 7.25 -13.48 5.61
N LYS A 12 8.19 -13.98 4.85
CA LYS A 12 8.48 -15.45 4.87
C LYS A 12 9.94 -15.70 5.22
N ARG A 13 10.23 -16.24 6.39
CA ARG A 13 11.65 -16.51 6.79
C ARG A 13 12.51 -15.24 6.64
N GLY A 14 12.58 -14.42 7.67
CA GLY A 14 13.41 -13.18 7.58
C GLY A 14 12.66 -12.01 8.27
N THR A 15 13.33 -11.28 9.12
CA THR A 15 12.66 -10.14 9.82
C THR A 15 13.49 -8.86 9.69
N ALA A 16 12.88 -7.71 9.49
CA ALA A 16 13.68 -6.46 9.36
C ALA A 16 12.82 -5.22 9.65
N GLY A 17 13.41 -4.16 10.18
CA GLY A 17 12.63 -2.92 10.47
C GLY A 17 11.94 -2.47 9.17
N CYS A 18 10.64 -2.27 9.21
CA CYS A 18 9.95 -1.85 7.95
C CYS A 18 10.43 -0.48 7.47
N LYS A 19 10.88 -0.38 6.23
CA LYS A 19 11.37 0.94 5.70
C LYS A 19 10.16 1.83 5.41
N LYS A 20 10.33 3.13 5.39
CA LYS A 20 9.16 4.07 5.14
C LYS A 20 8.14 4.02 6.29
N CYS A 21 8.48 3.47 7.45
CA CYS A 21 7.52 3.45 8.60
C CYS A 21 8.19 2.86 9.87
N LYS A 22 7.77 3.27 11.05
CA LYS A 22 8.42 2.76 12.31
C LYS A 22 7.81 1.42 12.78
N GLU A 23 8.35 0.31 12.33
CA GLU A 23 7.81 -1.02 12.77
C GLU A 23 8.76 -2.16 12.34
N LYS A 24 8.38 -3.40 12.56
CA LYS A 24 9.25 -4.55 12.16
C LYS A 24 8.44 -5.55 11.33
N ILE A 25 9.08 -6.31 10.46
CA ILE A 25 8.32 -7.29 9.63
C ILE A 25 8.56 -8.72 10.13
N VAL A 26 7.56 -9.35 10.70
CA VAL A 26 7.75 -10.75 11.22
C VAL A 26 6.88 -11.72 10.40
N LYS A 27 7.22 -13.00 10.40
CA LYS A 27 6.41 -14.01 9.62
C LYS A 27 4.90 -13.86 9.93
N GLY A 28 4.07 -13.84 8.91
CA GLY A 28 2.60 -13.71 9.14
C GLY A 28 2.09 -12.28 8.79
N VAL A 29 2.91 -11.41 8.23
CA VAL A 29 2.43 -10.04 7.88
C VAL A 29 2.72 -9.72 6.40
N CYS A 30 1.77 -9.14 5.69
CA CYS A 30 2.02 -8.80 4.25
C CYS A 30 2.66 -7.41 4.14
N ARG A 31 3.61 -7.22 3.24
CA ARG A 31 4.26 -5.88 3.11
C ARG A 31 4.38 -5.50 1.63
N ILE A 32 4.24 -4.24 1.29
CA ILE A 32 4.35 -3.83 -0.13
C ILE A 32 5.65 -3.04 -0.33
N GLY A 33 6.53 -3.47 -1.21
CA GLY A 33 7.80 -2.72 -1.43
C GLY A 33 7.70 -1.93 -2.75
N LYS A 34 8.56 -0.95 -2.94
CA LYS A 34 8.50 -0.16 -4.21
C LYS A 34 9.90 -0.12 -4.84
N VAL A 35 9.99 -0.22 -6.15
CA VAL A 35 11.35 -0.20 -6.80
C VAL A 35 11.54 1.11 -7.56
N VAL A 36 12.40 1.99 -7.08
CA VAL A 36 12.62 3.29 -7.79
C VAL A 36 14.11 3.43 -8.17
N PRO A 37 14.40 3.39 -9.45
CA PRO A 37 15.82 3.53 -9.89
C PRO A 37 16.30 4.98 -9.72
N ASN A 38 17.51 5.16 -9.22
CA ASN A 38 18.02 6.56 -9.04
C ASN A 38 19.04 6.91 -10.15
N PRO A 39 18.73 7.91 -10.96
CA PRO A 39 19.67 8.30 -12.05
C PRO A 39 20.89 9.05 -11.47
N PHE A 40 21.77 8.35 -10.79
CA PHE A 40 22.96 9.03 -10.21
C PHE A 40 24.18 8.09 -10.22
N SER A 41 24.08 6.94 -9.57
CA SER A 41 25.25 5.99 -9.55
C SER A 41 24.95 4.77 -10.44
N GLU A 42 25.96 4.08 -10.91
CA GLU A 42 25.71 2.88 -11.78
C GLU A 42 25.71 1.59 -10.94
N SER A 43 26.60 1.49 -9.96
CA SER A 43 26.62 0.23 -9.11
C SER A 43 25.24 0.00 -8.47
N GLY A 44 24.57 1.04 -8.03
CA GLY A 44 23.23 0.86 -7.39
C GLY A 44 22.15 0.86 -8.49
N GLY A 45 21.66 -0.30 -8.88
CA GLY A 45 20.62 -0.35 -9.94
C GLY A 45 19.29 0.18 -9.39
N ASP A 46 18.55 -0.64 -8.67
CA ASP A 46 17.24 -0.16 -8.11
C ASP A 46 17.19 -0.40 -6.60
N MET A 47 16.48 0.43 -5.86
CA MET A 47 16.40 0.24 -4.38
C MET A 47 14.96 -0.13 -3.98
N LYS A 48 14.78 -1.11 -3.11
CA LYS A 48 13.40 -1.50 -2.69
C LYS A 48 13.26 -1.37 -1.17
N GLU A 49 12.16 -0.80 -0.70
CA GLU A 49 11.97 -0.67 0.78
C GLU A 49 10.80 -1.55 1.22
N TRP A 50 10.87 -2.12 2.41
CA TRP A 50 9.74 -3.00 2.89
C TRP A 50 8.87 -2.27 3.91
N TYR A 51 7.64 -1.95 3.59
CA TYR A 51 6.76 -1.31 4.62
C TYR A 51 5.48 -2.12 4.78
N HIS A 52 4.65 -1.78 5.73
CA HIS A 52 3.38 -2.56 5.94
C HIS A 52 2.22 -1.92 5.16
N ILE A 53 1.06 -2.54 5.21
CA ILE A 53 -0.11 -1.92 4.50
C ILE A 53 -0.62 -0.75 5.35
N LYS A 54 -0.93 -1.00 6.62
CA LYS A 54 -1.42 0.13 7.50
C LYS A 54 -0.35 1.24 7.53
N CYS A 55 0.92 0.89 7.56
CA CYS A 55 1.99 1.95 7.58
C CYS A 55 1.89 2.77 6.29
N MET A 56 1.84 2.13 5.14
CA MET A 56 1.74 2.89 3.84
C MET A 56 0.35 3.53 3.73
N PHE A 57 -0.69 2.78 4.05
CA PHE A 57 -2.07 3.38 3.97
C PHE A 57 -2.19 4.51 5.00
N GLU A 58 -1.48 4.44 6.12
CA GLU A 58 -1.60 5.56 7.13
C GLU A 58 -1.11 6.86 6.48
N LYS A 59 -0.03 6.81 5.73
CA LYS A 59 0.46 8.07 5.05
C LYS A 59 -0.52 8.44 3.94
N LEU A 60 -1.01 7.47 3.19
CA LEU A 60 -2.01 7.78 2.10
C LEU A 60 -3.25 8.43 2.74
N GLU A 61 -3.71 7.93 3.86
CA GLU A 61 -4.91 8.56 4.52
C GLU A 61 -4.59 10.03 4.86
N ARG A 62 -3.36 10.32 5.24
CA ARG A 62 -2.99 11.73 5.57
C ARG A 62 -2.12 12.34 4.45
N ALA A 63 -2.31 11.94 3.21
CA ALA A 63 -1.48 12.52 2.10
C ALA A 63 -2.34 13.48 1.25
N ARG A 64 -1.72 14.28 0.40
CA ARG A 64 -2.52 15.24 -0.44
C ARG A 64 -3.43 14.46 -1.41
N ALA A 65 -4.51 15.06 -1.85
CA ALA A 65 -5.42 14.35 -2.81
C ALA A 65 -4.99 14.53 -4.28
N THR A 66 -3.88 15.22 -4.55
CA THR A 66 -3.46 15.40 -5.99
C THR A 66 -2.66 14.18 -6.48
N THR A 67 -1.87 13.55 -5.63
CA THR A 67 -1.08 12.36 -6.08
C THR A 67 -1.75 11.07 -5.59
N LYS A 68 -1.86 10.06 -6.43
CA LYS A 68 -2.51 8.78 -6.00
C LYS A 68 -1.49 7.63 -6.03
N LYS A 69 -1.56 6.71 -5.10
CA LYS A 69 -0.59 5.57 -5.09
C LYS A 69 -1.32 4.24 -4.86
N ILE A 70 -0.88 3.17 -5.51
CA ILE A 70 -1.55 1.84 -5.33
C ILE A 70 -3.05 1.94 -5.65
N GLU A 71 -3.48 1.51 -6.82
CA GLU A 71 -4.93 1.58 -7.16
C GLU A 71 -5.54 0.18 -7.04
N ASP A 72 -6.71 0.04 -6.43
CA ASP A 72 -7.34 -1.31 -6.28
C ASP A 72 -6.36 -2.27 -5.59
N LEU A 73 -6.58 -3.57 -5.68
CA LEU A 73 -5.64 -4.53 -5.02
C LEU A 73 -5.26 -5.67 -5.99
N THR A 74 -5.06 -5.36 -7.26
CA THR A 74 -4.68 -6.42 -8.23
C THR A 74 -3.77 -5.85 -9.34
N GLU A 75 -2.90 -4.91 -9.00
CA GLU A 75 -1.99 -4.33 -10.02
C GLU A 75 -0.55 -4.27 -9.48
N LEU A 76 -0.13 -5.26 -8.72
CA LEU A 76 1.25 -5.26 -8.17
C LEU A 76 1.87 -6.65 -8.30
N GLU A 77 3.18 -6.75 -8.39
CA GLU A 77 3.81 -8.11 -8.54
C GLU A 77 3.93 -8.79 -7.16
N GLY A 78 3.16 -9.83 -6.92
CA GLY A 78 3.25 -10.53 -5.59
C GLY A 78 1.87 -11.03 -5.13
N TRP A 79 0.80 -10.32 -5.42
CA TRP A 79 -0.56 -10.81 -4.96
C TRP A 79 -0.91 -12.14 -5.64
N GLU A 80 -0.45 -12.39 -6.85
CA GLU A 80 -0.79 -13.70 -7.53
C GLU A 80 -0.40 -14.90 -6.62
N GLU A 81 0.68 -14.78 -5.86
CA GLU A 81 1.07 -15.92 -4.95
C GLU A 81 0.26 -15.86 -3.63
N LEU A 82 -0.08 -14.67 -3.15
CA LEU A 82 -0.87 -14.58 -1.86
C LEU A 82 -2.11 -15.48 -1.92
N GLU A 83 -2.88 -15.56 -0.85
CA GLU A 83 -4.10 -16.43 -0.85
C GLU A 83 -5.36 -15.57 -0.98
N ASP A 84 -6.48 -16.15 -1.39
CA ASP A 84 -7.74 -15.33 -1.53
C ASP A 84 -8.13 -14.71 -0.19
N ASN A 85 -8.05 -15.48 0.90
CA ASN A 85 -8.42 -14.89 2.24
C ASN A 85 -7.49 -13.72 2.57
N GLU A 86 -6.20 -13.91 2.47
CA GLU A 86 -5.25 -12.78 2.78
C GLU A 86 -5.50 -11.63 1.79
N LYS A 87 -5.76 -11.94 0.53
CA LYS A 87 -6.03 -10.84 -0.46
C LYS A 87 -7.25 -10.02 -0.02
N GLU A 88 -8.27 -10.66 0.51
CA GLU A 88 -9.49 -9.90 0.97
C GLU A 88 -9.08 -8.84 2.00
N GLN A 89 -8.16 -9.16 2.89
CA GLN A 89 -7.73 -8.14 3.93
C GLN A 89 -7.21 -6.87 3.24
N ILE A 90 -6.50 -6.99 2.15
CA ILE A 90 -5.99 -5.76 1.45
C ILE A 90 -7.17 -4.94 0.92
N THR A 91 -8.21 -5.60 0.40
CA THR A 91 -9.39 -4.82 -0.11
C THR A 91 -9.98 -3.95 1.01
N GLN A 92 -10.03 -4.45 2.22
CA GLN A 92 -10.58 -3.62 3.36
C GLN A 92 -9.79 -2.30 3.48
N HIS A 93 -8.48 -2.34 3.29
CA HIS A 93 -7.68 -1.08 3.40
C HIS A 93 -8.14 -0.08 2.31
N ILE A 94 -8.16 -0.50 1.06
CA ILE A 94 -8.62 0.44 -0.01
C ILE A 94 -10.10 0.80 0.22
N ALA A 95 -10.91 -0.14 0.67
CA ALA A 95 -12.36 0.18 0.93
C ALA A 95 -12.45 1.24 2.04
N ASP A 96 -11.61 1.16 3.05
CA ASP A 96 -11.68 2.19 4.15
C ASP A 96 -11.42 3.58 3.57
N LEU A 97 -10.40 3.73 2.75
CA LEU A 97 -10.12 5.08 2.14
C LEU A 97 -11.33 5.55 1.33
N SER A 98 -12.04 4.66 0.68
CA SER A 98 -13.23 5.08 -0.13
C SER A 98 -14.53 4.77 0.63
N SER A 99 -14.80 5.46 1.73
CA SER A 99 -16.06 5.20 2.50
C SER A 99 -17.06 6.33 2.26
N LYS A 100 -18.10 6.42 3.08
CA LYS A 100 -19.11 7.49 2.89
C LYS A 100 -19.11 8.47 4.08
N ALA A 101 -19.35 7.97 5.29
CA ALA A 101 -19.36 8.87 6.48
C ALA A 101 -18.93 8.12 7.74
N ALA A 102 -18.08 8.72 8.57
CA ALA A 102 -17.64 8.02 9.81
C ALA A 102 -17.40 9.04 10.94
N GLY A 103 -18.43 9.41 11.66
CA GLY A 103 -18.26 10.41 12.77
C GLY A 103 -18.87 9.85 14.07
N THR A 104 -18.93 10.64 15.11
CA THR A 104 -19.52 10.16 16.39
C THR A 104 -20.52 11.18 16.94
N PRO A 105 -21.53 10.69 17.64
CA PRO A 105 -22.55 11.60 18.22
C PRO A 105 -21.98 12.36 19.42
N LYS A 106 -21.31 13.48 19.19
CA LYS A 106 -20.73 14.25 20.33
C LYS A 106 -20.85 15.76 20.07
N LYS A 107 -20.72 16.58 21.09
CA LYS A 107 -20.84 18.06 20.88
C LYS A 107 -19.50 18.74 21.21
N LYS A 108 -19.07 18.68 22.46
CA LYS A 108 -17.78 19.33 22.83
C LYS A 108 -16.90 18.34 23.62
N ALA A 109 -15.63 18.66 23.81
CA ALA A 109 -14.73 17.74 24.56
C ALA A 109 -14.22 18.43 25.85
N VAL A 110 -13.74 17.68 26.80
CA VAL A 110 -13.23 18.30 28.06
C VAL A 110 -11.83 17.75 28.40
N VAL A 111 -10.99 18.55 29.04
CA VAL A 111 -9.62 18.06 29.38
C VAL A 111 -9.24 18.51 30.80
N GLN A 112 -8.51 17.69 31.54
CA GLN A 112 -8.12 18.08 32.93
C GLN A 112 -6.62 17.81 33.15
N ALA A 113 -5.77 18.76 32.85
CA ALA A 113 -4.30 18.55 33.05
C ALA A 113 -3.73 19.62 34.00
N LYS A 114 -3.04 19.22 35.05
CA LYS A 114 -2.47 20.22 36.00
C LYS A 114 -0.94 20.07 36.06
N LEU A 115 -0.21 20.93 35.37
CA LEU A 115 1.28 20.84 35.40
C LEU A 115 1.88 22.11 36.03
N THR A 116 2.75 21.97 37.01
CA THR A 116 3.35 23.17 37.65
C THR A 116 4.85 22.94 37.92
N THR A 117 5.72 23.42 37.06
CA THR A 117 7.19 23.21 37.27
C THR A 117 7.89 24.56 37.35
N MET A 1 8.39 2.14 -18.64
CA MET A 1 9.05 0.80 -18.55
C MET A 1 9.51 0.55 -17.10
N ALA A 2 10.36 1.40 -16.56
CA ALA A 2 10.84 1.19 -15.16
C ALA A 2 10.89 2.53 -14.41
N GLU A 3 9.75 3.11 -14.09
CA GLU A 3 9.75 4.41 -13.35
C GLU A 3 9.01 4.26 -12.01
N GLN A 4 7.76 3.86 -12.03
CA GLN A 4 7.00 3.70 -10.75
C GLN A 4 6.34 2.31 -10.71
N ARG A 5 6.82 1.42 -9.87
CA ARG A 5 6.20 0.06 -9.79
C ARG A 5 6.11 -0.41 -8.33
N PHE A 6 5.01 -1.03 -7.95
CA PHE A 6 4.88 -1.50 -6.53
C PHE A 6 4.79 -3.04 -6.50
N CYS A 7 5.32 -3.67 -5.47
CA CYS A 7 5.25 -5.15 -5.38
C CYS A 7 4.72 -5.55 -3.99
N VAL A 8 4.20 -6.75 -3.83
CA VAL A 8 3.68 -7.15 -2.49
C VAL A 8 4.33 -8.47 -2.01
N ASP A 9 5.25 -8.40 -1.07
CA ASP A 9 5.89 -9.66 -0.57
C ASP A 9 5.25 -10.07 0.76
N TYR A 10 5.06 -11.36 0.99
CA TYR A 10 4.44 -11.80 2.27
C TYR A 10 5.52 -12.38 3.21
N ALA A 11 5.53 -11.99 4.46
CA ALA A 11 6.59 -12.53 5.40
C ALA A 11 6.54 -14.07 5.44
N LYS A 12 7.67 -14.73 5.33
CA LYS A 12 7.67 -16.22 5.37
C LYS A 12 8.47 -16.73 6.57
N ARG A 13 9.74 -16.37 6.67
CA ARG A 13 10.57 -16.83 7.83
C ARG A 13 11.71 -15.84 8.10
N GLY A 14 11.47 -14.56 8.00
CA GLY A 14 12.55 -13.56 8.27
C GLY A 14 11.96 -12.38 9.05
N THR A 15 12.81 -11.47 9.53
CA THR A 15 12.28 -10.31 10.30
C THR A 15 13.12 -9.05 10.01
N ALA A 16 12.50 -7.95 9.63
CA ALA A 16 13.29 -6.71 9.35
C ALA A 16 12.47 -5.46 9.67
N GLY A 17 13.09 -4.42 10.18
CA GLY A 17 12.34 -3.16 10.49
C GLY A 17 11.62 -2.69 9.23
N CYS A 18 10.33 -2.43 9.29
CA CYS A 18 9.61 -1.99 8.05
C CYS A 18 10.14 -0.64 7.57
N LYS A 19 10.62 -0.56 6.34
CA LYS A 19 11.14 0.74 5.81
C LYS A 19 9.97 1.70 5.64
N LYS A 20 10.20 3.00 5.63
CA LYS A 20 9.08 3.98 5.48
C LYS A 20 8.11 3.94 6.69
N CYS A 21 8.50 3.34 7.81
CA CYS A 21 7.59 3.32 9.01
C CYS A 21 8.30 2.67 10.23
N LYS A 22 7.97 3.08 11.43
CA LYS A 22 8.67 2.51 12.66
C LYS A 22 8.00 1.21 13.13
N GLU A 23 8.42 0.07 12.62
CA GLU A 23 7.82 -1.23 13.07
C GLU A 23 8.70 -2.42 12.60
N LYS A 24 8.26 -3.64 12.79
CA LYS A 24 9.06 -4.82 12.36
C LYS A 24 8.17 -5.77 11.54
N ILE A 25 8.73 -6.50 10.60
CA ILE A 25 7.90 -7.44 9.78
C ILE A 25 8.11 -8.88 10.27
N VAL A 26 7.05 -9.64 10.45
CA VAL A 26 7.19 -11.04 10.92
C VAL A 26 6.28 -11.98 10.11
N LYS A 27 6.43 -13.28 10.26
CA LYS A 27 5.57 -14.25 9.50
C LYS A 27 4.09 -13.86 9.59
N GLY A 28 3.40 -13.73 8.46
CA GLY A 28 1.97 -13.34 8.50
C GLY A 28 1.78 -11.83 8.17
N VAL A 29 2.83 -11.14 7.74
CA VAL A 29 2.66 -9.68 7.43
C VAL A 29 2.79 -9.45 5.91
N CYS A 30 1.93 -8.65 5.33
CA CYS A 30 2.03 -8.38 3.85
C CYS A 30 2.90 -7.13 3.65
N ARG A 31 3.98 -7.22 2.90
CA ARG A 31 4.85 -6.03 2.69
C ARG A 31 4.69 -5.47 1.27
N ILE A 32 4.53 -4.17 1.13
CA ILE A 32 4.39 -3.59 -0.24
C ILE A 32 5.70 -2.87 -0.59
N GLY A 33 6.44 -3.36 -1.56
CA GLY A 33 7.74 -2.71 -1.90
C GLY A 33 7.57 -1.81 -3.13
N LYS A 34 8.12 -0.61 -3.09
CA LYS A 34 8.01 0.32 -4.26
C LYS A 34 9.39 0.49 -4.90
N VAL A 35 9.55 0.20 -6.17
CA VAL A 35 10.89 0.36 -6.81
C VAL A 35 10.89 1.56 -7.77
N VAL A 36 11.56 2.64 -7.43
CA VAL A 36 11.60 3.83 -8.34
C VAL A 36 13.05 4.20 -8.68
N PRO A 37 13.27 4.69 -9.88
CA PRO A 37 14.63 5.08 -10.29
C PRO A 37 15.04 6.40 -9.61
N ASN A 38 16.30 6.57 -9.29
CA ASN A 38 16.73 7.85 -8.62
C ASN A 38 17.45 8.76 -9.64
N PRO A 39 16.88 9.92 -9.92
CA PRO A 39 17.51 10.85 -10.88
C PRO A 39 18.72 11.54 -10.25
N PHE A 40 19.29 12.54 -10.92
CA PHE A 40 20.49 13.27 -10.37
C PHE A 40 21.70 12.34 -10.20
N SER A 41 21.67 11.39 -9.29
CA SER A 41 22.86 10.47 -9.11
C SER A 41 22.88 9.44 -10.24
N GLU A 42 24.05 8.94 -10.61
CA GLU A 42 24.12 7.92 -11.71
C GLU A 42 24.30 6.51 -11.11
N SER A 43 25.20 6.33 -10.17
CA SER A 43 25.40 4.96 -9.58
C SER A 43 24.08 4.44 -8.98
N GLY A 44 23.32 5.30 -8.34
CA GLY A 44 22.03 4.84 -7.74
C GLY A 44 21.03 4.51 -8.85
N GLY A 45 20.58 3.27 -8.94
CA GLY A 45 19.60 2.91 -10.01
C GLY A 45 18.18 2.96 -9.45
N ASP A 46 17.72 1.89 -8.82
CA ASP A 46 16.33 1.90 -8.25
C ASP A 46 16.37 1.44 -6.78
N MET A 47 15.53 1.99 -5.94
CA MET A 47 15.53 1.58 -4.50
C MET A 47 14.18 0.96 -4.12
N LYS A 48 14.18 -0.01 -3.23
CA LYS A 48 12.89 -0.65 -2.79
C LYS A 48 12.84 -0.73 -1.26
N GLU A 49 11.69 -0.57 -0.66
CA GLU A 49 11.60 -0.64 0.84
C GLU A 49 10.39 -1.48 1.27
N TRP A 50 10.50 -2.21 2.36
CA TRP A 50 9.32 -3.05 2.81
C TRP A 50 8.54 -2.33 3.90
N TYR A 51 7.30 -1.97 3.65
CA TYR A 51 6.49 -1.30 4.73
C TYR A 51 5.18 -2.05 4.93
N HIS A 52 4.43 -1.70 5.96
CA HIS A 52 3.12 -2.39 6.21
C HIS A 52 2.00 -1.68 5.44
N ILE A 53 0.86 -2.34 5.28
CA ILE A 53 -0.26 -1.65 4.57
C ILE A 53 -0.75 -0.50 5.47
N LYS A 54 -0.98 -0.77 6.73
CA LYS A 54 -1.44 0.34 7.65
C LYS A 54 -0.36 1.43 7.70
N CYS A 55 0.90 1.06 7.75
CA CYS A 55 1.97 2.12 7.78
C CYS A 55 1.94 2.91 6.46
N MET A 56 1.83 2.23 5.34
CA MET A 56 1.79 2.96 4.03
C MET A 56 0.46 3.69 3.87
N PHE A 57 -0.65 3.05 4.20
CA PHE A 57 -1.97 3.75 4.07
C PHE A 57 -2.09 4.83 5.16
N GLU A 58 -1.48 4.66 6.32
CA GLU A 58 -1.57 5.73 7.37
C GLU A 58 -0.61 6.87 7.02
N LYS A 59 0.57 6.56 6.52
CA LYS A 59 1.52 7.66 6.14
C LYS A 59 1.04 8.33 4.84
N LEU A 60 0.47 7.57 3.93
CA LEU A 60 -0.04 8.20 2.66
C LEU A 60 -1.32 9.00 2.96
N GLU A 61 -2.19 8.48 3.81
CA GLU A 61 -3.45 9.25 4.13
C GLU A 61 -3.11 10.49 4.98
N ARG A 62 -2.03 10.47 5.74
CA ARG A 62 -1.68 11.66 6.57
C ARG A 62 -0.61 12.53 5.88
N ALA A 63 0.34 11.92 5.19
CA ALA A 63 1.40 12.75 4.52
C ALA A 63 1.65 12.26 3.09
N ARG A 64 2.07 13.14 2.20
CA ARG A 64 2.34 12.72 0.79
C ARG A 64 3.81 13.01 0.43
N ALA A 65 4.65 11.99 0.40
CA ALA A 65 6.10 12.24 0.06
C ALA A 65 6.32 12.21 -1.47
N THR A 66 5.60 11.35 -2.18
CA THR A 66 5.79 11.30 -3.67
C THR A 66 4.45 11.02 -4.36
N THR A 67 4.46 10.61 -5.62
CA THR A 67 3.17 10.32 -6.32
C THR A 67 2.94 8.80 -6.39
N LYS A 68 2.04 8.28 -5.59
CA LYS A 68 1.77 6.81 -5.62
C LYS A 68 0.31 6.55 -6.03
N LYS A 69 0.05 5.51 -6.79
CA LYS A 69 -1.36 5.21 -7.21
C LYS A 69 -1.70 3.73 -6.94
N ILE A 70 -2.38 3.45 -5.85
CA ILE A 70 -2.74 2.02 -5.54
C ILE A 70 -4.27 1.85 -5.60
N GLU A 71 -4.80 1.35 -6.70
CA GLU A 71 -6.28 1.17 -6.79
C GLU A 71 -6.61 -0.34 -6.75
N ASP A 72 -7.58 -0.73 -5.94
CA ASP A 72 -7.94 -2.19 -5.84
C ASP A 72 -6.68 -3.05 -5.60
N LEU A 73 -6.77 -4.35 -5.78
CA LEU A 73 -5.57 -5.20 -5.55
C LEU A 73 -5.23 -5.98 -6.83
N THR A 74 -4.49 -5.38 -7.74
CA THR A 74 -4.13 -6.10 -9.01
C THR A 74 -2.85 -5.52 -9.62
N GLU A 75 -2.79 -4.23 -9.87
CA GLU A 75 -1.55 -3.61 -10.48
C GLU A 75 -0.27 -4.09 -9.74
N LEU A 76 -0.36 -4.34 -8.45
CA LEU A 76 0.86 -4.82 -7.70
C LEU A 76 1.18 -6.27 -8.07
N GLU A 77 2.43 -6.68 -7.98
CA GLU A 77 2.79 -8.10 -8.34
C GLU A 77 2.92 -8.97 -7.08
N GLY A 78 2.38 -10.17 -7.09
CA GLY A 78 2.48 -11.05 -5.90
C GLY A 78 1.09 -11.61 -5.52
N TRP A 79 0.03 -10.83 -5.69
CA TRP A 79 -1.35 -11.34 -5.33
C TRP A 79 -1.81 -12.49 -6.26
N GLU A 80 -1.17 -12.71 -7.40
CA GLU A 80 -1.63 -13.81 -8.33
C GLU A 80 -1.77 -15.15 -7.58
N GLU A 81 -0.89 -15.45 -6.64
CA GLU A 81 -1.01 -16.75 -5.91
C GLU A 81 -0.09 -16.83 -4.68
N LEU A 82 -0.16 -15.88 -3.78
CA LEU A 82 0.72 -15.94 -2.57
C LEU A 82 -0.13 -16.20 -1.31
N GLU A 83 -0.92 -15.24 -0.88
CA GLU A 83 -1.77 -15.46 0.33
C GLU A 83 -3.25 -15.24 -0.01
N ASP A 84 -4.13 -16.16 0.36
CA ASP A 84 -5.59 -15.96 0.04
C ASP A 84 -6.27 -15.17 1.17
N ASN A 85 -6.10 -15.58 2.41
CA ASN A 85 -6.73 -14.81 3.54
C ASN A 85 -6.07 -13.44 3.63
N GLU A 86 -4.77 -13.35 3.50
CA GLU A 86 -4.10 -12.01 3.56
C GLU A 86 -4.59 -11.14 2.40
N LYS A 87 -4.82 -11.70 1.23
CA LYS A 87 -5.32 -10.87 0.08
C LYS A 87 -6.65 -10.21 0.47
N GLU A 88 -7.51 -10.91 1.19
CA GLU A 88 -8.82 -10.28 1.58
C GLU A 88 -8.57 -9.05 2.47
N GLN A 89 -7.60 -9.11 3.37
CA GLN A 89 -7.32 -7.91 4.23
C GLN A 89 -6.86 -6.73 3.37
N ILE A 90 -6.04 -6.98 2.35
CA ILE A 90 -5.57 -5.85 1.49
C ILE A 90 -6.76 -5.17 0.80
N THR A 91 -7.74 -5.94 0.33
CA THR A 91 -8.92 -5.30 -0.34
C THR A 91 -9.65 -4.38 0.65
N GLN A 92 -9.78 -4.78 1.90
CA GLN A 92 -10.48 -3.90 2.90
C GLN A 92 -9.77 -2.53 3.00
N HIS A 93 -8.45 -2.51 2.96
CA HIS A 93 -7.72 -1.19 3.05
C HIS A 93 -8.16 -0.28 1.89
N ILE A 94 -8.21 -0.78 0.68
CA ILE A 94 -8.64 0.09 -0.47
C ILE A 94 -10.09 0.57 -0.23
N ALA A 95 -10.96 -0.29 0.25
CA ALA A 95 -12.37 0.14 0.51
C ALA A 95 -12.39 1.26 1.57
N ASP A 96 -11.53 1.20 2.56
CA ASP A 96 -11.51 2.30 3.60
C ASP A 96 -10.93 3.59 2.99
N LEU A 97 -9.92 3.47 2.14
CA LEU A 97 -9.32 4.70 1.53
C LEU A 97 -10.25 5.25 0.43
N SER A 98 -10.97 4.40 -0.29
CA SER A 98 -11.88 4.92 -1.36
C SER A 98 -13.29 5.16 -0.79
N SER A 99 -13.78 4.27 0.06
CA SER A 99 -15.13 4.46 0.65
C SER A 99 -15.03 4.59 2.18
N LYS A 100 -15.99 5.22 2.82
CA LYS A 100 -15.95 5.36 4.30
C LYS A 100 -17.29 4.97 4.91
N ALA A 101 -17.90 3.88 4.46
CA ALA A 101 -19.22 3.45 5.03
C ALA A 101 -20.23 4.61 5.00
N ALA A 102 -20.78 4.93 3.84
CA ALA A 102 -21.77 6.04 3.76
C ALA A 102 -23.05 5.56 3.06
N GLY A 103 -23.93 4.87 3.75
CA GLY A 103 -25.18 4.39 3.11
C GLY A 103 -26.39 4.88 3.91
N THR A 104 -26.85 6.09 3.68
CA THR A 104 -28.02 6.61 4.45
C THR A 104 -29.05 7.22 3.48
N PRO A 105 -29.91 6.38 2.94
CA PRO A 105 -30.94 6.87 1.99
C PRO A 105 -32.04 7.63 2.75
N LYS A 106 -31.77 8.85 3.19
CA LYS A 106 -32.81 9.62 3.93
C LYS A 106 -32.81 11.08 3.48
N LYS A 107 -32.79 11.33 2.18
CA LYS A 107 -32.80 12.73 1.68
C LYS A 107 -33.86 12.89 0.57
N LYS A 108 -34.97 13.53 0.87
CA LYS A 108 -36.03 13.70 -0.17
C LYS A 108 -36.23 15.19 -0.48
N ALA A 109 -36.53 16.00 0.52
CA ALA A 109 -36.73 17.46 0.27
C ALA A 109 -35.67 18.28 1.02
N VAL A 110 -35.10 19.29 0.38
CA VAL A 110 -34.08 20.11 1.08
C VAL A 110 -34.39 21.61 0.92
N VAL A 111 -34.05 22.42 1.90
CA VAL A 111 -34.35 23.88 1.80
C VAL A 111 -33.16 24.70 2.33
N GLN A 112 -32.86 25.83 1.73
CA GLN A 112 -31.71 26.66 2.20
C GLN A 112 -32.20 28.03 2.67
N ALA A 113 -32.52 28.18 3.95
CA ALA A 113 -33.00 29.50 4.46
C ALA A 113 -32.10 29.98 5.60
N LYS A 114 -31.73 31.25 5.60
CA LYS A 114 -30.85 31.77 6.70
C LYS A 114 -31.52 32.98 7.38
N LEU A 115 -31.35 33.12 8.68
CA LEU A 115 -31.98 34.28 9.39
C LEU A 115 -30.90 35.10 10.12
N THR A 116 -31.01 36.41 10.11
CA THR A 116 -30.00 37.26 10.81
C THR A 116 -30.66 38.09 11.91
N THR A 117 -30.26 37.91 13.15
CA THR A 117 -30.89 38.69 14.26
C THR A 117 -29.81 39.46 15.02
N MET A 1 2.79 6.69 -18.51
CA MET A 1 3.76 7.83 -18.45
C MET A 1 4.36 7.94 -17.03
N ALA A 2 4.87 6.85 -16.50
CA ALA A 2 5.47 6.90 -15.12
C ALA A 2 6.74 6.03 -15.06
N GLU A 3 7.54 6.17 -14.02
CA GLU A 3 8.78 5.35 -13.92
C GLU A 3 8.89 4.72 -12.53
N GLN A 4 7.80 4.25 -11.97
CA GLN A 4 7.86 3.64 -10.61
C GLN A 4 7.11 2.29 -10.61
N ARG A 5 7.49 1.37 -9.74
CA ARG A 5 6.79 0.05 -9.71
C ARG A 5 6.65 -0.44 -8.26
N PHE A 6 5.56 -1.12 -7.94
CA PHE A 6 5.38 -1.63 -6.54
C PHE A 6 5.35 -3.17 -6.54
N CYS A 7 5.84 -3.79 -5.49
CA CYS A 7 5.82 -5.28 -5.41
C CYS A 7 5.18 -5.69 -4.08
N VAL A 8 4.50 -6.82 -4.03
CA VAL A 8 3.87 -7.24 -2.74
C VAL A 8 4.24 -8.68 -2.38
N ASP A 9 5.06 -8.87 -1.37
CA ASP A 9 5.47 -10.26 -0.99
C ASP A 9 5.12 -10.54 0.48
N TYR A 10 5.07 -11.80 0.85
CA TYR A 10 4.74 -12.14 2.28
C TYR A 10 6.02 -12.53 3.04
N ALA A 11 6.03 -12.39 4.35
CA ALA A 11 7.25 -12.75 5.13
C ALA A 11 7.13 -14.20 5.64
N LYS A 12 8.20 -14.96 5.62
CA LYS A 12 8.13 -16.37 6.11
C LYS A 12 9.01 -16.55 7.35
N ARG A 13 10.32 -16.35 7.23
CA ARG A 13 11.20 -16.51 8.43
C ARG A 13 12.27 -15.41 8.44
N GLY A 14 11.90 -14.18 8.10
CA GLY A 14 12.90 -13.07 8.11
C GLY A 14 12.24 -11.79 8.62
N THR A 15 12.79 -11.18 9.65
CA THR A 15 12.18 -9.92 10.19
C THR A 15 13.12 -8.73 9.96
N ALA A 16 12.58 -7.56 9.71
CA ALA A 16 13.46 -6.37 9.46
C ALA A 16 12.71 -5.06 9.73
N GLY A 17 13.41 -4.03 10.20
CA GLY A 17 12.73 -2.72 10.46
C GLY A 17 12.00 -2.28 9.19
N CYS A 18 10.69 -2.08 9.26
CA CYS A 18 9.95 -1.68 8.01
C CYS A 18 10.43 -0.32 7.50
N LYS A 19 10.88 -0.25 6.26
CA LYS A 19 11.36 1.06 5.70
C LYS A 19 10.16 1.97 5.45
N LYS A 20 10.35 3.27 5.43
CA LYS A 20 9.19 4.23 5.22
C LYS A 20 8.19 4.18 6.39
N CYS A 21 8.56 3.62 7.55
CA CYS A 21 7.62 3.60 8.72
C CYS A 21 8.32 3.01 9.97
N LYS A 22 7.93 3.44 11.16
CA LYS A 22 8.62 2.93 12.41
C LYS A 22 7.97 1.63 12.92
N GLU A 23 8.47 0.49 12.50
CA GLU A 23 7.89 -0.81 12.98
C GLU A 23 8.81 -1.99 12.62
N LYS A 24 8.39 -3.21 12.87
CA LYS A 24 9.24 -4.41 12.52
C LYS A 24 8.39 -5.43 11.78
N ILE A 25 8.99 -6.26 10.94
CA ILE A 25 8.18 -7.27 10.20
C ILE A 25 8.45 -8.68 10.74
N VAL A 26 7.42 -9.49 10.87
CA VAL A 26 7.60 -10.88 11.40
C VAL A 26 6.76 -11.85 10.56
N LYS A 27 7.06 -13.14 10.62
CA LYS A 27 6.27 -14.14 9.81
C LYS A 27 4.76 -13.92 9.96
N GLY A 28 4.03 -13.86 8.86
CA GLY A 28 2.54 -13.64 8.95
C GLY A 28 2.14 -12.20 8.53
N VAL A 29 3.04 -11.39 8.00
CA VAL A 29 2.65 -10.01 7.60
C VAL A 29 2.98 -9.76 6.11
N CYS A 30 2.08 -9.15 5.36
CA CYS A 30 2.38 -8.89 3.91
C CYS A 30 3.20 -7.61 3.76
N ARG A 31 4.14 -7.57 2.85
CA ARG A 31 4.97 -6.34 2.67
C ARG A 31 4.82 -5.78 1.25
N ILE A 32 4.88 -4.47 1.10
CA ILE A 32 4.75 -3.87 -0.27
C ILE A 32 6.03 -3.05 -0.55
N GLY A 33 6.86 -3.49 -1.47
CA GLY A 33 8.12 -2.73 -1.75
C GLY A 33 7.97 -1.91 -3.04
N LYS A 34 8.44 -0.69 -3.05
CA LYS A 34 8.33 0.15 -4.29
C LYS A 34 9.73 0.29 -4.92
N VAL A 35 9.88 -0.05 -6.18
CA VAL A 35 11.24 0.08 -6.82
C VAL A 35 11.29 1.34 -7.70
N VAL A 36 12.12 2.31 -7.34
CA VAL A 36 12.20 3.55 -8.16
C VAL A 36 13.63 3.69 -8.74
N PRO A 37 13.74 3.60 -10.05
CA PRO A 37 15.08 3.73 -10.70
C PRO A 37 15.57 5.18 -10.64
N ASN A 38 16.87 5.38 -10.55
CA ASN A 38 17.39 6.79 -10.49
C ASN A 38 17.98 7.19 -11.85
N PRO A 39 18.20 8.48 -12.04
CA PRO A 39 18.76 8.97 -13.31
C PRO A 39 20.22 8.51 -13.47
N PHE A 40 20.99 8.52 -12.40
CA PHE A 40 22.42 8.08 -12.50
C PHE A 40 22.59 6.73 -11.79
N SER A 41 23.57 5.94 -12.18
CA SER A 41 23.77 4.62 -11.50
C SER A 41 25.12 4.58 -10.77
N GLU A 42 25.12 4.71 -9.46
CA GLU A 42 26.41 4.67 -8.72
C GLU A 42 26.58 3.31 -8.03
N SER A 43 25.75 2.98 -7.05
CA SER A 43 25.88 1.66 -6.37
C SER A 43 25.01 0.61 -7.07
N GLY A 44 23.79 0.96 -7.44
CA GLY A 44 22.90 -0.03 -8.13
C GLY A 44 22.02 0.69 -9.16
N GLY A 45 21.00 1.39 -8.71
CA GLY A 45 20.12 2.11 -9.68
C GLY A 45 18.65 2.02 -9.21
N ASP A 46 18.21 0.84 -8.80
CA ASP A 46 16.80 0.70 -8.34
C ASP A 46 16.78 0.31 -6.84
N MET A 47 16.04 1.06 -6.03
CA MET A 47 16.00 0.74 -4.57
C MET A 47 14.57 0.36 -4.15
N LYS A 48 14.43 -0.53 -3.18
CA LYS A 48 13.06 -0.93 -2.72
C LYS A 48 12.99 -0.87 -1.18
N GLU A 49 11.87 -0.47 -0.63
CA GLU A 49 11.75 -0.38 0.85
C GLU A 49 10.61 -1.30 1.34
N TRP A 50 10.83 -2.04 2.41
CA TRP A 50 9.73 -2.94 2.92
C TRP A 50 8.88 -2.22 3.97
N TYR A 51 7.63 -1.93 3.68
CA TYR A 51 6.78 -1.27 4.71
C TYR A 51 5.50 -2.09 4.93
N HIS A 52 4.72 -1.72 5.92
CA HIS A 52 3.46 -2.49 6.19
C HIS A 52 2.29 -1.89 5.40
N ILE A 53 1.15 -2.56 5.41
CA ILE A 53 -0.03 -1.98 4.69
C ILE A 53 -0.54 -0.78 5.50
N LYS A 54 -0.82 -0.97 6.77
CA LYS A 54 -1.28 0.20 7.61
C LYS A 54 -0.23 1.31 7.58
N CYS A 55 1.04 0.98 7.63
CA CYS A 55 2.10 2.06 7.60
C CYS A 55 2.01 2.80 6.26
N MET A 56 1.92 2.10 5.16
CA MET A 56 1.84 2.79 3.82
C MET A 56 0.44 3.40 3.64
N PHE A 57 -0.59 2.69 4.01
CA PHE A 57 -1.97 3.27 3.85
C PHE A 57 -2.18 4.40 4.88
N GLU A 58 -1.47 4.39 6.00
CA GLU A 58 -1.66 5.51 7.00
C GLU A 58 -0.97 6.78 6.46
N LYS A 59 0.18 6.66 5.83
CA LYS A 59 0.87 7.87 5.28
C LYS A 59 0.00 8.50 4.19
N LEU A 60 -0.60 7.69 3.33
CA LEU A 60 -1.47 8.28 2.25
C LEU A 60 -2.63 9.06 2.88
N GLU A 61 -3.23 8.55 3.94
CA GLU A 61 -4.37 9.30 4.59
C GLU A 61 -3.86 10.61 5.21
N ARG A 62 -2.66 10.63 5.74
CA ARG A 62 -2.13 11.90 6.36
C ARG A 62 -1.62 12.85 5.26
N ALA A 63 -1.01 12.33 4.21
CA ALA A 63 -0.51 13.23 3.13
C ALA A 63 -1.29 12.99 1.83
N ARG A 64 -1.80 14.04 1.21
CA ARG A 64 -2.59 13.85 -0.05
C ARG A 64 -1.85 14.49 -1.23
N ALA A 65 -1.18 13.70 -2.05
CA ALA A 65 -0.46 14.29 -3.23
C ALA A 65 -1.35 14.36 -4.48
N THR A 66 -2.63 13.99 -4.41
CA THR A 66 -3.51 14.05 -5.62
C THR A 66 -2.89 13.23 -6.77
N THR A 67 -2.28 12.11 -6.47
CA THR A 67 -1.67 11.27 -7.54
C THR A 67 -2.37 9.89 -7.60
N LYS A 68 -2.24 9.18 -8.70
CA LYS A 68 -2.91 7.84 -8.80
C LYS A 68 -1.88 6.72 -8.56
N LYS A 69 -1.77 6.23 -7.35
CA LYS A 69 -0.79 5.14 -7.07
C LYS A 69 -1.50 3.94 -6.43
N ILE A 70 -1.10 2.72 -6.77
CA ILE A 70 -1.77 1.51 -6.18
C ILE A 70 -3.29 1.59 -6.38
N GLU A 71 -3.80 1.03 -7.46
CA GLU A 71 -5.28 1.07 -7.70
C GLU A 71 -5.88 -0.34 -7.54
N ASP A 72 -7.02 -0.45 -6.87
CA ASP A 72 -7.64 -1.81 -6.67
C ASP A 72 -6.63 -2.79 -6.06
N LEU A 73 -6.92 -4.08 -6.06
CA LEU A 73 -5.96 -5.06 -5.48
C LEU A 73 -5.45 -6.03 -6.54
N THR A 74 -5.21 -5.55 -7.75
CA THR A 74 -4.69 -6.47 -8.82
C THR A 74 -3.77 -5.71 -9.78
N GLU A 75 -2.98 -4.79 -9.29
CA GLU A 75 -2.05 -4.02 -10.19
C GLU A 75 -0.63 -4.00 -9.58
N LEU A 76 -0.21 -5.09 -8.97
CA LEU A 76 1.16 -5.13 -8.36
C LEU A 76 1.79 -6.51 -8.61
N GLU A 77 3.11 -6.59 -8.66
CA GLU A 77 3.75 -7.93 -8.89
C GLU A 77 3.90 -8.69 -7.57
N GLY A 78 3.00 -9.61 -7.28
CA GLY A 78 3.11 -10.38 -6.00
C GLY A 78 1.73 -10.87 -5.52
N TRP A 79 0.67 -10.10 -5.73
CA TRP A 79 -0.68 -10.57 -5.25
C TRP A 79 -1.05 -11.92 -5.90
N GLU A 80 -0.59 -12.20 -7.10
CA GLU A 80 -0.93 -13.53 -7.74
C GLU A 80 -0.60 -14.70 -6.79
N GLU A 81 0.47 -14.60 -6.03
CA GLU A 81 0.81 -15.71 -5.07
C GLU A 81 -0.05 -15.61 -3.80
N LEU A 82 -0.40 -14.40 -3.37
CA LEU A 82 -1.24 -14.25 -2.11
C LEU A 82 -2.46 -15.20 -2.16
N GLU A 83 -3.19 -15.33 -1.07
CA GLU A 83 -4.38 -16.24 -1.05
C GLU A 83 -5.68 -15.42 -1.05
N ASP A 84 -6.79 -16.03 -1.42
CA ASP A 84 -8.10 -15.26 -1.43
C ASP A 84 -8.41 -14.72 -0.02
N ASN A 85 -8.20 -15.51 1.01
CA ASN A 85 -8.49 -15.01 2.40
C ASN A 85 -7.59 -13.81 2.71
N GLU A 86 -6.29 -13.95 2.52
CA GLU A 86 -5.37 -12.78 2.78
C GLU A 86 -5.72 -11.65 1.80
N LYS A 87 -6.00 -11.97 0.56
CA LYS A 87 -6.37 -10.88 -0.42
C LYS A 87 -7.60 -10.12 0.07
N GLU A 88 -8.56 -10.81 0.66
CA GLU A 88 -9.79 -10.09 1.16
C GLU A 88 -9.41 -9.09 2.27
N GLN A 89 -8.45 -9.43 3.12
CA GLN A 89 -8.05 -8.47 4.21
C GLN A 89 -7.35 -7.26 3.61
N ILE A 90 -6.53 -7.43 2.59
CA ILE A 90 -5.85 -6.25 1.97
C ILE A 90 -6.88 -5.37 1.25
N THR A 91 -7.87 -5.97 0.60
CA THR A 91 -8.91 -5.13 -0.10
C THR A 91 -9.60 -4.21 0.93
N GLN A 92 -9.85 -4.71 2.13
CA GLN A 92 -10.51 -3.85 3.18
C GLN A 92 -9.69 -2.56 3.39
N HIS A 93 -8.37 -2.65 3.35
CA HIS A 93 -7.53 -1.40 3.55
C HIS A 93 -7.89 -0.36 2.47
N ILE A 94 -7.83 -0.73 1.21
CA ILE A 94 -8.19 0.25 0.13
C ILE A 94 -9.69 0.60 0.26
N ALA A 95 -10.53 -0.36 0.56
CA ALA A 95 -11.99 -0.04 0.72
C ALA A 95 -12.18 0.94 1.88
N ASP A 96 -11.41 0.79 2.96
CA ASP A 96 -11.57 1.75 4.11
C ASP A 96 -11.25 3.18 3.64
N LEU A 97 -10.12 3.37 2.96
CA LEU A 97 -9.77 4.75 2.47
C LEU A 97 -10.86 5.26 1.51
N SER A 98 -11.43 4.38 0.70
CA SER A 98 -12.50 4.83 -0.26
C SER A 98 -13.88 4.41 0.26
N SER A 99 -14.36 5.02 1.35
CA SER A 99 -15.69 4.64 1.89
C SER A 99 -16.63 5.86 1.87
N LYS A 100 -17.81 5.75 2.47
CA LYS A 100 -18.74 6.91 2.47
C LYS A 100 -19.36 7.07 3.88
N ALA A 101 -20.24 8.04 4.05
CA ALA A 101 -20.86 8.25 5.40
C ALA A 101 -22.39 8.24 5.28
N ALA A 102 -22.94 7.36 4.46
CA ALA A 102 -24.43 7.31 4.32
C ALA A 102 -24.94 5.86 4.44
N GLY A 103 -25.65 5.54 5.49
CA GLY A 103 -26.15 4.14 5.66
C GLY A 103 -27.22 3.85 4.59
N THR A 104 -28.41 3.45 4.98
CA THR A 104 -29.47 3.16 3.98
C THR A 104 -30.78 3.88 4.36
N PRO A 105 -30.95 5.08 3.86
CA PRO A 105 -32.18 5.85 4.16
C PRO A 105 -33.39 5.25 3.43
N LYS A 106 -34.60 5.65 3.78
CA LYS A 106 -35.81 5.10 3.10
C LYS A 106 -36.79 6.23 2.77
N LYS A 107 -36.85 6.67 1.54
CA LYS A 107 -37.80 7.77 1.17
C LYS A 107 -38.66 7.35 -0.02
N LYS A 108 -39.61 8.17 -0.42
CA LYS A 108 -40.48 7.81 -1.58
C LYS A 108 -40.31 8.84 -2.71
N ALA A 109 -39.27 8.70 -3.53
CA ALA A 109 -39.07 9.68 -4.64
C ALA A 109 -39.02 8.94 -5.99
N VAL A 110 -39.21 9.64 -7.09
CA VAL A 110 -39.18 8.96 -8.42
C VAL A 110 -38.17 9.67 -9.34
N VAL A 111 -37.12 8.99 -9.76
CA VAL A 111 -36.11 9.64 -10.65
C VAL A 111 -36.07 8.92 -12.00
N GLN A 112 -36.10 9.65 -13.10
CA GLN A 112 -36.06 8.99 -14.45
C GLN A 112 -34.87 9.53 -15.26
N ALA A 113 -33.87 8.70 -15.50
CA ALA A 113 -32.69 9.17 -16.28
C ALA A 113 -32.52 8.32 -17.56
N LYS A 114 -32.66 8.92 -18.72
CA LYS A 114 -32.51 8.13 -19.98
C LYS A 114 -31.39 8.74 -20.86
N LEU A 115 -30.61 7.92 -21.53
CA LEU A 115 -29.52 8.46 -22.38
C LEU A 115 -29.63 7.90 -23.81
N THR A 116 -29.22 8.65 -24.81
CA THR A 116 -29.31 8.15 -26.21
C THR A 116 -27.91 8.08 -26.85
N THR A 117 -27.58 6.99 -27.52
CA THR A 117 -26.24 6.88 -28.15
C THR A 117 -26.37 6.76 -29.67
N MET A 1 7.10 12.44 -15.60
CA MET A 1 7.12 11.16 -16.35
C MET A 1 8.31 10.29 -15.91
N ALA A 2 8.10 9.36 -15.02
CA ALA A 2 9.24 8.49 -14.57
C ALA A 2 8.81 7.02 -14.56
N GLU A 3 9.58 6.16 -13.92
CA GLU A 3 9.20 4.71 -13.88
C GLU A 3 9.01 4.24 -12.43
N GLN A 4 7.79 4.07 -11.99
CA GLN A 4 7.55 3.62 -10.58
C GLN A 4 6.85 2.24 -10.58
N ARG A 5 7.24 1.34 -9.70
CA ARG A 5 6.60 0.00 -9.66
C ARG A 5 6.45 -0.48 -8.20
N PHE A 6 5.38 -1.18 -7.88
CA PHE A 6 5.19 -1.67 -6.49
C PHE A 6 5.17 -3.20 -6.45
N CYS A 7 5.77 -3.82 -5.46
CA CYS A 7 5.77 -5.30 -5.38
C CYS A 7 5.35 -5.73 -3.97
N VAL A 8 4.34 -6.57 -3.84
CA VAL A 8 3.90 -7.00 -2.46
C VAL A 8 4.40 -8.43 -2.18
N ASP A 9 4.96 -8.66 -1.00
CA ASP A 9 5.45 -10.03 -0.67
C ASP A 9 5.15 -10.37 0.80
N TYR A 10 4.21 -11.25 1.06
CA TYR A 10 3.88 -11.61 2.50
C TYR A 10 5.15 -11.98 3.26
N ALA A 11 5.14 -11.88 4.57
CA ALA A 11 6.37 -12.24 5.37
C ALA A 11 6.42 -13.76 5.60
N LYS A 12 7.58 -14.37 5.51
CA LYS A 12 7.68 -15.84 5.72
C LYS A 12 8.76 -16.16 6.77
N ARG A 13 9.99 -15.76 6.54
CA ARG A 13 11.07 -16.05 7.53
C ARG A 13 12.09 -14.91 7.57
N GLY A 14 12.59 -14.54 8.74
CA GLY A 14 13.59 -13.44 8.82
C GLY A 14 12.93 -12.18 9.39
N THR A 15 13.67 -11.36 10.10
CA THR A 15 13.08 -10.11 10.68
C THR A 15 13.74 -8.87 10.05
N ALA A 16 12.96 -7.93 9.55
CA ALA A 16 13.56 -6.72 8.93
C ALA A 16 12.80 -5.46 9.33
N GLY A 17 13.49 -4.42 9.76
CA GLY A 17 12.78 -3.16 10.13
C GLY A 17 12.04 -2.64 8.90
N CYS A 18 10.74 -2.43 9.00
CA CYS A 18 9.99 -1.96 7.79
C CYS A 18 10.45 -0.55 7.36
N LYS A 19 10.84 -0.41 6.10
CA LYS A 19 11.30 0.94 5.61
C LYS A 19 10.09 1.85 5.47
N LYS A 20 10.26 3.15 5.49
CA LYS A 20 9.09 4.09 5.38
C LYS A 20 8.14 3.97 6.60
N CYS A 21 8.58 3.37 7.70
CA CYS A 21 7.71 3.27 8.92
C CYS A 21 8.47 2.59 10.08
N LYS A 22 8.12 2.89 11.33
CA LYS A 22 8.87 2.27 12.48
C LYS A 22 8.25 0.94 12.92
N GLU A 23 8.71 -0.17 12.37
CA GLU A 23 8.16 -1.50 12.77
C GLU A 23 9.06 -2.64 12.24
N LYS A 24 8.66 -3.89 12.37
CA LYS A 24 9.50 -5.02 11.88
C LYS A 24 8.61 -6.09 11.22
N ILE A 25 9.11 -6.79 10.23
CA ILE A 25 8.28 -7.84 9.56
C ILE A 25 8.85 -9.23 9.86
N VAL A 26 8.03 -10.17 10.29
CA VAL A 26 8.56 -11.54 10.58
C VAL A 26 7.46 -12.61 10.48
N LYS A 27 7.21 -13.09 9.27
CA LYS A 27 6.16 -14.16 9.07
C LYS A 27 4.84 -13.82 9.76
N GLY A 28 3.84 -13.36 9.01
CA GLY A 28 2.53 -13.06 9.65
C GLY A 28 1.92 -11.73 9.12
N VAL A 29 2.70 -10.83 8.57
CA VAL A 29 2.10 -9.55 8.08
C VAL A 29 2.46 -9.29 6.61
N CYS A 30 1.51 -8.80 5.82
CA CYS A 30 1.82 -8.53 4.37
C CYS A 30 2.56 -7.19 4.23
N ARG A 31 3.53 -7.10 3.34
CA ARG A 31 4.28 -5.82 3.17
C ARG A 31 4.32 -5.42 1.69
N ILE A 32 4.23 -4.14 1.39
CA ILE A 32 4.27 -3.71 -0.04
C ILE A 32 5.59 -2.96 -0.31
N GLY A 33 6.34 -3.36 -1.31
CA GLY A 33 7.63 -2.66 -1.60
C GLY A 33 7.47 -1.81 -2.87
N LYS A 34 8.25 -0.75 -3.01
CA LYS A 34 8.15 0.10 -4.24
C LYS A 34 9.53 0.27 -4.87
N VAL A 35 9.64 0.29 -6.18
CA VAL A 35 10.97 0.45 -6.82
C VAL A 35 11.09 1.85 -7.45
N VAL A 36 11.90 2.73 -6.87
CA VAL A 36 12.05 4.10 -7.44
C VAL A 36 13.49 4.31 -7.95
N PRO A 37 13.64 4.45 -9.26
CA PRO A 37 15.00 4.66 -9.83
C PRO A 37 15.50 6.07 -9.50
N ASN A 38 16.80 6.24 -9.37
CA ASN A 38 17.35 7.60 -9.06
C ASN A 38 17.92 8.24 -10.33
N PRO A 39 18.13 9.55 -10.29
CA PRO A 39 18.68 10.25 -11.46
C PRO A 39 20.16 9.91 -11.65
N PHE A 40 20.65 9.89 -12.88
CA PHE A 40 22.10 9.56 -13.12
C PHE A 40 22.46 8.21 -12.47
N SER A 41 22.48 7.14 -13.24
CA SER A 41 22.82 5.80 -12.66
C SER A 41 23.82 5.08 -13.57
N GLU A 42 24.97 4.69 -13.04
CA GLU A 42 25.98 3.98 -13.90
C GLU A 42 25.96 2.47 -13.62
N SER A 43 25.98 2.07 -12.36
CA SER A 43 25.96 0.59 -12.06
C SER A 43 24.52 0.08 -11.97
N GLY A 44 23.64 0.80 -11.31
CA GLY A 44 22.23 0.32 -11.20
C GLY A 44 21.28 1.53 -11.13
N GLY A 45 20.79 1.87 -9.95
CA GLY A 45 19.85 3.03 -9.84
C GLY A 45 18.44 2.53 -9.49
N ASP A 46 18.30 1.77 -8.42
CA ASP A 46 16.94 1.25 -8.05
C ASP A 46 16.80 1.18 -6.52
N MET A 47 15.74 1.71 -5.96
CA MET A 47 15.57 1.65 -4.47
C MET A 47 14.31 0.86 -4.11
N LYS A 48 14.42 -0.12 -3.23
CA LYS A 48 13.23 -0.92 -2.83
C LYS A 48 13.09 -0.92 -1.30
N GLU A 49 11.98 -0.48 -0.76
CA GLU A 49 11.81 -0.47 0.72
C GLU A 49 10.64 -1.38 1.14
N TRP A 50 10.76 -2.08 2.25
CA TRP A 50 9.64 -2.97 2.70
C TRP A 50 8.81 -2.28 3.78
N TYR A 51 7.55 -1.96 3.52
CA TYR A 51 6.71 -1.33 4.58
C TYR A 51 5.43 -2.16 4.78
N HIS A 52 4.63 -1.82 5.76
CA HIS A 52 3.38 -2.59 6.01
C HIS A 52 2.19 -1.94 5.28
N ILE A 53 0.99 -2.44 5.50
CA ILE A 53 -0.19 -1.81 4.82
C ILE A 53 -0.62 -0.60 5.65
N LYS A 54 -0.91 -0.78 6.92
CA LYS A 54 -1.31 0.40 7.77
C LYS A 54 -0.18 1.44 7.77
N CYS A 55 1.06 1.00 7.81
CA CYS A 55 2.19 2.00 7.78
C CYS A 55 2.12 2.81 6.48
N MET A 56 2.02 2.16 5.36
CA MET A 56 1.93 2.91 4.05
C MET A 56 0.59 3.63 3.98
N PHE A 57 -0.49 2.96 4.32
CA PHE A 57 -1.83 3.64 4.27
C PHE A 57 -1.86 4.81 5.27
N GLU A 58 -1.13 4.73 6.37
CA GLU A 58 -1.14 5.89 7.33
C GLU A 58 -0.49 7.11 6.66
N LYS A 59 0.59 6.92 5.94
CA LYS A 59 1.24 8.09 5.25
C LYS A 59 0.29 8.61 4.17
N LEU A 60 -0.38 7.72 3.43
CA LEU A 60 -1.35 8.20 2.38
C LEU A 60 -2.38 9.13 3.03
N GLU A 61 -2.86 8.80 4.22
CA GLU A 61 -3.84 9.71 4.91
C GLU A 61 -3.25 11.12 5.05
N ARG A 62 -1.95 11.22 5.24
CA ARG A 62 -1.31 12.57 5.35
C ARG A 62 -0.55 12.92 4.06
N ALA A 63 -1.00 12.45 2.91
CA ALA A 63 -0.29 12.77 1.63
C ALA A 63 -1.15 13.70 0.77
N ARG A 64 -0.60 14.25 -0.29
CA ARG A 64 -1.42 15.16 -1.18
C ARG A 64 -2.15 14.35 -2.25
N ALA A 65 -3.24 14.86 -2.79
CA ALA A 65 -3.98 14.09 -3.85
C ALA A 65 -3.21 14.11 -5.19
N THR A 66 -2.51 15.19 -5.49
CA THR A 66 -1.74 15.24 -6.80
C THR A 66 -0.87 13.98 -6.97
N THR A 67 -0.30 13.46 -5.91
CA THR A 67 0.55 12.23 -6.03
C THR A 67 -0.13 11.04 -5.33
N LYS A 68 -0.48 10.02 -6.06
CA LYS A 68 -1.15 8.84 -5.43
C LYS A 68 -0.27 7.58 -5.56
N LYS A 69 -0.25 6.71 -4.57
CA LYS A 69 0.58 5.49 -4.66
C LYS A 69 -0.28 4.24 -4.41
N ILE A 70 0.14 3.09 -4.92
CA ILE A 70 -0.65 1.83 -4.70
C ILE A 70 -2.11 2.01 -5.16
N GLU A 71 -2.45 1.57 -6.35
CA GLU A 71 -3.85 1.71 -6.83
C GLU A 71 -4.54 0.34 -6.89
N ASP A 72 -5.73 0.20 -6.36
CA ASP A 72 -6.43 -1.12 -6.39
C ASP A 72 -5.53 -2.24 -5.84
N LEU A 73 -5.86 -3.50 -6.08
CA LEU A 73 -5.02 -4.61 -5.55
C LEU A 73 -4.35 -5.37 -6.70
N THR A 74 -5.13 -5.87 -7.65
CA THR A 74 -4.52 -6.64 -8.80
C THR A 74 -3.41 -5.80 -9.48
N GLU A 75 -3.59 -4.50 -9.59
CA GLU A 75 -2.52 -3.65 -10.25
C GLU A 75 -1.13 -3.93 -9.66
N LEU A 76 -1.04 -4.28 -8.39
CA LEU A 76 0.31 -4.57 -7.79
C LEU A 76 0.70 -6.03 -8.02
N GLU A 77 1.98 -6.33 -8.08
CA GLU A 77 2.42 -7.75 -8.30
C GLU A 77 2.75 -8.44 -6.97
N GLY A 78 2.32 -9.67 -6.78
CA GLY A 78 2.63 -10.37 -5.50
C GLY A 78 1.38 -11.14 -5.02
N TRP A 79 0.22 -10.49 -4.99
CA TRP A 79 -1.03 -11.21 -4.52
C TRP A 79 -1.22 -12.53 -5.27
N GLU A 80 -0.79 -12.62 -6.52
CA GLU A 80 -0.97 -13.91 -7.29
C GLU A 80 -0.38 -15.11 -6.52
N GLU A 81 0.64 -14.90 -5.69
CA GLU A 81 1.24 -16.06 -4.94
C GLU A 81 0.92 -16.01 -3.44
N LEU A 82 -0.15 -15.36 -3.02
CA LEU A 82 -0.47 -15.31 -1.56
C LEU A 82 -1.75 -16.13 -1.28
N GLU A 83 -2.36 -15.97 -0.13
CA GLU A 83 -3.61 -16.77 0.16
C GLU A 83 -4.85 -16.02 -0.36
N ASP A 84 -5.96 -16.71 -0.51
CA ASP A 84 -7.20 -16.00 -1.02
C ASP A 84 -7.83 -15.17 0.11
N ASN A 85 -8.02 -15.76 1.28
CA ASN A 85 -8.62 -14.97 2.41
C ASN A 85 -7.69 -13.80 2.76
N GLU A 86 -6.40 -14.03 2.81
CA GLU A 86 -5.44 -12.91 3.13
C GLU A 86 -5.54 -11.83 2.05
N LYS A 87 -5.65 -12.22 0.79
CA LYS A 87 -5.76 -11.19 -0.31
C LYS A 87 -6.99 -10.30 -0.08
N GLU A 88 -8.10 -10.88 0.35
CA GLU A 88 -9.33 -10.04 0.58
C GLU A 88 -9.03 -8.94 1.62
N GLN A 89 -8.26 -9.24 2.64
CA GLN A 89 -7.94 -8.19 3.68
C GLN A 89 -7.22 -7.00 3.03
N ILE A 90 -6.37 -7.24 2.05
CA ILE A 90 -5.66 -6.09 1.39
C ILE A 90 -6.66 -5.27 0.55
N THR A 91 -7.59 -5.92 -0.12
CA THR A 91 -8.60 -5.15 -0.93
C THR A 91 -9.42 -4.26 0.01
N GLN A 92 -9.78 -4.75 1.18
CA GLN A 92 -10.58 -3.90 2.14
C GLN A 92 -9.82 -2.59 2.44
N HIS A 93 -8.50 -2.63 2.53
CA HIS A 93 -7.72 -1.37 2.82
C HIS A 93 -8.07 -0.29 1.78
N ILE A 94 -8.02 -0.62 0.51
CA ILE A 94 -8.37 0.42 -0.53
C ILE A 94 -9.85 0.79 -0.40
N ALA A 95 -10.72 -0.18 -0.12
CA ALA A 95 -12.18 0.15 0.03
C ALA A 95 -12.38 1.01 1.28
N ASP A 96 -11.69 0.71 2.37
CA ASP A 96 -11.86 1.54 3.61
C ASP A 96 -11.43 2.98 3.33
N LEU A 97 -10.35 3.18 2.57
CA LEU A 97 -9.91 4.58 2.25
C LEU A 97 -10.71 5.13 1.06
N SER A 98 -11.08 4.29 0.11
CA SER A 98 -11.87 4.78 -1.06
C SER A 98 -13.35 4.37 -0.91
N SER A 99 -14.01 4.80 0.14
CA SER A 99 -15.44 4.42 0.33
C SER A 99 -16.36 5.64 0.10
N LYS A 100 -16.66 5.95 -1.15
CA LYS A 100 -17.54 7.13 -1.42
C LYS A 100 -18.64 6.74 -2.42
N ALA A 101 -19.89 6.79 -2.02
CA ALA A 101 -21.01 6.42 -2.96
C ALA A 101 -20.77 5.03 -3.56
N ALA A 102 -21.09 3.97 -2.85
CA ALA A 102 -20.87 2.60 -3.39
C ALA A 102 -22.23 1.88 -3.56
N GLY A 103 -22.97 1.72 -2.49
CA GLY A 103 -24.29 1.02 -2.60
C GLY A 103 -24.30 -0.22 -1.69
N THR A 104 -24.11 -0.03 -0.39
CA THR A 104 -24.11 -1.21 0.53
C THR A 104 -24.84 -0.85 1.84
N PRO A 105 -26.11 -1.19 1.91
CA PRO A 105 -26.89 -0.89 3.13
C PRO A 105 -26.47 -1.81 4.27
N LYS A 106 -26.81 -1.48 5.51
CA LYS A 106 -26.42 -2.35 6.65
C LYS A 106 -27.56 -2.41 7.68
N LYS A 107 -28.26 -3.51 7.77
CA LYS A 107 -29.38 -3.62 8.76
C LYS A 107 -29.15 -4.81 9.70
N LYS A 108 -28.33 -4.65 10.72
CA LYS A 108 -28.07 -5.78 11.66
C LYS A 108 -27.96 -5.25 13.10
N ALA A 109 -27.64 -6.11 14.06
CA ALA A 109 -27.53 -5.65 15.46
C ALA A 109 -26.12 -5.93 16.01
N VAL A 110 -25.35 -4.90 16.31
CA VAL A 110 -23.97 -5.12 16.84
C VAL A 110 -23.80 -4.39 18.18
N VAL A 111 -23.39 -5.09 19.23
CA VAL A 111 -23.21 -4.42 20.55
C VAL A 111 -21.91 -4.92 21.22
N GLN A 112 -21.22 -4.04 21.93
CA GLN A 112 -19.95 -4.47 22.60
C GLN A 112 -20.07 -4.29 24.12
N ALA A 113 -20.54 -5.31 24.83
CA ALA A 113 -20.67 -5.19 26.31
C ALA A 113 -20.08 -6.42 27.01
N LYS A 114 -19.19 -6.24 27.95
CA LYS A 114 -18.59 -7.42 28.65
C LYS A 114 -18.79 -7.29 30.18
N LEU A 115 -19.27 -8.34 30.83
CA LEU A 115 -19.48 -8.25 32.30
C LEU A 115 -18.70 -9.38 33.02
N THR A 116 -18.09 -9.08 34.14
CA THR A 116 -17.32 -10.13 34.87
C THR A 116 -17.83 -10.28 36.31
N THR A 117 -17.75 -11.46 36.89
CA THR A 117 -18.24 -11.64 38.29
C THR A 117 -17.10 -12.10 39.19
N MET A 1 4.25 5.00 -12.42
CA MET A 1 4.58 4.64 -13.83
C MET A 1 5.89 5.33 -14.26
N ALA A 2 6.30 5.17 -15.51
CA ALA A 2 7.57 5.81 -15.99
C ALA A 2 8.81 5.25 -15.25
N GLU A 3 8.98 5.58 -13.98
CA GLU A 3 10.15 5.04 -13.23
C GLU A 3 9.75 4.68 -11.79
N GLN A 4 8.60 4.05 -11.61
CA GLN A 4 8.17 3.68 -10.23
C GLN A 4 7.36 2.37 -10.26
N ARG A 5 7.65 1.45 -9.37
CA ARG A 5 6.90 0.15 -9.36
C ARG A 5 6.48 -0.21 -7.93
N PHE A 6 5.27 -0.69 -7.74
CA PHE A 6 4.81 -1.07 -6.37
C PHE A 6 4.19 -2.47 -6.39
N CYS A 7 4.42 -3.28 -5.38
CA CYS A 7 3.81 -4.65 -5.35
C CYS A 7 3.63 -5.12 -3.91
N VAL A 8 2.87 -6.18 -3.67
CA VAL A 8 2.70 -6.65 -2.26
C VAL A 8 3.53 -7.93 -2.00
N ASP A 9 4.13 -8.04 -0.83
CA ASP A 9 4.93 -9.25 -0.51
C ASP A 9 4.62 -9.71 0.93
N TYR A 10 4.67 -10.99 1.19
CA TYR A 10 4.36 -11.48 2.58
C TYR A 10 5.67 -11.81 3.33
N ALA A 11 5.65 -11.74 4.65
CA ALA A 11 6.91 -12.06 5.42
C ALA A 11 7.02 -13.56 5.65
N LYS A 12 8.19 -14.14 5.42
CA LYS A 12 8.35 -15.61 5.63
C LYS A 12 9.65 -15.89 6.40
N ARG A 13 9.56 -16.24 7.68
CA ARG A 13 10.79 -16.54 8.48
C ARG A 13 11.79 -15.37 8.39
N GLY A 14 11.76 -14.45 9.36
CA GLY A 14 12.71 -13.31 9.31
C GLY A 14 11.97 -12.00 9.67
N THR A 15 12.61 -11.09 10.36
CA THR A 15 11.93 -9.82 10.74
C THR A 15 12.66 -8.62 10.10
N ALA A 16 11.93 -7.69 9.51
CA ALA A 16 12.60 -6.52 8.88
C ALA A 16 11.99 -5.21 9.39
N GLY A 17 12.82 -4.24 9.73
CA GLY A 17 12.29 -2.95 10.24
C GLY A 17 11.48 -2.24 9.14
N CYS A 18 10.23 -1.91 9.41
CA CYS A 18 9.41 -1.22 8.35
C CYS A 18 10.06 0.14 8.00
N LYS A 19 10.27 0.41 6.73
CA LYS A 19 10.90 1.74 6.35
C LYS A 19 9.99 2.88 6.82
N LYS A 20 10.55 4.01 7.23
CA LYS A 20 9.69 5.14 7.71
C LYS A 20 8.73 4.64 8.80
N CYS A 21 9.23 3.93 9.78
CA CYS A 21 8.34 3.38 10.84
C CYS A 21 9.16 2.89 12.06
N LYS A 22 8.60 2.92 13.25
CA LYS A 22 9.35 2.43 14.44
C LYS A 22 8.83 1.02 14.79
N GLU A 23 8.76 0.14 13.82
CA GLU A 23 8.25 -1.23 14.09
C GLU A 23 9.01 -2.26 13.22
N LYS A 24 8.59 -3.51 13.24
CA LYS A 24 9.30 -4.55 12.43
C LYS A 24 8.28 -5.40 11.67
N ILE A 25 8.70 -6.07 10.62
CA ILE A 25 7.74 -6.93 9.84
C ILE A 25 7.99 -8.41 10.17
N VAL A 26 7.13 -9.01 10.96
CA VAL A 26 7.34 -10.46 11.33
C VAL A 26 6.36 -11.35 10.55
N LYS A 27 6.64 -12.65 10.45
CA LYS A 27 5.72 -13.58 9.70
C LYS A 27 4.24 -13.34 10.06
N GLY A 28 3.36 -13.35 9.09
CA GLY A 28 1.91 -13.11 9.37
C GLY A 28 1.51 -11.67 8.99
N VAL A 29 2.41 -10.85 8.46
CA VAL A 29 2.03 -9.45 8.08
C VAL A 29 2.40 -9.20 6.60
N CYS A 30 1.51 -8.60 5.84
CA CYS A 30 1.83 -8.34 4.39
C CYS A 30 2.53 -6.99 4.23
N ARG A 31 3.54 -6.91 3.39
CA ARG A 31 4.26 -5.62 3.19
C ARG A 31 4.33 -5.27 1.70
N ILE A 32 4.43 -4.00 1.34
CA ILE A 32 4.50 -3.64 -0.11
C ILE A 32 5.94 -3.32 -0.51
N GLY A 33 6.39 -3.82 -1.65
CA GLY A 33 7.78 -3.52 -2.10
C GLY A 33 7.72 -2.49 -3.22
N LYS A 34 8.44 -1.39 -3.10
CA LYS A 34 8.41 -0.35 -4.18
C LYS A 34 9.70 -0.41 -4.99
N VAL A 35 9.63 -0.77 -6.26
CA VAL A 35 10.90 -0.84 -7.08
C VAL A 35 11.08 0.46 -7.88
N VAL A 36 12.19 1.15 -7.67
CA VAL A 36 12.43 2.41 -8.43
C VAL A 36 13.73 2.28 -9.26
N PRO A 37 13.59 2.22 -10.57
CA PRO A 37 14.78 2.09 -11.44
C PRO A 37 15.57 3.40 -11.48
N ASN A 38 16.89 3.33 -11.61
CA ASN A 38 17.70 4.58 -11.67
C ASN A 38 18.13 4.87 -13.12
N PRO A 39 18.58 6.08 -13.37
CA PRO A 39 19.00 6.45 -14.75
C PRO A 39 20.31 5.72 -15.11
N PHE A 40 20.82 5.91 -16.31
CA PHE A 40 22.10 5.25 -16.74
C PHE A 40 21.96 3.71 -16.76
N SER A 41 21.83 3.07 -15.61
CA SER A 41 21.69 1.58 -15.60
C SER A 41 20.30 1.19 -15.06
N GLU A 42 19.53 0.45 -15.83
CA GLU A 42 18.17 0.04 -15.34
C GLU A 42 18.18 -1.42 -14.87
N SER A 43 18.75 -2.33 -15.64
CA SER A 43 18.79 -3.77 -15.20
C SER A 43 19.48 -3.89 -13.84
N GLY A 44 20.55 -3.16 -13.61
CA GLY A 44 21.27 -3.25 -12.31
C GLY A 44 21.14 -1.92 -11.57
N GLY A 45 19.98 -1.28 -11.60
CA GLY A 45 19.83 0.02 -10.88
C GLY A 45 18.39 0.16 -10.36
N ASP A 46 18.03 -0.61 -9.35
CA ASP A 46 16.64 -0.51 -8.80
C ASP A 46 16.65 -0.69 -7.28
N MET A 47 15.82 0.04 -6.56
CA MET A 47 15.79 -0.10 -5.06
C MET A 47 14.42 -0.62 -4.61
N LYS A 48 14.38 -1.51 -3.63
CA LYS A 48 13.08 -2.05 -3.15
C LYS A 48 12.98 -1.95 -1.62
N GLU A 49 11.96 -1.27 -1.11
CA GLU A 49 11.81 -1.15 0.37
C GLU A 49 10.51 -1.83 0.81
N TRP A 50 10.50 -2.44 1.98
CA TRP A 50 9.24 -3.11 2.45
C TRP A 50 8.48 -2.19 3.39
N TYR A 51 7.16 -2.15 3.28
CA TYR A 51 6.36 -1.28 4.18
C TYR A 51 5.28 -2.10 4.89
N HIS A 52 4.57 -1.51 5.82
CA HIS A 52 3.48 -2.26 6.54
C HIS A 52 2.17 -2.05 5.78
N ILE A 53 1.05 -2.50 6.31
CA ILE A 53 -0.24 -2.28 5.57
C ILE A 53 -0.79 -0.89 5.93
N LYS A 54 -0.69 -0.48 7.17
CA LYS A 54 -1.20 0.90 7.54
C LYS A 54 -0.11 1.95 7.30
N CYS A 55 1.16 1.61 7.44
CA CYS A 55 2.24 2.64 7.22
C CYS A 55 2.27 3.04 5.74
N MET A 56 2.32 2.08 4.84
CA MET A 56 2.36 2.44 3.38
C MET A 56 1.04 3.09 2.96
N PHE A 57 -0.08 2.60 3.45
CA PHE A 57 -1.39 3.25 3.07
C PHE A 57 -1.49 4.62 3.74
N GLU A 58 -0.93 4.79 4.92
CA GLU A 58 -1.00 6.15 5.59
C GLU A 58 -0.32 7.19 4.69
N LYS A 59 0.76 6.83 4.02
CA LYS A 59 1.46 7.84 3.12
C LYS A 59 0.47 8.32 2.05
N LEU A 60 -0.34 7.43 1.49
CA LEU A 60 -1.32 7.88 0.44
C LEU A 60 -2.23 8.97 1.03
N GLU A 61 -2.69 8.80 2.25
CA GLU A 61 -3.56 9.87 2.88
C GLU A 61 -2.78 11.20 2.92
N ARG A 62 -1.48 11.16 3.11
CA ARG A 62 -0.69 12.43 3.15
C ARG A 62 0.16 12.57 1.88
N ALA A 63 -0.29 12.06 0.75
CA ALA A 63 0.51 12.20 -0.51
C ALA A 63 -0.19 13.16 -1.49
N ARG A 64 0.49 13.59 -2.53
CA ARG A 64 -0.16 14.54 -3.50
C ARG A 64 -1.33 13.84 -4.21
N ALA A 65 -2.30 14.59 -4.70
CA ALA A 65 -3.46 13.94 -5.42
C ALA A 65 -3.14 13.73 -6.89
N THR A 66 -2.39 14.63 -7.51
CA THR A 66 -2.06 14.45 -8.99
C THR A 66 -1.48 13.04 -9.25
N THR A 67 -0.70 12.51 -8.34
CA THR A 67 -0.12 11.14 -8.55
C THR A 67 -0.73 10.14 -7.57
N LYS A 68 -1.19 9.00 -8.03
CA LYS A 68 -1.79 7.99 -7.11
C LYS A 68 -0.96 6.70 -7.11
N LYS A 69 -0.85 6.05 -5.97
CA LYS A 69 -0.05 4.77 -5.92
C LYS A 69 -0.94 3.61 -5.50
N ILE A 70 -0.86 2.47 -6.18
CA ILE A 70 -1.71 1.30 -5.81
C ILE A 70 -3.20 1.69 -5.79
N GLU A 71 -3.94 1.40 -6.83
CA GLU A 71 -5.39 1.75 -6.85
C GLU A 71 -6.24 0.47 -6.85
N ASP A 72 -7.30 0.43 -6.06
CA ASP A 72 -8.17 -0.80 -6.02
C ASP A 72 -7.33 -2.06 -5.72
N LEU A 73 -7.85 -3.23 -5.97
CA LEU A 73 -7.07 -4.48 -5.68
C LEU A 73 -6.73 -5.21 -6.99
N THR A 74 -5.73 -6.07 -6.99
CA THR A 74 -5.35 -6.80 -8.25
C THR A 74 -4.93 -5.81 -9.34
N GLU A 75 -4.10 -4.84 -9.00
CA GLU A 75 -3.65 -3.85 -10.04
C GLU A 75 -2.14 -4.03 -10.29
N LEU A 76 -1.31 -3.83 -9.29
CA LEU A 76 0.16 -4.03 -9.49
C LEU A 76 0.75 -4.73 -8.27
N GLU A 77 0.38 -5.97 -8.04
CA GLU A 77 0.95 -6.70 -6.86
C GLU A 77 1.17 -8.18 -7.20
N GLY A 78 2.25 -8.78 -6.72
CA GLY A 78 2.48 -10.23 -7.02
C GLY A 78 1.54 -11.08 -6.16
N TRP A 79 0.24 -11.04 -6.44
CA TRP A 79 -0.73 -11.86 -5.63
C TRP A 79 -0.96 -13.23 -6.28
N GLU A 80 -0.93 -13.34 -7.60
CA GLU A 80 -1.15 -14.68 -8.25
C GLU A 80 -0.22 -15.76 -7.65
N GLU A 81 0.96 -15.40 -7.17
CA GLU A 81 1.87 -16.43 -6.59
C GLU A 81 1.70 -16.51 -5.06
N LEU A 82 1.51 -15.39 -4.39
CA LEU A 82 1.34 -15.43 -2.90
C LEU A 82 -0.03 -16.05 -2.55
N GLU A 83 -0.39 -16.09 -1.27
CA GLU A 83 -1.72 -16.69 -0.90
C GLU A 83 -2.87 -15.87 -1.49
N ASP A 84 -3.99 -16.50 -1.81
CA ASP A 84 -5.14 -15.73 -2.39
C ASP A 84 -6.03 -15.17 -1.26
N ASN A 85 -6.25 -15.93 -0.22
CA ASN A 85 -7.13 -15.42 0.91
C ASN A 85 -6.53 -14.11 1.47
N GLU A 86 -5.23 -14.05 1.63
CA GLU A 86 -4.61 -12.79 2.18
C GLU A 86 -4.94 -11.60 1.26
N LYS A 87 -4.93 -11.79 -0.03
CA LYS A 87 -5.26 -10.65 -0.97
C LYS A 87 -6.67 -10.12 -0.67
N GLU A 88 -7.61 -11.00 -0.36
CA GLU A 88 -9.01 -10.51 -0.07
C GLU A 88 -8.97 -9.54 1.13
N GLN A 89 -8.26 -9.87 2.18
CA GLN A 89 -8.19 -8.94 3.37
C GLN A 89 -7.62 -7.58 2.93
N ILE A 90 -6.68 -7.56 1.99
CA ILE A 90 -6.11 -6.25 1.54
C ILE A 90 -7.24 -5.35 1.00
N THR A 91 -8.21 -5.91 0.29
CA THR A 91 -9.33 -5.06 -0.24
C THR A 91 -10.03 -4.33 0.93
N GLN A 92 -10.24 -5.02 2.04
CA GLN A 92 -10.90 -4.35 3.22
C GLN A 92 -10.01 -3.20 3.70
N HIS A 93 -8.71 -3.40 3.76
CA HIS A 93 -7.80 -2.30 4.22
C HIS A 93 -7.93 -1.09 3.29
N ILE A 94 -7.91 -1.30 1.99
CA ILE A 94 -8.05 -0.13 1.04
C ILE A 94 -9.43 0.53 1.25
N ALA A 95 -10.47 -0.25 1.47
CA ALA A 95 -11.82 0.37 1.68
C ALA A 95 -11.79 1.27 2.93
N ASP A 96 -11.10 0.85 3.98
CA ASP A 96 -11.04 1.72 5.21
C ASP A 96 -10.36 3.05 4.86
N LEU A 97 -9.28 3.01 4.10
CA LEU A 97 -8.59 4.31 3.72
C LEU A 97 -9.55 5.20 2.93
N SER A 98 -10.42 4.62 2.11
CA SER A 98 -11.38 5.46 1.31
C SER A 98 -12.76 5.45 1.98
N SER A 99 -12.89 6.04 3.16
CA SER A 99 -14.21 6.06 3.84
C SER A 99 -14.47 7.44 4.45
N LYS A 100 -15.71 7.75 4.79
CA LYS A 100 -16.01 9.09 5.39
C LYS A 100 -16.73 8.91 6.74
N ALA A 101 -16.30 7.97 7.56
CA ALA A 101 -16.97 7.77 8.88
C ALA A 101 -15.96 7.96 10.02
N ALA A 102 -15.69 9.19 10.41
CA ALA A 102 -14.71 9.44 11.51
C ALA A 102 -15.36 10.29 12.61
N GLY A 103 -14.60 10.68 13.62
CA GLY A 103 -15.18 11.51 14.72
C GLY A 103 -14.65 12.94 14.61
N THR A 104 -14.59 13.67 15.71
CA THR A 104 -14.08 15.07 15.66
C THR A 104 -13.26 15.38 16.92
N PRO A 105 -11.95 15.26 16.82
CA PRO A 105 -11.07 15.53 17.98
C PRO A 105 -11.01 17.05 18.27
N LYS A 106 -10.80 17.44 19.50
CA LYS A 106 -10.74 18.89 19.82
C LYS A 106 -9.34 19.26 20.37
N LYS A 107 -8.50 19.87 19.56
CA LYS A 107 -7.14 20.24 20.05
C LYS A 107 -6.75 21.64 19.52
N LYS A 108 -6.29 22.52 20.37
CA LYS A 108 -5.90 23.88 19.90
C LYS A 108 -4.41 24.14 20.20
N ALA A 109 -3.53 23.23 19.81
CA ALA A 109 -2.08 23.44 20.07
C ALA A 109 -1.32 23.52 18.74
N VAL A 110 -0.15 24.15 18.74
CA VAL A 110 0.63 24.26 17.46
C VAL A 110 1.97 23.52 17.61
N VAL A 111 2.37 22.76 16.60
CA VAL A 111 3.65 22.01 16.69
C VAL A 111 4.59 22.44 15.56
N GLN A 112 5.74 23.00 15.87
CA GLN A 112 6.68 23.44 14.80
C GLN A 112 8.04 22.72 14.96
N ALA A 113 8.33 21.77 14.10
CA ALA A 113 9.63 21.04 14.20
C ALA A 113 10.44 21.20 12.90
N LYS A 114 11.75 21.36 13.01
CA LYS A 114 12.58 21.52 11.78
C LYS A 114 13.57 20.35 11.64
N LEU A 115 13.73 19.80 10.46
CA LEU A 115 14.69 18.67 10.28
C LEU A 115 15.73 19.01 9.20
N THR A 116 16.95 19.28 9.58
CA THR A 116 18.00 19.62 8.56
C THR A 116 19.32 18.92 8.92
N THR A 117 19.62 17.80 8.30
CA THR A 117 20.89 17.08 8.61
C THR A 117 21.64 16.77 7.31
N MET A 1 4.72 3.55 -19.32
CA MET A 1 5.11 4.09 -17.99
C MET A 1 6.01 3.10 -17.23
N ALA A 2 7.31 3.24 -17.31
CA ALA A 2 8.22 2.30 -16.60
C ALA A 2 9.21 3.08 -15.72
N GLU A 3 8.74 3.72 -14.68
CA GLU A 3 9.67 4.49 -13.79
C GLU A 3 9.66 3.91 -12.37
N GLN A 4 8.51 3.84 -11.73
CA GLN A 4 8.46 3.28 -10.35
C GLN A 4 7.64 1.98 -10.33
N ARG A 5 7.97 1.06 -9.45
CA ARG A 5 7.21 -0.22 -9.39
C ARG A 5 6.66 -0.47 -7.98
N PHE A 6 5.58 -1.21 -7.85
CA PHE A 6 4.99 -1.48 -6.50
C PHE A 6 4.38 -2.89 -6.47
N CYS A 7 4.63 -3.67 -5.44
CA CYS A 7 4.02 -5.05 -5.37
C CYS A 7 3.85 -5.48 -3.91
N VAL A 8 3.09 -6.52 -3.63
CA VAL A 8 2.92 -6.95 -2.20
C VAL A 8 3.79 -8.18 -1.91
N ASP A 9 4.76 -8.07 -1.03
CA ASP A 9 5.62 -9.24 -0.69
C ASP A 9 5.22 -9.78 0.69
N TYR A 10 5.22 -11.09 0.87
CA TYR A 10 4.83 -11.65 2.21
C TYR A 10 6.08 -12.03 3.00
N ALA A 11 6.00 -12.01 4.32
CA ALA A 11 7.19 -12.38 5.14
C ALA A 11 7.05 -13.82 5.66
N LYS A 12 8.10 -14.61 5.59
CA LYS A 12 8.00 -16.02 6.08
C LYS A 12 8.91 -16.23 7.30
N ARG A 13 10.20 -15.92 7.19
CA ARG A 13 11.12 -16.11 8.35
C ARG A 13 11.99 -14.87 8.54
N GLY A 14 12.50 -14.63 9.72
CA GLY A 14 13.37 -13.44 9.95
C GLY A 14 12.49 -12.19 10.11
N THR A 15 13.02 -11.11 10.65
CA THR A 15 12.21 -9.88 10.82
C THR A 15 13.04 -8.64 10.46
N ALA A 16 12.42 -7.62 9.89
CA ALA A 16 13.20 -6.40 9.52
C ALA A 16 12.38 -5.13 9.80
N GLY A 17 13.02 -4.07 10.28
CA GLY A 17 12.27 -2.81 10.55
C GLY A 17 11.57 -2.36 9.27
N CYS A 18 10.27 -2.10 9.33
CA CYS A 18 9.55 -1.70 8.07
C CYS A 18 10.05 -0.33 7.56
N LYS A 19 10.56 -0.30 6.34
CA LYS A 19 11.06 1.01 5.77
C LYS A 19 9.88 1.96 5.59
N LYS A 20 10.10 3.26 5.57
CA LYS A 20 8.97 4.23 5.41
C LYS A 20 7.99 4.19 6.60
N CYS A 21 8.37 3.61 7.73
CA CYS A 21 7.46 3.59 8.93
C CYS A 21 8.17 2.97 10.16
N LYS A 22 7.82 3.40 11.36
CA LYS A 22 8.52 2.85 12.59
C LYS A 22 7.86 1.57 13.09
N GLU A 23 8.28 0.43 12.59
CA GLU A 23 7.69 -0.87 13.05
C GLU A 23 8.57 -2.06 12.60
N LYS A 24 8.13 -3.28 12.81
CA LYS A 24 8.95 -4.47 12.40
C LYS A 24 8.08 -5.45 11.61
N ILE A 25 8.68 -6.24 10.74
CA ILE A 25 7.86 -7.22 9.95
C ILE A 25 8.13 -8.65 10.46
N VAL A 26 7.09 -9.36 10.88
CA VAL A 26 7.30 -10.76 11.37
C VAL A 26 6.49 -11.75 10.52
N LYS A 27 6.84 -13.02 10.55
CA LYS A 27 6.10 -14.04 9.73
C LYS A 27 4.57 -13.90 9.90
N GLY A 28 3.83 -13.88 8.81
CA GLY A 28 2.35 -13.73 8.92
C GLY A 28 1.88 -12.30 8.56
N VAL A 29 2.75 -11.44 8.05
CA VAL A 29 2.30 -10.05 7.71
C VAL A 29 2.62 -9.73 6.23
N CYS A 30 1.70 -9.11 5.52
CA CYS A 30 1.98 -8.77 4.08
C CYS A 30 2.52 -7.34 3.98
N ARG A 31 3.58 -7.13 3.22
CA ARG A 31 4.14 -5.75 3.08
C ARG A 31 4.28 -5.38 1.60
N ILE A 32 4.14 -4.11 1.25
CA ILE A 32 4.27 -3.73 -0.19
C ILE A 32 5.62 -3.05 -0.41
N GLY A 33 6.43 -3.54 -1.32
CA GLY A 33 7.74 -2.91 -1.57
C GLY A 33 7.69 -2.14 -2.89
N LYS A 34 8.35 -1.01 -2.98
CA LYS A 34 8.32 -0.25 -4.27
C LYS A 34 9.70 -0.36 -4.94
N VAL A 35 9.79 -0.95 -6.11
CA VAL A 35 11.12 -1.08 -6.78
C VAL A 35 11.33 0.06 -7.79
N VAL A 36 12.21 1.00 -7.49
CA VAL A 36 12.46 2.12 -8.45
C VAL A 36 13.95 2.19 -8.80
N PRO A 37 14.26 2.52 -10.04
CA PRO A 37 15.67 2.60 -10.46
C PRO A 37 16.31 3.89 -9.94
N ASN A 38 17.57 3.86 -9.56
CA ASN A 38 18.24 5.10 -9.04
C ASN A 38 19.17 5.69 -10.12
N PRO A 39 18.92 6.92 -10.50
CA PRO A 39 19.78 7.56 -11.53
C PRO A 39 21.16 7.90 -10.95
N PHE A 40 22.04 6.92 -10.85
CA PHE A 40 23.39 7.19 -10.28
C PHE A 40 24.46 6.32 -10.98
N SER A 41 24.32 5.01 -10.93
CA SER A 41 25.33 4.13 -11.61
C SER A 41 24.84 3.75 -13.02
N GLU A 42 25.74 3.38 -13.90
CA GLU A 42 25.31 3.00 -15.30
C GLU A 42 25.11 1.48 -15.40
N SER A 43 25.90 0.68 -14.72
CA SER A 43 25.73 -0.82 -14.81
C SER A 43 24.27 -1.21 -14.47
N GLY A 44 23.66 -0.56 -13.51
CA GLY A 44 22.25 -0.90 -13.15
C GLY A 44 22.07 -0.80 -11.63
N GLY A 45 20.90 -1.14 -11.12
CA GLY A 45 20.68 -1.05 -9.64
C GLY A 45 19.24 -0.58 -9.36
N ASP A 46 18.57 -1.20 -8.40
CA ASP A 46 17.16 -0.78 -8.08
C ASP A 46 17.01 -0.61 -6.56
N MET A 47 16.10 0.26 -6.13
CA MET A 47 15.92 0.46 -4.66
C MET A 47 14.53 -0.03 -4.23
N LYS A 48 14.44 -0.82 -3.17
CA LYS A 48 13.11 -1.32 -2.71
C LYS A 48 13.05 -1.29 -1.18
N GLU A 49 11.95 -0.85 -0.61
CA GLU A 49 11.83 -0.80 0.88
C GLU A 49 10.61 -1.63 1.31
N TRP A 50 10.60 -2.17 2.52
CA TRP A 50 9.43 -2.98 2.96
C TRP A 50 8.60 -2.22 4.00
N TYR A 51 7.38 -1.86 3.68
CA TYR A 51 6.52 -1.17 4.70
C TYR A 51 5.23 -1.97 4.88
N HIS A 52 4.43 -1.61 5.85
CA HIS A 52 3.16 -2.35 6.09
C HIS A 52 2.04 -1.77 5.22
N ILE A 53 0.82 -2.25 5.38
CA ILE A 53 -0.30 -1.67 4.58
C ILE A 53 -0.82 -0.44 5.32
N LYS A 54 -1.05 -0.56 6.62
CA LYS A 54 -1.52 0.63 7.41
C LYS A 54 -0.41 1.70 7.40
N CYS A 55 0.84 1.30 7.53
CA CYS A 55 1.94 2.32 7.50
C CYS A 55 1.94 3.03 6.14
N MET A 56 1.84 2.29 5.06
CA MET A 56 1.83 2.93 3.70
C MET A 56 0.53 3.69 3.50
N PHE A 57 -0.60 3.08 3.82
CA PHE A 57 -1.90 3.81 3.65
C PHE A 57 -1.98 4.99 4.64
N GLU A 58 -1.34 4.90 5.80
CA GLU A 58 -1.38 6.06 6.75
C GLU A 58 -0.44 7.15 6.25
N LYS A 59 0.75 6.79 5.80
CA LYS A 59 1.69 7.84 5.27
C LYS A 59 1.10 8.43 3.99
N LEU A 60 0.49 7.61 3.14
CA LEU A 60 -0.12 8.16 1.88
C LEU A 60 -1.13 9.26 2.25
N GLU A 61 -1.92 9.06 3.29
CA GLU A 61 -2.90 10.12 3.71
C GLU A 61 -2.14 11.42 4.04
N ARG A 62 -0.95 11.31 4.61
CA ARG A 62 -0.15 12.54 4.95
C ARG A 62 1.06 12.68 4.00
N ALA A 63 0.94 12.24 2.75
CA ALA A 63 2.11 12.37 1.82
C ALA A 63 2.02 13.68 1.02
N ARG A 64 3.08 14.06 0.33
CA ARG A 64 3.04 15.34 -0.46
C ARG A 64 1.95 15.27 -1.55
N ALA A 65 1.47 16.41 -2.01
CA ALA A 65 0.40 16.39 -3.08
C ALA A 65 0.89 15.64 -4.32
N THR A 66 2.17 15.70 -4.65
CA THR A 66 2.66 14.96 -5.87
C THR A 66 3.16 13.56 -5.46
N THR A 67 2.32 12.75 -4.85
CA THR A 67 2.75 11.39 -4.44
C THR A 67 1.92 10.32 -5.17
N LYS A 68 2.37 9.09 -5.19
CA LYS A 68 1.58 8.02 -5.90
C LYS A 68 0.70 7.28 -4.89
N LYS A 69 -0.58 7.12 -5.18
CA LYS A 69 -1.48 6.42 -4.22
C LYS A 69 -1.96 5.08 -4.81
N ILE A 70 -2.40 4.16 -3.97
CA ILE A 70 -2.89 2.84 -4.49
C ILE A 70 -4.42 2.73 -4.29
N GLU A 71 -5.17 2.57 -5.35
CA GLU A 71 -6.65 2.45 -5.21
C GLU A 71 -7.10 1.05 -5.63
N ASP A 72 -8.21 0.55 -5.09
CA ASP A 72 -8.68 -0.83 -5.46
C ASP A 72 -7.56 -1.86 -5.27
N LEU A 73 -7.70 -3.05 -5.82
CA LEU A 73 -6.63 -4.07 -5.65
C LEU A 73 -6.39 -4.81 -6.98
N THR A 74 -5.71 -5.95 -6.96
CA THR A 74 -5.44 -6.72 -8.22
C THR A 74 -4.92 -5.79 -9.34
N GLU A 75 -4.02 -4.89 -9.03
CA GLU A 75 -3.49 -3.96 -10.07
C GLU A 75 -2.00 -4.25 -10.32
N LEU A 76 -1.18 -4.20 -9.29
CA LEU A 76 0.28 -4.50 -9.49
C LEU A 76 0.85 -5.18 -8.24
N GLU A 77 0.37 -6.36 -7.91
CA GLU A 77 0.90 -7.08 -6.72
C GLU A 77 0.94 -8.60 -6.98
N GLY A 78 1.95 -9.30 -6.52
CA GLY A 78 2.01 -10.78 -6.74
C GLY A 78 1.11 -11.48 -5.72
N TRP A 79 -0.20 -11.28 -5.80
CA TRP A 79 -1.12 -11.95 -4.82
C TRP A 79 -1.59 -13.31 -5.37
N GLU A 80 -1.86 -13.41 -6.66
CA GLU A 80 -2.32 -14.72 -7.23
C GLU A 80 -1.21 -15.79 -7.12
N GLU A 81 0.06 -15.39 -7.05
CA GLU A 81 1.15 -16.41 -6.95
C GLU A 81 1.58 -16.66 -5.49
N LEU A 82 1.46 -15.67 -4.62
CA LEU A 82 1.88 -15.90 -3.19
C LEU A 82 0.66 -16.31 -2.32
N GLU A 83 -0.16 -15.38 -1.90
CA GLU A 83 -1.34 -15.76 -1.05
C GLU A 83 -2.65 -15.23 -1.66
N ASP A 84 -3.67 -16.06 -1.77
CA ASP A 84 -4.97 -15.57 -2.34
C ASP A 84 -5.84 -15.00 -1.21
N ASN A 85 -5.92 -15.68 -0.09
CA ASN A 85 -6.76 -15.15 1.05
C ASN A 85 -6.19 -13.80 1.51
N GLU A 86 -4.88 -13.67 1.58
CA GLU A 86 -4.29 -12.34 2.01
C GLU A 86 -4.79 -11.23 1.09
N LYS A 87 -4.91 -11.50 -0.20
CA LYS A 87 -5.44 -10.44 -1.14
C LYS A 87 -6.80 -9.92 -0.66
N GLU A 88 -7.64 -10.80 -0.14
CA GLU A 88 -8.99 -10.33 0.35
C GLU A 88 -8.80 -9.32 1.49
N GLN A 89 -7.90 -9.60 2.42
CA GLN A 89 -7.69 -8.62 3.56
C GLN A 89 -7.14 -7.29 3.00
N ILE A 90 -6.26 -7.34 2.02
CA ILE A 90 -5.71 -6.06 1.46
C ILE A 90 -6.86 -5.24 0.85
N THR A 91 -7.86 -5.87 0.25
CA THR A 91 -8.99 -5.08 -0.33
C THR A 91 -9.68 -4.27 0.78
N GLN A 92 -9.83 -4.85 1.96
CA GLN A 92 -10.49 -4.09 3.09
C GLN A 92 -9.73 -2.78 3.36
N HIS A 93 -8.41 -2.79 3.28
CA HIS A 93 -7.62 -1.52 3.52
C HIS A 93 -8.15 -0.38 2.63
N ILE A 94 -8.42 -0.66 1.36
CA ILE A 94 -8.95 0.42 0.46
C ILE A 94 -10.35 0.84 0.96
N ALA A 95 -11.18 -0.11 1.37
CA ALA A 95 -12.55 0.27 1.87
C ALA A 95 -12.42 1.17 3.11
N ASP A 96 -11.46 0.92 3.96
CA ASP A 96 -11.29 1.79 5.19
C ASP A 96 -10.79 3.18 4.78
N LEU A 97 -9.91 3.28 3.81
CA LEU A 97 -9.40 4.63 3.38
C LEU A 97 -10.42 5.33 2.46
N SER A 98 -11.16 4.59 1.66
CA SER A 98 -12.17 5.25 0.75
C SER A 98 -13.54 5.34 1.45
N SER A 99 -13.94 4.32 2.18
CA SER A 99 -15.26 4.36 2.88
C SER A 99 -15.05 4.34 4.40
N LYS A 100 -15.40 5.40 5.09
CA LYS A 100 -15.22 5.42 6.58
C LYS A 100 -16.58 5.57 7.28
N ALA A 101 -17.31 6.63 6.97
CA ALA A 101 -18.64 6.82 7.63
C ALA A 101 -19.76 6.78 6.58
N ALA A 102 -19.75 7.69 5.62
CA ALA A 102 -20.80 7.69 4.58
C ALA A 102 -20.18 7.76 3.18
N GLY A 103 -19.14 7.00 2.93
CA GLY A 103 -18.48 7.02 1.59
C GLY A 103 -19.06 5.91 0.71
N THR A 104 -20.10 6.19 -0.05
CA THR A 104 -20.69 5.14 -0.92
C THR A 104 -20.63 5.57 -2.41
N PRO A 105 -19.43 5.65 -2.93
CA PRO A 105 -19.27 6.07 -4.35
C PRO A 105 -19.70 4.93 -5.29
N LYS A 106 -19.33 3.70 -5.00
CA LYS A 106 -19.74 2.57 -5.89
C LYS A 106 -20.61 1.57 -5.11
N LYS A 107 -21.68 1.08 -5.71
CA LYS A 107 -22.56 0.11 -5.00
C LYS A 107 -22.56 -1.25 -5.73
N LYS A 108 -22.90 -1.28 -7.00
CA LYS A 108 -22.91 -2.57 -7.75
C LYS A 108 -22.11 -2.43 -9.06
N ALA A 109 -20.88 -1.97 -8.99
CA ALA A 109 -20.07 -1.81 -10.24
C ALA A 109 -18.84 -2.72 -10.19
N VAL A 110 -18.84 -3.81 -10.92
CA VAL A 110 -17.67 -4.73 -10.91
C VAL A 110 -17.23 -5.05 -12.35
N VAL A 111 -15.95 -5.27 -12.58
CA VAL A 111 -15.47 -5.58 -13.96
C VAL A 111 -14.46 -6.74 -13.93
N GLN A 112 -14.49 -7.62 -14.90
CA GLN A 112 -13.53 -8.76 -14.92
C GLN A 112 -12.84 -8.86 -16.29
N ALA A 113 -11.53 -8.92 -16.33
CA ALA A 113 -10.81 -9.03 -17.63
C ALA A 113 -9.80 -10.18 -17.60
N LYS A 114 -10.09 -11.28 -18.27
CA LYS A 114 -9.13 -12.43 -18.27
C LYS A 114 -8.69 -12.75 -19.70
N LEU A 115 -7.42 -12.52 -20.03
CA LEU A 115 -6.94 -12.82 -21.41
C LEU A 115 -5.73 -13.75 -21.35
N THR A 116 -5.71 -14.80 -22.16
CA THR A 116 -4.54 -15.74 -22.15
C THR A 116 -4.04 -15.99 -23.57
N THR A 117 -2.83 -15.59 -23.89
CA THR A 117 -2.31 -15.82 -25.27
C THR A 117 -1.06 -16.71 -25.23
N MET A 1 6.21 11.70 -18.36
CA MET A 1 6.38 10.23 -18.17
C MET A 1 6.48 9.89 -16.68
N ALA A 2 5.95 8.75 -16.28
CA ALA A 2 6.02 8.37 -14.83
C ALA A 2 6.69 7.01 -14.67
N GLU A 3 7.59 6.86 -13.73
CA GLU A 3 8.27 5.54 -13.53
C GLU A 3 8.08 5.05 -12.09
N GLN A 4 6.87 4.62 -11.74
CA GLN A 4 6.64 4.14 -10.34
C GLN A 4 6.12 2.69 -10.38
N ARG A 5 6.57 1.85 -9.48
CA ARG A 5 6.09 0.43 -9.46
C ARG A 5 5.92 -0.07 -8.02
N PHE A 6 4.82 -0.74 -7.72
CA PHE A 6 4.62 -1.24 -6.33
C PHE A 6 4.52 -2.78 -6.33
N CYS A 7 5.15 -3.43 -5.37
CA CYS A 7 5.08 -4.93 -5.33
C CYS A 7 4.53 -5.36 -3.96
N VAL A 8 4.02 -6.57 -3.84
CA VAL A 8 3.46 -7.02 -2.53
C VAL A 8 4.04 -8.40 -2.16
N ASP A 9 4.80 -8.48 -1.09
CA ASP A 9 5.38 -9.79 -0.69
C ASP A 9 4.89 -10.20 0.70
N TYR A 10 4.81 -11.49 0.98
CA TYR A 10 4.33 -11.94 2.32
C TYR A 10 5.53 -12.43 3.15
N ALA A 11 5.52 -12.21 4.44
CA ALA A 11 6.68 -12.66 5.29
C ALA A 11 6.43 -14.09 5.80
N LYS A 12 7.21 -15.05 5.37
CA LYS A 12 7.02 -16.46 5.84
C LYS A 12 8.23 -16.90 6.67
N ARG A 13 9.42 -16.82 6.13
CA ARG A 13 10.63 -17.24 6.90
C ARG A 13 11.67 -16.10 6.91
N GLY A 14 11.23 -14.85 7.05
CA GLY A 14 12.20 -13.72 7.07
C GLY A 14 11.60 -12.52 7.83
N THR A 15 12.44 -11.66 8.37
CA THR A 15 11.91 -10.48 9.14
C THR A 15 12.85 -9.27 8.96
N ALA A 16 12.31 -8.07 8.92
CA ALA A 16 13.19 -6.87 8.74
C ALA A 16 12.53 -5.60 9.30
N GLY A 17 13.32 -4.66 9.79
CA GLY A 17 12.76 -3.41 10.34
C GLY A 17 11.95 -2.69 9.26
N CYS A 18 10.70 -2.37 9.52
CA CYS A 18 9.87 -1.68 8.47
C CYS A 18 10.52 -0.34 8.08
N LYS A 19 10.48 0.00 6.81
CA LYS A 19 11.06 1.32 6.37
C LYS A 19 9.95 2.36 6.46
N LYS A 20 10.28 3.63 6.63
CA LYS A 20 9.21 4.67 6.76
C LYS A 20 8.29 4.35 7.95
N CYS A 21 8.82 3.75 9.02
CA CYS A 21 7.96 3.40 10.22
C CYS A 21 8.86 2.71 11.30
N LYS A 22 8.77 3.13 12.54
CA LYS A 22 9.62 2.48 13.61
C LYS A 22 9.01 1.14 14.02
N GLU A 23 9.09 0.13 13.19
CA GLU A 23 8.50 -1.20 13.52
C GLU A 23 9.28 -2.33 12.83
N LYS A 24 8.85 -3.57 12.95
CA LYS A 24 9.57 -4.71 12.30
C LYS A 24 8.58 -5.61 11.58
N ILE A 25 9.02 -6.37 10.60
CA ILE A 25 8.08 -7.27 9.87
C ILE A 25 8.31 -8.73 10.31
N VAL A 26 7.34 -9.34 10.95
CA VAL A 26 7.52 -10.75 11.41
C VAL A 26 6.62 -11.70 10.59
N LYS A 27 6.92 -12.98 10.59
CA LYS A 27 6.08 -13.97 9.79
C LYS A 27 4.58 -13.74 10.04
N GLY A 28 3.75 -13.94 9.04
CA GLY A 28 2.28 -13.71 9.23
C GLY A 28 1.89 -12.25 8.89
N VAL A 29 2.78 -11.46 8.32
CA VAL A 29 2.42 -10.04 8.01
C VAL A 29 2.68 -9.75 6.51
N CYS A 30 1.75 -9.12 5.83
CA CYS A 30 1.97 -8.81 4.37
C CYS A 30 2.65 -7.44 4.22
N ARG A 31 3.61 -7.31 3.33
CA ARG A 31 4.30 -5.99 3.16
C ARG A 31 4.36 -5.60 1.68
N ILE A 32 4.37 -4.32 1.38
CA ILE A 32 4.43 -3.88 -0.05
C ILE A 32 5.76 -3.18 -0.32
N GLY A 33 6.42 -3.50 -1.41
CA GLY A 33 7.73 -2.84 -1.70
C GLY A 33 7.54 -1.83 -2.84
N LYS A 34 7.97 -0.59 -2.65
CA LYS A 34 7.82 0.43 -3.74
C LYS A 34 9.16 0.65 -4.43
N VAL A 35 9.26 0.37 -5.72
CA VAL A 35 10.57 0.57 -6.41
C VAL A 35 10.62 1.96 -7.08
N VAL A 36 11.55 2.81 -6.69
CA VAL A 36 11.62 4.16 -7.32
C VAL A 36 12.97 4.31 -8.07
N PRO A 37 12.91 4.38 -9.38
CA PRO A 37 14.16 4.53 -10.18
C PRO A 37 14.73 5.95 -10.02
N ASN A 38 16.04 6.08 -9.93
CA ASN A 38 16.65 7.44 -9.79
C ASN A 38 17.25 7.89 -11.13
N PRO A 39 17.29 9.19 -11.36
CA PRO A 39 17.85 9.71 -12.62
C PRO A 39 19.38 9.59 -12.60
N PHE A 40 19.91 8.38 -12.69
CA PHE A 40 21.40 8.21 -12.68
C PHE A 40 21.81 7.02 -13.58
N SER A 41 21.32 5.83 -13.29
CA SER A 41 21.69 4.64 -14.12
C SER A 41 20.46 4.12 -14.87
N GLU A 42 20.65 3.43 -15.97
CA GLU A 42 19.47 2.88 -16.73
C GLU A 42 19.31 1.38 -16.46
N SER A 43 20.38 0.60 -16.58
CA SER A 43 20.25 -0.87 -16.32
C SER A 43 19.79 -1.11 -14.87
N GLY A 44 20.29 -0.36 -13.92
CA GLY A 44 19.88 -0.55 -12.50
C GLY A 44 19.56 0.81 -11.86
N GLY A 45 19.65 0.92 -10.56
CA GLY A 45 19.37 2.22 -9.89
C GLY A 45 17.90 2.25 -9.43
N ASP A 46 17.55 1.45 -8.44
CA ASP A 46 16.13 1.44 -7.95
C ASP A 46 16.10 1.26 -6.43
N MET A 47 15.17 1.90 -5.75
CA MET A 47 15.09 1.76 -4.27
C MET A 47 13.78 1.07 -3.86
N LYS A 48 13.85 -0.03 -3.14
CA LYS A 48 12.60 -0.75 -2.72
C LYS A 48 12.71 -1.19 -1.26
N GLU A 49 11.80 -0.79 -0.41
CA GLU A 49 11.86 -1.22 1.02
C GLU A 49 10.59 -1.99 1.40
N TRP A 50 10.64 -2.83 2.40
CA TRP A 50 9.40 -3.61 2.79
C TRP A 50 8.73 -2.96 4.01
N TYR A 51 7.51 -2.51 3.88
CA TYR A 51 6.82 -1.91 5.07
C TYR A 51 5.40 -2.49 5.20
N HIS A 52 4.78 -2.33 6.35
CA HIS A 52 3.40 -2.88 6.57
C HIS A 52 2.43 -2.27 5.53
N ILE A 53 1.14 -2.52 5.66
CA ILE A 53 0.18 -1.93 4.68
C ILE A 53 -0.25 -0.53 5.16
N LYS A 54 -0.68 -0.43 6.40
CA LYS A 54 -1.09 0.93 6.92
C LYS A 54 0.05 1.95 6.78
N CYS A 55 1.30 1.52 6.80
CA CYS A 55 2.43 2.50 6.66
C CYS A 55 2.39 3.16 5.27
N MET A 56 2.09 2.41 4.24
CA MET A 56 2.03 3.03 2.88
C MET A 56 0.68 3.75 2.70
N PHE A 57 -0.40 3.16 3.19
CA PHE A 57 -1.73 3.85 3.06
C PHE A 57 -1.77 5.06 4.02
N GLU A 58 -1.06 5.03 5.13
CA GLU A 58 -1.08 6.21 6.05
C GLU A 58 -0.43 7.42 5.36
N LYS A 59 0.63 7.20 4.60
CA LYS A 59 1.28 8.37 3.89
C LYS A 59 0.25 9.08 2.99
N LEU A 60 -0.62 8.34 2.35
CA LEU A 60 -1.65 8.99 1.46
C LEU A 60 -2.65 9.76 2.32
N GLU A 61 -3.08 9.20 3.43
CA GLU A 61 -4.06 9.93 4.31
C GLU A 61 -3.38 11.16 4.95
N ARG A 62 -2.11 11.07 5.27
CA ARG A 62 -1.42 12.26 5.90
C ARG A 62 -1.03 13.27 4.81
N ALA A 63 -0.61 12.81 3.65
CA ALA A 63 -0.21 13.77 2.57
C ALA A 63 -0.95 13.42 1.26
N ARG A 64 -1.35 14.41 0.50
CA ARG A 64 -2.08 14.12 -0.78
C ARG A 64 -1.23 14.58 -1.99
N ALA A 65 -0.57 13.67 -2.66
CA ALA A 65 0.27 14.07 -3.85
C ALA A 65 -0.55 14.03 -5.16
N THR A 66 -1.85 13.74 -5.12
CA THR A 66 -2.64 13.67 -6.39
C THR A 66 -2.00 12.69 -7.39
N THR A 67 -1.45 11.58 -6.91
CA THR A 67 -0.82 10.59 -7.83
C THR A 67 -1.56 9.25 -7.74
N LYS A 68 -1.39 8.38 -8.72
CA LYS A 68 -2.10 7.06 -8.66
C LYS A 68 -1.15 5.98 -8.12
N LYS A 69 -1.19 5.72 -6.83
CA LYS A 69 -0.29 4.68 -6.24
C LYS A 69 -1.12 3.51 -5.67
N ILE A 70 -0.76 2.28 -5.99
CA ILE A 70 -1.53 1.11 -5.46
C ILE A 70 -3.03 1.25 -5.77
N GLU A 71 -3.50 0.67 -6.86
CA GLU A 71 -4.94 0.78 -7.21
C GLU A 71 -5.62 -0.59 -7.09
N ASP A 72 -6.76 -0.68 -6.46
CA ASP A 72 -7.47 -2.00 -6.31
C ASP A 72 -6.50 -3.05 -5.72
N LEU A 73 -6.83 -4.32 -5.83
CA LEU A 73 -5.92 -5.38 -5.26
C LEU A 73 -5.27 -6.18 -6.39
N THR A 74 -6.05 -6.83 -7.23
CA THR A 74 -5.43 -7.62 -8.35
C THR A 74 -4.75 -6.66 -9.34
N GLU A 75 -3.55 -6.24 -9.04
CA GLU A 75 -2.83 -5.29 -9.96
C GLU A 75 -1.34 -5.20 -9.61
N LEU A 76 -1.02 -4.91 -8.35
CA LEU A 76 0.43 -4.81 -7.96
C LEU A 76 1.10 -6.19 -8.16
N GLU A 77 2.38 -6.22 -8.45
CA GLU A 77 3.07 -7.54 -8.66
C GLU A 77 3.38 -8.21 -7.31
N GLY A 78 2.81 -9.38 -7.06
CA GLY A 78 3.10 -10.07 -5.77
C GLY A 78 1.88 -10.88 -5.29
N TRP A 79 0.67 -10.35 -5.42
CA TRP A 79 -0.53 -11.14 -4.94
C TRP A 79 -0.61 -12.51 -5.65
N GLU A 80 -0.11 -12.64 -6.86
CA GLU A 80 -0.18 -13.98 -7.57
C GLU A 80 0.42 -15.11 -6.70
N GLU A 81 1.36 -14.81 -5.82
CA GLU A 81 1.96 -15.89 -4.97
C GLU A 81 1.53 -15.80 -3.49
N LEU A 82 0.40 -15.18 -3.18
CA LEU A 82 -0.02 -15.10 -1.75
C LEU A 82 -1.29 -15.96 -1.54
N GLU A 83 -2.02 -15.77 -0.47
CA GLU A 83 -3.25 -16.60 -0.24
C GLU A 83 -4.52 -15.82 -0.64
N ASP A 84 -5.63 -16.50 -0.85
CA ASP A 84 -6.88 -15.76 -1.26
C ASP A 84 -7.49 -15.07 -0.04
N ASN A 85 -7.61 -15.75 1.08
CA ASN A 85 -8.20 -15.09 2.30
C ASN A 85 -7.32 -13.90 2.72
N GLU A 86 -6.02 -14.08 2.76
CA GLU A 86 -5.13 -12.93 3.14
C GLU A 86 -5.28 -11.81 2.10
N LYS A 87 -5.37 -12.15 0.83
CA LYS A 87 -5.54 -11.08 -0.22
C LYS A 87 -6.78 -10.21 0.12
N GLU A 88 -7.84 -10.82 0.62
CA GLU A 88 -9.07 -10.01 0.97
C GLU A 88 -8.69 -8.91 1.99
N GLN A 89 -7.82 -9.21 2.94
CA GLN A 89 -7.42 -8.17 3.95
C GLN A 89 -6.80 -6.96 3.24
N ILE A 90 -5.98 -7.20 2.24
CA ILE A 90 -5.35 -6.04 1.50
C ILE A 90 -6.45 -5.25 0.76
N THR A 91 -7.44 -5.91 0.20
CA THR A 91 -8.54 -5.15 -0.49
C THR A 91 -9.24 -4.22 0.51
N GLN A 92 -9.43 -4.67 1.73
CA GLN A 92 -10.11 -3.77 2.76
C GLN A 92 -9.32 -2.46 2.89
N HIS A 93 -8.00 -2.51 2.84
CA HIS A 93 -7.19 -1.24 2.97
C HIS A 93 -7.63 -0.24 1.89
N ILE A 94 -7.68 -0.65 0.64
CA ILE A 94 -8.11 0.30 -0.44
C ILE A 94 -9.56 0.74 -0.18
N ALA A 95 -10.40 -0.16 0.27
CA ALA A 95 -11.84 0.24 0.54
C ALA A 95 -11.87 1.22 1.72
N ASP A 96 -11.09 0.99 2.75
CA ASP A 96 -11.09 1.96 3.91
C ASP A 96 -10.60 3.33 3.42
N LEU A 97 -9.57 3.36 2.61
CA LEU A 97 -9.08 4.69 2.08
C LEU A 97 -10.03 5.20 0.99
N SER A 98 -10.60 4.32 0.19
CA SER A 98 -11.54 4.78 -0.88
C SER A 98 -13.00 4.44 -0.49
N SER A 99 -13.51 5.07 0.54
CA SER A 99 -14.93 4.77 0.95
C SER A 99 -15.87 5.86 0.43
N LYS A 100 -17.17 5.64 0.47
CA LYS A 100 -18.13 6.67 -0.04
C LYS A 100 -19.02 7.19 1.11
N ALA A 101 -19.95 8.08 0.81
CA ALA A 101 -20.85 8.60 1.88
C ALA A 101 -22.32 8.42 1.47
N ALA A 102 -23.24 9.10 2.12
CA ALA A 102 -24.68 8.97 1.75
C ALA A 102 -25.18 10.24 1.07
N GLY A 103 -25.14 10.31 -0.24
CA GLY A 103 -25.62 11.54 -0.95
C GLY A 103 -24.43 12.42 -1.30
N THR A 104 -24.39 12.99 -2.49
CA THR A 104 -23.24 13.87 -2.87
C THR A 104 -23.74 15.07 -3.68
N PRO A 105 -23.07 16.20 -3.54
CA PRO A 105 -23.48 17.41 -4.27
C PRO A 105 -23.10 17.31 -5.75
N LYS A 106 -21.90 16.85 -6.05
CA LYS A 106 -21.49 16.72 -7.49
C LYS A 106 -20.53 15.52 -7.67
N LYS A 107 -19.96 15.36 -8.84
CA LYS A 107 -19.03 14.21 -9.07
C LYS A 107 -17.82 14.66 -9.92
N LYS A 108 -16.63 14.66 -9.36
CA LYS A 108 -15.43 15.09 -10.14
C LYS A 108 -14.34 14.01 -10.09
N ALA A 109 -14.71 12.77 -10.34
CA ALA A 109 -13.68 11.67 -10.31
C ALA A 109 -13.75 10.84 -11.59
N VAL A 110 -12.77 10.97 -12.47
CA VAL A 110 -12.79 10.18 -13.73
C VAL A 110 -11.58 9.24 -13.79
N VAL A 111 -11.78 7.98 -14.11
CA VAL A 111 -10.63 7.02 -14.17
C VAL A 111 -10.60 6.32 -15.55
N GLN A 112 -9.49 6.38 -16.25
CA GLN A 112 -9.42 5.71 -17.58
C GLN A 112 -8.17 4.81 -17.66
N ALA A 113 -8.25 3.70 -18.37
CA ALA A 113 -7.06 2.79 -18.47
C ALA A 113 -6.78 2.47 -19.94
N LYS A 114 -5.73 3.02 -20.51
CA LYS A 114 -5.41 2.73 -21.93
C LYS A 114 -4.01 2.08 -22.04
N LEU A 115 -3.96 0.77 -22.19
CA LEU A 115 -2.63 0.09 -22.29
C LEU A 115 -2.53 -0.67 -23.63
N THR A 116 -1.35 -0.74 -24.20
CA THR A 116 -1.20 -1.46 -25.51
C THR A 116 0.01 -2.41 -25.46
N THR A 117 -0.11 -3.60 -26.00
CA THR A 117 1.04 -4.56 -25.98
C THR A 117 1.27 -5.13 -27.38
N MET A 1 9.79 1.60 -20.91
CA MET A 1 10.21 2.75 -20.05
C MET A 1 9.28 2.88 -18.84
N ALA A 2 9.78 2.72 -17.63
CA ALA A 2 8.90 2.85 -16.43
C ALA A 2 9.48 3.89 -15.46
N GLU A 3 8.81 4.14 -14.35
CA GLU A 3 9.32 5.15 -13.39
C GLU A 3 9.42 4.53 -11.98
N GLN A 4 8.32 4.07 -11.42
CA GLN A 4 8.36 3.45 -10.06
C GLN A 4 7.55 2.16 -10.04
N ARG A 5 7.99 1.16 -9.30
CA ARG A 5 7.23 -0.13 -9.25
C ARG A 5 6.71 -0.38 -7.83
N PHE A 6 5.61 -1.10 -7.69
CA PHE A 6 5.05 -1.38 -6.34
C PHE A 6 4.43 -2.79 -6.30
N CYS A 7 4.69 -3.57 -5.27
CA CYS A 7 4.08 -4.95 -5.21
C CYS A 7 3.92 -5.39 -3.75
N VAL A 8 3.15 -6.43 -3.48
CA VAL A 8 3.00 -6.89 -2.06
C VAL A 8 3.89 -8.11 -1.79
N ASP A 9 4.82 -8.01 -0.85
CA ASP A 9 5.71 -9.18 -0.55
C ASP A 9 5.44 -9.70 0.87
N TYR A 10 4.66 -10.75 1.01
CA TYR A 10 4.38 -11.29 2.40
C TYR A 10 5.70 -11.54 3.16
N ALA A 11 5.65 -11.54 4.48
CA ALA A 11 6.91 -11.77 5.26
C ALA A 11 7.06 -13.26 5.60
N LYS A 12 8.05 -13.93 5.04
CA LYS A 12 8.24 -15.38 5.34
C LYS A 12 9.73 -15.75 5.29
N ARG A 13 10.61 -14.89 5.77
CA ARG A 13 12.07 -15.20 5.74
C ARG A 13 12.80 -14.51 6.90
N GLY A 14 12.21 -14.45 8.06
CA GLY A 14 12.89 -13.79 9.22
C GLY A 14 12.14 -12.49 9.57
N THR A 15 12.68 -11.67 10.46
CA THR A 15 11.99 -10.41 10.83
C THR A 15 12.86 -9.20 10.45
N ALA A 16 12.25 -8.12 9.99
CA ALA A 16 13.07 -6.93 9.60
C ALA A 16 12.30 -5.63 9.89
N GLY A 17 12.98 -4.60 10.39
CA GLY A 17 12.28 -3.31 10.67
C GLY A 17 11.62 -2.82 9.38
N CYS A 18 10.43 -2.25 9.45
CA CYS A 18 9.77 -1.79 8.20
C CYS A 18 10.32 -0.43 7.76
N LYS A 19 10.79 -0.33 6.53
CA LYS A 19 11.33 0.99 6.04
C LYS A 19 10.17 1.94 5.78
N LYS A 20 10.39 3.24 5.79
CA LYS A 20 9.28 4.22 5.57
C LYS A 20 8.23 4.16 6.73
N CYS A 21 8.57 3.57 7.87
CA CYS A 21 7.60 3.54 9.03
C CYS A 21 8.26 2.87 10.26
N LYS A 22 7.84 3.22 11.46
CA LYS A 22 8.47 2.64 12.69
C LYS A 22 7.79 1.32 13.12
N GLU A 23 8.27 0.19 12.64
CA GLU A 23 7.65 -1.12 13.03
C GLU A 23 8.54 -2.29 12.58
N LYS A 24 8.10 -3.52 12.74
CA LYS A 24 8.92 -4.70 12.32
C LYS A 24 8.08 -5.63 11.43
N ILE A 25 8.71 -6.37 10.55
CA ILE A 25 7.93 -7.29 9.66
C ILE A 25 8.15 -8.75 10.09
N VAL A 26 7.24 -9.32 10.85
CA VAL A 26 7.41 -10.74 11.29
C VAL A 26 6.47 -11.66 10.48
N LYS A 27 6.75 -12.95 10.45
CA LYS A 27 5.88 -13.90 9.66
C LYS A 27 4.39 -13.67 9.98
N GLY A 28 3.53 -13.62 8.98
CA GLY A 28 2.08 -13.39 9.24
C GLY A 28 1.66 -11.94 8.92
N VAL A 29 2.54 -11.11 8.35
CA VAL A 29 2.13 -9.71 8.05
C VAL A 29 2.39 -9.39 6.56
N CYS A 30 1.46 -8.72 5.91
CA CYS A 30 1.68 -8.39 4.45
C CYS A 30 2.35 -7.01 4.32
N ARG A 31 3.33 -6.88 3.45
CA ARG A 31 4.02 -5.57 3.28
C ARG A 31 4.20 -5.26 1.78
N ILE A 32 4.19 -3.99 1.41
CA ILE A 32 4.36 -3.66 -0.04
C ILE A 32 5.72 -2.98 -0.26
N GLY A 33 6.52 -3.49 -1.17
CA GLY A 33 7.85 -2.86 -1.42
C GLY A 33 7.78 -2.09 -2.75
N LYS A 34 8.48 -0.96 -2.86
CA LYS A 34 8.44 -0.20 -4.14
C LYS A 34 9.82 -0.26 -4.80
N VAL A 35 9.90 -0.70 -6.05
CA VAL A 35 11.23 -0.78 -6.71
C VAL A 35 11.45 0.42 -7.65
N VAL A 36 12.32 1.34 -7.29
CA VAL A 36 12.57 2.52 -8.17
C VAL A 36 14.06 2.58 -8.57
N PRO A 37 14.31 2.83 -9.85
CA PRO A 37 15.72 2.90 -10.31
C PRO A 37 16.38 4.22 -9.84
N ASN A 38 17.53 4.15 -9.20
CA ASN A 38 18.20 5.41 -8.74
C ASN A 38 19.38 5.75 -9.66
N PRO A 39 19.30 6.88 -10.33
CA PRO A 39 20.41 7.28 -11.24
C PRO A 39 21.60 7.79 -10.42
N PHE A 40 22.42 6.90 -9.89
CA PHE A 40 23.60 7.34 -9.09
C PHE A 40 24.78 6.38 -9.29
N SER A 41 24.62 5.11 -8.98
CA SER A 41 25.75 4.14 -9.16
C SER A 41 25.44 3.18 -10.32
N GLU A 42 26.45 2.58 -10.91
CA GLU A 42 26.20 1.63 -12.05
C GLU A 42 26.17 0.18 -11.54
N SER A 43 27.04 -0.18 -10.62
CA SER A 43 27.04 -1.60 -10.09
C SER A 43 25.64 -1.95 -9.53
N GLY A 44 25.00 -1.04 -8.84
CA GLY A 44 23.65 -1.33 -8.27
C GLY A 44 22.60 -1.24 -9.40
N GLY A 45 21.34 -1.46 -9.08
CA GLY A 45 20.28 -1.38 -10.14
C GLY A 45 19.03 -0.69 -9.56
N ASP A 46 18.12 -1.44 -8.97
CA ASP A 46 16.89 -0.81 -8.40
C ASP A 46 16.86 -0.99 -6.87
N MET A 47 16.25 -0.08 -6.16
CA MET A 47 16.19 -0.21 -4.67
C MET A 47 14.74 -0.48 -4.22
N LYS A 48 14.55 -1.22 -3.16
CA LYS A 48 13.17 -1.52 -2.67
C LYS A 48 13.13 -1.55 -1.14
N GLU A 49 12.15 -0.92 -0.53
CA GLU A 49 12.06 -0.93 0.96
C GLU A 49 10.83 -1.73 1.41
N TRP A 50 10.79 -2.20 2.64
CA TRP A 50 9.61 -3.00 3.08
C TRP A 50 8.78 -2.23 4.11
N TYR A 51 7.56 -1.85 3.78
CA TYR A 51 6.71 -1.16 4.79
C TYR A 51 5.38 -1.89 4.91
N HIS A 52 4.58 -1.54 5.90
CA HIS A 52 3.26 -2.23 6.07
C HIS A 52 2.17 -1.51 5.26
N ILE A 53 1.06 -2.17 4.99
CA ILE A 53 -0.03 -1.47 4.23
C ILE A 53 -0.57 -0.34 5.11
N LYS A 54 -0.84 -0.59 6.37
CA LYS A 54 -1.33 0.51 7.27
C LYS A 54 -0.26 1.61 7.35
N CYS A 55 1.00 1.24 7.45
CA CYS A 55 2.08 2.28 7.52
C CYS A 55 2.10 3.06 6.20
N MET A 56 1.99 2.38 5.07
CA MET A 56 2.00 3.10 3.76
C MET A 56 0.67 3.83 3.55
N PHE A 57 -0.44 3.17 3.82
CA PHE A 57 -1.77 3.86 3.65
C PHE A 57 -1.87 5.02 4.67
N GLU A 58 -1.22 4.92 5.82
CA GLU A 58 -1.31 6.06 6.80
C GLU A 58 -0.66 7.30 6.19
N LYS A 59 0.47 7.14 5.54
CA LYS A 59 1.13 8.34 4.89
C LYS A 59 0.31 8.74 3.66
N LEU A 60 -0.15 7.78 2.88
CA LEU A 60 -0.99 8.13 1.67
C LEU A 60 -2.27 8.83 2.16
N GLU A 61 -2.87 8.39 3.24
CA GLU A 61 -4.11 9.09 3.75
C GLU A 61 -3.79 10.57 4.02
N ARG A 62 -2.57 10.89 4.41
CA ARG A 62 -2.22 12.32 4.67
C ARG A 62 -1.40 12.89 3.50
N ALA A 63 -1.59 12.40 2.28
CA ALA A 63 -0.80 12.94 1.13
C ALA A 63 -1.72 13.72 0.17
N ARG A 64 -1.16 14.47 -0.75
CA ARG A 64 -2.03 15.25 -1.70
C ARG A 64 -2.81 14.30 -2.62
N ALA A 65 -3.92 14.73 -3.19
CA ALA A 65 -4.71 13.83 -4.09
C ALA A 65 -4.08 13.78 -5.49
N THR A 66 -3.51 14.86 -5.97
CA THR A 66 -2.88 14.84 -7.35
C THR A 66 -1.90 13.65 -7.50
N THR A 67 -1.22 13.27 -6.45
CA THR A 67 -0.27 12.12 -6.55
C THR A 67 -0.82 10.91 -5.77
N LYS A 68 -1.38 9.93 -6.45
CA LYS A 68 -1.92 8.74 -5.73
C LYS A 68 -1.13 7.48 -6.14
N LYS A 69 -0.93 6.54 -5.23
CA LYS A 69 -0.16 5.31 -5.58
C LYS A 69 -0.99 4.05 -5.24
N ILE A 70 -0.80 2.98 -5.98
CA ILE A 70 -1.56 1.72 -5.70
C ILE A 70 -3.08 1.97 -5.68
N GLU A 71 -3.77 1.64 -6.74
CA GLU A 71 -5.25 1.83 -6.77
C GLU A 71 -5.94 0.46 -6.78
N ASP A 72 -7.11 0.34 -6.16
CA ASP A 72 -7.81 -0.99 -6.13
C ASP A 72 -6.87 -2.08 -5.58
N LEU A 73 -7.16 -3.35 -5.82
CA LEU A 73 -6.26 -4.42 -5.29
C LEU A 73 -5.56 -5.16 -6.46
N THR A 74 -6.31 -5.76 -7.35
CA THR A 74 -5.64 -6.49 -8.49
C THR A 74 -5.06 -5.47 -9.49
N GLU A 75 -3.97 -4.82 -9.15
CA GLU A 75 -3.36 -3.81 -10.08
C GLU A 75 -1.86 -4.09 -10.26
N LEU A 76 -1.08 -4.09 -9.19
CA LEU A 76 0.37 -4.37 -9.32
C LEU A 76 0.92 -5.07 -8.08
N GLU A 77 0.46 -6.26 -7.79
CA GLU A 77 0.99 -7.01 -6.60
C GLU A 77 1.05 -8.51 -6.90
N GLY A 78 2.09 -9.19 -6.47
CA GLY A 78 2.19 -10.67 -6.74
C GLY A 78 1.17 -11.42 -5.86
N TRP A 79 -0.11 -11.27 -6.11
CA TRP A 79 -1.14 -11.98 -5.29
C TRP A 79 -1.51 -13.34 -5.92
N GLU A 80 -1.57 -13.43 -7.24
CA GLU A 80 -1.93 -14.74 -7.89
C GLU A 80 -1.04 -15.89 -7.39
N GLU A 81 0.19 -15.61 -6.99
CA GLU A 81 1.08 -16.72 -6.49
C GLU A 81 1.06 -16.83 -4.96
N LEU A 82 0.94 -15.72 -4.25
CA LEU A 82 0.91 -15.81 -2.74
C LEU A 82 -0.45 -16.34 -2.27
N GLU A 83 -0.69 -16.36 -0.97
CA GLU A 83 -2.01 -16.89 -0.45
C GLU A 83 -3.17 -16.04 -0.97
N ASP A 84 -4.35 -16.60 -1.10
CA ASP A 84 -5.52 -15.81 -1.60
C ASP A 84 -6.27 -15.16 -0.42
N ASN A 85 -6.41 -15.86 0.69
CA ASN A 85 -7.14 -15.25 1.87
C ASN A 85 -6.45 -13.95 2.30
N GLU A 86 -5.14 -13.93 2.37
CA GLU A 86 -4.42 -12.67 2.76
C GLU A 86 -4.74 -11.57 1.75
N LYS A 87 -4.80 -11.89 0.47
CA LYS A 87 -5.13 -10.85 -0.57
C LYS A 87 -6.47 -10.18 -0.23
N GLU A 88 -7.44 -10.93 0.26
CA GLU A 88 -8.76 -10.31 0.61
C GLU A 88 -8.57 -9.21 1.67
N GLN A 89 -7.73 -9.45 2.66
CA GLN A 89 -7.51 -8.39 3.72
C GLN A 89 -6.92 -7.11 3.09
N ILE A 90 -6.12 -7.22 2.05
CA ILE A 90 -5.55 -5.98 1.43
C ILE A 90 -6.68 -5.13 0.80
N THR A 91 -7.67 -5.76 0.19
CA THR A 91 -8.79 -4.96 -0.41
C THR A 91 -9.47 -4.11 0.68
N GLN A 92 -9.64 -4.65 1.88
CA GLN A 92 -10.30 -3.85 2.97
C GLN A 92 -9.52 -2.55 3.20
N HIS A 93 -8.21 -2.58 3.10
CA HIS A 93 -7.41 -1.31 3.32
C HIS A 93 -7.88 -0.22 2.33
N ILE A 94 -7.93 -0.52 1.05
CA ILE A 94 -8.39 0.52 0.06
C ILE A 94 -9.86 0.87 0.34
N ALA A 95 -10.68 -0.11 0.69
CA ALA A 95 -12.12 0.22 0.99
C ALA A 95 -12.21 1.04 2.28
N ASP A 96 -11.39 0.76 3.27
CA ASP A 96 -11.44 1.55 4.54
C ASP A 96 -11.00 3.00 4.27
N LEU A 97 -9.99 3.21 3.45
CA LEU A 97 -9.53 4.61 3.15
C LEU A 97 -10.54 5.31 2.21
N SER A 98 -11.15 4.58 1.29
CA SER A 98 -12.13 5.24 0.36
C SER A 98 -13.56 5.03 0.89
N SER A 99 -13.85 5.47 2.09
CA SER A 99 -15.22 5.30 2.65
C SER A 99 -15.68 6.60 3.35
N LYS A 100 -15.38 7.75 2.79
CA LYS A 100 -15.81 9.02 3.42
C LYS A 100 -16.27 10.03 2.34
N ALA A 101 -17.57 10.17 2.14
CA ALA A 101 -18.07 11.13 1.11
C ALA A 101 -17.41 10.87 -0.26
N ALA A 102 -17.89 9.90 -1.00
CA ALA A 102 -17.27 9.61 -2.34
C ALA A 102 -18.32 9.79 -3.45
N GLY A 103 -17.99 9.43 -4.68
CA GLY A 103 -18.96 9.59 -5.79
C GLY A 103 -19.49 8.21 -6.21
N THR A 104 -20.67 8.16 -6.81
CA THR A 104 -21.23 6.83 -7.24
C THR A 104 -21.92 6.97 -8.61
N PRO A 105 -21.20 6.66 -9.66
CA PRO A 105 -21.78 6.76 -11.02
C PRO A 105 -22.79 5.61 -11.26
N LYS A 106 -23.97 5.70 -10.70
CA LYS A 106 -24.98 4.62 -10.90
C LYS A 106 -26.38 5.22 -11.08
N LYS A 107 -26.80 5.45 -12.31
CA LYS A 107 -28.16 6.03 -12.53
C LYS A 107 -29.03 5.07 -13.35
N LYS A 108 -30.32 5.00 -13.08
CA LYS A 108 -31.19 4.08 -13.85
C LYS A 108 -32.27 4.88 -14.62
N ALA A 109 -32.39 4.67 -15.91
CA ALA A 109 -33.41 5.42 -16.69
C ALA A 109 -34.39 4.45 -17.36
N VAL A 110 -35.51 4.94 -17.88
CA VAL A 110 -36.50 4.03 -18.54
C VAL A 110 -36.61 4.37 -20.03
N VAL A 111 -36.44 3.41 -20.91
CA VAL A 111 -36.55 3.69 -22.37
C VAL A 111 -37.75 2.94 -22.98
N GLN A 112 -38.69 3.65 -23.56
CA GLN A 112 -39.87 2.96 -24.16
C GLN A 112 -39.92 3.21 -25.68
N ALA A 113 -40.03 2.17 -26.48
CA ALA A 113 -40.07 2.37 -27.96
C ALA A 113 -41.41 1.88 -28.52
N LYS A 114 -42.01 2.63 -29.42
CA LYS A 114 -43.32 2.19 -30.00
C LYS A 114 -43.22 2.07 -31.53
N LEU A 115 -43.60 0.94 -32.09
CA LEU A 115 -43.52 0.77 -33.57
C LEU A 115 -44.92 0.62 -34.17
N THR A 116 -45.11 1.00 -35.42
CA THR A 116 -46.46 0.86 -36.05
C THR A 116 -46.40 -0.11 -37.24
N THR A 117 -47.32 -1.06 -37.31
CA THR A 117 -47.30 -2.02 -38.45
C THR A 117 -48.61 -1.92 -39.24
N MET A 1 12.16 12.48 -16.36
CA MET A 1 12.40 11.02 -16.18
C MET A 1 12.08 10.60 -14.75
N ALA A 2 10.86 10.15 -14.48
CA ALA A 2 10.50 9.72 -13.10
C ALA A 2 9.62 8.47 -13.14
N GLU A 3 10.02 7.40 -12.49
CA GLU A 3 9.20 6.16 -12.51
C GLU A 3 9.12 5.55 -11.10
N GLN A 4 8.00 4.96 -10.72
CA GLN A 4 7.88 4.35 -9.36
C GLN A 4 7.17 2.99 -9.45
N ARG A 5 7.69 1.98 -8.79
CA ARG A 5 7.03 0.63 -8.85
C ARG A 5 6.56 0.22 -7.45
N PHE A 6 5.52 -0.57 -7.35
CA PHE A 6 5.01 -1.01 -6.01
C PHE A 6 4.38 -2.41 -6.11
N CYS A 7 4.65 -3.29 -5.18
CA CYS A 7 4.03 -4.66 -5.23
C CYS A 7 3.90 -5.22 -3.80
N VAL A 8 3.01 -6.18 -3.56
CA VAL A 8 2.88 -6.73 -2.17
C VAL A 8 3.57 -8.10 -2.07
N ASP A 9 4.23 -8.37 -0.96
CA ASP A 9 4.90 -9.69 -0.79
C ASP A 9 4.75 -10.18 0.65
N TYR A 10 4.68 -11.48 0.88
CA TYR A 10 4.53 -11.98 2.27
C TYR A 10 5.91 -12.36 2.85
N ALA A 11 6.08 -12.26 4.16
CA ALA A 11 7.41 -12.60 4.76
C ALA A 11 7.45 -14.08 5.19
N LYS A 12 8.60 -14.71 5.11
CA LYS A 12 8.69 -16.15 5.52
C LYS A 12 9.71 -16.30 6.66
N ARG A 13 10.94 -15.90 6.45
CA ARG A 13 11.97 -16.04 7.54
C ARG A 13 12.85 -14.78 7.58
N GLY A 14 13.08 -14.21 8.75
CA GLY A 14 13.94 -13.00 8.84
C GLY A 14 13.10 -11.81 9.32
N THR A 15 13.74 -10.73 9.76
CA THR A 15 12.96 -9.55 10.24
C THR A 15 13.55 -8.26 9.66
N ALA A 16 12.73 -7.29 9.33
CA ALA A 16 13.26 -6.01 8.77
C ALA A 16 12.49 -4.80 9.32
N GLY A 17 13.17 -3.70 9.54
CA GLY A 17 12.47 -2.49 10.07
C GLY A 17 11.59 -1.87 8.98
N CYS A 18 10.33 -1.64 9.26
CA CYS A 18 9.43 -1.02 8.22
C CYS A 18 9.94 0.39 7.87
N LYS A 19 10.10 0.70 6.60
CA LYS A 19 10.59 2.09 6.22
C LYS A 19 9.59 3.13 6.72
N LYS A 20 10.04 4.32 7.09
CA LYS A 20 9.10 5.37 7.60
C LYS A 20 8.24 4.79 8.74
N CYS A 21 8.85 4.08 9.66
CA CYS A 21 8.07 3.44 10.77
C CYS A 21 9.00 3.00 11.92
N LYS A 22 8.55 3.10 13.16
CA LYS A 22 9.40 2.65 14.30
C LYS A 22 8.97 1.23 14.69
N GLU A 23 8.99 0.30 13.75
CA GLU A 23 8.55 -1.09 14.05
C GLU A 23 9.39 -2.10 13.23
N LYS A 24 9.03 -3.37 13.25
CA LYS A 24 9.80 -4.39 12.51
C LYS A 24 8.84 -5.31 11.75
N ILE A 25 9.31 -6.00 10.74
CA ILE A 25 8.41 -6.91 9.97
C ILE A 25 8.76 -8.38 10.27
N VAL A 26 7.83 -9.14 10.82
CA VAL A 26 8.13 -10.57 11.14
C VAL A 26 7.21 -11.50 10.34
N LYS A 27 7.52 -12.78 10.29
CA LYS A 27 6.65 -13.76 9.52
C LYS A 27 5.16 -13.57 9.87
N GLY A 28 4.28 -13.72 8.90
CA GLY A 28 2.82 -13.53 9.18
C GLY A 28 2.36 -12.10 8.81
N VAL A 29 3.21 -11.27 8.21
CA VAL A 29 2.77 -9.89 7.85
C VAL A 29 3.04 -9.62 6.37
N CYS A 30 2.09 -9.06 5.64
CA CYS A 30 2.34 -8.79 4.17
C CYS A 30 3.13 -7.48 4.04
N ARG A 31 4.10 -7.43 3.14
CA ARG A 31 4.91 -6.18 2.99
C ARG A 31 4.87 -5.68 1.54
N ILE A 32 4.83 -4.38 1.33
CA ILE A 32 4.82 -3.87 -0.07
C ILE A 32 6.24 -3.50 -0.49
N GLY A 33 6.70 -3.98 -1.63
CA GLY A 33 8.08 -3.66 -2.08
C GLY A 33 8.00 -2.56 -3.14
N LYS A 34 8.65 -1.44 -2.94
CA LYS A 34 8.60 -0.34 -3.95
C LYS A 34 9.93 -0.26 -4.70
N VAL A 35 9.91 -0.40 -6.01
CA VAL A 35 11.20 -0.33 -6.78
C VAL A 35 11.37 1.05 -7.43
N VAL A 36 12.37 1.81 -7.03
CA VAL A 36 12.58 3.16 -7.63
C VAL A 36 13.98 3.23 -8.27
N PRO A 37 14.02 3.32 -9.59
CA PRO A 37 15.33 3.39 -10.28
C PRO A 37 15.96 4.78 -10.11
N ASN A 38 17.22 4.85 -9.72
CA ASN A 38 17.87 6.19 -9.54
C ASN A 38 18.81 6.48 -10.72
N PRO A 39 18.53 7.53 -11.47
CA PRO A 39 19.38 7.88 -12.63
C PRO A 39 20.70 8.51 -12.15
N PHE A 40 21.58 7.74 -11.54
CA PHE A 40 22.87 8.32 -11.05
C PHE A 40 23.99 7.27 -11.13
N SER A 41 23.84 6.14 -10.46
CA SER A 41 24.91 5.10 -10.51
C SER A 41 24.42 3.88 -11.32
N GLU A 42 25.33 3.08 -11.84
CA GLU A 42 24.90 1.88 -12.64
C GLU A 42 24.85 0.63 -11.73
N SER A 43 25.79 0.48 -10.82
CA SER A 43 25.77 -0.73 -9.92
C SER A 43 24.44 -0.80 -9.16
N GLY A 44 23.93 0.33 -8.69
CA GLY A 44 22.64 0.32 -7.95
C GLY A 44 21.48 0.63 -8.92
N GLY A 45 20.99 -0.36 -9.62
CA GLY A 45 19.86 -0.11 -10.58
C GLY A 45 18.63 0.42 -9.83
N ASP A 46 17.94 -0.43 -9.09
CA ASP A 46 16.74 0.04 -8.34
C ASP A 46 16.76 -0.50 -6.90
N MET A 47 16.17 0.21 -5.97
CA MET A 47 16.16 -0.26 -4.55
C MET A 47 14.74 -0.67 -4.14
N LYS A 48 14.59 -1.71 -3.35
CA LYS A 48 13.23 -2.14 -2.93
C LYS A 48 13.09 -2.09 -1.40
N GLU A 49 12.11 -1.37 -0.88
CA GLU A 49 11.93 -1.29 0.60
C GLU A 49 10.65 -2.02 1.01
N TRP A 50 10.62 -2.64 2.18
CA TRP A 50 9.38 -3.36 2.60
C TRP A 50 8.56 -2.48 3.56
N TYR A 51 7.28 -2.29 3.29
CA TYR A 51 6.44 -1.46 4.19
C TYR A 51 5.40 -2.33 4.90
N HIS A 52 4.67 -1.77 5.85
CA HIS A 52 3.62 -2.58 6.57
C HIS A 52 2.30 -2.43 5.80
N ILE A 53 1.20 -2.95 6.34
CA ILE A 53 -0.10 -2.79 5.61
C ILE A 53 -0.77 -1.46 6.01
N LYS A 54 -0.68 -1.07 7.27
CA LYS A 54 -1.30 0.24 7.67
C LYS A 54 -0.31 1.40 7.48
N CYS A 55 0.99 1.16 7.59
CA CYS A 55 1.97 2.28 7.40
C CYS A 55 1.94 2.80 5.96
N MET A 56 2.07 1.92 4.99
CA MET A 56 2.05 2.39 3.56
C MET A 56 0.67 2.94 3.20
N PHE A 57 -0.40 2.32 3.66
CA PHE A 57 -1.76 2.85 3.33
C PHE A 57 -2.02 4.13 4.13
N GLU A 58 -1.46 4.27 5.33
CA GLU A 58 -1.69 5.54 6.11
C GLU A 58 -1.00 6.71 5.40
N LYS A 59 0.16 6.49 4.81
CA LYS A 59 0.85 7.63 4.10
C LYS A 59 -0.04 8.18 2.98
N LEU A 60 -0.73 7.30 2.26
CA LEU A 60 -1.64 7.81 1.16
C LEU A 60 -2.70 8.75 1.77
N GLU A 61 -3.28 8.39 2.90
CA GLU A 61 -4.30 9.30 3.54
C GLU A 61 -3.64 10.68 3.81
N ARG A 62 -2.36 10.70 4.15
CA ARG A 62 -1.69 12.01 4.40
C ARG A 62 -0.79 12.40 3.20
N ALA A 63 -1.14 11.99 2.00
CA ALA A 63 -0.29 12.35 0.82
C ALA A 63 -0.94 13.52 0.04
N ARG A 64 -0.23 14.10 -0.91
CA ARG A 64 -0.83 15.25 -1.68
C ARG A 64 -2.11 14.79 -2.40
N ALA A 65 -3.01 15.71 -2.70
CA ALA A 65 -4.28 15.30 -3.42
C ALA A 65 -3.97 14.75 -4.83
N THR A 66 -2.96 15.28 -5.49
CA THR A 66 -2.64 14.78 -6.88
C THR A 66 -1.51 13.73 -6.81
N THR A 67 -1.70 12.67 -6.07
CA THR A 67 -0.64 11.61 -5.97
C THR A 67 -1.14 10.29 -6.56
N LYS A 68 -0.25 9.42 -6.97
CA LYS A 68 -0.69 8.11 -7.57
C LYS A 68 0.16 6.96 -6.99
N LYS A 69 -0.36 6.22 -6.03
CA LYS A 69 0.42 5.10 -5.45
C LYS A 69 -0.50 3.89 -5.19
N ILE A 70 -0.36 2.83 -5.97
CA ILE A 70 -1.22 1.62 -5.76
C ILE A 70 -2.72 2.00 -5.78
N GLU A 71 -3.39 1.79 -6.90
CA GLU A 71 -4.84 2.13 -6.96
C GLU A 71 -5.67 0.84 -7.11
N ASP A 72 -6.75 0.70 -6.36
CA ASP A 72 -7.58 -0.55 -6.45
C ASP A 72 -6.71 -1.80 -6.25
N LEU A 73 -7.21 -2.97 -6.60
CA LEU A 73 -6.39 -4.21 -6.42
C LEU A 73 -6.05 -4.83 -7.80
N THR A 74 -5.38 -5.96 -7.81
CA THR A 74 -5.01 -6.63 -9.12
C THR A 74 -4.41 -5.62 -10.10
N GLU A 75 -3.62 -4.66 -9.63
CA GLU A 75 -3.01 -3.67 -10.56
C GLU A 75 -1.48 -3.89 -10.63
N LEU A 76 -0.79 -3.79 -9.51
CA LEU A 76 0.68 -4.04 -9.53
C LEU A 76 1.11 -4.74 -8.24
N GLU A 77 0.62 -5.93 -7.99
CA GLU A 77 1.03 -6.65 -6.75
C GLU A 77 1.12 -8.17 -6.99
N GLY A 78 2.10 -8.83 -6.41
CA GLY A 78 2.21 -10.32 -6.60
C GLY A 78 1.11 -11.00 -5.79
N TRP A 79 -0.14 -10.87 -6.21
CA TRP A 79 -1.27 -11.51 -5.45
C TRP A 79 -1.57 -12.93 -5.98
N GLU A 80 -1.23 -13.25 -7.22
CA GLU A 80 -1.52 -14.64 -7.74
C GLU A 80 -0.96 -15.72 -6.77
N GLU A 81 0.14 -15.44 -6.09
CA GLU A 81 0.68 -16.47 -5.13
C GLU A 81 -0.05 -16.36 -3.77
N LEU A 82 -0.37 -15.16 -3.32
CA LEU A 82 -1.08 -15.01 -1.99
C LEU A 82 -2.35 -15.92 -1.95
N GLU A 83 -3.07 -15.92 -0.85
CA GLU A 83 -4.30 -16.77 -0.78
C GLU A 83 -5.56 -15.91 -0.88
N ASP A 84 -6.69 -16.51 -1.21
CA ASP A 84 -7.96 -15.68 -1.33
C ASP A 84 -8.27 -14.97 0.00
N ASN A 85 -8.06 -15.64 1.12
CA ASN A 85 -8.36 -14.98 2.44
C ASN A 85 -7.38 -13.81 2.65
N GLU A 86 -6.12 -14.00 2.34
CA GLU A 86 -5.13 -12.87 2.54
C GLU A 86 -5.47 -11.74 1.55
N LYS A 87 -5.85 -12.07 0.34
CA LYS A 87 -6.20 -10.98 -0.66
C LYS A 87 -7.39 -10.16 -0.14
N GLU A 88 -8.36 -10.81 0.49
CA GLU A 88 -9.54 -10.03 1.02
C GLU A 88 -9.07 -8.97 2.03
N GLN A 89 -8.10 -9.29 2.87
CA GLN A 89 -7.61 -8.28 3.86
C GLN A 89 -6.98 -7.08 3.13
N ILE A 90 -6.24 -7.32 2.07
CA ILE A 90 -5.62 -6.16 1.32
C ILE A 90 -6.74 -5.32 0.67
N THR A 91 -7.75 -5.95 0.10
CA THR A 91 -8.86 -5.15 -0.53
C THR A 91 -9.54 -4.27 0.53
N GLN A 92 -9.71 -4.77 1.74
CA GLN A 92 -10.37 -3.92 2.81
C GLN A 92 -9.57 -2.62 3.00
N HIS A 93 -8.25 -2.68 2.97
CA HIS A 93 -7.44 -1.42 3.15
C HIS A 93 -7.79 -0.42 2.04
N ILE A 94 -7.71 -0.83 0.79
CA ILE A 94 -8.06 0.13 -0.33
C ILE A 94 -9.54 0.53 -0.21
N ALA A 95 -10.41 -0.40 0.13
CA ALA A 95 -11.87 -0.03 0.27
C ALA A 95 -12.03 0.94 1.45
N ASP A 96 -11.34 0.70 2.54
CA ASP A 96 -11.46 1.65 3.71
C ASP A 96 -10.75 2.97 3.35
N LEU A 97 -9.58 2.89 2.72
CA LEU A 97 -8.87 4.15 2.32
C LEU A 97 -9.72 4.94 1.32
N SER A 98 -10.47 4.26 0.45
CA SER A 98 -11.32 5.01 -0.54
C SER A 98 -12.76 5.13 -0.03
N SER A 99 -12.95 5.62 1.18
CA SER A 99 -14.33 5.75 1.72
C SER A 99 -14.52 7.15 2.35
N LYS A 100 -15.41 7.96 1.80
CA LYS A 100 -15.62 9.33 2.36
C LYS A 100 -17.06 9.44 2.92
N ALA A 101 -18.06 9.36 2.07
CA ALA A 101 -19.46 9.48 2.55
C ALA A 101 -20.23 8.17 2.30
N ALA A 102 -21.00 7.70 3.26
CA ALA A 102 -21.77 6.43 3.06
C ALA A 102 -23.23 6.62 3.47
N GLY A 103 -24.16 6.46 2.55
CA GLY A 103 -25.60 6.63 2.91
C GLY A 103 -26.01 5.59 3.96
N THR A 104 -27.01 5.87 4.76
CA THR A 104 -27.43 4.89 5.81
C THR A 104 -28.86 4.41 5.53
N PRO A 105 -29.11 3.12 5.70
CA PRO A 105 -30.47 2.58 5.46
C PRO A 105 -31.42 2.98 6.59
N LYS A 106 -32.71 3.07 6.33
CA LYS A 106 -33.67 3.44 7.40
C LYS A 106 -34.82 2.42 7.48
N LYS A 107 -34.63 1.34 8.21
CA LYS A 107 -35.71 0.30 8.31
C LYS A 107 -36.18 -0.15 6.91
N LYS A 108 -35.30 -0.68 6.10
CA LYS A 108 -35.71 -1.13 4.73
C LYS A 108 -35.54 -2.66 4.60
N ALA A 109 -35.77 -3.20 3.43
CA ALA A 109 -35.62 -4.68 3.25
C ALA A 109 -34.58 -4.98 2.16
N VAL A 110 -33.40 -5.44 2.54
CA VAL A 110 -32.35 -5.75 1.52
C VAL A 110 -31.81 -7.17 1.74
N VAL A 111 -31.98 -8.05 0.79
CA VAL A 111 -31.47 -9.45 0.95
C VAL A 111 -30.54 -9.81 -0.22
N GLN A 112 -29.42 -10.44 0.06
CA GLN A 112 -28.47 -10.81 -1.04
C GLN A 112 -28.16 -12.32 -0.98
N ALA A 113 -28.59 -13.08 -1.97
CA ALA A 113 -28.31 -14.55 -1.94
C ALA A 113 -27.52 -14.95 -3.20
N LYS A 114 -26.22 -15.12 -3.09
CA LYS A 114 -25.40 -15.51 -4.28
C LYS A 114 -24.59 -16.79 -3.98
N LEU A 115 -24.30 -17.60 -4.99
CA LEU A 115 -23.51 -18.84 -4.74
C LEU A 115 -22.29 -18.88 -5.66
N THR A 116 -21.21 -19.51 -5.24
CA THR A 116 -19.99 -19.59 -6.11
C THR A 116 -19.66 -21.05 -6.43
N THR A 117 -19.36 -21.36 -7.67
CA THR A 117 -19.03 -22.78 -8.03
C THR A 117 -17.60 -22.86 -8.57
N MET A 1 3.98 11.20 -13.18
CA MET A 1 5.04 11.41 -14.21
C MET A 1 6.41 10.97 -13.67
N ALA A 2 6.51 9.78 -13.12
CA ALA A 2 7.81 9.30 -12.58
C ALA A 2 8.04 7.82 -12.95
N GLU A 3 9.13 7.24 -12.52
CA GLU A 3 9.39 5.81 -12.86
C GLU A 3 9.60 4.99 -11.57
N GLN A 4 8.53 4.64 -10.89
CA GLN A 4 8.67 3.84 -9.63
C GLN A 4 7.82 2.56 -9.70
N ARG A 5 8.12 1.56 -8.92
CA ARG A 5 7.33 0.31 -8.96
C ARG A 5 6.80 -0.04 -7.56
N PHE A 6 5.73 -0.81 -7.48
CA PHE A 6 5.15 -1.18 -6.14
C PHE A 6 4.54 -2.58 -6.22
N CYS A 7 4.76 -3.42 -5.22
CA CYS A 7 4.14 -4.79 -5.26
C CYS A 7 3.94 -5.32 -3.81
N VAL A 8 3.10 -6.31 -3.61
CA VAL A 8 2.89 -6.83 -2.22
C VAL A 8 3.66 -8.16 -2.01
N ASP A 9 4.55 -8.21 -1.05
CA ASP A 9 5.31 -9.48 -0.81
C ASP A 9 5.05 -10.00 0.62
N TYR A 10 5.20 -11.28 0.84
CA TYR A 10 4.96 -11.84 2.20
C TYR A 10 6.30 -12.20 2.87
N ALA A 11 6.39 -12.11 4.19
CA ALA A 11 7.67 -12.46 4.87
C ALA A 11 7.49 -13.75 5.69
N LYS A 12 8.35 -14.74 5.49
CA LYS A 12 8.22 -16.01 6.25
C LYS A 12 9.46 -16.23 7.13
N ARG A 13 10.65 -16.23 6.55
CA ARG A 13 11.87 -16.45 7.37
C ARG A 13 12.79 -15.21 7.29
N GLY A 14 12.66 -14.28 8.22
CA GLY A 14 13.53 -13.07 8.18
C GLY A 14 12.69 -11.83 8.58
N THR A 15 13.16 -11.07 9.55
CA THR A 15 12.39 -9.85 9.97
C THR A 15 13.20 -8.59 9.68
N ALA A 16 12.55 -7.50 9.32
CA ALA A 16 13.31 -6.25 9.02
C ALA A 16 12.48 -5.01 9.39
N GLY A 17 13.13 -3.96 9.87
CA GLY A 17 12.39 -2.71 10.23
C GLY A 17 11.55 -2.24 9.04
N CYS A 18 10.28 -1.97 9.22
CA CYS A 18 9.45 -1.53 8.05
C CYS A 18 9.86 -0.13 7.57
N LYS A 19 10.35 -0.03 6.34
CA LYS A 19 10.76 1.31 5.81
C LYS A 19 9.54 2.23 5.70
N LYS A 20 9.72 3.53 5.69
CA LYS A 20 8.54 4.46 5.62
C LYS A 20 7.62 4.33 6.86
N CYS A 21 8.11 3.75 7.95
CA CYS A 21 7.25 3.64 9.19
C CYS A 21 8.07 3.05 10.37
N LYS A 22 7.84 3.51 11.58
CA LYS A 22 8.65 3.00 12.76
C LYS A 22 8.09 1.67 13.30
N GLU A 23 8.48 0.56 12.71
CA GLU A 23 8.01 -0.78 13.21
C GLU A 23 8.89 -1.91 12.66
N LYS A 24 8.55 -3.15 12.91
CA LYS A 24 9.38 -4.29 12.40
C LYS A 24 8.48 -5.31 11.69
N ILE A 25 9.04 -6.10 10.80
CA ILE A 25 8.20 -7.12 10.07
C ILE A 25 8.56 -8.53 10.56
N VAL A 26 7.57 -9.32 10.92
CA VAL A 26 7.86 -10.72 11.39
C VAL A 26 7.06 -11.73 10.57
N LYS A 27 7.48 -12.99 10.57
CA LYS A 27 6.73 -14.04 9.76
C LYS A 27 5.20 -13.94 9.96
N GLY A 28 4.44 -14.01 8.90
CA GLY A 28 2.95 -13.90 9.04
C GLY A 28 2.44 -12.48 8.70
N VAL A 29 3.27 -11.62 8.14
CA VAL A 29 2.78 -10.24 7.80
C VAL A 29 3.04 -9.92 6.31
N CYS A 30 2.08 -9.35 5.62
CA CYS A 30 2.30 -9.01 4.17
C CYS A 30 2.84 -7.58 4.05
N ARG A 31 3.91 -7.38 3.32
CA ARG A 31 4.47 -6.00 3.18
C ARG A 31 4.58 -5.60 1.70
N ILE A 32 4.48 -4.33 1.39
CA ILE A 32 4.60 -3.91 -0.05
C ILE A 32 6.00 -3.33 -0.30
N GLY A 33 6.68 -3.81 -1.32
CA GLY A 33 8.05 -3.28 -1.60
C GLY A 33 7.98 -2.34 -2.82
N LYS A 34 8.53 -1.15 -2.71
CA LYS A 34 8.49 -0.20 -3.87
C LYS A 34 9.87 -0.22 -4.57
N VAL A 35 9.92 -0.56 -5.84
CA VAL A 35 11.26 -0.59 -6.54
C VAL A 35 11.42 0.65 -7.43
N VAL A 36 12.31 1.56 -7.06
CA VAL A 36 12.53 2.78 -7.89
C VAL A 36 14.00 2.85 -8.34
N PRO A 37 14.24 2.70 -9.62
CA PRO A 37 15.64 2.75 -10.14
C PRO A 37 16.16 4.19 -10.12
N ASN A 38 17.29 4.44 -9.50
CA ASN A 38 17.84 5.84 -9.48
C ASN A 38 19.03 5.96 -10.45
N PRO A 39 18.87 6.78 -11.48
CA PRO A 39 19.99 6.95 -12.46
C PRO A 39 21.05 7.89 -11.89
N PHE A 40 21.94 7.39 -11.04
CA PHE A 40 22.99 8.28 -10.46
C PHE A 40 24.24 7.47 -10.08
N SER A 41 24.11 6.47 -9.24
CA SER A 41 25.32 5.65 -8.85
C SER A 41 25.36 4.34 -9.66
N GLU A 42 26.52 3.73 -9.79
CA GLU A 42 26.61 2.45 -10.57
C GLU A 42 26.53 1.24 -9.63
N SER A 43 27.20 1.29 -8.49
CA SER A 43 27.15 0.12 -7.53
C SER A 43 25.69 -0.20 -7.17
N GLY A 44 24.87 0.81 -6.96
CA GLY A 44 23.44 0.55 -6.61
C GLY A 44 22.58 0.58 -7.88
N GLY A 45 21.44 -0.09 -7.88
CA GLY A 45 20.58 -0.08 -9.10
C GLY A 45 19.13 0.23 -8.70
N ASP A 46 18.44 -0.71 -8.08
CA ASP A 46 17.03 -0.46 -7.67
C ASP A 46 16.91 -0.45 -6.15
N MET A 47 16.01 0.33 -5.59
CA MET A 47 15.85 0.37 -4.10
C MET A 47 14.48 -0.18 -3.70
N LYS A 48 14.44 -1.24 -2.91
CA LYS A 48 13.14 -1.81 -2.48
C LYS A 48 12.98 -1.68 -0.95
N GLU A 49 11.88 -1.13 -0.49
CA GLU A 49 11.68 -0.99 0.99
C GLU A 49 10.50 -1.85 1.45
N TRP A 50 10.70 -2.73 2.41
CA TRP A 50 9.56 -3.59 2.88
C TRP A 50 8.80 -2.88 4.01
N TYR A 51 7.51 -2.73 3.89
CA TYR A 51 6.75 -2.07 4.98
C TYR A 51 5.34 -2.64 5.12
N HIS A 52 4.64 -2.28 6.17
CA HIS A 52 3.25 -2.83 6.39
C HIS A 52 2.24 -2.17 5.44
N ILE A 53 0.99 -2.56 5.52
CA ILE A 53 -0.04 -1.94 4.63
C ILE A 53 -0.60 -0.70 5.34
N LYS A 54 -0.98 -0.83 6.59
CA LYS A 54 -1.52 0.37 7.33
C LYS A 54 -0.43 1.46 7.38
N CYS A 55 0.81 1.09 7.56
CA CYS A 55 1.90 2.13 7.59
C CYS A 55 1.95 2.85 6.24
N MET A 56 1.99 2.10 5.15
CA MET A 56 2.02 2.76 3.80
C MET A 56 0.67 3.43 3.53
N PHE A 57 -0.42 2.76 3.81
CA PHE A 57 -1.76 3.41 3.57
C PHE A 57 -1.91 4.63 4.49
N GLU A 58 -1.31 4.61 5.68
CA GLU A 58 -1.43 5.80 6.59
C GLU A 58 -0.85 7.05 5.90
N LYS A 59 0.25 6.90 5.19
CA LYS A 59 0.83 8.10 4.48
C LYS A 59 -0.14 8.57 3.39
N LEU A 60 -0.75 7.65 2.67
CA LEU A 60 -1.72 8.07 1.59
C LEU A 60 -2.86 8.88 2.23
N GLU A 61 -3.36 8.45 3.38
CA GLU A 61 -4.47 9.24 4.04
C GLU A 61 -3.97 10.67 4.34
N ARG A 62 -2.70 10.84 4.65
CA ARG A 62 -2.17 12.22 4.93
C ARG A 62 -1.31 12.71 3.75
N ALA A 63 -1.60 12.29 2.53
CA ALA A 63 -0.78 12.75 1.36
C ALA A 63 -1.64 13.64 0.44
N ARG A 64 -1.03 14.35 -0.49
CA ARG A 64 -1.84 15.23 -1.41
C ARG A 64 -2.78 14.37 -2.27
N ALA A 65 -3.86 14.94 -2.76
CA ALA A 65 -4.81 14.14 -3.61
C ALA A 65 -4.35 14.12 -5.08
N THR A 66 -3.75 15.21 -5.57
CA THR A 66 -3.29 15.24 -7.00
C THR A 66 -2.43 14.00 -7.33
N THR A 67 -1.63 13.53 -6.39
CA THR A 67 -0.78 12.33 -6.67
C THR A 67 -1.33 11.11 -5.90
N LYS A 68 -1.73 10.07 -6.59
CA LYS A 68 -2.27 8.86 -5.89
C LYS A 68 -1.37 7.65 -6.15
N LYS A 69 -1.20 6.79 -5.16
CA LYS A 69 -0.32 5.59 -5.36
C LYS A 69 -1.13 4.30 -5.11
N ILE A 70 -0.93 3.28 -5.91
CA ILE A 70 -1.68 2.00 -5.73
C ILE A 70 -3.20 2.25 -5.70
N GLU A 71 -3.88 2.05 -6.80
CA GLU A 71 -5.37 2.28 -6.82
C GLU A 71 -6.08 0.93 -6.93
N ASP A 72 -7.13 0.70 -6.15
CA ASP A 72 -7.85 -0.60 -6.21
C ASP A 72 -6.87 -1.78 -6.02
N LEU A 73 -7.28 -2.99 -6.33
CA LEU A 73 -6.36 -4.15 -6.15
C LEU A 73 -6.05 -4.79 -7.53
N THR A 74 -5.37 -5.93 -7.55
CA THR A 74 -5.03 -6.60 -8.85
C THR A 74 -4.45 -5.60 -9.87
N GLU A 75 -3.67 -4.63 -9.42
CA GLU A 75 -3.09 -3.64 -10.37
C GLU A 75 -1.56 -3.87 -10.50
N LEU A 76 -0.82 -3.82 -9.42
CA LEU A 76 0.65 -4.07 -9.50
C LEU A 76 1.13 -4.79 -8.23
N GLU A 77 0.63 -5.97 -7.96
CA GLU A 77 1.09 -6.68 -6.74
C GLU A 77 1.18 -8.20 -7.00
N GLY A 78 2.19 -8.88 -6.47
CA GLY A 78 2.29 -10.35 -6.69
C GLY A 78 1.21 -11.05 -5.87
N TRP A 79 -0.06 -10.91 -6.25
CA TRP A 79 -1.15 -11.57 -5.47
C TRP A 79 -1.46 -12.98 -6.01
N GLU A 80 -1.14 -13.28 -7.26
CA GLU A 80 -1.43 -14.67 -7.79
C GLU A 80 -0.84 -15.74 -6.86
N GLU A 81 0.31 -15.47 -6.24
CA GLU A 81 0.91 -16.48 -5.31
C GLU A 81 0.27 -16.34 -3.91
N LEU A 82 0.00 -15.13 -3.46
CA LEU A 82 -0.63 -14.95 -2.10
C LEU A 82 -1.89 -15.83 -1.98
N GLU A 83 -2.55 -15.83 -0.83
CA GLU A 83 -3.77 -16.67 -0.66
C GLU A 83 -5.04 -15.81 -0.79
N ASP A 84 -6.18 -16.42 -1.06
CA ASP A 84 -7.45 -15.60 -1.19
C ASP A 84 -7.74 -14.87 0.13
N ASN A 85 -7.59 -15.54 1.25
CA ASN A 85 -7.86 -14.85 2.56
C ASN A 85 -6.89 -13.67 2.75
N GLU A 86 -5.64 -13.86 2.41
CA GLU A 86 -4.66 -12.71 2.56
C GLU A 86 -5.01 -11.62 1.55
N LYS A 87 -5.38 -11.97 0.34
CA LYS A 87 -5.75 -10.92 -0.67
C LYS A 87 -6.96 -10.12 -0.17
N GLU A 88 -7.92 -10.76 0.46
CA GLU A 88 -9.12 -10.00 0.98
C GLU A 88 -8.66 -8.91 1.96
N GLN A 89 -7.69 -9.20 2.82
CA GLN A 89 -7.22 -8.16 3.79
C GLN A 89 -6.67 -6.93 3.04
N ILE A 90 -6.02 -7.13 1.90
CA ILE A 90 -5.49 -5.94 1.15
C ILE A 90 -6.66 -5.13 0.57
N THR A 91 -7.70 -5.80 0.08
CA THR A 91 -8.87 -5.02 -0.49
C THR A 91 -9.49 -4.15 0.62
N GLN A 92 -9.58 -4.66 1.83
CA GLN A 92 -10.17 -3.83 2.94
C GLN A 92 -9.38 -2.52 3.10
N HIS A 93 -8.06 -2.57 2.93
CA HIS A 93 -7.26 -1.30 3.06
C HIS A 93 -7.74 -0.26 2.06
N ILE A 94 -7.80 -0.60 0.78
CA ILE A 94 -8.28 0.39 -0.24
C ILE A 94 -9.75 0.77 0.06
N ALA A 95 -10.56 -0.19 0.47
CA ALA A 95 -12.00 0.15 0.78
C ALA A 95 -12.06 1.02 2.06
N ASP A 96 -11.22 0.75 3.04
CA ASP A 96 -11.25 1.58 4.29
C ASP A 96 -10.71 2.99 3.99
N LEU A 97 -9.69 3.11 3.16
CA LEU A 97 -9.14 4.47 2.84
C LEU A 97 -10.03 5.17 1.80
N SER A 98 -10.65 4.43 0.89
CA SER A 98 -11.52 5.09 -0.14
C SER A 98 -12.99 5.03 0.30
N SER A 99 -13.29 5.52 1.49
CA SER A 99 -14.71 5.50 1.98
C SER A 99 -15.18 6.92 2.29
N LYS A 100 -14.83 7.90 1.47
CA LYS A 100 -15.26 9.30 1.72
C LYS A 100 -15.73 9.96 0.41
N ALA A 101 -16.86 10.64 0.43
CA ALA A 101 -17.36 11.30 -0.82
C ALA A 101 -17.83 12.73 -0.51
N ALA A 102 -17.03 13.73 -0.83
CA ALA A 102 -17.45 15.13 -0.55
C ALA A 102 -17.06 16.05 -1.73
N GLY A 103 -17.49 15.72 -2.94
CA GLY A 103 -17.14 16.56 -4.11
C GLY A 103 -15.66 16.39 -4.46
N THR A 104 -15.30 15.30 -5.13
CA THR A 104 -13.87 15.09 -5.50
C THR A 104 -13.74 14.87 -7.01
N PRO A 105 -12.59 15.25 -7.56
CA PRO A 105 -12.37 15.07 -9.00
C PRO A 105 -12.14 13.59 -9.34
N LYS A 106 -12.02 13.25 -10.61
CA LYS A 106 -11.80 11.82 -10.99
C LYS A 106 -10.60 11.70 -11.93
N LYS A 107 -9.38 11.87 -11.43
CA LYS A 107 -8.17 11.77 -12.31
C LYS A 107 -8.31 12.67 -13.56
N LYS A 108 -8.87 13.85 -13.39
CA LYS A 108 -9.02 14.77 -14.57
C LYS A 108 -8.77 16.22 -14.14
N ALA A 109 -7.89 16.92 -14.82
CA ALA A 109 -7.62 18.35 -14.44
C ALA A 109 -7.94 19.28 -15.61
N VAL A 110 -9.03 20.00 -15.55
CA VAL A 110 -9.39 20.93 -16.67
C VAL A 110 -9.73 22.32 -16.12
N VAL A 111 -8.80 23.26 -16.18
CA VAL A 111 -9.08 24.62 -15.65
C VAL A 111 -8.51 25.69 -16.61
N GLN A 112 -9.20 26.81 -16.77
CA GLN A 112 -8.69 27.86 -17.68
C GLN A 112 -8.70 29.22 -16.98
N ALA A 113 -7.62 29.59 -16.31
CA ALA A 113 -7.58 30.91 -15.60
C ALA A 113 -6.46 31.78 -16.19
N LYS A 114 -6.79 32.97 -16.65
CA LYS A 114 -5.73 33.86 -17.22
C LYS A 114 -5.73 35.22 -16.49
N LEU A 115 -4.79 35.43 -15.59
CA LEU A 115 -4.76 36.74 -14.86
C LEU A 115 -3.39 37.42 -15.08
N THR A 116 -3.36 38.54 -15.78
CA THR A 116 -2.07 39.24 -16.02
C THR A 116 -2.28 40.77 -15.95
N THR A 117 -1.28 41.51 -15.48
CA THR A 117 -1.42 43.00 -15.39
C THR A 117 -2.70 43.38 -14.63
N MET A 1 4.99 11.55 -17.47
CA MET A 1 6.09 10.65 -17.93
C MET A 1 6.97 10.24 -16.74
N ALA A 2 6.52 9.32 -15.92
CA ALA A 2 7.34 8.88 -14.75
C ALA A 2 7.59 7.36 -14.80
N GLU A 3 8.37 6.83 -13.90
CA GLU A 3 8.64 5.36 -13.92
C GLU A 3 8.80 4.81 -12.49
N GLN A 4 7.72 4.46 -11.83
CA GLN A 4 7.82 3.93 -10.44
C GLN A 4 7.30 2.49 -10.39
N ARG A 5 7.67 1.72 -9.38
CA ARG A 5 7.19 0.31 -9.29
C ARG A 5 6.67 0.01 -7.88
N PHE A 6 5.64 -0.80 -7.75
CA PHE A 6 5.09 -1.13 -6.41
C PHE A 6 4.47 -2.54 -6.43
N CYS A 7 4.70 -3.35 -5.41
CA CYS A 7 4.09 -4.72 -5.40
C CYS A 7 3.90 -5.22 -3.96
N VAL A 8 3.00 -6.15 -3.71
CA VAL A 8 2.80 -6.64 -2.31
C VAL A 8 3.52 -8.00 -2.11
N ASP A 9 4.23 -8.17 -1.02
CA ASP A 9 4.93 -9.46 -0.77
C ASP A 9 4.73 -9.91 0.68
N TYR A 10 4.88 -11.18 0.96
CA TYR A 10 4.69 -11.67 2.36
C TYR A 10 6.04 -12.03 2.99
N ALA A 11 6.15 -11.99 4.30
CA ALA A 11 7.45 -12.34 4.95
C ALA A 11 7.48 -13.82 5.35
N LYS A 12 8.54 -14.53 5.04
CA LYS A 12 8.60 -15.99 5.39
C LYS A 12 9.72 -16.24 6.42
N ARG A 13 10.94 -15.85 6.11
CA ARG A 13 12.05 -16.08 7.08
C ARG A 13 12.98 -14.85 7.13
N GLY A 14 12.91 -14.07 8.20
CA GLY A 14 13.78 -12.86 8.30
C GLY A 14 12.96 -11.68 8.83
N THR A 15 13.60 -10.75 9.51
CA THR A 15 12.85 -9.57 10.04
C THR A 15 13.35 -8.27 9.38
N ALA A 16 12.47 -7.34 9.09
CA ALA A 16 12.92 -6.07 8.45
C ALA A 16 12.21 -4.86 9.06
N GLY A 17 12.95 -3.84 9.45
CA GLY A 17 12.31 -2.65 10.07
C GLY A 17 11.40 -1.97 9.03
N CYS A 18 10.13 -1.81 9.33
CA CYS A 18 9.20 -1.15 8.35
C CYS A 18 9.68 0.30 8.09
N LYS A 19 9.82 0.70 6.84
CA LYS A 19 10.29 2.11 6.56
C LYS A 19 9.26 3.10 7.13
N LYS A 20 9.68 4.27 7.59
CA LYS A 20 8.71 5.26 8.18
C LYS A 20 7.86 4.57 9.26
N CYS A 21 8.49 3.85 10.18
CA CYS A 21 7.70 3.14 11.23
C CYS A 21 8.62 2.69 12.39
N LYS A 22 8.07 2.50 13.56
CA LYS A 22 8.92 2.05 14.72
C LYS A 22 8.63 0.57 14.98
N GLU A 23 8.56 -0.23 13.93
CA GLU A 23 8.27 -1.68 14.10
C GLU A 23 9.08 -2.51 13.08
N LYS A 24 8.86 -3.81 13.02
CA LYS A 24 9.61 -4.66 12.06
C LYS A 24 8.66 -5.66 11.39
N ILE A 25 9.02 -6.15 10.22
CA ILE A 25 8.11 -7.12 9.52
C ILE A 25 8.59 -8.56 9.79
N VAL A 26 7.74 -9.38 10.36
CA VAL A 26 8.15 -10.80 10.66
C VAL A 26 7.11 -11.79 10.13
N LYS A 27 7.39 -13.08 10.26
CA LYS A 27 6.43 -14.13 9.74
C LYS A 27 4.97 -13.78 10.10
N GLY A 28 4.09 -13.74 9.13
CA GLY A 28 2.67 -13.38 9.41
C GLY A 28 2.37 -11.91 9.06
N VAL A 29 3.29 -11.20 8.42
CA VAL A 29 3.03 -9.77 8.07
C VAL A 29 3.15 -9.57 6.55
N CYS A 30 2.21 -8.87 5.95
CA CYS A 30 2.31 -8.61 4.47
C CYS A 30 2.95 -7.24 4.25
N ARG A 31 3.85 -7.11 3.30
CA ARG A 31 4.51 -5.79 3.08
C ARG A 31 4.59 -5.45 1.58
N ILE A 32 4.57 -4.18 1.22
CA ILE A 32 4.66 -3.80 -0.22
C ILE A 32 6.06 -3.28 -0.54
N GLY A 33 6.63 -3.68 -1.67
CA GLY A 33 7.99 -3.19 -2.02
C GLY A 33 7.88 -2.19 -3.18
N LYS A 34 8.43 -1.00 -3.04
CA LYS A 34 8.32 -0.01 -4.15
C LYS A 34 9.71 0.22 -4.80
N VAL A 35 9.83 0.02 -6.10
CA VAL A 35 11.16 0.23 -6.75
C VAL A 35 11.12 1.45 -7.69
N VAL A 36 11.75 2.54 -7.32
CA VAL A 36 11.73 3.75 -8.20
C VAL A 36 13.18 4.16 -8.56
N PRO A 37 13.54 4.01 -9.81
CA PRO A 37 14.91 4.39 -10.24
C PRO A 37 15.06 5.92 -10.26
N ASN A 38 16.06 6.46 -9.59
CA ASN A 38 16.25 7.95 -9.59
C ASN A 38 17.41 8.34 -10.53
N PRO A 39 17.12 9.12 -11.55
CA PRO A 39 18.18 9.54 -12.49
C PRO A 39 19.11 10.57 -11.82
N PHE A 40 19.92 10.15 -10.87
CA PHE A 40 20.84 11.12 -10.20
C PHE A 40 22.17 10.43 -9.84
N SER A 41 22.13 9.38 -9.05
CA SER A 41 23.40 8.68 -8.67
C SER A 41 23.50 7.32 -9.39
N GLU A 42 24.70 6.79 -9.55
CA GLU A 42 24.84 5.47 -10.25
C GLU A 42 24.89 4.32 -9.22
N SER A 43 25.57 4.51 -8.10
CA SER A 43 25.64 3.40 -7.07
C SER A 43 24.22 2.99 -6.64
N GLY A 44 23.32 3.94 -6.48
CA GLY A 44 21.93 3.59 -6.05
C GLY A 44 20.97 3.77 -7.24
N GLY A 45 20.90 2.81 -8.14
CA GLY A 45 19.98 2.95 -9.30
C GLY A 45 18.52 2.76 -8.84
N ASP A 46 18.15 1.56 -8.47
CA ASP A 46 16.74 1.32 -8.01
C ASP A 46 16.73 0.90 -6.53
N MET A 47 15.86 1.47 -5.73
CA MET A 47 15.80 1.09 -4.29
C MET A 47 14.43 0.48 -3.94
N LYS A 48 14.40 -0.58 -3.16
CA LYS A 48 13.10 -1.20 -2.79
C LYS A 48 12.87 -1.11 -1.27
N GLU A 49 11.76 -0.55 -0.84
CA GLU A 49 11.51 -0.44 0.62
C GLU A 49 10.30 -1.31 1.02
N TRP A 50 10.40 -2.07 2.09
CA TRP A 50 9.24 -2.93 2.51
C TRP A 50 8.38 -2.17 3.52
N TYR A 51 7.10 -2.06 3.29
CA TYR A 51 6.22 -1.32 4.24
C TYR A 51 5.26 -2.28 4.94
N HIS A 52 4.49 -1.80 5.89
CA HIS A 52 3.50 -2.68 6.59
C HIS A 52 2.15 -2.57 5.87
N ILE A 53 1.10 -3.15 6.41
CA ILE A 53 -0.24 -3.03 5.73
C ILE A 53 -0.89 -1.70 6.14
N LYS A 54 -0.80 -1.34 7.40
CA LYS A 54 -1.42 -0.03 7.83
C LYS A 54 -0.41 1.14 7.69
N CYS A 55 0.89 0.88 7.71
CA CYS A 55 1.86 2.02 7.56
C CYS A 55 1.92 2.48 6.11
N MET A 56 1.93 1.57 5.17
CA MET A 56 1.99 1.99 3.72
C MET A 56 0.66 2.59 3.28
N PHE A 57 -0.45 2.08 3.75
CA PHE A 57 -1.76 2.68 3.33
C PHE A 57 -2.05 3.94 4.17
N GLU A 58 -1.59 3.99 5.42
CA GLU A 58 -1.83 5.24 6.22
C GLU A 58 -0.82 6.32 5.82
N LYS A 59 0.40 5.94 5.45
CA LYS A 59 1.40 6.98 5.04
C LYS A 59 1.04 7.54 3.65
N LEU A 60 0.47 6.73 2.78
CA LEU A 60 0.09 7.27 1.42
C LEU A 60 -1.18 8.13 1.54
N GLU A 61 -2.13 7.71 2.36
CA GLU A 61 -3.37 8.55 2.52
C GLU A 61 -3.07 9.80 3.37
N ARG A 62 -2.13 9.73 4.29
CA ARG A 62 -1.80 10.92 5.12
C ARG A 62 -0.62 11.72 4.53
N ALA A 63 0.31 11.07 3.84
CA ALA A 63 1.47 11.82 3.26
C ALA A 63 1.52 11.62 1.74
N ARG A 64 1.15 12.63 0.97
CA ARG A 64 1.20 12.47 -0.52
C ARG A 64 2.15 13.51 -1.13
N ALA A 65 3.36 13.11 -1.51
CA ALA A 65 4.31 14.09 -2.12
C ALA A 65 4.12 14.16 -3.64
N THR A 66 3.83 13.05 -4.29
CA THR A 66 3.63 13.06 -5.77
C THR A 66 2.32 12.34 -6.13
N THR A 67 2.09 12.04 -7.39
CA THR A 67 0.82 11.32 -7.75
C THR A 67 1.02 9.80 -7.62
N LYS A 68 0.60 9.22 -6.52
CA LYS A 68 0.77 7.75 -6.33
C LYS A 68 -0.45 7.17 -5.59
N LYS A 69 -1.23 6.33 -6.24
CA LYS A 69 -2.42 5.74 -5.55
C LYS A 69 -2.59 4.27 -5.93
N ILE A 70 -2.91 3.41 -4.99
CA ILE A 70 -3.11 1.96 -5.31
C ILE A 70 -4.58 1.57 -5.13
N GLU A 71 -5.27 1.23 -6.20
CA GLU A 71 -6.71 0.86 -6.08
C GLU A 71 -6.90 -0.65 -6.34
N ASP A 72 -7.95 -1.24 -5.81
CA ASP A 72 -8.19 -2.71 -6.04
C ASP A 72 -6.92 -3.53 -5.71
N LEU A 73 -6.94 -4.82 -5.94
CA LEU A 73 -5.74 -5.65 -5.64
C LEU A 73 -5.31 -6.45 -6.89
N THR A 74 -5.40 -5.86 -8.06
CA THR A 74 -4.98 -6.59 -9.29
C THR A 74 -4.36 -5.61 -10.31
N GLU A 75 -3.58 -4.65 -9.86
CA GLU A 75 -2.95 -3.68 -10.80
C GLU A 75 -1.43 -3.94 -10.86
N LEU A 76 -0.74 -3.87 -9.74
CA LEU A 76 0.73 -4.14 -9.75
C LEU A 76 1.14 -4.82 -8.43
N GLU A 77 0.61 -6.00 -8.17
CA GLU A 77 0.99 -6.70 -6.90
C GLU A 77 1.03 -8.23 -7.11
N GLY A 78 1.99 -8.91 -6.51
CA GLY A 78 2.06 -10.39 -6.68
C GLY A 78 0.99 -11.05 -5.78
N TRP A 79 -0.27 -10.88 -6.12
CA TRP A 79 -1.37 -11.49 -5.27
C TRP A 79 -1.71 -12.93 -5.74
N GLU A 80 -1.44 -13.28 -6.99
CA GLU A 80 -1.78 -14.69 -7.45
C GLU A 80 -1.18 -15.74 -6.48
N GLU A 81 -0.03 -15.47 -5.89
CA GLU A 81 0.57 -16.46 -4.93
C GLU A 81 -0.11 -16.33 -3.55
N LEU A 82 -0.41 -15.11 -3.12
CA LEU A 82 -1.07 -14.92 -1.76
C LEU A 82 -2.31 -15.84 -1.64
N GLU A 83 -2.96 -15.83 -0.49
CA GLU A 83 -4.18 -16.70 -0.32
C GLU A 83 -5.46 -15.86 -0.44
N ASP A 84 -6.59 -16.49 -0.71
CA ASP A 84 -7.87 -15.70 -0.84
C ASP A 84 -8.18 -14.96 0.47
N ASN A 85 -8.02 -15.63 1.60
CA ASN A 85 -8.32 -14.94 2.91
C ASN A 85 -7.39 -13.74 3.08
N GLU A 86 -6.10 -13.92 2.90
CA GLU A 86 -5.15 -12.76 3.04
C GLU A 86 -5.48 -11.72 1.96
N LYS A 87 -5.77 -12.15 0.75
CA LYS A 87 -6.11 -11.18 -0.34
C LYS A 87 -7.35 -10.36 0.05
N GLU A 88 -8.33 -10.98 0.69
CA GLU A 88 -9.56 -10.21 1.10
C GLU A 88 -9.19 -9.14 2.14
N GLN A 89 -8.30 -9.45 3.06
CA GLN A 89 -7.91 -8.41 4.09
C GLN A 89 -7.15 -7.26 3.43
N ILE A 90 -6.29 -7.54 2.48
CA ILE A 90 -5.55 -6.44 1.79
C ILE A 90 -6.54 -5.57 0.98
N THR A 91 -7.51 -6.18 0.33
CA THR A 91 -8.51 -5.36 -0.45
C THR A 91 -9.23 -4.38 0.48
N GLN A 92 -9.54 -4.78 1.70
CA GLN A 92 -10.24 -3.85 2.65
C GLN A 92 -9.38 -2.59 2.85
N HIS A 93 -8.08 -2.73 2.96
CA HIS A 93 -7.20 -1.52 3.16
C HIS A 93 -7.39 -0.53 1.99
N ILE A 94 -7.29 -1.00 0.77
CA ILE A 94 -7.46 -0.06 -0.40
C ILE A 94 -8.86 0.59 -0.35
N ALA A 95 -9.87 -0.15 0.03
CA ALA A 95 -11.25 0.45 0.12
C ALA A 95 -11.25 1.62 1.13
N ASP A 96 -10.54 1.48 2.23
CA ASP A 96 -10.50 2.61 3.24
C ASP A 96 -9.93 3.87 2.57
N LEU A 97 -8.84 3.75 1.84
CA LEU A 97 -8.25 4.96 1.16
C LEU A 97 -9.30 5.63 0.24
N SER A 98 -10.16 4.85 -0.40
CA SER A 98 -11.19 5.46 -1.29
C SER A 98 -12.52 5.60 -0.55
N SER A 99 -12.52 6.20 0.63
CA SER A 99 -13.80 6.36 1.38
C SER A 99 -13.81 7.72 2.10
N LYS A 100 -14.78 8.58 1.80
CA LYS A 100 -14.85 9.92 2.47
C LYS A 100 -13.50 10.67 2.32
N ALA A 101 -13.19 11.15 1.13
CA ALA A 101 -11.90 11.87 0.93
C ALA A 101 -12.18 13.32 0.51
N ALA A 102 -12.89 13.53 -0.57
CA ALA A 102 -13.18 14.92 -1.03
C ALA A 102 -14.69 15.20 -0.96
N GLY A 103 -15.09 16.45 -0.84
CA GLY A 103 -16.55 16.77 -0.77
C GLY A 103 -17.14 16.80 -2.18
N THR A 104 -18.42 16.53 -2.32
CA THR A 104 -19.05 16.56 -3.68
C THR A 104 -20.18 17.60 -3.73
N PRO A 105 -19.87 18.78 -4.22
CA PRO A 105 -20.89 19.85 -4.30
C PRO A 105 -21.90 19.53 -5.42
N LYS A 106 -22.79 18.59 -5.20
CA LYS A 106 -23.79 18.25 -6.26
C LYS A 106 -25.16 17.95 -5.62
N LYS A 107 -26.25 18.29 -6.29
CA LYS A 107 -27.59 18.02 -5.71
C LYS A 107 -28.44 17.19 -6.69
N LYS A 108 -28.76 17.75 -7.85
CA LYS A 108 -29.58 16.98 -8.84
C LYS A 108 -29.08 17.27 -10.27
N ALA A 109 -27.79 17.33 -10.48
CA ALA A 109 -27.26 17.59 -11.85
C ALA A 109 -26.19 16.54 -12.21
N VAL A 110 -26.33 15.89 -13.36
CA VAL A 110 -25.32 14.86 -13.76
C VAL A 110 -24.86 15.11 -15.21
N VAL A 111 -23.63 14.79 -15.53
CA VAL A 111 -23.13 15.01 -16.92
C VAL A 111 -22.33 13.78 -17.40
N GLN A 112 -22.44 13.43 -18.66
CA GLN A 112 -21.69 12.25 -19.17
C GLN A 112 -20.70 12.68 -20.27
N ALA A 113 -19.41 12.52 -20.04
CA ALA A 113 -18.42 12.93 -21.08
C ALA A 113 -17.39 11.81 -21.29
N LYS A 114 -17.30 11.26 -22.49
CA LYS A 114 -16.32 10.17 -22.74
C LYS A 114 -15.33 10.59 -23.85
N LEU A 115 -14.05 10.69 -23.52
CA LEU A 115 -13.05 11.09 -24.56
C LEU A 115 -11.92 10.05 -24.65
N THR A 116 -11.49 9.71 -25.84
CA THR A 116 -10.39 8.70 -25.98
C THR A 116 -9.20 9.31 -26.73
N THR A 117 -7.99 9.01 -26.32
CA THR A 117 -6.80 9.57 -27.03
C THR A 117 -5.92 8.44 -27.58
N MET A 1 7.92 10.12 -17.66
CA MET A 1 8.07 10.08 -16.17
C MET A 1 7.49 8.77 -15.62
N ALA A 2 8.24 7.69 -15.65
CA ALA A 2 7.70 6.40 -15.13
C ALA A 2 8.81 5.62 -14.39
N GLU A 3 9.10 5.97 -13.14
CA GLU A 3 10.17 5.25 -12.39
C GLU A 3 9.68 4.91 -10.97
N GLN A 4 8.51 4.32 -10.84
CA GLN A 4 8.00 3.96 -9.48
C GLN A 4 7.25 2.62 -9.53
N ARG A 5 7.73 1.61 -8.83
CA ARG A 5 7.03 0.28 -8.86
C ARG A 5 6.53 -0.08 -7.44
N PHE A 6 5.41 -0.76 -7.34
CA PHE A 6 4.87 -1.15 -6.00
C PHE A 6 4.31 -2.56 -6.05
N CYS A 7 4.57 -3.38 -5.06
CA CYS A 7 4.01 -4.78 -5.06
C CYS A 7 3.82 -5.28 -3.63
N VAL A 8 3.00 -6.30 -3.41
CA VAL A 8 2.81 -6.80 -2.01
C VAL A 8 3.65 -8.08 -1.78
N ASP A 9 4.54 -8.07 -0.82
CA ASP A 9 5.36 -9.29 -0.54
C ASP A 9 5.02 -9.82 0.85
N TYR A 10 5.07 -11.12 1.05
CA TYR A 10 4.74 -11.69 2.40
C TYR A 10 6.04 -12.01 3.15
N ALA A 11 6.05 -11.88 4.46
CA ALA A 11 7.31 -12.20 5.22
C ALA A 11 7.40 -13.70 5.50
N LYS A 12 8.51 -14.34 5.15
CA LYS A 12 8.64 -15.80 5.40
C LYS A 12 10.12 -16.20 5.61
N ARG A 13 10.90 -15.36 6.28
CA ARG A 13 12.34 -15.71 6.50
C ARG A 13 12.94 -14.85 7.63
N GLY A 14 12.30 -14.81 8.78
CA GLY A 14 12.83 -14.00 9.91
C GLY A 14 12.04 -12.70 10.04
N THR A 15 12.67 -11.61 10.46
CA THR A 15 11.93 -10.33 10.60
C THR A 15 12.74 -9.18 9.99
N ALA A 16 12.09 -8.16 9.46
CA ALA A 16 12.83 -7.02 8.85
C ALA A 16 12.32 -5.69 9.38
N GLY A 17 13.21 -4.80 9.79
CA GLY A 17 12.78 -3.48 10.32
C GLY A 17 11.96 -2.74 9.24
N CYS A 18 10.73 -2.39 9.53
CA CYS A 18 9.90 -1.68 8.50
C CYS A 18 10.54 -0.33 8.13
N LYS A 19 10.56 0.01 6.86
CA LYS A 19 11.13 1.33 6.44
C LYS A 19 9.98 2.34 6.48
N LYS A 20 10.27 3.62 6.70
CA LYS A 20 9.16 4.63 6.77
C LYS A 20 8.22 4.30 7.95
N CYS A 21 8.75 3.74 9.04
CA CYS A 21 7.88 3.39 10.24
C CYS A 21 8.77 2.74 11.34
N LYS A 22 8.41 2.90 12.60
CA LYS A 22 9.23 2.30 13.69
C LYS A 22 8.67 0.92 14.06
N GLU A 23 8.76 -0.05 13.17
CA GLU A 23 8.22 -1.41 13.46
C GLU A 23 9.03 -2.49 12.72
N LYS A 24 8.64 -3.75 12.81
CA LYS A 24 9.40 -4.84 12.12
C LYS A 24 8.43 -5.75 11.37
N ILE A 25 8.86 -6.36 10.30
CA ILE A 25 7.96 -7.27 9.53
C ILE A 25 8.34 -8.73 9.83
N VAL A 26 7.63 -9.39 10.73
CA VAL A 26 7.98 -10.81 11.06
C VAL A 26 7.31 -11.77 10.08
N LYS A 27 7.83 -12.97 9.93
CA LYS A 27 7.21 -13.96 8.97
C LYS A 27 5.69 -14.10 9.23
N GLY A 28 4.87 -13.87 8.24
CA GLY A 28 3.40 -13.98 8.45
C GLY A 28 2.68 -12.64 8.18
N VAL A 29 3.37 -11.51 8.19
CA VAL A 29 2.68 -10.20 7.94
C VAL A 29 2.85 -9.77 6.48
N CYS A 30 1.78 -9.32 5.83
CA CYS A 30 1.91 -8.89 4.40
C CYS A 30 2.51 -7.48 4.33
N ARG A 31 3.51 -7.26 3.51
CA ARG A 31 4.14 -5.90 3.41
C ARG A 31 4.29 -5.51 1.94
N ILE A 32 4.23 -4.23 1.62
CA ILE A 32 4.38 -3.80 0.19
C ILE A 32 5.75 -3.17 -0.02
N GLY A 33 6.49 -3.58 -1.04
CA GLY A 33 7.82 -2.98 -1.29
C GLY A 33 7.71 -2.04 -2.50
N LYS A 34 8.33 -0.88 -2.46
CA LYS A 34 8.23 0.05 -3.63
C LYS A 34 9.57 0.07 -4.39
N VAL A 35 9.64 -0.51 -5.57
CA VAL A 35 10.94 -0.51 -6.31
C VAL A 35 11.09 0.79 -7.12
N VAL A 36 12.11 1.58 -6.86
CA VAL A 36 12.30 2.85 -7.63
C VAL A 36 13.67 2.84 -8.32
N PRO A 37 13.67 2.78 -9.65
CA PRO A 37 14.96 2.76 -10.39
C PRO A 37 15.61 4.15 -10.36
N ASN A 38 16.90 4.23 -10.09
CA ASN A 38 17.57 5.57 -10.06
C ASN A 38 18.40 5.77 -11.34
N PRO A 39 18.72 7.01 -11.65
CA PRO A 39 19.52 7.30 -12.87
C PRO A 39 20.97 6.88 -12.66
N PHE A 40 21.61 6.30 -13.68
CA PHE A 40 23.04 5.86 -13.55
C PHE A 40 23.20 4.91 -12.35
N SER A 41 23.26 3.62 -12.59
CA SER A 41 23.41 2.65 -11.46
C SER A 41 24.80 1.97 -11.51
N GLU A 42 25.70 2.37 -10.64
CA GLU A 42 27.07 1.73 -10.65
C GLU A 42 27.17 0.71 -9.51
N SER A 43 26.90 1.13 -8.28
CA SER A 43 26.98 0.14 -7.14
C SER A 43 25.62 -0.54 -6.94
N GLY A 44 24.53 0.20 -7.04
CA GLY A 44 23.19 -0.42 -6.86
C GLY A 44 22.34 -0.19 -8.11
N GLY A 45 21.30 0.63 -8.02
CA GLY A 45 20.45 0.88 -9.23
C GLY A 45 18.98 1.00 -8.80
N ASP A 46 18.38 -0.06 -8.30
CA ASP A 46 16.95 0.01 -7.88
C ASP A 46 16.85 -0.19 -6.36
N MET A 47 16.10 0.64 -5.67
CA MET A 47 15.97 0.48 -4.18
C MET A 47 14.51 0.17 -3.80
N LYS A 48 14.31 -0.65 -2.79
CA LYS A 48 12.91 -0.99 -2.36
C LYS A 48 12.83 -1.04 -0.83
N GLU A 49 11.77 -0.51 -0.25
CA GLU A 49 11.66 -0.54 1.24
C GLU A 49 10.53 -1.50 1.65
N TRP A 50 10.79 -2.40 2.57
CA TRP A 50 9.70 -3.35 3.01
C TRP A 50 8.92 -2.74 4.17
N TYR A 51 7.66 -2.42 3.98
CA TYR A 51 6.88 -1.84 5.11
C TYR A 51 5.47 -2.44 5.18
N HIS A 52 4.77 -2.19 6.28
CA HIS A 52 3.38 -2.76 6.42
C HIS A 52 2.41 -2.02 5.49
N ILE A 53 1.30 -2.62 5.16
CA ILE A 53 0.32 -1.93 4.24
C ILE A 53 -0.17 -0.64 4.92
N LYS A 54 -0.51 -0.68 6.19
CA LYS A 54 -0.98 0.57 6.88
C LYS A 54 0.09 1.67 6.79
N CYS A 55 1.36 1.32 6.76
CA CYS A 55 2.42 2.39 6.66
C CYS A 55 2.40 3.02 5.27
N MET A 56 2.22 2.23 4.23
CA MET A 56 2.16 2.82 2.86
C MET A 56 0.80 3.48 2.65
N PHE A 57 -0.27 2.85 3.11
CA PHE A 57 -1.63 3.49 2.96
C PHE A 57 -1.68 4.79 3.77
N GLU A 58 -0.99 4.86 4.91
CA GLU A 58 -1.02 6.13 5.71
C GLU A 58 -0.50 7.30 4.86
N LYS A 59 0.52 7.09 4.05
CA LYS A 59 1.02 8.21 3.19
C LYS A 59 -0.06 8.63 2.20
N LEU A 60 -0.80 7.68 1.64
CA LEU A 60 -1.89 8.07 0.67
C LEU A 60 -2.89 9.00 1.37
N GLU A 61 -3.25 8.71 2.60
CA GLU A 61 -4.20 9.62 3.34
C GLU A 61 -3.58 11.04 3.43
N ARG A 62 -2.27 11.13 3.57
CA ARG A 62 -1.62 12.47 3.64
C ARG A 62 -0.88 12.78 2.32
N ALA A 63 -1.36 12.28 1.20
CA ALA A 63 -0.66 12.55 -0.10
C ALA A 63 -1.54 13.46 -0.98
N ARG A 64 -0.99 13.98 -2.07
CA ARG A 64 -1.82 14.87 -2.96
C ARG A 64 -2.32 14.08 -4.18
N ALA A 65 -3.40 14.50 -4.80
CA ALA A 65 -3.92 13.75 -6.00
C ALA A 65 -2.85 13.70 -7.11
N THR A 66 -2.02 14.72 -7.24
CA THR A 66 -0.97 14.69 -8.33
C THR A 66 -0.12 13.40 -8.23
N THR A 67 0.12 12.90 -7.04
CA THR A 67 0.94 11.64 -6.91
C THR A 67 0.07 10.51 -6.34
N LYS A 68 -0.30 9.54 -7.15
CA LYS A 68 -1.12 8.40 -6.64
C LYS A 68 -0.38 7.07 -6.86
N LYS A 69 -0.53 6.13 -5.96
CA LYS A 69 0.17 4.81 -6.13
C LYS A 69 -0.73 3.65 -5.71
N ILE A 70 -0.57 2.49 -6.31
CA ILE A 70 -1.42 1.30 -5.96
C ILE A 70 -2.91 1.64 -6.03
N GLU A 71 -3.58 1.27 -7.12
CA GLU A 71 -5.03 1.55 -7.23
C GLU A 71 -5.80 0.22 -7.22
N ASP A 72 -6.93 0.14 -6.54
CA ASP A 72 -7.70 -1.15 -6.49
C ASP A 72 -6.79 -2.28 -5.96
N LEU A 73 -7.15 -3.53 -6.14
CA LEU A 73 -6.28 -4.65 -5.64
C LEU A 73 -5.56 -5.35 -6.81
N THR A 74 -6.29 -5.75 -7.83
CA THR A 74 -5.60 -6.45 -8.98
C THR A 74 -4.97 -5.41 -9.92
N GLU A 75 -3.83 -4.85 -9.55
CA GLU A 75 -3.17 -3.84 -10.44
C GLU A 75 -1.66 -4.07 -10.47
N LEU A 76 -0.97 -4.03 -9.33
CA LEU A 76 0.50 -4.26 -9.35
C LEU A 76 0.96 -4.95 -8.06
N GLU A 77 0.45 -6.12 -7.76
CA GLU A 77 0.90 -6.83 -6.53
C GLU A 77 0.94 -8.35 -6.75
N GLY A 78 1.93 -9.04 -6.23
CA GLY A 78 1.99 -10.53 -6.41
C GLY A 78 0.93 -11.20 -5.51
N TRP A 79 -0.33 -11.03 -5.81
CA TRP A 79 -1.40 -11.66 -4.98
C TRP A 79 -1.77 -13.05 -5.52
N GLU A 80 -1.82 -13.22 -6.83
CA GLU A 80 -2.17 -14.57 -7.40
C GLU A 80 -1.27 -15.68 -6.84
N GLU A 81 -0.04 -15.37 -6.45
CA GLU A 81 0.86 -16.44 -5.90
C GLU A 81 0.72 -16.54 -4.36
N LEU A 82 0.54 -15.43 -3.67
CA LEU A 82 0.40 -15.51 -2.17
C LEU A 82 -0.92 -16.19 -1.80
N GLU A 83 -1.27 -16.24 -0.53
CA GLU A 83 -2.56 -16.91 -0.13
C GLU A 83 -3.77 -16.08 -0.59
N ASP A 84 -4.95 -16.69 -0.66
CA ASP A 84 -6.15 -15.91 -1.09
C ASP A 84 -6.67 -15.03 0.06
N ASN A 85 -6.60 -15.50 1.29
CA ASN A 85 -7.09 -14.66 2.46
C ASN A 85 -6.43 -13.28 2.41
N GLU A 86 -5.17 -13.19 2.03
CA GLU A 86 -4.51 -11.84 1.95
C GLU A 86 -5.29 -10.94 0.98
N LYS A 87 -5.76 -11.48 -0.12
CA LYS A 87 -6.56 -10.65 -1.09
C LYS A 87 -7.74 -9.98 -0.37
N GLU A 88 -8.36 -10.68 0.57
CA GLU A 88 -9.51 -10.06 1.32
C GLU A 88 -8.98 -8.93 2.22
N GLN A 89 -7.86 -9.15 2.88
CA GLN A 89 -7.30 -8.06 3.76
C GLN A 89 -6.89 -6.84 2.91
N ILE A 90 -6.37 -7.06 1.71
CA ILE A 90 -5.98 -5.89 0.85
C ILE A 90 -7.22 -5.06 0.49
N THR A 91 -8.33 -5.70 0.18
CA THR A 91 -9.57 -4.91 -0.18
C THR A 91 -9.98 -4.02 1.01
N GLN A 92 -9.87 -4.51 2.22
CA GLN A 92 -10.26 -3.65 3.41
C GLN A 92 -9.43 -2.36 3.42
N HIS A 93 -8.16 -2.42 3.07
CA HIS A 93 -7.33 -1.16 3.07
C HIS A 93 -7.86 -0.20 1.99
N ILE A 94 -8.00 -0.64 0.76
CA ILE A 94 -8.54 0.28 -0.30
C ILE A 94 -10.02 0.60 0.01
N ALA A 95 -10.76 -0.34 0.57
CA ALA A 95 -12.19 -0.04 0.90
C ALA A 95 -12.26 0.92 2.10
N ASP A 96 -11.40 0.74 3.08
CA ASP A 96 -11.42 1.67 4.27
C ASP A 96 -11.01 3.08 3.81
N LEU A 97 -10.05 3.19 2.91
CA LEU A 97 -9.62 4.55 2.44
C LEU A 97 -10.61 5.12 1.40
N SER A 98 -11.27 4.26 0.64
CA SER A 98 -12.25 4.79 -0.39
C SER A 98 -13.69 4.60 0.11
N SER A 99 -13.95 4.81 1.39
CA SER A 99 -15.35 4.64 1.90
C SER A 99 -15.56 5.50 3.17
N LYS A 100 -15.32 6.79 3.09
CA LYS A 100 -15.53 7.66 4.29
C LYS A 100 -16.36 8.89 3.92
N ALA A 101 -17.39 9.20 4.69
CA ALA A 101 -18.23 10.39 4.36
C ALA A 101 -18.49 11.21 5.64
N ALA A 102 -17.50 11.37 6.49
CA ALA A 102 -17.69 12.16 7.74
C ALA A 102 -16.46 13.02 8.03
N GLY A 103 -16.64 14.33 8.17
CA GLY A 103 -15.46 15.21 8.46
C GLY A 103 -15.02 15.89 7.15
N THR A 104 -14.75 15.14 6.12
CA THR A 104 -14.32 15.76 4.82
C THR A 104 -15.27 15.35 3.69
N PRO A 105 -16.27 16.17 3.44
CA PRO A 105 -17.25 15.85 2.36
C PRO A 105 -16.60 16.06 0.98
N LYS A 106 -16.92 15.23 0.01
CA LYS A 106 -16.33 15.39 -1.35
C LYS A 106 -17.37 15.06 -2.43
N LYS A 107 -18.12 16.03 -2.90
CA LYS A 107 -19.14 15.75 -3.94
C LYS A 107 -18.91 16.66 -5.17
N LYS A 108 -18.99 17.96 -5.00
CA LYS A 108 -18.78 18.88 -6.16
C LYS A 108 -18.17 20.22 -5.69
N ALA A 109 -16.88 20.41 -5.85
CA ALA A 109 -16.27 21.69 -5.41
C ALA A 109 -15.31 22.22 -6.50
N VAL A 110 -15.09 23.52 -6.55
CA VAL A 110 -14.17 24.07 -7.60
C VAL A 110 -13.12 25.00 -6.96
N VAL A 111 -11.92 25.04 -7.48
CA VAL A 111 -10.87 25.92 -6.89
C VAL A 111 -10.03 26.56 -8.01
N GLN A 112 -9.60 27.80 -7.84
CA GLN A 112 -8.77 28.45 -8.90
C GLN A 112 -7.32 28.58 -8.41
N ALA A 113 -6.42 27.74 -8.90
CA ALA A 113 -5.00 27.83 -8.45
C ALA A 113 -4.08 28.19 -9.63
N LYS A 114 -3.07 29.00 -9.40
CA LYS A 114 -2.14 29.39 -10.49
C LYS A 114 -0.77 28.73 -10.28
N LEU A 115 -0.04 28.47 -11.34
CA LEU A 115 1.32 27.83 -11.18
C LEU A 115 2.43 28.86 -11.40
N THR A 116 3.14 29.24 -10.36
CA THR A 116 4.24 30.24 -10.52
C THR A 116 5.44 29.86 -9.63
N THR A 117 6.64 30.22 -10.04
CA THR A 117 7.84 29.87 -9.22
C THR A 117 8.52 31.14 -8.71
#